data_7N0H
#
_entry.id   7N0H
#
loop_
_entity.id
_entity.type
_entity.pdbx_description
1 polymer 'Spike glycoprotein'
2 polymer 'Synthetic nanobody (Sb45)'
3 branched 2-acetamido-2-deoxy-beta-D-glucopyranose-(1-4)-2-acetamido-2-deoxy-beta-D-glucopyranose
4 non-polymer 2-acetamido-2-deoxy-beta-D-glucopyranose
#
loop_
_entity_poly.entity_id
_entity_poly.type
_entity_poly.pdbx_seq_one_letter_code
_entity_poly.pdbx_strand_id
1 'polypeptide(L)'
;MFVFLVLLPLVSSQCVNLTTRTQLPPAYTNSFTRGVYYPDKVFRSSVLHSTQDLFLPFFSNVTWFHAIHVSGTNGTKRFD
NPVLPFNDGVYFASTEKSNIIRGWIFGTTLDSKTQSLLIVNNATNVVIKVCEFQFCNDPFLGVYYHKNNKSWMESEFRVY
SSANNCTFEYVSQPFLMDLEGKQGNFKNLREFVFKNIDGYFKIYSKHTPINLVRDLPQGFSALEPLVDLPIGINITRFQT
LLALHRSYLTPGDSSSGWTAGAAAYYVGYLQPRTFLLKYNENGTITDAVDCALDPLSETKCTLKSFTVEKGIYQTSNFRV
QPTESIVRFPNITNLCPFGEVFNATRFASVYAWNRKRISNCVADYSVLYNSASFSTFKCYGVSPTKLNDLCFTNVYADSF
VIRGDEVRQIAPGQTGKIADYNYKLPDDFTGCVIAWNSNNLDSKVGGNYNYLYRLFRKSNLKPFERDISTEIYQAGSTPC
NGVEGFNCYFPLQSYGFQPTNGVGYQPYRVVVLSFELLHAPATVCGPKKSTNLVKNKCVNFNFNGLTGTGVLTESNKKFL
PFQQFGRDIADTTDAVRDPQTLEILDITPCSFGGVSVITPGTNTSNQVAVLYQDVNCTEVPVAIHADQLTPTWRVYSTGS
NVFQTRAGCLIGAEHVNNSYECDIPIGAGICASYQTQTNSPGSASSVASQSIIAYTMSLGAENSVAYSNNSIAIPTNFTI
SVTTEILPVSMTKTSVDCTMYICGDSTECSNLLLQYGSFCTQLNRALTGIAVEQDKNTQEVFAQVKQIYKTPPIKDFGGF
NFSQILPDPSKPSKRSPIEDLLFNKVTLADAGFIKQYGDCLGDIAARDLICAQKFNGLTVLPPLLTDEMIAQYTSALLAG
TITSGWTFGAGPALQIPFPMQMAYRFNGIGVTQNVLYENQKLIANQFNSAIGKIQDSLSSTPSALGKLQDVVNQNAQALN
TLVKQLSSNFGAISSVLNDILSRLDPPEAEVQIDRLITGRLQSLQTYVTQQLIRAAEIRASANLAATKMSECVLGQSKRV
DFCGKGYHLMSFPQSAPHGVVFLHVTYVPAQEKNFTTAPAICHDGKAHFPREGVFVSNGTHWFVTQRNFYEPQIITTDNT
FVSGNCDVVIGIVNNTVYDPLQPELDSFKEELDKYFKNHTSPDVDLGDISGINASVVNIQKEIDRLNEVAKNLNESLIDL
QELGKYEQGSGYIPEAPRDGQAYVRKDGEWVLLSTFLGRSLEVLFQGPGHHHHHHHHSAWSHPQFEKGGGSGGGGSGGSA
WSHPQFEK
;
A,B,C
2 'polypeptide(L)'
;QVQLVESGGGLVQAGGSLRLSCAASGFPVYRDRMAWYRQAPGKEREWVAAIYSAGQQTRYADSVKGRFTISRDNAKNTVY
LQMNSLKPEDTAVYYCNVKDVGHHYEYYDYWGQGTQVTVSA
;
X,Z
#
loop_
_chem_comp.id
_chem_comp.type
_chem_comp.name
_chem_comp.formula
NAG D-saccharide, beta linking 2-acetamido-2-deoxy-beta-D-glucopyranose 'C8 H15 N O6'
#
# COMPACT_ATOMS: atom_id res chain seq x y z
N GLN A 14 -54.03 12.15 46.17
CA GLN A 14 -53.99 11.44 44.89
C GLN A 14 -53.25 10.12 45.02
N CYS A 15 -52.12 10.14 45.71
CA CYS A 15 -51.37 8.91 45.97
C CYS A 15 -52.15 8.00 46.91
N VAL A 16 -52.22 6.72 46.57
CA VAL A 16 -53.05 5.75 47.28
C VAL A 16 -52.19 4.54 47.62
N ASN A 17 -52.27 4.07 48.86
CA ASN A 17 -51.63 2.82 49.25
C ASN A 17 -52.60 1.69 48.96
N LEU A 18 -52.27 0.88 47.95
CA LEU A 18 -53.08 -0.29 47.64
C LEU A 18 -52.72 -1.44 48.58
N THR A 19 -53.73 -2.21 48.96
CA THR A 19 -53.55 -3.28 49.93
C THR A 19 -53.78 -4.65 49.29
N THR A 20 -53.74 -5.71 50.11
CA THR A 20 -53.94 -7.09 49.67
C THR A 20 -52.91 -7.51 48.63
N ARG A 21 -51.71 -6.93 48.67
CA ARG A 21 -50.64 -7.36 47.78
C ARG A 21 -50.05 -8.68 48.26
N THR A 22 -49.66 -9.50 47.29
CA THR A 22 -48.98 -10.76 47.58
C THR A 22 -47.52 -10.65 47.18
N GLN A 23 -46.66 -11.37 47.91
CA GLN A 23 -45.22 -11.35 47.68
C GLN A 23 -44.80 -12.67 47.07
N LEU A 24 -44.20 -12.61 45.88
CA LEU A 24 -43.75 -13.79 45.16
C LEU A 24 -42.48 -13.44 44.41
N PRO A 25 -41.44 -14.28 44.49
CA PRO A 25 -40.24 -14.02 43.71
C PRO A 25 -40.53 -14.08 42.23
N PRO A 26 -39.87 -13.24 41.43
CA PRO A 26 -40.16 -13.22 40.00
C PRO A 26 -39.77 -14.52 39.32
N ALA A 27 -40.53 -14.87 38.29
CA ALA A 27 -40.31 -16.09 37.52
C ALA A 27 -39.60 -15.75 36.22
N TYR A 28 -38.88 -16.72 35.68
CA TYR A 28 -38.13 -16.56 34.45
C TYR A 28 -38.56 -17.63 33.45
N THR A 29 -38.68 -17.23 32.18
CA THR A 29 -39.04 -18.16 31.14
C THR A 29 -38.18 -17.91 29.91
N ASN A 30 -38.20 -18.86 28.98
CA ASN A 30 -37.32 -18.82 27.82
C ASN A 30 -37.87 -17.89 26.75
N SER A 31 -37.01 -17.03 26.21
CA SER A 31 -37.41 -16.10 25.16
C SER A 31 -37.56 -16.78 23.81
N PHE A 32 -36.85 -17.87 23.58
CA PHE A 32 -36.86 -18.60 22.30
C PHE A 32 -36.42 -17.63 21.21
N THR A 33 -37.09 -17.59 20.06
CA THR A 33 -36.66 -16.79 18.93
C THR A 33 -37.57 -15.59 18.68
N ARG A 34 -38.05 -14.97 19.75
CA ARG A 34 -38.85 -13.76 19.64
C ARG A 34 -37.99 -12.54 19.91
N GLY A 35 -38.45 -11.39 19.43
CA GLY A 35 -37.75 -10.15 19.63
C GLY A 35 -36.94 -9.66 18.45
N VAL A 36 -37.33 -9.98 17.23
CA VAL A 36 -36.61 -9.55 16.04
C VAL A 36 -37.41 -8.46 15.35
N TYR A 37 -36.76 -7.32 15.14
CA TYR A 37 -37.39 -6.15 14.53
C TYR A 37 -36.56 -5.70 13.34
N TYR A 38 -37.16 -4.87 12.51
CA TYR A 38 -36.45 -4.36 11.34
C TYR A 38 -35.40 -3.36 11.80
N PRO A 39 -34.12 -3.57 11.51
CA PRO A 39 -33.09 -2.64 11.98
C PRO A 39 -33.13 -1.28 11.31
N ASP A 40 -33.82 -1.14 10.19
CA ASP A 40 -33.93 0.13 9.49
C ASP A 40 -35.11 0.06 8.54
N LYS A 41 -35.35 1.16 7.83
CA LYS A 41 -36.48 1.28 6.91
C LYS A 41 -36.12 0.84 5.50
N VAL A 42 -34.90 0.40 5.27
CA VAL A 42 -34.44 0.04 3.93
C VAL A 42 -35.01 -1.31 3.55
N PHE A 43 -35.62 -1.37 2.37
CA PHE A 43 -36.24 -2.61 1.90
C PHE A 43 -35.22 -3.52 1.23
N ARG A 44 -35.24 -4.79 1.60
CA ARG A 44 -34.40 -5.81 0.98
C ARG A 44 -35.25 -7.04 0.70
N SER A 45 -34.83 -7.83 -0.28
CA SER A 45 -35.59 -9.01 -0.66
C SER A 45 -34.66 -10.13 -1.05
N SER A 46 -34.99 -11.34 -0.58
CA SER A 46 -34.29 -12.57 -0.97
C SER A 46 -32.79 -12.47 -0.73
N VAL A 47 -32.41 -11.91 0.41
CA VAL A 47 -31.00 -11.79 0.78
C VAL A 47 -30.83 -12.29 2.21
N LEU A 48 -29.58 -12.57 2.56
CA LEU A 48 -29.21 -12.88 3.93
C LEU A 48 -28.34 -11.74 4.43
N HIS A 49 -28.97 -10.80 5.13
CA HIS A 49 -28.32 -9.56 5.51
C HIS A 49 -27.87 -9.63 6.95
N SER A 50 -26.60 -9.31 7.19
CA SER A 50 -26.03 -9.35 8.52
C SER A 50 -25.95 -7.93 9.07
N THR A 51 -26.53 -7.73 10.25
CA THR A 51 -26.56 -6.41 10.86
C THR A 51 -26.18 -6.50 12.33
N GLN A 52 -25.48 -5.48 12.81
CA GLN A 52 -25.07 -5.37 14.20
C GLN A 52 -25.91 -4.29 14.86
N ASP A 53 -26.66 -4.65 15.89
CA ASP A 53 -27.54 -3.68 16.54
C ASP A 53 -28.02 -4.27 17.85
N LEU A 54 -28.89 -3.51 18.53
CA LEU A 54 -29.49 -3.97 19.78
C LEU A 54 -30.51 -5.05 19.48
N PHE A 55 -30.44 -6.17 20.18
CA PHE A 55 -31.34 -7.29 19.93
C PHE A 55 -31.54 -8.08 21.20
N LEU A 56 -32.60 -8.88 21.21
CA LEU A 56 -32.85 -9.81 22.29
C LEU A 56 -32.21 -11.15 21.95
N PRO A 57 -31.23 -11.62 22.71
CA PRO A 57 -30.55 -12.88 22.36
C PRO A 57 -31.53 -14.04 22.34
N PHE A 58 -31.32 -14.95 21.39
CA PHE A 58 -32.17 -16.12 21.30
C PHE A 58 -31.98 -17.01 22.52
N PHE A 59 -33.08 -17.64 22.96
CA PHE A 59 -33.06 -18.51 24.13
C PHE A 59 -32.55 -17.76 25.35
N SER A 60 -33.27 -16.71 25.70
CA SER A 60 -32.90 -15.82 26.78
C SER A 60 -33.94 -15.87 27.88
N ASN A 61 -33.48 -15.66 29.11
CA ASN A 61 -34.35 -15.66 30.28
C ASN A 61 -35.03 -14.31 30.42
N VAL A 62 -36.35 -14.30 30.31
CA VAL A 62 -37.14 -13.10 30.41
C VAL A 62 -38.05 -13.20 31.62
N THR A 63 -38.23 -12.08 32.31
CA THR A 63 -38.99 -12.08 33.55
C THR A 63 -40.48 -12.10 33.24
N TRP A 64 -41.24 -12.80 34.08
CA TRP A 64 -42.67 -12.99 33.89
C TRP A 64 -43.42 -12.26 35.00
N PHE A 65 -44.46 -11.52 34.63
CA PHE A 65 -45.31 -10.84 35.57
C PHE A 65 -46.77 -11.14 35.27
N HIS A 66 -47.58 -11.25 36.32
CA HIS A 66 -48.98 -11.60 36.24
C HIS A 66 -49.87 -10.40 36.54
N ALA A 67 -51.14 -10.54 36.17
CA ALA A 67 -52.19 -9.61 36.60
C ALA A 67 -53.45 -10.46 36.77
N ILE A 68 -53.71 -10.86 38.02
CA ILE A 68 -54.75 -11.83 38.31
C ILE A 68 -55.11 -11.72 39.78
N HIS A 69 -56.36 -12.07 40.11
CA HIS A 69 -56.83 -12.11 41.49
C HIS A 69 -57.46 -13.48 41.74
N VAL A 70 -56.74 -14.34 42.46
CA VAL A 70 -57.27 -15.66 42.78
C VAL A 70 -58.32 -15.53 43.87
N SER A 71 -59.50 -16.13 43.63
CA SER A 71 -60.59 -16.05 44.58
C SER A 71 -60.27 -16.87 45.83
N GLY A 72 -60.88 -16.48 46.93
CA GLY A 72 -60.69 -17.15 48.21
C GLY A 72 -60.03 -16.25 49.24
N THR A 73 -60.01 -16.75 50.46
CA THR A 73 -59.43 -16.01 51.57
C THR A 73 -57.90 -15.97 51.43
N ASN A 74 -57.33 -14.76 51.48
CA ASN A 74 -55.90 -14.56 51.30
C ASN A 74 -55.42 -15.21 50.00
N GLY A 75 -56.22 -15.08 48.95
CA GLY A 75 -55.89 -15.68 47.68
C GLY A 75 -54.73 -14.99 47.00
N THR A 76 -54.16 -15.68 46.02
CA THR A 76 -53.00 -15.16 45.31
C THR A 76 -53.44 -14.00 44.42
N LYS A 77 -53.20 -12.78 44.89
CA LYS A 77 -53.58 -11.56 44.17
C LYS A 77 -52.31 -10.99 43.55
N ARG A 78 -52.00 -11.42 42.33
CA ARG A 78 -50.79 -10.99 41.64
C ARG A 78 -51.12 -9.69 40.91
N PHE A 79 -50.65 -8.58 41.47
CA PHE A 79 -50.79 -7.25 40.88
C PHE A 79 -49.39 -6.63 40.92
N ASP A 80 -48.62 -6.89 39.88
CA ASP A 80 -47.20 -6.56 39.85
C ASP A 80 -46.96 -5.34 38.97
N ASN A 81 -46.56 -4.23 39.59
CA ASN A 81 -46.16 -3.04 38.87
C ASN A 81 -44.88 -2.47 39.48
N PRO A 82 -43.77 -3.20 39.35
CA PRO A 82 -42.51 -2.71 39.90
C PRO A 82 -41.75 -1.86 38.88
N VAL A 83 -40.93 -0.96 39.42
CA VAL A 83 -40.09 -0.12 38.58
C VAL A 83 -38.89 -0.94 38.12
N LEU A 84 -38.76 -1.10 36.81
CA LEU A 84 -37.69 -1.91 36.24
C LEU A 84 -36.72 -1.02 35.47
N PRO A 85 -35.43 -1.32 35.52
CA PRO A 85 -34.47 -0.52 34.76
C PRO A 85 -34.70 -0.64 33.27
N PHE A 86 -34.40 0.44 32.54
CA PHE A 86 -34.49 0.41 31.10
C PHE A 86 -33.28 -0.25 30.45
N ASN A 87 -32.10 -0.07 31.03
CA ASN A 87 -30.84 -0.59 30.49
C ASN A 87 -30.67 -0.04 29.07
N ASP A 88 -30.47 -0.88 28.06
CA ASP A 88 -30.23 -0.37 26.71
C ASP A 88 -31.28 -0.90 25.74
N GLY A 89 -32.54 -0.84 26.13
CA GLY A 89 -33.62 -1.31 25.27
C GLY A 89 -34.46 -2.36 25.96
N VAL A 90 -35.77 -2.30 25.80
CA VAL A 90 -36.68 -3.16 26.54
C VAL A 90 -37.61 -3.86 25.57
N TYR A 91 -37.79 -5.16 25.77
CA TYR A 91 -38.74 -5.97 25.01
C TYR A 91 -39.90 -6.33 25.94
N PHE A 92 -41.10 -5.97 25.54
CA PHE A 92 -42.31 -6.09 26.35
C PHE A 92 -43.30 -6.95 25.58
N ALA A 93 -43.51 -8.18 26.03
CA ALA A 93 -44.41 -9.11 25.34
C ALA A 93 -45.58 -9.41 26.26
N SER A 94 -46.74 -8.82 25.94
CA SER A 94 -47.92 -8.95 26.78
C SER A 94 -48.93 -9.88 26.12
N THR A 95 -49.41 -10.85 26.89
CA THR A 95 -50.52 -11.69 26.47
C THR A 95 -51.79 -11.19 27.16
N GLU A 96 -52.80 -10.90 26.35
CA GLU A 96 -54.01 -10.23 26.78
C GLU A 96 -55.22 -10.84 26.07
N LYS A 97 -56.38 -10.65 26.69
CA LYS A 97 -57.66 -10.96 26.07
C LYS A 97 -58.66 -9.82 26.23
N SER A 98 -58.42 -8.88 27.15
CA SER A 98 -59.36 -7.80 27.42
C SER A 98 -58.67 -6.43 27.45
N ASN A 99 -57.41 -6.35 27.00
CA ASN A 99 -56.67 -5.09 26.90
C ASN A 99 -56.56 -4.41 28.26
N ILE A 100 -56.03 -5.16 29.23
CA ILE A 100 -55.85 -4.63 30.57
C ILE A 100 -54.73 -3.60 30.60
N ILE A 101 -53.64 -3.88 29.88
CA ILE A 101 -52.53 -2.94 29.82
C ILE A 101 -52.96 -1.69 29.04
N ARG A 102 -52.60 -0.51 29.56
CA ARG A 102 -53.04 0.74 28.98
C ARG A 102 -51.92 1.76 28.83
N GLY A 103 -50.67 1.31 28.79
CA GLY A 103 -49.60 2.22 28.44
C GLY A 103 -48.38 1.99 29.31
N TRP A 104 -47.51 3.00 29.31
CA TRP A 104 -46.22 2.90 29.97
C TRP A 104 -45.79 4.27 30.46
N ILE A 105 -44.86 4.28 31.40
CA ILE A 105 -44.22 5.51 31.87
C ILE A 105 -42.72 5.27 31.89
N PHE A 106 -41.96 6.24 31.39
CA PHE A 106 -40.50 6.14 31.31
C PHE A 106 -39.90 7.35 32.00
N GLY A 107 -38.84 7.13 32.77
CA GLY A 107 -38.18 8.21 33.47
C GLY A 107 -37.04 7.69 34.31
N THR A 108 -36.40 8.63 35.00
CA THR A 108 -35.30 8.29 35.90
C THR A 108 -35.62 8.56 37.36
N THR A 109 -35.98 9.79 37.71
CA THR A 109 -36.35 10.12 39.08
C THR A 109 -37.86 10.17 39.29
N LEU A 110 -38.64 10.14 38.21
CA LEU A 110 -40.09 10.02 38.28
C LEU A 110 -40.73 11.17 39.07
N ASP A 111 -40.12 12.35 38.97
CA ASP A 111 -40.63 13.53 39.66
C ASP A 111 -40.35 14.75 38.78
N SER A 112 -40.44 15.93 39.38
CA SER A 112 -40.27 17.17 38.64
C SER A 112 -38.80 17.49 38.31
N LYS A 113 -37.85 16.79 38.93
CA LYS A 113 -36.44 17.11 38.68
C LYS A 113 -36.04 16.83 37.24
N THR A 114 -36.56 15.74 36.65
CA THR A 114 -36.23 15.38 35.29
C THR A 114 -37.51 15.18 34.49
N GLN A 115 -37.40 15.36 33.18
CA GLN A 115 -38.53 15.12 32.30
C GLN A 115 -38.83 13.63 32.22
N SER A 116 -40.12 13.31 32.10
CA SER A 116 -40.56 11.93 32.02
C SER A 116 -41.60 11.79 30.92
N LEU A 117 -41.61 10.63 30.29
CA LEU A 117 -42.49 10.36 29.16
C LEU A 117 -43.60 9.42 29.58
N LEU A 118 -44.77 9.60 28.98
CA LEU A 118 -45.94 8.79 29.34
C LEU A 118 -46.70 8.45 28.07
N ILE A 119 -46.93 7.15 27.85
CA ILE A 119 -47.86 6.68 26.84
C ILE A 119 -49.11 6.20 27.55
N VAL A 120 -50.26 6.71 27.12
CA VAL A 120 -51.56 6.29 27.66
C VAL A 120 -52.45 5.84 26.51
N ASN A 121 -53.17 4.75 26.71
CA ASN A 121 -54.08 4.19 25.72
C ASN A 121 -55.45 4.06 26.38
N ASN A 122 -56.31 5.03 26.10
CA ASN A 122 -57.69 5.10 26.59
C ASN A 122 -58.72 4.77 25.52
N ALA A 123 -58.41 3.76 24.70
CA ALA A 123 -59.31 3.07 23.77
C ALA A 123 -59.69 3.92 22.57
N THR A 124 -59.26 5.16 22.51
CA THR A 124 -59.48 5.99 21.33
C THR A 124 -58.20 6.48 20.69
N ASN A 125 -57.20 6.86 21.50
CA ASN A 125 -55.94 7.33 20.95
C ASN A 125 -54.80 6.92 21.87
N VAL A 126 -53.62 6.77 21.27
CA VAL A 126 -52.39 6.60 22.02
C VAL A 126 -51.79 7.99 22.18
N VAL A 127 -51.66 8.44 23.43
CA VAL A 127 -51.22 9.80 23.72
C VAL A 127 -49.89 9.73 24.43
N ILE A 128 -48.91 10.44 23.89
CA ILE A 128 -47.55 10.49 24.43
C ILE A 128 -47.30 11.91 24.91
N LYS A 129 -46.94 12.05 26.18
CA LYS A 129 -46.67 13.34 26.79
C LYS A 129 -45.30 13.32 27.47
N VAL A 130 -44.53 14.39 27.28
CA VAL A 130 -43.21 14.51 27.87
C VAL A 130 -43.22 15.70 28.81
N CYS A 131 -43.31 15.44 30.11
CA CYS A 131 -43.33 16.48 31.12
C CYS A 131 -42.67 15.97 32.40
N GLU A 132 -42.26 16.90 33.25
CA GLU A 132 -41.72 16.56 34.57
C GLU A 132 -42.87 16.17 35.51
N PHE A 133 -43.52 15.06 35.16
CA PHE A 133 -44.69 14.60 35.90
C PHE A 133 -44.30 14.18 37.31
N GLN A 134 -45.23 14.35 38.25
CA GLN A 134 -45.02 13.93 39.63
C GLN A 134 -45.84 12.67 39.88
N PHE A 135 -45.28 11.53 39.47
CA PHE A 135 -45.90 10.25 39.75
C PHE A 135 -45.83 9.92 41.23
N CYS A 136 -46.87 9.24 41.72
CA CYS A 136 -46.82 8.62 43.03
C CYS A 136 -46.06 7.30 42.96
N ASN A 137 -46.14 6.53 44.06
CA ASN A 137 -45.53 5.21 44.05
C ASN A 137 -46.27 4.27 43.11
N ASP A 138 -47.60 4.34 43.06
CA ASP A 138 -48.41 3.45 42.22
C ASP A 138 -49.38 4.26 41.37
N PRO A 139 -48.89 4.95 40.35
CA PRO A 139 -49.80 5.55 39.37
C PRO A 139 -50.46 4.46 38.54
N PHE A 140 -51.68 4.72 38.10
CA PHE A 140 -52.43 3.68 37.38
C PHE A 140 -53.65 4.30 36.71
N LEU A 141 -54.52 3.44 36.20
CA LEU A 141 -55.81 3.83 35.64
C LEU A 141 -56.91 2.96 36.23
N GLY A 142 -58.10 3.53 36.36
CA GLY A 142 -59.24 2.79 36.86
C GLY A 142 -60.55 3.31 36.31
N VAL A 143 -61.44 2.40 35.93
CA VAL A 143 -62.75 2.75 35.42
C VAL A 143 -63.79 2.00 36.25
N TYR A 144 -64.69 2.75 36.88
CA TYR A 144 -65.72 2.16 37.72
C TYR A 144 -66.75 1.44 36.85
N TYR A 145 -67.20 0.29 37.31
CA TYR A 145 -68.18 -0.51 36.59
C TYR A 145 -69.57 0.06 36.85
N HIS A 146 -70.08 0.84 35.90
CA HIS A 146 -71.37 1.52 36.04
C HIS A 146 -72.45 0.57 35.53
N LYS A 147 -72.99 -0.25 36.44
CA LYS A 147 -74.00 -1.24 36.06
C LYS A 147 -75.35 -0.61 35.75
N ASN A 148 -75.57 0.65 36.13
CA ASN A 148 -76.86 1.28 35.92
C ASN A 148 -77.19 1.39 34.44
N ASN A 149 -76.21 1.78 33.62
CA ASN A 149 -76.41 1.91 32.17
C ASN A 149 -75.33 1.23 31.36
N LYS A 150 -74.39 0.52 32.02
CA LYS A 150 -73.30 -0.19 31.34
C LYS A 150 -72.52 0.72 30.41
N SER A 151 -72.03 1.83 30.96
CA SER A 151 -71.28 2.82 30.20
C SER A 151 -69.79 2.57 30.34
N TRP A 152 -69.09 2.49 29.21
CA TRP A 152 -67.66 2.28 29.18
C TRP A 152 -66.99 3.59 28.76
N MET A 153 -66.39 4.27 29.73
CA MET A 153 -65.78 5.57 29.49
C MET A 153 -64.64 5.79 30.48
N GLU A 154 -63.68 6.61 30.08
CA GLU A 154 -62.54 6.91 30.93
C GLU A 154 -63.01 7.60 32.21
N SER A 155 -62.69 7.03 33.34
CA SER A 155 -63.25 7.50 34.60
C SER A 155 -62.21 8.05 35.55
N GLU A 156 -61.09 7.35 35.75
CA GLU A 156 -60.10 7.76 36.73
C GLU A 156 -58.70 7.47 36.18
N PHE A 157 -57.86 8.51 36.16
CA PHE A 157 -56.46 8.39 35.78
C PHE A 157 -55.63 8.93 36.95
N ARG A 158 -54.83 8.07 37.57
CA ARG A 158 -54.03 8.44 38.72
C ARG A 158 -52.57 8.22 38.39
N VAL A 159 -52.14 8.77 37.26
CA VAL A 159 -50.76 8.66 36.82
C VAL A 159 -49.94 9.89 37.16
N TYR A 160 -50.45 11.09 36.92
CA TYR A 160 -49.69 12.30 37.21
C TYR A 160 -50.56 13.27 38.01
N SER A 161 -49.92 14.00 38.90
CA SER A 161 -50.61 15.03 39.67
C SER A 161 -50.70 16.35 38.91
N SER A 162 -49.69 16.69 38.13
CA SER A 162 -49.68 17.95 37.40
C SER A 162 -48.72 17.85 36.24
N ALA A 163 -48.90 18.74 35.27
CA ALA A 163 -48.01 18.85 34.12
C ALA A 163 -47.63 20.31 33.95
N ASN A 164 -46.33 20.59 33.87
CA ASN A 164 -45.81 21.94 33.75
C ASN A 164 -45.11 22.08 32.41
N ASN A 165 -45.49 23.11 31.65
CA ASN A 165 -44.84 23.55 30.41
C ASN A 165 -44.36 22.35 29.57
N CYS A 166 -45.35 21.59 29.12
CA CYS A 166 -45.12 20.40 28.32
C CYS A 166 -44.13 20.67 27.19
N THR A 167 -43.25 19.69 26.96
CA THR A 167 -42.22 19.81 25.94
C THR A 167 -42.52 19.01 24.67
N PHE A 168 -43.26 17.91 24.77
CA PHE A 168 -43.64 17.17 23.58
C PHE A 168 -44.99 16.51 23.82
N GLU A 169 -45.86 16.61 22.82
CA GLU A 169 -47.17 15.99 22.84
C GLU A 169 -47.41 15.30 21.50
N TYR A 170 -47.95 14.09 21.55
CA TYR A 170 -48.26 13.36 20.34
C TYR A 170 -49.53 12.56 20.53
N VAL A 171 -50.33 12.48 19.48
CA VAL A 171 -51.58 11.70 19.49
C VAL A 171 -51.56 10.79 18.27
N SER A 172 -51.87 9.51 18.48
CA SER A 172 -51.82 8.53 17.41
C SER A 172 -53.14 8.52 16.63
N GLN A 173 -53.23 7.62 15.66
CA GLN A 173 -54.47 7.46 14.91
C GLN A 173 -55.50 6.70 15.74
N PRO A 174 -56.78 7.03 15.59
CA PRO A 174 -57.80 6.42 16.45
C PRO A 174 -58.07 4.96 16.10
N PHE A 175 -58.48 4.20 17.11
CA PHE A 175 -58.86 2.81 16.93
C PHE A 175 -59.80 2.41 18.07
N LEU A 176 -60.06 1.12 18.19
CA LEU A 176 -61.02 0.62 19.19
C LEU A 176 -60.41 -0.58 19.89
N MET A 177 -60.29 -0.49 21.21
CA MET A 177 -59.83 -1.60 22.05
C MET A 177 -60.87 -1.88 23.12
N ASP A 178 -61.23 -3.15 23.28
CA ASP A 178 -62.21 -3.53 24.30
C ASP A 178 -61.67 -3.28 25.69
N LEU A 179 -62.57 -2.93 26.62
CA LEU A 179 -62.20 -2.64 28.00
C LEU A 179 -62.73 -3.63 29.01
N GLU A 180 -63.90 -4.21 28.77
CA GLU A 180 -64.48 -5.14 29.73
C GLU A 180 -63.66 -6.43 29.79
N GLY A 181 -63.48 -6.95 31.00
CA GLY A 181 -62.77 -8.20 31.20
C GLY A 181 -63.43 -9.38 30.55
N LYS A 182 -62.71 -10.09 29.69
CA LYS A 182 -63.23 -11.24 28.97
C LYS A 182 -62.57 -12.52 29.45
N GLN A 183 -63.33 -13.62 29.39
CA GLN A 183 -62.84 -14.92 29.79
C GLN A 183 -62.38 -15.71 28.58
N GLY A 184 -61.92 -16.93 28.83
CA GLY A 184 -61.41 -17.79 27.78
C GLY A 184 -59.91 -17.76 27.66
N ASN A 185 -59.42 -18.45 26.65
CA ASN A 185 -57.98 -18.56 26.42
C ASN A 185 -57.42 -17.23 25.94
N PHE A 186 -56.12 -17.06 26.11
CA PHE A 186 -55.44 -15.87 25.59
C PHE A 186 -55.42 -15.89 24.08
N LYS A 187 -55.71 -14.74 23.47
CA LYS A 187 -55.76 -14.63 22.03
C LYS A 187 -54.94 -13.49 21.46
N ASN A 188 -54.57 -12.49 22.26
CA ASN A 188 -53.80 -11.36 21.77
C ASN A 188 -52.40 -11.43 22.36
N LEU A 189 -51.39 -11.42 21.49
CA LEU A 189 -50.00 -11.34 21.90
C LEU A 189 -49.40 -10.11 21.26
N ARG A 190 -49.00 -9.14 22.07
CA ARG A 190 -48.44 -7.90 21.58
C ARG A 190 -46.98 -7.81 22.03
N GLU A 191 -46.07 -7.70 21.07
CA GLU A 191 -44.66 -7.54 21.34
C GLU A 191 -44.27 -6.11 21.02
N PHE A 192 -43.51 -5.49 21.91
CA PHE A 192 -43.03 -4.14 21.72
C PHE A 192 -41.54 -4.11 22.02
N VAL A 193 -40.81 -3.27 21.29
CA VAL A 193 -39.40 -3.04 21.51
C VAL A 193 -39.18 -1.54 21.62
N PHE A 194 -38.57 -1.12 22.73
CA PHE A 194 -38.30 0.29 22.99
C PHE A 194 -36.80 0.51 23.02
N LYS A 195 -36.33 1.47 22.23
CA LYS A 195 -34.92 1.83 22.20
C LYS A 195 -34.81 3.34 22.38
N ASN A 196 -33.75 3.77 23.04
CA ASN A 196 -33.48 5.20 23.24
C ASN A 196 -32.03 5.44 22.83
N ILE A 197 -31.81 5.77 21.55
CA ILE A 197 -30.48 5.92 21.00
C ILE A 197 -30.42 7.21 20.19
N ASP A 198 -29.29 7.91 20.31
CA ASP A 198 -29.02 9.13 19.54
C ASP A 198 -30.13 10.16 19.78
N GLY A 199 -30.56 10.26 21.04
CA GLY A 199 -31.61 11.20 21.39
C GLY A 199 -32.95 10.92 20.77
N TYR A 200 -33.14 9.73 20.18
CA TYR A 200 -34.40 9.35 19.57
C TYR A 200 -34.95 8.13 20.28
N PHE A 201 -36.26 8.13 20.51
CA PHE A 201 -36.96 7.04 21.15
C PHE A 201 -37.73 6.27 20.08
N LYS A 202 -37.24 5.08 19.74
CA LYS A 202 -37.81 4.28 18.67
C LYS A 202 -38.64 3.15 19.28
N ILE A 203 -39.90 3.05 18.85
CA ILE A 203 -40.82 2.04 19.33
C ILE A 203 -41.24 1.19 18.13
N TYR A 204 -41.02 -0.13 18.24
CA TYR A 204 -41.45 -1.10 17.24
C TYR A 204 -42.47 -2.02 17.90
N SER A 205 -43.42 -2.52 17.11
CA SER A 205 -44.52 -3.29 17.68
C SER A 205 -44.95 -4.39 16.73
N LYS A 206 -45.68 -5.36 17.29
CA LYS A 206 -46.25 -6.44 16.51
C LYS A 206 -47.41 -7.07 17.27
N HIS A 207 -48.57 -7.14 16.64
CA HIS A 207 -49.76 -7.75 17.20
C HIS A 207 -50.00 -9.09 16.51
N THR A 208 -50.27 -10.13 17.31
CA THR A 208 -50.42 -11.47 16.77
C THR A 208 -51.59 -12.19 17.45
N PRO A 209 -52.53 -12.73 16.69
CA PRO A 209 -53.45 -13.73 17.26
C PRO A 209 -52.71 -15.03 17.51
N ILE A 210 -52.97 -15.63 18.66
CA ILE A 210 -52.27 -16.83 19.07
C ILE A 210 -53.28 -17.93 19.37
N ASN A 211 -52.85 -19.18 19.19
CA ASN A 211 -53.65 -20.36 19.47
C ASN A 211 -52.91 -21.27 20.45
N LEU A 212 -53.05 -20.97 21.73
CA LEU A 212 -52.34 -21.69 22.78
C LEU A 212 -53.02 -21.40 24.11
N VAL A 213 -52.54 -22.08 25.15
CA VAL A 213 -53.03 -21.88 26.51
C VAL A 213 -51.93 -21.35 27.41
N ARG A 214 -50.68 -21.67 27.12
CA ARG A 214 -49.57 -21.30 27.98
C ARG A 214 -48.35 -20.99 27.13
N ASP A 215 -47.46 -20.15 27.66
CA ASP A 215 -46.20 -19.79 27.05
C ASP A 215 -46.39 -19.00 25.76
N LEU A 216 -45.29 -18.69 25.09
CA LEU A 216 -45.27 -17.98 23.83
C LEU A 216 -44.92 -18.93 22.69
N PRO A 217 -45.49 -18.73 21.51
CA PRO A 217 -45.25 -19.68 20.41
C PRO A 217 -43.82 -19.64 19.93
N GLN A 218 -43.37 -20.78 19.40
CA GLN A 218 -42.02 -20.90 18.86
C GLN A 218 -41.88 -20.25 17.49
N GLY A 219 -42.97 -19.79 16.89
CA GLY A 219 -42.90 -19.22 15.57
C GLY A 219 -42.10 -17.93 15.53
N PHE A 220 -41.67 -17.58 14.33
CA PHE A 220 -40.86 -16.40 14.10
C PHE A 220 -41.73 -15.31 13.49
N SER A 221 -41.73 -14.12 14.10
CA SER A 221 -42.54 -13.00 13.64
C SER A 221 -41.73 -11.73 13.75
N ALA A 222 -41.58 -11.02 12.64
CA ALA A 222 -40.86 -9.76 12.65
C ALA A 222 -41.69 -8.67 13.33
N LEU A 223 -40.99 -7.75 13.99
CA LEU A 223 -41.62 -6.65 14.70
C LEU A 223 -41.50 -5.38 13.86
N GLU A 224 -42.61 -4.97 13.25
CA GLU A 224 -42.60 -3.80 12.39
C GLU A 224 -42.43 -2.52 13.22
N PRO A 225 -41.76 -1.52 12.67
CA PRO A 225 -41.63 -0.24 13.39
C PRO A 225 -42.97 0.43 13.58
N LEU A 226 -43.11 1.11 14.71
CA LEU A 226 -44.34 1.79 15.07
C LEU A 226 -44.21 3.31 15.02
N VAL A 227 -43.21 3.87 15.71
CA VAL A 227 -43.08 5.31 15.78
C VAL A 227 -41.67 5.68 16.21
N ASP A 228 -41.27 6.90 15.88
CA ASP A 228 -40.01 7.48 16.32
C ASP A 228 -40.31 8.81 17.01
N LEU A 229 -39.73 9.03 18.18
CA LEU A 229 -39.97 10.23 18.96
C LEU A 229 -38.67 11.02 19.08
N PRO A 230 -38.60 12.24 18.57
CA PRO A 230 -37.39 13.07 18.70
C PRO A 230 -37.41 13.89 20.00
N ILE A 231 -37.17 13.21 21.12
CA ILE A 231 -37.32 13.84 22.43
C ILE A 231 -35.97 14.21 23.01
N GLY A 232 -34.97 13.33 22.83
CA GLY A 232 -33.66 13.56 23.40
C GLY A 232 -33.68 13.70 24.91
N ILE A 233 -34.42 12.82 25.58
CA ILE A 233 -34.54 12.87 27.03
C ILE A 233 -33.80 11.68 27.63
N ASN A 234 -33.62 11.73 28.94
CA ASN A 234 -32.83 10.75 29.67
C ASN A 234 -33.76 9.75 30.36
N ILE A 235 -33.57 8.46 30.07
CA ILE A 235 -34.43 7.41 30.59
C ILE A 235 -33.55 6.31 31.15
N THR A 236 -33.87 5.86 32.37
CA THR A 236 -33.18 4.72 32.99
C THR A 236 -34.11 3.66 33.54
N ARG A 237 -35.35 4.01 33.89
CA ARG A 237 -36.29 3.07 34.46
C ARG A 237 -37.66 3.26 33.82
N PHE A 238 -38.49 2.22 33.90
CA PHE A 238 -39.81 2.28 33.31
C PHE A 238 -40.79 1.52 34.20
N GLN A 239 -42.07 1.58 33.82
CA GLN A 239 -43.12 0.90 34.57
C GLN A 239 -44.38 0.80 33.73
N THR A 240 -45.02 -0.36 33.73
CA THR A 240 -46.23 -0.56 32.96
C THR A 240 -47.42 0.07 33.66
N LEU A 241 -48.49 0.29 32.90
CA LEU A 241 -49.72 0.88 33.39
C LEU A 241 -50.89 -0.07 33.17
N LEU A 242 -51.65 -0.31 34.23
CA LEU A 242 -52.77 -1.24 34.21
C LEU A 242 -54.05 -0.51 34.57
N ALA A 243 -55.15 -0.96 33.97
CA ALA A 243 -56.48 -0.41 34.22
C ALA A 243 -57.26 -1.38 35.09
N LEU A 244 -57.69 -0.91 36.26
CA LEU A 244 -58.53 -1.69 37.15
C LEU A 244 -59.99 -1.28 37.03
N HIS A 245 -60.87 -2.12 37.56
CA HIS A 245 -62.30 -1.86 37.59
C HIS A 245 -62.82 -1.96 39.02
N ARG A 246 -63.75 -1.08 39.38
CA ARG A 246 -64.35 -1.06 40.69
C ARG A 246 -65.82 -1.44 40.55
N SER A 247 -66.22 -2.49 41.25
CA SER A 247 -67.56 -3.05 41.07
C SER A 247 -67.97 -3.75 42.37
N TYR A 248 -69.16 -4.36 42.35
CA TYR A 248 -69.67 -5.08 43.50
C TYR A 248 -68.89 -6.35 43.79
N LEU A 249 -68.22 -6.93 42.78
CA LEU A 249 -67.48 -8.16 42.96
C LEU A 249 -66.32 -8.01 43.94
N THR A 250 -65.85 -6.78 44.17
CA THR A 250 -64.83 -6.48 45.17
C THR A 250 -65.38 -5.37 46.06
N PRO A 251 -66.19 -5.73 47.06
CA PRO A 251 -66.79 -4.69 47.92
C PRO A 251 -65.73 -3.95 48.71
N GLY A 252 -66.01 -2.67 48.98
CA GLY A 252 -65.13 -1.80 49.71
C GLY A 252 -64.99 -0.47 49.02
N ASP A 253 -64.11 0.37 49.56
CA ASP A 253 -63.87 1.69 49.00
C ASP A 253 -62.89 1.58 47.82
N SER A 254 -62.49 2.73 47.28
CA SER A 254 -61.57 2.72 46.14
C SER A 254 -60.18 2.23 46.54
N SER A 255 -59.86 2.28 47.84
CA SER A 255 -58.54 1.86 48.28
C SER A 255 -58.32 0.37 48.09
N SER A 256 -59.37 -0.45 48.25
CA SER A 256 -59.25 -1.88 48.11
C SER A 256 -60.33 -2.51 47.23
N GLY A 257 -61.44 -1.82 47.00
CA GLY A 257 -62.53 -2.38 46.21
C GLY A 257 -62.30 -2.26 44.72
N TRP A 258 -61.42 -3.11 44.19
CA TRP A 258 -61.11 -3.10 42.77
C TRP A 258 -60.65 -4.50 42.37
N THR A 259 -60.70 -4.77 41.06
CA THR A 259 -60.31 -6.05 40.52
C THR A 259 -59.51 -5.83 39.23
N ALA A 260 -58.70 -6.84 38.90
CA ALA A 260 -57.87 -6.81 37.70
C ALA A 260 -58.14 -8.06 36.88
N GLY A 261 -58.36 -7.88 35.58
CA GLY A 261 -58.59 -9.02 34.71
C GLY A 261 -57.33 -9.82 34.48
N ALA A 262 -57.53 -11.09 34.12
CA ALA A 262 -56.41 -12.01 33.90
C ALA A 262 -55.59 -11.60 32.70
N ALA A 263 -54.29 -11.33 32.93
CA ALA A 263 -53.39 -10.95 31.85
C ALA A 263 -51.97 -11.25 32.29
N ALA A 264 -51.04 -11.27 31.34
CA ALA A 264 -49.66 -11.50 31.73
C ALA A 264 -48.73 -10.75 30.79
N TYR A 265 -47.49 -10.54 31.25
CA TYR A 265 -46.50 -9.95 30.35
C TYR A 265 -45.11 -10.43 30.73
N TYR A 266 -44.20 -10.27 29.76
CA TYR A 266 -42.82 -10.72 29.86
C TYR A 266 -41.93 -9.54 29.53
N VAL A 267 -40.85 -9.39 30.30
CA VAL A 267 -39.90 -8.29 30.15
C VAL A 267 -38.54 -8.87 29.84
N GLY A 268 -37.91 -8.37 28.77
CA GLY A 268 -36.57 -8.78 28.41
C GLY A 268 -35.73 -7.57 28.08
N TYR A 269 -34.41 -7.78 28.10
CA TYR A 269 -33.46 -6.69 27.92
C TYR A 269 -32.60 -6.96 26.69
N LEU A 270 -32.50 -5.96 25.83
CA LEU A 270 -31.69 -6.08 24.62
C LEU A 270 -30.22 -5.86 24.94
N GLN A 271 -29.38 -6.17 23.96
CA GLN A 271 -27.94 -5.99 24.08
C GLN A 271 -27.34 -5.97 22.68
N PRO A 272 -26.14 -5.42 22.52
CA PRO A 272 -25.53 -5.36 21.18
C PRO A 272 -25.15 -6.73 20.64
N ARG A 273 -25.83 -7.18 19.58
CA ARG A 273 -25.58 -8.48 18.98
C ARG A 273 -25.64 -8.34 17.47
N THR A 274 -25.05 -9.33 16.80
CA THR A 274 -25.04 -9.40 15.34
C THR A 274 -26.02 -10.48 14.91
N PHE A 275 -26.93 -10.13 14.01
CA PHE A 275 -27.96 -11.04 13.55
C PHE A 275 -27.87 -11.18 12.03
N LEU A 276 -28.09 -12.40 11.55
CA LEU A 276 -28.23 -12.66 10.13
C LEU A 276 -29.70 -12.88 9.84
N LEU A 277 -30.33 -11.96 9.11
CA LEU A 277 -31.75 -12.02 8.84
C LEU A 277 -31.98 -12.45 7.40
N LYS A 278 -32.97 -13.30 7.20
CA LYS A 278 -33.32 -13.79 5.88
C LYS A 278 -34.53 -13.02 5.37
N TYR A 279 -34.34 -12.27 4.30
CA TYR A 279 -35.45 -11.62 3.60
C TYR A 279 -35.79 -12.50 2.40
N ASN A 280 -37.05 -12.93 2.33
CA ASN A 280 -37.48 -13.75 1.21
C ASN A 280 -37.90 -12.81 0.07
N GLU A 281 -38.54 -13.36 -0.96
CA GLU A 281 -39.08 -12.51 -2.02
C GLU A 281 -40.12 -11.53 -1.50
N ASN A 282 -40.81 -11.90 -0.43
CA ASN A 282 -41.75 -11.01 0.25
C ASN A 282 -41.08 -9.78 0.83
N GLY A 283 -39.76 -9.82 1.02
CA GLY A 283 -39.12 -8.82 1.82
C GLY A 283 -39.47 -8.89 3.29
N THR A 284 -40.11 -9.96 3.73
CA THR A 284 -40.52 -10.14 5.11
C THR A 284 -39.52 -11.03 5.84
N ILE A 285 -39.11 -10.59 7.02
CA ILE A 285 -38.09 -11.30 7.79
C ILE A 285 -38.71 -12.61 8.29
N THR A 286 -38.41 -13.71 7.62
CA THR A 286 -38.96 -15.00 7.99
C THR A 286 -38.12 -15.77 8.99
N ASP A 287 -36.82 -15.47 9.07
CA ASP A 287 -35.94 -16.16 10.00
C ASP A 287 -34.71 -15.31 10.27
N ALA A 288 -34.07 -15.60 11.39
CA ALA A 288 -32.86 -14.90 11.76
C ALA A 288 -31.99 -15.80 12.61
N VAL A 289 -30.69 -15.54 12.57
CA VAL A 289 -29.69 -16.31 13.29
C VAL A 289 -28.91 -15.37 14.19
N ASP A 290 -28.85 -15.69 15.47
CA ASP A 290 -28.10 -14.91 16.44
C ASP A 290 -26.66 -15.43 16.44
N CYS A 291 -25.72 -14.58 16.02
CA CYS A 291 -24.38 -15.04 15.74
C CYS A 291 -23.67 -15.57 16.98
N ALA A 292 -23.88 -14.93 18.13
CA ALA A 292 -23.14 -15.29 19.34
C ALA A 292 -23.84 -16.34 20.18
N LEU A 293 -24.90 -16.97 19.68
CA LEU A 293 -25.62 -17.96 20.46
C LEU A 293 -24.76 -19.17 20.76
N ASP A 294 -24.13 -19.74 19.74
CA ASP A 294 -23.35 -20.96 19.89
C ASP A 294 -22.44 -21.11 18.67
N PRO A 295 -21.45 -21.99 18.73
CA PRO A 295 -20.53 -22.12 17.59
C PRO A 295 -21.20 -22.43 16.26
N LEU A 296 -22.28 -23.21 16.28
CA LEU A 296 -22.99 -23.48 15.03
C LEU A 296 -23.51 -22.20 14.41
N SER A 297 -24.08 -21.31 15.23
CA SER A 297 -24.56 -20.04 14.71
C SER A 297 -23.41 -19.15 14.27
N GLU A 298 -22.26 -19.23 14.94
CA GLU A 298 -21.08 -18.51 14.48
C GLU A 298 -20.69 -18.97 13.08
N THR A 299 -20.69 -20.28 12.85
CA THR A 299 -20.37 -20.80 11.53
C THR A 299 -21.40 -20.35 10.51
N LYS A 300 -22.68 -20.38 10.88
CA LYS A 300 -23.72 -19.93 9.95
C LYS A 300 -23.52 -18.48 9.56
N CYS A 301 -23.21 -17.63 10.54
CA CYS A 301 -22.98 -16.22 10.25
C CYS A 301 -21.74 -16.03 9.37
N THR A 302 -20.66 -16.76 9.67
CA THR A 302 -19.44 -16.60 8.90
C THR A 302 -19.64 -17.03 7.45
N LEU A 303 -20.35 -18.13 7.23
CA LEU A 303 -20.64 -18.57 5.88
C LEU A 303 -21.75 -17.77 5.21
N LYS A 304 -22.43 -16.89 5.95
CA LYS A 304 -23.54 -16.11 5.43
C LYS A 304 -24.61 -17.01 4.81
N SER A 305 -24.88 -18.12 5.48
CA SER A 305 -25.86 -19.09 5.00
C SER A 305 -26.57 -19.73 6.18
N PHE A 306 -27.76 -20.26 5.92
CA PHE A 306 -28.53 -20.96 6.93
C PHE A 306 -28.24 -22.46 6.95
N THR A 307 -27.55 -22.99 5.95
CA THR A 307 -27.19 -24.40 5.88
C THR A 307 -25.69 -24.49 5.71
N VAL A 308 -25.06 -25.34 6.52
CA VAL A 308 -23.62 -25.51 6.53
C VAL A 308 -23.30 -26.91 6.04
N GLU A 309 -22.35 -27.00 5.12
CA GLU A 309 -21.92 -28.30 4.61
C GLU A 309 -21.01 -28.98 5.62
N LYS A 310 -20.91 -30.30 5.50
CA LYS A 310 -20.00 -31.06 6.34
C LYS A 310 -18.56 -30.61 6.11
N GLY A 311 -17.84 -30.38 7.19
CA GLY A 311 -16.44 -30.02 7.09
C GLY A 311 -16.00 -29.15 8.25
N ILE A 312 -14.83 -28.55 8.08
CA ILE A 312 -14.21 -27.69 9.08
C ILE A 312 -14.23 -26.26 8.57
N TYR A 313 -14.56 -25.32 9.46
CA TYR A 313 -14.58 -23.90 9.11
C TYR A 313 -13.91 -23.11 10.23
N GLN A 314 -13.14 -22.11 9.85
CA GLN A 314 -12.54 -21.20 10.81
C GLN A 314 -13.46 -20.01 11.00
N THR A 315 -13.89 -19.78 12.25
CA THR A 315 -14.84 -18.71 12.54
C THR A 315 -14.18 -17.44 13.04
N SER A 316 -13.42 -17.53 14.13
CA SER A 316 -12.84 -16.36 14.76
C SER A 316 -11.52 -16.75 15.40
N ASN A 317 -11.02 -15.88 16.27
CA ASN A 317 -9.73 -16.08 16.91
C ASN A 317 -9.87 -15.99 18.42
N PHE A 318 -9.20 -16.89 19.12
CA PHE A 318 -9.19 -16.93 20.56
C PHE A 318 -7.88 -16.35 21.08
N ARG A 319 -7.98 -15.53 22.12
CA ARG A 319 -6.81 -14.90 22.73
C ARG A 319 -7.06 -14.81 24.22
N VAL A 320 -6.00 -14.93 25.03
CA VAL A 320 -6.16 -14.75 26.46
C VAL A 320 -6.11 -13.26 26.77
N GLN A 321 -7.12 -12.79 27.51
CA GLN A 321 -7.20 -11.37 27.81
C GLN A 321 -6.15 -10.97 28.85
N PRO A 322 -5.60 -9.76 28.73
CA PRO A 322 -4.73 -9.24 29.80
C PRO A 322 -5.52 -9.03 31.08
N THR A 323 -4.86 -9.30 32.21
CA THR A 323 -5.52 -9.16 33.51
C THR A 323 -5.25 -7.79 34.14
N GLU A 324 -4.00 -7.35 34.13
CA GLU A 324 -3.65 -6.09 34.77
C GLU A 324 -2.39 -5.53 34.12
N SER A 325 -2.15 -4.25 34.35
CA SER A 325 -0.98 -3.56 33.84
C SER A 325 -0.01 -3.30 34.97
N ILE A 326 1.24 -3.71 34.78
CA ILE A 326 2.30 -3.50 35.75
C ILE A 326 3.31 -2.52 35.16
N VAL A 327 3.71 -1.54 35.96
CA VAL A 327 4.68 -0.54 35.55
C VAL A 327 5.93 -0.75 36.39
N ARG A 328 7.06 -0.98 35.71
CA ARG A 328 8.32 -1.28 36.38
C ARG A 328 9.39 -0.29 35.95
N PHE A 329 10.09 0.27 36.93
CA PHE A 329 11.19 1.18 36.73
C PHE A 329 12.26 0.90 37.78
N PRO A 330 13.50 1.31 37.53
CA PRO A 330 14.56 1.15 38.55
C PRO A 330 14.23 1.90 39.83
N ASN A 331 15.14 1.75 40.80
CA ASN A 331 15.03 2.44 42.07
C ASN A 331 14.66 3.92 41.92
N ILE A 332 13.95 4.43 42.92
CA ILE A 332 13.91 5.85 43.24
C ILE A 332 14.89 6.07 44.37
N THR A 333 16.18 6.21 44.06
CA THR A 333 17.22 6.39 45.04
C THR A 333 17.84 7.77 45.02
N ASN A 334 17.72 8.49 43.90
CA ASN A 334 18.25 9.83 43.78
C ASN A 334 17.12 10.82 43.57
N LEU A 335 17.15 11.91 44.32
CA LEU A 335 16.15 12.96 44.23
C LEU A 335 16.84 14.30 44.00
N CYS A 336 16.09 15.24 43.44
CA CYS A 336 16.62 16.59 43.26
C CYS A 336 16.87 17.22 44.62
N PRO A 337 17.97 17.98 44.78
CA PRO A 337 18.28 18.59 46.09
C PRO A 337 17.32 19.74 46.43
N PHE A 338 16.11 19.37 46.82
CA PHE A 338 15.08 20.35 47.16
C PHE A 338 15.10 20.73 48.63
N GLY A 339 15.77 19.95 49.49
CA GLY A 339 15.93 20.35 50.87
C GLY A 339 16.83 21.55 51.06
N GLU A 340 17.70 21.83 50.08
CA GLU A 340 18.55 23.01 50.17
C GLU A 340 17.74 24.29 49.98
N VAL A 341 16.65 24.22 49.23
CA VAL A 341 15.84 25.40 48.94
C VAL A 341 14.70 25.56 49.93
N PHE A 342 13.81 24.56 50.01
CA PHE A 342 12.64 24.68 50.87
C PHE A 342 13.02 24.57 52.34
N ASN A 343 13.88 23.61 52.68
CA ASN A 343 14.34 23.41 54.06
C ASN A 343 15.62 24.22 54.28
N ALA A 344 15.48 25.54 54.12
CA ALA A 344 16.61 26.45 54.23
C ALA A 344 16.36 27.47 55.34
N THR A 345 17.42 27.85 56.02
CA THR A 345 17.33 28.79 57.14
C THR A 345 17.65 30.22 56.72
N ARG A 346 18.55 30.41 55.75
CA ARG A 346 19.00 31.73 55.35
C ARG A 346 18.74 31.95 53.86
N PHE A 347 18.16 33.10 53.55
CA PHE A 347 17.93 33.53 52.18
C PHE A 347 18.58 34.90 51.97
N ALA A 348 18.91 35.19 50.71
CA ALA A 348 19.42 36.50 50.36
C ALA A 348 18.26 37.48 50.19
N SER A 349 18.60 38.71 49.82
CA SER A 349 17.58 39.72 49.57
C SER A 349 16.75 39.34 48.33
N VAL A 350 15.55 39.91 48.25
CA VAL A 350 14.67 39.59 47.14
C VAL A 350 15.24 40.13 45.83
N TYR A 351 15.84 41.32 45.85
CA TYR A 351 16.49 41.84 44.66
C TYR A 351 17.76 41.06 44.32
N ALA A 352 18.26 40.26 45.25
CA ALA A 352 19.39 39.36 45.02
C ALA A 352 18.93 37.92 45.19
N TRP A 353 17.78 37.59 44.61
CA TRP A 353 17.15 36.29 44.81
C TRP A 353 18.11 35.16 44.45
N ASN A 354 18.14 34.14 45.30
CA ASN A 354 19.08 33.04 45.11
C ASN A 354 18.61 32.15 43.97
N ARG A 355 19.46 32.01 42.95
CA ARG A 355 19.15 31.23 41.77
C ARG A 355 19.95 29.94 41.78
N LYS A 356 19.26 28.82 41.61
CA LYS A 356 19.87 27.50 41.55
C LYS A 356 19.49 26.81 40.25
N ARG A 357 20.47 26.15 39.64
CA ARG A 357 20.25 25.36 38.43
C ARG A 357 20.11 23.90 38.80
N ILE A 358 19.02 23.27 38.33
CA ILE A 358 18.68 21.91 38.69
C ILE A 358 18.57 21.10 37.40
N SER A 359 19.29 19.98 37.33
CA SER A 359 19.26 19.10 36.17
C SER A 359 19.64 17.70 36.60
N ASN A 360 19.12 16.72 35.87
CA ASN A 360 19.49 15.31 36.01
C ASN A 360 19.20 14.78 37.42
N CYS A 361 17.92 14.83 37.78
CA CYS A 361 17.49 14.28 39.06
C CYS A 361 15.98 14.08 39.05
N VAL A 362 15.51 13.32 40.03
CA VAL A 362 14.09 13.08 40.23
C VAL A 362 13.54 14.15 41.16
N ALA A 363 12.56 14.89 40.68
CA ALA A 363 11.97 16.00 41.42
C ALA A 363 10.59 15.57 41.92
N ASP A 364 10.44 15.45 43.23
CA ASP A 364 9.20 14.99 43.84
C ASP A 364 8.34 16.21 44.17
N TYR A 365 7.21 16.35 43.47
CA TYR A 365 6.26 17.41 43.73
C TYR A 365 5.01 16.92 44.46
N SER A 366 4.84 15.60 44.60
CA SER A 366 3.68 15.09 45.32
C SER A 366 3.70 15.50 46.78
N VAL A 367 4.87 15.40 47.42
CA VAL A 367 4.97 15.79 48.83
C VAL A 367 4.72 17.29 48.99
N LEU A 368 5.24 18.10 48.08
CA LEU A 368 5.01 19.54 48.16
C LEU A 368 3.55 19.87 47.96
N TYR A 369 2.89 19.22 47.00
CA TYR A 369 1.48 19.49 46.74
C TYR A 369 0.60 19.04 47.90
N ASN A 370 0.90 17.89 48.50
CA ASN A 370 0.09 17.32 49.56
C ASN A 370 0.51 17.79 50.96
N SER A 371 1.58 18.57 51.06
CA SER A 371 2.00 19.05 52.38
C SER A 371 0.98 20.03 52.95
N ALA A 372 0.38 20.86 52.09
CA ALA A 372 -0.61 21.87 52.47
C ALA A 372 -0.05 22.90 53.44
N SER A 373 1.27 22.96 53.58
CA SER A 373 1.92 23.96 54.43
C SER A 373 2.30 25.21 53.66
N PHE A 374 2.00 25.27 52.37
CA PHE A 374 2.30 26.42 51.53
C PHE A 374 1.02 27.19 51.28
N SER A 375 1.04 28.50 51.58
CA SER A 375 -0.15 29.32 51.38
C SER A 375 -0.53 29.41 49.92
N THR A 376 0.44 29.56 49.03
CA THR A 376 0.20 29.69 47.61
C THR A 376 1.01 28.65 46.84
N PHE A 377 0.34 27.95 45.93
CA PHE A 377 0.99 26.96 45.07
C PHE A 377 0.35 27.10 43.69
N LYS A 378 0.95 27.92 42.82
CA LYS A 378 0.34 28.27 41.54
C LYS A 378 1.31 27.98 40.42
N CYS A 379 0.95 27.03 39.56
CA CYS A 379 1.77 26.64 38.43
C CYS A 379 1.10 27.08 37.13
N TYR A 380 1.77 27.93 36.37
CA TYR A 380 1.24 28.46 35.11
C TYR A 380 2.11 27.98 33.96
N GLY A 381 1.46 27.63 32.85
CA GLY A 381 2.15 27.10 31.69
C GLY A 381 2.35 25.61 31.71
N VAL A 382 2.11 24.94 32.85
CA VAL A 382 2.19 23.50 32.95
C VAL A 382 1.00 23.01 33.76
N SER A 383 0.67 21.74 33.59
CA SER A 383 -0.42 21.13 34.34
C SER A 383 0.09 20.68 35.69
N PRO A 384 -0.44 21.19 36.81
CA PRO A 384 0.11 20.85 38.13
C PRO A 384 0.14 19.36 38.41
N THR A 385 -0.85 18.61 37.92
CA THR A 385 -0.86 17.17 38.14
C THR A 385 0.17 16.45 37.28
N LYS A 386 0.68 17.09 36.23
CA LYS A 386 1.54 16.43 35.26
C LYS A 386 3.03 16.70 35.47
N LEU A 387 3.42 17.47 36.50
CA LEU A 387 4.84 17.62 36.78
C LEU A 387 5.47 16.28 37.14
N ASN A 388 4.76 15.46 37.90
CA ASN A 388 5.25 14.13 38.22
C ASN A 388 5.36 13.22 37.00
N ASP A 389 4.66 13.56 35.91
CA ASP A 389 4.62 12.73 34.71
C ASP A 389 5.34 13.35 33.52
N LEU A 390 6.01 14.49 33.73
CA LEU A 390 6.73 15.16 32.65
C LEU A 390 8.16 15.47 33.09
N CYS A 391 9.05 15.54 32.10
CA CYS A 391 10.47 15.81 32.32
C CYS A 391 10.83 17.17 31.74
N PHE A 392 11.77 17.86 32.40
CA PHE A 392 12.16 19.20 32.00
C PHE A 392 13.67 19.27 31.82
N THR A 393 14.11 20.07 30.85
CA THR A 393 15.54 20.15 30.53
C THR A 393 16.32 20.79 31.67
N ASN A 394 15.85 21.92 32.18
CA ASN A 394 16.54 22.58 33.29
C ASN A 394 15.52 23.28 34.17
N VAL A 395 15.87 23.42 35.45
CA VAL A 395 15.02 24.10 36.42
C VAL A 395 15.81 25.26 37.03
N TYR A 396 15.20 26.44 37.04
CA TYR A 396 15.74 27.60 37.73
C TYR A 396 14.93 27.84 38.99
N ALA A 397 15.56 27.66 40.15
CA ALA A 397 14.94 27.89 41.43
C ALA A 397 15.36 29.27 41.93
N ASP A 398 14.40 30.20 41.98
CA ASP A 398 14.63 31.55 42.47
C ASP A 398 13.95 31.67 43.82
N SER A 399 14.75 31.70 44.88
CA SER A 399 14.26 31.76 46.26
C SER A 399 14.49 33.14 46.84
N PHE A 400 13.47 33.67 47.51
CA PHE A 400 13.56 35.00 48.11
C PHE A 400 12.48 35.12 49.19
N VAL A 401 12.44 36.28 49.82
CA VAL A 401 11.48 36.58 50.88
C VAL A 401 10.83 37.92 50.58
N ILE A 402 9.50 37.96 50.65
CA ILE A 402 8.75 39.20 50.41
C ILE A 402 7.71 39.35 51.50
N ARG A 403 6.86 40.37 51.39
CA ARG A 403 5.75 40.49 52.31
C ARG A 403 4.50 39.85 51.71
N GLY A 404 3.43 39.80 52.53
CA GLY A 404 2.26 39.03 52.16
C GLY A 404 1.52 39.56 50.95
N ASP A 405 1.31 40.87 50.88
CA ASP A 405 0.47 41.42 49.82
C ASP A 405 1.15 41.40 48.47
N GLU A 406 2.46 41.21 48.43
CA GLU A 406 3.22 41.19 47.19
C GLU A 406 3.25 39.81 46.53
N VAL A 407 2.66 38.80 47.17
CA VAL A 407 2.68 37.46 46.61
C VAL A 407 1.90 37.42 45.29
N ARG A 408 0.73 38.08 45.26
CA ARG A 408 -0.10 38.07 44.06
C ARG A 408 0.56 38.72 42.85
N GLN A 409 1.58 39.56 43.08
CA GLN A 409 2.29 40.19 41.98
C GLN A 409 3.13 39.21 41.17
N ILE A 410 3.39 38.02 41.69
CA ILE A 410 4.23 37.04 40.99
C ILE A 410 3.29 36.22 40.11
N ALA A 411 3.00 36.77 38.93
CA ALA A 411 2.11 36.15 37.96
C ALA A 411 2.23 36.89 36.63
N PRO A 412 1.97 36.23 35.50
CA PRO A 412 2.01 36.94 34.21
C PRO A 412 0.98 38.07 34.16
N GLY A 413 1.38 39.18 33.57
CA GLY A 413 0.51 40.32 33.41
C GLY A 413 0.34 41.19 34.65
N GLN A 414 1.01 40.85 35.75
CA GLN A 414 0.90 41.64 36.97
C GLN A 414 1.74 42.90 36.88
N THR A 415 1.31 43.93 37.61
CA THR A 415 2.04 45.16 37.76
C THR A 415 2.27 45.44 39.24
N GLY A 416 3.40 46.05 39.55
CA GLY A 416 3.76 46.33 40.92
C GLY A 416 5.25 46.51 41.06
N LYS A 417 5.66 46.74 42.31
CA LYS A 417 7.07 47.04 42.57
C LYS A 417 7.95 45.82 42.31
N ILE A 418 7.58 44.67 42.87
CA ILE A 418 8.40 43.47 42.74
C ILE A 418 8.44 43.00 41.28
N ALA A 419 7.28 42.96 40.64
CA ALA A 419 7.21 42.44 39.27
C ALA A 419 7.98 43.33 38.30
N ASP A 420 7.91 44.65 38.47
CA ASP A 420 8.51 45.54 37.49
C ASP A 420 9.98 45.83 37.78
N TYR A 421 10.33 46.01 39.04
CA TYR A 421 11.65 46.53 39.40
C TYR A 421 12.55 45.51 40.11
N ASN A 422 12.00 44.41 40.61
CA ASN A 422 12.77 43.41 41.32
C ASN A 422 12.93 42.11 40.54
N TYR A 423 11.83 41.51 40.10
CA TYR A 423 11.88 40.23 39.41
C TYR A 423 10.77 40.21 38.37
N LYS A 424 11.16 40.30 37.09
CA LYS A 424 10.21 40.38 35.99
C LYS A 424 9.90 38.99 35.46
N LEU A 425 8.62 38.65 35.43
CA LEU A 425 8.21 37.39 34.84
C LEU A 425 7.59 37.64 33.47
N PRO A 426 7.91 36.83 32.46
CA PRO A 426 7.31 37.03 31.14
C PRO A 426 5.82 36.73 31.16
N ASP A 427 5.10 37.34 30.22
CA ASP A 427 3.68 37.08 30.09
C ASP A 427 3.41 35.63 29.73
N ASP A 428 4.34 34.99 29.03
CA ASP A 428 4.25 33.57 28.66
C ASP A 428 5.11 32.70 29.56
N PHE A 429 5.18 33.04 30.85
CA PHE A 429 6.03 32.31 31.79
C PHE A 429 5.55 30.87 31.95
N THR A 430 6.50 29.94 31.94
CA THR A 430 6.22 28.52 32.10
C THR A 430 6.95 28.05 33.37
N GLY A 431 6.22 27.97 34.46
CA GLY A 431 6.81 27.56 35.72
C GLY A 431 5.79 27.70 36.84
N CYS A 432 6.26 27.44 38.05
CA CYS A 432 5.38 27.41 39.22
C CYS A 432 5.96 28.27 40.32
N VAL A 433 5.08 28.75 41.20
CA VAL A 433 5.44 29.60 42.32
C VAL A 433 4.89 28.97 43.59
N ILE A 434 5.74 28.82 44.59
CA ILE A 434 5.36 28.27 45.89
C ILE A 434 5.71 29.30 46.95
N ALA A 435 4.70 29.80 47.66
CA ALA A 435 4.88 30.80 48.70
C ALA A 435 4.30 30.29 50.01
N TRP A 436 5.09 30.37 51.08
CA TRP A 436 4.63 29.92 52.38
C TRP A 436 4.98 30.96 53.43
N ASN A 437 4.07 31.14 54.39
CA ASN A 437 4.31 32.08 55.48
C ASN A 437 5.44 31.56 56.37
N SER A 438 6.27 32.49 56.85
CA SER A 438 7.36 32.17 57.76
C SER A 438 7.34 33.08 58.99
N ASN A 439 6.14 33.47 59.42
CA ASN A 439 6.03 34.39 60.56
C ASN A 439 6.60 33.77 61.83
N ASN A 440 6.29 32.49 62.08
CA ASN A 440 6.77 31.84 63.29
C ASN A 440 8.27 31.53 63.21
N LEU A 441 8.87 31.60 62.02
CA LEU A 441 10.29 31.34 61.84
C LEU A 441 11.11 32.61 61.66
N ASP A 442 10.51 33.67 61.14
CA ASP A 442 11.21 34.93 60.87
C ASP A 442 10.80 36.04 61.83
N SER A 443 10.31 35.69 63.02
CA SER A 443 9.90 36.66 64.02
C SER A 443 11.03 36.83 65.03
N LYS A 444 11.49 38.07 65.19
CA LYS A 444 12.54 38.40 66.15
C LYS A 444 12.14 39.68 66.88
N VAL A 445 12.71 39.84 68.08
CA VAL A 445 12.40 41.03 68.88
C VAL A 445 12.89 42.27 68.15
N GLY A 446 12.02 43.28 68.06
CA GLY A 446 12.33 44.49 67.35
C GLY A 446 12.07 44.45 65.85
N GLY A 447 11.65 43.31 65.32
CA GLY A 447 11.38 43.18 63.91
C GLY A 447 12.58 42.66 63.14
N ASN A 448 12.29 42.01 62.01
CA ASN A 448 13.32 41.47 61.13
C ASN A 448 13.43 42.38 59.90
N TYR A 449 14.50 43.16 59.84
CA TYR A 449 14.73 44.09 58.73
C TYR A 449 15.88 43.65 57.83
N ASN A 450 16.32 42.39 57.95
CA ASN A 450 17.46 41.93 57.17
C ASN A 450 17.18 41.97 55.68
N TYR A 451 15.98 41.54 55.27
CA TYR A 451 15.64 41.50 53.85
C TYR A 451 15.27 42.90 53.37
N LEU A 452 15.74 43.25 52.17
CA LEU A 452 15.48 44.54 51.56
C LEU A 452 14.88 44.30 50.18
N TYR A 453 14.09 45.26 49.70
CA TYR A 453 13.50 45.14 48.37
C TYR A 453 13.72 46.42 47.58
N ARG A 454 13.96 46.25 46.28
CA ARG A 454 14.11 47.40 45.40
C ARG A 454 12.78 48.10 45.21
N LEU A 455 12.77 49.42 45.41
CA LEU A 455 11.55 50.22 45.38
C LEU A 455 11.30 50.84 44.01
N PHE A 456 12.33 51.44 43.41
CA PHE A 456 12.20 52.10 42.13
C PHE A 456 13.35 51.70 41.22
N ARG A 457 13.14 51.84 39.92
CA ARG A 457 14.17 51.56 38.93
C ARG A 457 13.98 52.48 37.74
N LYS A 458 15.07 52.68 36.98
CA LYS A 458 15.03 53.56 35.83
C LYS A 458 14.10 53.02 34.76
N SER A 459 14.11 51.72 34.53
CA SER A 459 13.26 51.09 33.53
C SER A 459 12.85 49.72 34.01
N ASN A 460 11.84 49.16 33.35
CA ASN A 460 11.35 47.84 33.71
C ASN A 460 12.41 46.78 33.46
N LEU A 461 12.54 45.85 34.40
CA LEU A 461 13.54 44.80 34.29
C LEU A 461 13.22 43.85 33.16
N LYS A 462 14.25 43.38 32.47
CA LYS A 462 14.09 42.32 31.51
C LYS A 462 13.83 41.00 32.23
N PRO A 463 13.17 40.05 31.57
CA PRO A 463 12.91 38.75 32.23
C PRO A 463 14.21 38.07 32.63
N PHE A 464 14.23 37.55 33.85
CA PHE A 464 15.37 36.80 34.39
C PHE A 464 16.65 37.62 34.32
N GLU A 465 16.55 38.90 34.67
CA GLU A 465 17.70 39.81 34.66
C GLU A 465 18.19 40.03 36.09
N ARG A 466 19.50 39.87 36.28
CA ARG A 466 20.14 40.07 37.57
C ARG A 466 20.83 41.43 37.57
N ASP A 467 20.59 42.22 38.61
CA ASP A 467 21.09 43.58 38.70
C ASP A 467 22.36 43.61 39.54
N ILE A 468 23.44 44.11 38.96
CA ILE A 468 24.69 44.30 39.67
C ILE A 468 25.01 45.77 39.89
N SER A 469 24.23 46.68 39.34
CA SER A 469 24.41 48.11 39.52
C SER A 469 23.36 48.64 40.50
N THR A 470 23.80 49.48 41.44
CA THR A 470 22.94 50.05 42.46
C THR A 470 22.82 51.55 42.29
N GLU A 471 22.61 52.00 41.05
CA GLU A 471 22.52 53.42 40.74
C GLU A 471 21.36 54.06 41.49
N ILE A 472 21.59 55.29 41.95
CA ILE A 472 20.58 56.02 42.69
C ILE A 472 19.51 56.52 41.71
N TYR A 473 18.24 56.32 42.07
CA TYR A 473 17.14 56.75 41.22
C TYR A 473 17.17 58.26 41.04
N GLN A 474 17.02 58.70 39.79
CA GLN A 474 17.06 60.12 39.45
C GLN A 474 15.63 60.61 39.27
N ALA A 475 15.09 61.24 40.32
CA ALA A 475 13.72 61.72 40.27
C ALA A 475 13.59 63.01 39.45
N GLY A 476 14.55 63.93 39.60
CA GLY A 476 14.49 65.22 38.95
C GLY A 476 15.43 65.34 37.78
N SER A 477 15.72 66.59 37.41
CA SER A 477 16.63 66.86 36.30
C SER A 477 18.10 66.85 36.71
N THR A 478 18.41 67.16 37.96
CA THR A 478 19.77 67.07 38.45
C THR A 478 20.07 65.64 38.86
N PRO A 479 21.02 64.96 38.20
CA PRO A 479 21.32 63.57 38.58
C PRO A 479 21.84 63.49 40.01
N CYS A 480 21.44 62.42 40.71
CA CYS A 480 21.93 62.21 42.07
C CYS A 480 23.41 61.87 42.07
N ASN A 481 23.83 60.99 41.15
CA ASN A 481 25.24 60.60 41.00
C ASN A 481 25.81 60.08 42.31
N GLY A 482 25.03 59.29 43.03
CA GLY A 482 25.46 58.74 44.31
C GLY A 482 25.36 59.69 45.48
N VAL A 483 24.82 60.88 45.28
CA VAL A 483 24.62 61.87 46.35
C VAL A 483 23.13 62.11 46.47
N GLU A 484 22.59 61.87 47.66
CA GLU A 484 21.16 62.04 47.90
C GLU A 484 20.84 63.51 48.15
N GLY A 485 19.56 63.78 48.36
CA GLY A 485 19.08 65.12 48.58
C GLY A 485 17.70 65.29 47.95
N PHE A 486 17.43 66.52 47.52
CA PHE A 486 16.16 66.81 46.86
C PHE A 486 16.10 66.07 45.53
N ASN A 487 14.92 65.50 45.23
CA ASN A 487 14.72 64.67 44.04
C ASN A 487 15.69 63.50 44.01
N CYS A 488 15.98 62.91 45.17
CA CYS A 488 16.92 61.79 45.27
C CYS A 488 16.42 60.87 46.37
N TYR A 489 15.89 59.71 45.98
CA TYR A 489 15.40 58.72 46.91
C TYR A 489 16.11 57.39 46.66
N PHE A 490 16.48 56.72 47.74
CA PHE A 490 17.22 55.47 47.62
C PHE A 490 16.28 54.36 47.12
N PRO A 491 16.71 53.57 46.14
CA PRO A 491 15.81 52.56 45.55
C PRO A 491 15.58 51.34 46.43
N LEU A 492 16.31 51.18 47.53
CA LEU A 492 16.19 50.02 48.40
C LEU A 492 15.42 50.39 49.66
N GLN A 493 14.45 49.56 50.03
CA GLN A 493 13.58 49.82 51.16
C GLN A 493 13.49 48.58 52.05
N SER A 494 13.38 48.82 53.35
CA SER A 494 13.33 47.76 54.34
C SER A 494 11.93 47.14 54.42
N TYR A 495 11.84 46.03 55.15
CA TYR A 495 10.58 45.39 55.46
C TYR A 495 10.32 45.51 56.96
N GLY A 496 9.12 45.98 57.31
CA GLY A 496 8.74 46.09 58.71
C GLY A 496 8.10 44.83 59.23
N PHE A 497 8.85 43.74 59.28
CA PHE A 497 8.33 42.43 59.69
C PHE A 497 8.17 42.40 61.22
N GLN A 498 7.21 43.18 61.69
CA GLN A 498 6.89 43.19 63.11
C GLN A 498 6.06 41.96 63.47
N PRO A 499 6.29 41.40 64.67
CA PRO A 499 5.49 40.24 65.09
C PRO A 499 4.00 40.54 65.20
N THR A 500 3.64 41.77 65.57
CA THR A 500 2.25 42.14 65.78
C THR A 500 1.57 42.67 64.52
N ASN A 501 2.28 42.72 63.40
CA ASN A 501 1.69 43.22 62.16
C ASN A 501 0.68 42.22 61.60
N GLY A 502 -0.12 42.69 60.65
CA GLY A 502 -1.14 41.85 60.05
C GLY A 502 -0.56 40.81 59.12
N VAL A 503 -1.42 39.87 58.73
CA VAL A 503 -1.00 38.79 57.84
C VAL A 503 -0.62 39.34 56.48
N GLY A 504 -1.27 40.42 56.02
CA GLY A 504 -0.93 41.00 54.74
C GLY A 504 0.49 41.54 54.69
N TYR A 505 1.03 41.94 55.84
CA TYR A 505 2.40 42.43 55.92
C TYR A 505 3.37 41.39 56.46
N GLN A 506 2.89 40.19 56.76
CA GLN A 506 3.75 39.15 57.32
C GLN A 506 4.75 38.66 56.28
N PRO A 507 5.96 38.26 56.70
CA PRO A 507 6.94 37.75 55.75
C PRO A 507 6.48 36.42 55.14
N TYR A 508 6.82 36.25 53.86
CA TYR A 508 6.51 35.04 53.12
C TYR A 508 7.73 34.63 52.31
N ARG A 509 8.11 33.35 52.42
CA ARG A 509 9.21 32.81 51.64
C ARG A 509 8.64 32.28 50.33
N VAL A 510 9.20 32.75 49.21
CA VAL A 510 8.69 32.44 47.88
C VAL A 510 9.81 31.81 47.06
N VAL A 511 9.51 30.64 46.48
CA VAL A 511 10.41 29.95 45.57
C VAL A 511 9.70 29.79 44.24
N VAL A 512 10.32 30.29 43.18
CA VAL A 512 9.79 30.19 41.83
C VAL A 512 10.63 29.17 41.07
N LEU A 513 9.99 28.08 40.66
CA LEU A 513 10.65 27.04 39.87
C LEU A 513 10.26 27.23 38.41
N SER A 514 11.21 27.68 37.60
CA SER A 514 11.00 27.90 36.18
C SER A 514 11.54 26.71 35.41
N PHE A 515 10.70 26.08 34.60
CA PHE A 515 11.07 24.91 33.83
C PHE A 515 11.39 25.34 32.41
N GLU A 516 12.66 25.26 32.03
CA GLU A 516 13.10 25.66 30.71
C GLU A 516 13.48 24.43 29.90
N LEU A 517 13.06 24.42 28.63
CA LEU A 517 13.42 23.38 27.69
C LEU A 517 14.08 24.05 26.48
N LEU A 518 15.20 23.49 26.04
CA LEU A 518 15.95 24.02 24.90
C LEU A 518 16.21 22.90 23.91
N HIS A 519 17.09 23.14 22.94
CA HIS A 519 17.53 22.08 22.03
C HIS A 519 18.54 21.19 22.75
N ALA A 520 18.13 20.69 23.90
CA ALA A 520 18.91 19.84 24.78
C ALA A 520 17.99 18.79 25.39
N PRO A 521 18.50 17.61 25.71
CA PRO A 521 17.64 16.56 26.28
C PRO A 521 17.11 16.96 27.65
N ALA A 522 15.91 16.47 27.95
CA ALA A 522 15.30 16.71 29.25
C ALA A 522 16.10 16.00 30.34
N THR A 523 16.31 16.71 31.46
CA THR A 523 17.15 16.20 32.55
C THR A 523 16.37 15.92 33.82
N VAL A 524 15.68 16.92 34.36
CA VAL A 524 14.88 16.73 35.56
C VAL A 524 13.63 15.94 35.20
N CYS A 525 13.33 14.90 35.98
CA CYS A 525 12.19 14.05 35.70
C CYS A 525 11.38 13.82 36.98
N GLY A 526 10.08 13.59 36.79
CA GLY A 526 9.19 13.34 37.90
C GLY A 526 9.34 11.93 38.45
N PRO A 527 8.76 11.69 39.63
CA PRO A 527 8.87 10.35 40.22
C PRO A 527 8.13 9.31 39.39
N LYS A 528 8.66 8.09 39.42
CA LYS A 528 8.07 6.97 38.70
C LYS A 528 7.50 5.95 39.67
N LYS A 529 6.32 5.44 39.35
CA LYS A 529 5.61 4.51 40.21
C LYS A 529 5.97 3.08 39.83
N SER A 530 6.47 2.31 40.80
CA SER A 530 6.85 0.92 40.58
C SER A 530 5.80 0.02 41.22
N THR A 531 5.34 -0.97 40.46
CA THR A 531 4.30 -1.88 40.93
C THR A 531 4.85 -3.29 40.96
N ASN A 532 4.37 -4.09 41.92
CA ASN A 532 4.85 -5.46 42.07
C ASN A 532 4.57 -6.26 40.81
N LEU A 533 5.57 -7.00 40.36
CA LEU A 533 5.46 -7.77 39.13
C LEU A 533 4.66 -9.04 39.36
N VAL A 534 4.09 -9.56 38.28
CA VAL A 534 3.35 -10.82 38.29
C VAL A 534 3.86 -11.69 37.16
N LYS A 535 3.96 -12.99 37.42
CA LYS A 535 4.53 -13.93 36.48
C LYS A 535 3.48 -14.95 36.03
N ASN A 536 3.74 -15.57 34.88
CA ASN A 536 2.89 -16.62 34.32
C ASN A 536 1.46 -16.14 34.10
N LYS A 537 1.29 -14.86 33.77
CA LYS A 537 -0.03 -14.30 33.50
C LYS A 537 0.07 -13.37 32.31
N CYS A 538 -0.92 -13.46 31.41
CA CYS A 538 -1.00 -12.54 30.29
C CYS A 538 -1.35 -11.17 30.85
N VAL A 539 -0.33 -10.31 30.98
CA VAL A 539 -0.48 -9.02 31.62
C VAL A 539 0.15 -7.95 30.74
N ASN A 540 -0.27 -6.71 30.99
CA ASN A 540 0.32 -5.55 30.34
C ASN A 540 1.56 -5.13 31.11
N PHE A 541 2.68 -4.98 30.41
CA PHE A 541 3.95 -4.64 31.01
C PHE A 541 4.44 -3.31 30.45
N ASN A 542 5.20 -2.60 31.28
CA ASN A 542 5.79 -1.31 30.90
C ASN A 542 7.16 -1.24 31.55
N PHE A 543 8.20 -1.54 30.77
CA PHE A 543 9.58 -1.53 31.24
C PHE A 543 10.32 -0.39 30.55
N ASN A 544 10.70 0.62 31.33
CA ASN A 544 11.51 1.73 30.85
C ASN A 544 10.85 2.45 29.69
N GLY A 545 9.51 2.56 29.73
CA GLY A 545 8.76 3.16 28.67
C GLY A 545 8.40 2.24 27.53
N LEU A 546 9.04 1.07 27.44
CA LEU A 546 8.67 0.06 26.46
C LEU A 546 7.42 -0.65 26.96
N THR A 547 6.31 -0.46 26.26
CA THR A 547 5.03 -0.98 26.68
C THR A 547 4.61 -2.15 25.80
N GLY A 548 3.82 -3.05 26.36
CA GLY A 548 3.29 -4.16 25.60
C GLY A 548 2.46 -5.07 26.48
N THR A 549 2.13 -6.23 25.93
CA THR A 549 1.43 -7.27 26.66
C THR A 549 2.14 -8.60 26.46
N GLY A 550 2.10 -9.46 27.46
CA GLY A 550 2.73 -10.76 27.34
C GLY A 550 2.74 -11.51 28.65
N VAL A 551 3.49 -12.60 28.66
CA VAL A 551 3.67 -13.44 29.84
C VAL A 551 5.15 -13.42 30.18
N LEU A 552 5.47 -13.10 31.43
CA LEU A 552 6.85 -13.02 31.90
C LEU A 552 7.20 -14.30 32.65
N THR A 553 8.37 -14.85 32.33
CA THR A 553 8.82 -16.08 32.97
C THR A 553 10.32 -15.98 33.22
N GLU A 554 10.83 -16.87 34.06
CA GLU A 554 12.26 -16.92 34.34
C GLU A 554 13.01 -17.30 33.07
N SER A 555 14.23 -16.80 32.94
CA SER A 555 15.06 -17.05 31.77
C SER A 555 16.37 -17.67 32.18
N ASN A 556 16.85 -18.59 31.35
CA ASN A 556 18.17 -19.20 31.53
C ASN A 556 19.26 -18.43 30.82
N LYS A 557 18.94 -17.31 30.19
CA LYS A 557 19.92 -16.51 29.48
C LYS A 557 20.78 -15.72 30.47
N LYS A 558 21.89 -15.19 29.96
CA LYS A 558 22.86 -14.47 30.78
C LYS A 558 23.16 -13.12 30.13
N PHE A 559 22.57 -12.06 30.66
CA PHE A 559 22.86 -10.72 30.19
C PHE A 559 24.25 -10.27 30.63
N LEU A 560 24.81 -9.35 29.87
CA LEU A 560 25.98 -8.63 30.35
C LEU A 560 25.54 -7.64 31.44
N PRO A 561 26.48 -7.23 32.32
CA PRO A 561 26.08 -6.39 33.45
C PRO A 561 25.39 -5.10 33.06
N PHE A 562 25.73 -4.51 31.92
CA PHE A 562 25.13 -3.25 31.53
C PHE A 562 23.86 -3.40 30.70
N GLN A 563 23.61 -4.58 30.13
CA GLN A 563 22.49 -4.77 29.22
C GLN A 563 21.17 -4.79 29.98
N GLN A 564 20.14 -4.20 29.37
CA GLN A 564 18.82 -4.11 29.98
C GLN A 564 17.85 -5.15 29.42
N PHE A 565 17.63 -5.14 28.11
CA PHE A 565 16.70 -6.06 27.49
C PHE A 565 17.26 -6.58 26.18
N GLY A 566 16.78 -7.74 25.76
CA GLY A 566 17.22 -8.38 24.53
C GLY A 566 16.07 -8.61 23.59
N ARG A 567 16.35 -8.47 22.30
CA ARG A 567 15.38 -8.77 21.25
C ARG A 567 15.95 -9.83 20.32
N ASP A 568 15.09 -10.74 19.88
CA ASP A 568 15.46 -11.79 18.96
C ASP A 568 15.44 -11.24 17.53
N ILE A 569 15.51 -12.13 16.55
CA ILE A 569 15.43 -11.70 15.16
C ILE A 569 14.06 -11.07 14.90
N ALA A 570 13.97 -10.35 13.78
CA ALA A 570 12.78 -9.62 13.37
C ALA A 570 12.41 -8.50 14.33
N ASP A 571 13.35 -8.07 15.18
CA ASP A 571 13.16 -6.93 16.06
C ASP A 571 11.95 -7.11 16.97
N THR A 572 11.98 -8.18 17.74
CA THR A 572 10.95 -8.48 18.72
C THR A 572 11.62 -8.76 20.07
N THR A 573 11.26 -7.98 21.08
CA THR A 573 11.87 -8.12 22.39
C THR A 573 11.48 -9.45 23.01
N ASP A 574 12.47 -10.28 23.35
CA ASP A 574 12.21 -11.59 23.92
C ASP A 574 12.66 -11.72 25.36
N ALA A 575 13.50 -10.79 25.85
CA ALA A 575 13.94 -10.82 27.23
C ALA A 575 14.05 -9.40 27.74
N VAL A 576 13.98 -9.25 29.06
CA VAL A 576 14.14 -7.95 29.70
C VAL A 576 14.60 -8.17 31.13
N ARG A 577 15.45 -7.29 31.63
CA ARG A 577 15.92 -7.38 33.00
C ARG A 577 15.07 -6.49 33.89
N ASP A 578 14.30 -7.10 34.77
CA ASP A 578 13.53 -6.36 35.75
C ASP A 578 14.49 -5.68 36.72
N PRO A 579 14.42 -4.36 36.85
CA PRO A 579 15.22 -3.67 37.86
C PRO A 579 14.62 -3.89 39.24
N GLN A 580 15.36 -3.42 40.25
CA GLN A 580 15.01 -3.55 41.66
C GLN A 580 15.16 -5.00 42.09
N THR A 581 15.37 -5.88 41.12
CA THR A 581 15.82 -7.25 41.35
C THR A 581 16.88 -7.68 40.36
N LEU A 582 17.07 -6.94 39.25
CA LEU A 582 18.06 -7.25 38.23
C LEU A 582 17.86 -8.67 37.71
N GLU A 583 16.60 -9.04 37.50
CA GLU A 583 16.26 -10.40 37.14
C GLU A 583 15.97 -10.49 35.64
N ILE A 584 16.72 -11.32 34.93
CA ILE A 584 16.51 -11.49 33.50
C ILE A 584 15.28 -12.38 33.31
N LEU A 585 14.30 -11.89 32.57
CA LEU A 585 13.03 -12.56 32.37
C LEU A 585 12.75 -12.70 30.89
N ASP A 586 12.42 -13.92 30.47
CA ASP A 586 11.92 -14.15 29.13
C ASP A 586 10.47 -13.69 29.04
N ILE A 587 10.06 -13.28 27.84
CA ILE A 587 8.71 -12.78 27.61
C ILE A 587 8.13 -13.51 26.41
N THR A 588 6.89 -13.95 26.54
CA THR A 588 6.22 -14.72 25.52
C THR A 588 4.90 -14.06 25.15
N PRO A 589 4.56 -13.96 23.87
CA PRO A 589 3.26 -13.40 23.50
C PRO A 589 2.12 -14.22 24.11
N CYS A 590 1.05 -13.52 24.48
CA CYS A 590 -0.08 -14.18 25.10
C CYS A 590 -0.64 -15.26 24.18
N SER A 591 -1.01 -16.39 24.77
CA SER A 591 -1.46 -17.53 23.98
C SER A 591 -2.66 -17.15 23.13
N PHE A 592 -2.58 -17.49 21.84
CA PHE A 592 -3.63 -17.12 20.89
C PHE A 592 -3.68 -18.17 19.80
N GLY A 593 -4.80 -18.19 19.08
CA GLY A 593 -4.96 -19.13 17.99
C GLY A 593 -6.27 -18.91 17.29
N GLY A 594 -6.53 -19.75 16.31
CA GLY A 594 -7.80 -19.72 15.62
C GLY A 594 -8.80 -20.66 16.23
N VAL A 595 -10.07 -20.47 15.87
CA VAL A 595 -11.16 -21.32 16.34
C VAL A 595 -11.81 -21.94 15.12
N SER A 596 -11.90 -23.26 15.12
CA SER A 596 -12.50 -23.99 14.01
C SER A 596 -13.70 -24.78 14.53
N VAL A 597 -14.68 -24.97 13.66
CA VAL A 597 -15.91 -25.67 14.01
C VAL A 597 -16.01 -26.91 13.13
N ILE A 598 -15.96 -28.07 13.78
CA ILE A 598 -16.20 -29.34 13.11
C ILE A 598 -17.69 -29.61 13.14
N THR A 599 -18.30 -29.76 11.98
CA THR A 599 -19.72 -30.05 11.93
C THR A 599 -20.03 -31.09 10.86
N PRO A 600 -21.00 -31.96 11.10
CA PRO A 600 -21.41 -32.93 10.08
C PRO A 600 -22.39 -32.37 9.06
N GLY A 601 -22.71 -31.08 9.13
CA GLY A 601 -23.74 -30.54 8.27
C GLY A 601 -25.09 -30.50 8.96
N THR A 602 -25.93 -29.57 8.50
CA THR A 602 -27.24 -29.40 9.12
C THR A 602 -28.11 -30.63 8.99
N ASN A 603 -27.96 -31.39 7.90
CA ASN A 603 -28.79 -32.56 7.70
C ASN A 603 -28.57 -33.60 8.79
N THR A 604 -27.32 -33.87 9.14
CA THR A 604 -27.03 -34.95 10.07
C THR A 604 -27.41 -34.57 11.50
N SER A 605 -26.78 -33.53 12.03
CA SER A 605 -27.03 -33.13 13.41
C SER A 605 -26.60 -31.69 13.59
N ASN A 606 -27.02 -31.10 14.71
CA ASN A 606 -26.56 -29.78 15.10
C ASN A 606 -25.35 -29.83 16.02
N GLN A 607 -24.95 -31.01 16.48
CA GLN A 607 -23.79 -31.11 17.35
C GLN A 607 -22.54 -30.66 16.61
N VAL A 608 -21.72 -29.85 17.29
CA VAL A 608 -20.50 -29.32 16.71
C VAL A 608 -19.35 -29.55 17.68
N ALA A 609 -18.14 -29.53 17.13
CA ALA A 609 -16.93 -29.62 17.93
C ALA A 609 -16.11 -28.36 17.70
N VAL A 610 -15.38 -27.95 18.72
CA VAL A 610 -14.57 -26.74 18.68
C VAL A 610 -13.11 -27.13 18.71
N LEU A 611 -12.35 -26.60 17.76
CA LEU A 611 -10.91 -26.84 17.68
C LEU A 611 -10.19 -25.53 17.96
N TYR A 612 -9.42 -25.49 19.03
CA TYR A 612 -8.52 -24.38 19.28
C TYR A 612 -7.13 -24.75 18.78
N GLN A 613 -6.54 -23.87 17.98
CA GLN A 613 -5.48 -24.26 17.07
C GLN A 613 -4.21 -24.69 17.80
N ASP A 614 -3.60 -23.79 18.54
CA ASP A 614 -2.30 -24.07 19.14
C ASP A 614 -2.30 -23.65 20.60
N VAL A 615 -3.35 -24.03 21.32
CA VAL A 615 -3.47 -23.68 22.72
C VAL A 615 -3.46 -24.95 23.54
N ASN A 616 -3.29 -24.77 24.84
CA ASN A 616 -3.27 -25.84 25.80
C ASN A 616 -4.69 -26.37 25.96
N CYS A 617 -4.85 -27.57 26.49
CA CYS A 617 -6.15 -27.92 27.02
C CYS A 617 -6.20 -27.55 28.49
N THR A 618 -5.90 -26.29 28.80
CA THR A 618 -5.95 -25.80 30.17
C THR A 618 -6.72 -24.50 30.33
N GLU A 619 -7.02 -23.77 29.26
CA GLU A 619 -7.73 -22.51 29.35
C GLU A 619 -8.97 -22.53 28.48
N VAL A 620 -10.07 -22.03 29.03
CA VAL A 620 -11.35 -22.01 28.35
C VAL A 620 -11.57 -20.63 27.75
N SER A 640 -16.88 -30.15 29.02
CA SER A 640 -17.50 -31.46 28.94
C SER A 640 -16.46 -32.54 28.63
N ASN A 641 -16.38 -32.92 27.37
CA ASN A 641 -15.39 -33.90 26.91
C ASN A 641 -14.30 -33.18 26.13
N VAL A 642 -13.06 -33.34 26.56
CA VAL A 642 -11.94 -32.58 26.04
C VAL A 642 -10.84 -33.54 25.59
N PHE A 643 -10.20 -33.22 24.48
CA PHE A 643 -9.13 -34.04 23.92
C PHE A 643 -7.99 -33.12 23.52
N GLN A 644 -6.76 -33.59 23.71
CA GLN A 644 -5.56 -32.82 23.38
C GLN A 644 -4.85 -33.52 22.23
N THR A 645 -4.77 -32.86 21.08
CA THR A 645 -4.10 -33.38 19.91
C THR A 645 -2.91 -32.50 19.54
N ARG A 646 -2.05 -33.02 18.68
CA ARG A 646 -0.92 -32.26 18.21
C ARG A 646 -1.35 -31.02 17.42
N ALA A 647 -2.60 -30.98 16.99
CA ALA A 647 -3.15 -29.84 16.28
C ALA A 647 -4.00 -28.95 17.18
N GLY A 648 -3.89 -29.13 18.50
CA GLY A 648 -4.58 -28.23 19.42
C GLY A 648 -5.45 -28.90 20.44
N CYS A 649 -6.56 -28.27 20.76
CA CYS A 649 -7.50 -28.78 21.76
C CYS A 649 -8.87 -28.93 21.13
N LEU A 650 -9.46 -30.10 21.27
CA LEU A 650 -10.74 -30.44 20.65
C LEU A 650 -11.78 -30.66 21.74
N ILE A 651 -12.87 -29.90 21.67
CA ILE A 651 -13.93 -29.98 22.66
C ILE A 651 -15.22 -30.38 21.97
N GLY A 652 -15.91 -31.37 22.53
CA GLY A 652 -17.14 -31.87 21.96
C GLY A 652 -17.00 -33.13 21.16
N ALA A 653 -15.79 -33.65 20.99
CA ALA A 653 -15.53 -34.87 20.25
C ALA A 653 -14.91 -35.90 21.19
N GLU A 654 -15.39 -37.13 21.12
CA GLU A 654 -14.90 -38.19 21.97
C GLU A 654 -13.83 -39.00 21.25
N HIS A 655 -12.70 -39.20 21.90
CA HIS A 655 -11.57 -39.88 21.28
C HIS A 655 -11.82 -41.39 21.24
N VAL A 656 -11.65 -41.99 20.07
CA VAL A 656 -11.95 -43.39 19.85
C VAL A 656 -10.68 -44.09 19.36
N ASN A 657 -10.41 -45.25 19.95
CA ASN A 657 -9.15 -45.94 19.69
C ASN A 657 -9.11 -46.52 18.28
N ASN A 658 -10.12 -47.33 17.93
CA ASN A 658 -10.11 -47.95 16.61
C ASN A 658 -10.25 -46.89 15.52
N SER A 659 -9.62 -47.17 14.38
CA SER A 659 -9.42 -46.17 13.34
C SER A 659 -10.39 -46.39 12.19
N TYR A 660 -10.75 -45.30 11.52
CA TYR A 660 -11.58 -45.31 10.33
C TYR A 660 -10.88 -44.53 9.22
N GLU A 661 -11.51 -44.50 8.05
CA GLU A 661 -11.08 -43.63 6.98
C GLU A 661 -11.33 -42.18 7.36
N CYS A 662 -10.41 -41.30 6.96
CA CYS A 662 -10.53 -39.89 7.31
C CYS A 662 -11.79 -39.30 6.70
N ASP A 663 -12.54 -38.56 7.52
CA ASP A 663 -13.78 -37.92 7.08
C ASP A 663 -13.66 -36.40 7.10
N ILE A 664 -13.33 -35.81 8.23
CA ILE A 664 -13.14 -34.36 8.33
C ILE A 664 -11.72 -34.11 8.82
N PRO A 665 -10.82 -33.64 7.96
CA PRO A 665 -9.43 -33.46 8.38
C PRO A 665 -9.32 -32.45 9.50
N ILE A 666 -8.36 -32.70 10.40
CA ILE A 666 -8.05 -31.79 11.51
C ILE A 666 -6.57 -31.43 11.51
N GLY A 667 -5.71 -32.43 11.52
CA GLY A 667 -4.28 -32.20 11.50
C GLY A 667 -3.56 -33.28 12.28
N ALA A 668 -2.29 -33.47 11.93
CA ALA A 668 -1.42 -34.44 12.58
C ALA A 668 -2.04 -35.83 12.58
N GLY A 669 -2.61 -36.22 11.44
CA GLY A 669 -3.16 -37.55 11.30
C GLY A 669 -4.35 -37.84 12.19
N ILE A 670 -5.18 -36.84 12.44
CA ILE A 670 -6.39 -37.00 13.25
C ILE A 670 -7.55 -36.41 12.49
N CYS A 671 -8.64 -37.17 12.39
CA CYS A 671 -9.83 -36.75 11.65
C CYS A 671 -11.05 -36.89 12.55
N ALA A 672 -12.20 -36.50 12.01
CA ALA A 672 -13.45 -36.56 12.77
C ALA A 672 -14.57 -37.20 11.97
N VAL A 687 -18.70 -38.17 12.23
CA VAL A 687 -19.87 -38.45 13.04
C VAL A 687 -20.28 -39.91 12.91
N ALA A 688 -20.51 -40.56 14.05
CA ALA A 688 -20.93 -41.96 14.06
C ALA A 688 -21.80 -42.19 15.28
N SER A 689 -23.02 -42.66 15.06
CA SER A 689 -24.00 -42.89 16.13
C SER A 689 -24.26 -41.59 16.90
N GLN A 690 -24.81 -40.61 16.19
CA GLN A 690 -25.22 -39.30 16.71
C GLN A 690 -24.20 -38.69 17.67
N SER A 691 -22.92 -38.77 17.33
CA SER A 691 -21.88 -38.18 18.15
C SER A 691 -20.67 -37.87 17.29
N ILE A 692 -19.79 -37.03 17.80
CA ILE A 692 -18.57 -36.62 17.10
C ILE A 692 -17.40 -37.36 17.72
N ILE A 693 -16.60 -37.99 16.87
CA ILE A 693 -15.49 -38.83 17.32
C ILE A 693 -14.20 -38.33 16.69
N ALA A 694 -13.12 -38.38 17.47
CA ALA A 694 -11.79 -38.03 16.99
C ALA A 694 -10.91 -39.27 17.04
N TYR A 695 -10.25 -39.57 15.93
CA TYR A 695 -9.49 -40.80 15.81
C TYR A 695 -8.33 -40.57 14.86
N THR A 696 -7.30 -41.40 15.02
CA THR A 696 -6.20 -41.41 14.07
C THR A 696 -6.67 -42.06 12.77
N MET A 697 -6.39 -41.40 11.65
CA MET A 697 -6.86 -41.90 10.37
C MET A 697 -6.20 -43.24 10.05
N SER A 698 -6.95 -44.11 9.39
CA SER A 698 -6.46 -45.41 8.97
C SER A 698 -6.05 -45.34 7.51
N LEU A 699 -4.84 -45.81 7.21
CA LEU A 699 -4.35 -45.75 5.84
C LEU A 699 -5.02 -46.75 4.92
N GLY A 700 -5.60 -47.80 5.47
CA GLY A 700 -6.26 -48.82 4.67
C GLY A 700 -6.02 -50.19 5.24
N ALA A 701 -6.61 -51.18 4.57
CA ALA A 701 -6.43 -52.56 4.99
C ALA A 701 -4.97 -52.96 4.86
N GLU A 702 -4.55 -53.85 5.75
CA GLU A 702 -3.17 -54.34 5.78
C GLU A 702 -3.15 -55.81 5.41
N ASN A 703 -2.37 -56.17 4.40
CA ASN A 703 -2.32 -57.56 3.94
C ASN A 703 -0.95 -57.83 3.34
N SER A 704 -0.17 -58.68 4.00
CA SER A 704 1.08 -59.13 3.42
C SER A 704 0.82 -60.11 2.29
N VAL A 705 1.57 -59.98 1.21
CA VAL A 705 1.44 -60.89 0.08
C VAL A 705 2.35 -62.09 0.28
N ALA A 706 1.84 -63.27 -0.02
CA ALA A 706 2.59 -64.52 0.20
C ALA A 706 3.68 -64.62 -0.85
N TYR A 707 4.81 -63.98 -0.56
CA TYR A 707 5.93 -64.00 -1.48
C TYR A 707 6.80 -65.23 -1.24
N SER A 708 7.25 -65.85 -2.33
CA SER A 708 8.18 -66.95 -2.27
C SER A 708 8.95 -66.99 -3.58
N ASN A 709 10.10 -67.66 -3.58
CA ASN A 709 10.93 -67.63 -4.78
C ASN A 709 10.46 -68.61 -5.84
N ASN A 710 9.39 -69.37 -5.59
CA ASN A 710 8.90 -70.30 -6.60
C ASN A 710 7.39 -70.28 -6.73
N SER A 711 6.72 -69.22 -6.30
CA SER A 711 5.27 -69.15 -6.33
C SER A 711 4.83 -67.92 -7.10
N ILE A 712 3.76 -68.08 -7.89
CA ILE A 712 3.19 -66.99 -8.66
C ILE A 712 1.69 -66.96 -8.40
N ALA A 713 1.08 -65.80 -8.65
CA ALA A 713 -0.36 -65.65 -8.63
C ALA A 713 -0.79 -65.19 -10.01
N ILE A 714 -1.75 -65.92 -10.60
CA ILE A 714 -2.18 -65.61 -11.96
C ILE A 714 -3.69 -65.45 -11.99
N PRO A 715 -4.23 -64.40 -12.60
CA PRO A 715 -5.67 -64.20 -12.62
C PRO A 715 -6.32 -65.14 -13.64
N THR A 716 -7.41 -65.77 -13.24
CA THR A 716 -8.16 -66.68 -14.08
C THR A 716 -9.45 -66.07 -14.59
N ASN A 717 -9.67 -64.77 -14.36
CA ASN A 717 -10.96 -64.16 -14.64
C ASN A 717 -10.69 -62.66 -14.70
N PHE A 718 -11.64 -61.91 -15.24
CA PHE A 718 -11.41 -60.48 -15.35
C PHE A 718 -12.71 -59.71 -15.16
N THR A 719 -12.56 -58.39 -15.01
CA THR A 719 -13.69 -57.48 -14.98
C THR A 719 -13.37 -56.28 -15.86
N ILE A 720 -14.40 -55.65 -16.38
CA ILE A 720 -14.29 -54.43 -17.15
C ILE A 720 -14.84 -53.30 -16.30
N SER A 721 -13.99 -52.34 -15.96
CA SER A 721 -14.37 -51.29 -15.04
C SER A 721 -14.38 -49.95 -15.78
N VAL A 722 -15.46 -49.19 -15.62
CA VAL A 722 -15.58 -47.87 -16.21
C VAL A 722 -15.50 -46.86 -15.07
N THR A 723 -14.51 -45.98 -15.14
CA THR A 723 -14.28 -44.99 -14.10
C THR A 723 -14.37 -43.59 -14.70
N THR A 724 -14.97 -42.67 -13.95
CA THR A 724 -15.17 -41.31 -14.42
C THR A 724 -14.09 -40.41 -13.88
N GLU A 725 -13.52 -39.59 -14.76
CA GLU A 725 -12.53 -38.58 -14.38
C GLU A 725 -12.99 -37.24 -14.92
N ILE A 726 -13.13 -36.26 -14.03
CA ILE A 726 -13.77 -34.99 -14.36
C ILE A 726 -12.72 -33.89 -14.33
N LEU A 727 -12.65 -33.09 -15.39
CA LEU A 727 -11.63 -32.06 -15.52
C LEU A 727 -12.26 -30.75 -15.96
N PRO A 728 -12.08 -29.66 -15.22
CA PRO A 728 -12.50 -28.36 -15.74
C PRO A 728 -11.60 -27.93 -16.89
N VAL A 729 -12.18 -27.21 -17.85
CA VAL A 729 -11.43 -26.74 -19.00
C VAL A 729 -11.52 -25.24 -19.20
N SER A 730 -12.54 -24.56 -18.67
CA SER A 730 -12.68 -23.12 -18.86
C SER A 730 -13.58 -22.59 -17.76
N MET A 731 -13.59 -21.26 -17.63
CA MET A 731 -14.47 -20.59 -16.69
C MET A 731 -15.20 -19.47 -17.42
N THR A 732 -16.00 -18.72 -16.67
CA THR A 732 -16.78 -17.64 -17.26
C THR A 732 -15.87 -16.54 -17.78
N LYS A 733 -16.22 -16.00 -18.94
CA LYS A 733 -15.44 -14.94 -19.57
C LYS A 733 -15.96 -13.59 -19.07
N THR A 734 -15.52 -13.23 -17.86
CA THR A 734 -15.94 -11.98 -17.26
C THR A 734 -15.14 -10.82 -17.82
N SER A 735 -15.68 -9.62 -17.66
CA SER A 735 -14.99 -8.40 -18.05
C SER A 735 -15.54 -7.25 -17.23
N VAL A 736 -14.66 -6.29 -16.93
CA VAL A 736 -15.02 -5.15 -16.10
C VAL A 736 -14.61 -3.88 -16.83
N ASP A 737 -15.20 -2.76 -16.40
CA ASP A 737 -14.93 -1.46 -16.98
C ASP A 737 -14.68 -0.47 -15.86
N CYS A 738 -13.53 0.21 -15.91
CA CYS A 738 -13.20 1.18 -14.86
C CYS A 738 -14.23 2.29 -14.80
N THR A 739 -14.52 2.92 -15.94
CA THR A 739 -15.36 4.11 -15.92
C THR A 739 -16.69 3.85 -15.21
N MET A 740 -17.24 2.65 -15.37
CA MET A 740 -18.49 2.35 -14.68
C MET A 740 -18.25 1.72 -13.31
N TYR A 741 -17.09 1.10 -13.11
CA TYR A 741 -16.87 0.47 -11.81
C TYR A 741 -16.46 1.49 -10.77
N ILE A 742 -15.33 2.15 -10.98
CA ILE A 742 -14.82 3.11 -10.02
C ILE A 742 -15.72 4.35 -9.97
N CYS A 743 -16.15 4.84 -11.13
CA CYS A 743 -16.93 6.06 -11.21
C CYS A 743 -18.39 5.84 -11.59
N GLY A 744 -18.65 5.30 -12.76
CA GLY A 744 -20.01 5.30 -13.28
C GLY A 744 -20.29 6.56 -14.09
N ASP A 745 -21.42 7.21 -13.79
CA ASP A 745 -21.84 8.38 -14.53
C ASP A 745 -21.29 9.66 -13.89
N SER A 746 -19.98 9.68 -13.70
CA SER A 746 -19.31 10.85 -13.16
C SER A 746 -18.09 11.17 -14.01
N THR A 747 -17.77 12.45 -14.10
CA THR A 747 -16.70 12.94 -14.97
C THR A 747 -15.48 13.44 -14.21
N GLU A 748 -15.69 14.21 -13.15
CA GLU A 748 -14.56 14.74 -12.39
C GLU A 748 -13.72 13.62 -11.77
N CYS A 749 -14.37 12.60 -11.23
CA CYS A 749 -13.62 11.43 -10.79
C CYS A 749 -12.91 10.74 -11.94
N SER A 750 -13.53 10.74 -13.13
CA SER A 750 -12.84 10.22 -14.30
C SER A 750 -11.59 11.04 -14.62
N ASN A 751 -11.70 12.37 -14.49
CA ASN A 751 -10.53 13.22 -14.70
C ASN A 751 -9.44 12.92 -13.70
N LEU A 752 -9.81 12.69 -12.43
CA LEU A 752 -8.81 12.32 -11.45
C LEU A 752 -8.20 10.97 -11.78
N LEU A 753 -9.02 10.02 -12.24
CA LEU A 753 -8.51 8.71 -12.60
C LEU A 753 -7.51 8.79 -13.73
N LEU A 754 -7.72 9.72 -14.66
CA LEU A 754 -6.79 9.88 -15.78
C LEU A 754 -5.40 10.22 -15.28
N GLN A 755 -5.26 10.79 -14.09
CA GLN A 755 -3.95 11.12 -13.56
C GLN A 755 -3.16 9.89 -13.15
N TYR A 756 -3.79 8.72 -13.08
CA TYR A 756 -3.11 7.52 -12.64
C TYR A 756 -2.48 6.75 -13.79
N GLY A 757 -2.50 7.28 -15.00
CA GLY A 757 -1.84 6.63 -16.10
C GLY A 757 -2.75 5.67 -16.84
N SER A 758 -2.24 4.48 -17.13
CA SER A 758 -2.96 3.49 -17.91
C SER A 758 -3.19 2.21 -17.12
N PHE A 759 -3.56 2.35 -15.84
CA PHE A 759 -3.93 1.17 -15.07
C PHE A 759 -5.12 0.46 -15.67
N CYS A 760 -6.12 1.22 -16.09
CA CYS A 760 -7.32 0.63 -16.64
C CYS A 760 -7.07 -0.04 -17.98
N THR A 761 -6.16 0.52 -18.77
CA THR A 761 -5.76 -0.17 -19.99
C THR A 761 -5.16 -1.52 -19.66
N GLN A 762 -4.32 -1.57 -18.62
CA GLN A 762 -3.73 -2.84 -18.22
C GLN A 762 -4.79 -3.84 -17.78
N LEU A 763 -5.75 -3.39 -16.97
CA LEU A 763 -6.76 -4.31 -16.46
C LEU A 763 -7.64 -4.83 -17.59
N ASN A 764 -8.05 -3.94 -18.50
CA ASN A 764 -8.85 -4.38 -19.63
C ASN A 764 -8.08 -5.37 -20.49
N ARG A 765 -6.80 -5.10 -20.75
CA ARG A 765 -6.00 -6.01 -21.55
C ARG A 765 -5.86 -7.36 -20.87
N ALA A 766 -5.64 -7.37 -19.56
CA ALA A 766 -5.48 -8.63 -18.84
C ALA A 766 -6.76 -9.46 -18.90
N LEU A 767 -7.91 -8.82 -18.66
CA LEU A 767 -9.16 -9.57 -18.68
C LEU A 767 -9.50 -10.06 -20.08
N THR A 768 -9.21 -9.25 -21.10
CA THR A 768 -9.41 -9.71 -22.47
C THR A 768 -8.53 -10.90 -22.78
N GLY A 769 -7.26 -10.86 -22.33
CA GLY A 769 -6.39 -12.00 -22.53
C GLY A 769 -6.92 -13.24 -21.84
N ILE A 770 -7.45 -13.09 -20.63
CA ILE A 770 -8.01 -14.25 -19.93
C ILE A 770 -9.20 -14.81 -20.70
N ALA A 771 -10.08 -13.95 -21.21
CA ALA A 771 -11.23 -14.44 -21.95
C ALA A 771 -10.82 -15.17 -23.22
N VAL A 772 -9.85 -14.61 -23.95
CA VAL A 772 -9.38 -15.27 -25.16
C VAL A 772 -8.76 -16.62 -24.82
N GLU A 773 -8.00 -16.67 -23.73
CA GLU A 773 -7.42 -17.93 -23.28
C GLU A 773 -8.51 -18.94 -22.92
N GLN A 774 -9.59 -18.46 -22.31
CA GLN A 774 -10.71 -19.35 -21.98
C GLN A 774 -11.30 -19.97 -23.22
N ASP A 775 -11.47 -19.17 -24.28
CA ASP A 775 -11.97 -19.74 -25.53
C ASP A 775 -10.96 -20.73 -26.12
N LYS A 776 -9.68 -20.39 -26.10
CA LYS A 776 -8.67 -21.25 -26.70
C LYS A 776 -8.57 -22.58 -25.99
N ASN A 777 -8.79 -22.60 -24.67
CA ASN A 777 -8.74 -23.85 -23.93
C ASN A 777 -9.76 -24.85 -24.47
N THR A 778 -11.02 -24.42 -24.57
CA THR A 778 -12.04 -25.30 -25.13
C THR A 778 -11.72 -25.67 -26.57
N GLN A 779 -11.23 -24.70 -27.35
CA GLN A 779 -10.94 -24.97 -28.75
C GLN A 779 -9.90 -26.08 -28.89
N GLU A 780 -8.85 -26.04 -28.08
CA GLU A 780 -7.81 -27.05 -28.22
C GLU A 780 -8.12 -28.34 -27.46
N VAL A 781 -9.10 -28.32 -26.57
CA VAL A 781 -9.49 -29.55 -25.89
C VAL A 781 -10.46 -30.37 -26.74
N PHE A 782 -11.47 -29.74 -27.31
CA PHE A 782 -12.51 -30.48 -28.03
C PHE A 782 -12.29 -30.54 -29.53
N ALA A 783 -11.92 -29.43 -30.17
CA ALA A 783 -11.75 -29.40 -31.61
C ALA A 783 -10.44 -30.07 -31.99
N GLN A 784 -10.44 -31.40 -31.92
CA GLN A 784 -9.29 -32.21 -32.30
C GLN A 784 -9.58 -33.12 -33.47
N VAL A 785 -10.74 -33.01 -34.11
CA VAL A 785 -11.12 -33.85 -35.23
C VAL A 785 -11.26 -32.98 -36.47
N LYS A 786 -10.64 -33.41 -37.56
CA LYS A 786 -10.71 -32.66 -38.81
C LYS A 786 -12.10 -32.66 -39.41
N GLN A 787 -12.95 -33.60 -39.02
CA GLN A 787 -14.29 -33.69 -39.59
C GLN A 787 -15.22 -34.32 -38.56
N ILE A 788 -16.51 -34.18 -38.80
CA ILE A 788 -17.54 -34.67 -37.88
C ILE A 788 -18.03 -36.01 -38.39
N TYR A 789 -17.88 -37.04 -37.56
CA TYR A 789 -18.31 -38.38 -37.91
C TYR A 789 -19.71 -38.64 -37.39
N LYS A 790 -20.45 -39.48 -38.10
CA LYS A 790 -21.80 -39.86 -37.71
C LYS A 790 -21.84 -41.36 -37.46
N THR A 791 -22.38 -41.74 -36.31
CA THR A 791 -22.55 -43.15 -36.01
C THR A 791 -23.57 -43.76 -36.97
N PRO A 792 -23.39 -45.03 -37.34
CA PRO A 792 -24.31 -45.63 -38.29
C PRO A 792 -25.71 -45.70 -37.71
N PRO A 793 -26.73 -45.64 -38.57
CA PRO A 793 -28.12 -45.67 -38.06
C PRO A 793 -28.47 -46.95 -37.33
N ILE A 794 -27.77 -48.05 -37.58
CA ILE A 794 -28.03 -49.31 -36.91
C ILE A 794 -26.98 -49.51 -35.82
N LYS A 795 -27.44 -49.81 -34.62
CA LYS A 795 -26.55 -49.96 -33.46
C LYS A 795 -26.24 -51.44 -33.22
N ASP A 796 -25.56 -52.05 -34.18
CA ASP A 796 -25.13 -53.44 -34.08
C ASP A 796 -23.62 -53.48 -33.89
N PHE A 797 -23.20 -53.41 -32.63
CA PHE A 797 -21.80 -53.43 -32.27
C PHE A 797 -21.40 -54.70 -31.54
N GLY A 798 -21.96 -55.83 -31.95
CA GLY A 798 -21.61 -57.10 -31.34
C GLY A 798 -22.00 -57.23 -29.89
N GLY A 799 -23.10 -56.61 -29.48
CA GLY A 799 -23.58 -56.69 -28.12
C GLY A 799 -23.23 -55.50 -27.25
N PHE A 800 -22.21 -54.74 -27.62
CA PHE A 800 -21.88 -53.54 -26.85
C PHE A 800 -22.94 -52.48 -27.06
N ASN A 801 -23.39 -51.86 -25.98
CA ASN A 801 -24.50 -50.92 -26.03
C ASN A 801 -24.02 -49.55 -25.60
N PHE A 802 -24.03 -48.60 -26.54
CA PHE A 802 -23.54 -47.25 -26.30
C PHE A 802 -24.67 -46.24 -26.17
N SER A 803 -25.90 -46.69 -25.94
CA SER A 803 -27.04 -45.77 -25.91
C SER A 803 -26.93 -44.77 -24.79
N GLN A 804 -26.18 -45.09 -23.73
CA GLN A 804 -26.04 -44.17 -22.61
C GLN A 804 -25.05 -43.04 -22.89
N ILE A 805 -24.26 -43.13 -23.96
CA ILE A 805 -23.30 -42.09 -24.27
C ILE A 805 -23.49 -41.50 -25.67
N LEU A 806 -24.15 -42.20 -26.58
CA LEU A 806 -24.43 -41.62 -27.88
C LEU A 806 -25.50 -40.54 -27.77
N PRO A 807 -25.49 -39.54 -28.65
CA PRO A 807 -26.50 -38.50 -28.59
C PRO A 807 -27.90 -39.07 -28.80
N ASP A 808 -28.87 -38.48 -28.11
CA ASP A 808 -30.24 -38.92 -28.20
C ASP A 808 -31.02 -38.00 -29.14
N PRO A 809 -31.44 -38.46 -30.31
CA PRO A 809 -32.18 -37.58 -31.22
C PRO A 809 -33.48 -37.05 -30.65
N SER A 810 -34.15 -37.82 -29.79
CA SER A 810 -35.39 -37.36 -29.19
C SER A 810 -35.17 -36.11 -28.34
N LYS A 811 -33.99 -35.98 -27.76
CA LYS A 811 -33.68 -34.81 -26.95
C LYS A 811 -33.49 -33.61 -27.86
N PRO A 812 -34.17 -32.48 -27.60
CA PRO A 812 -33.98 -31.30 -28.46
C PRO A 812 -32.55 -30.78 -28.47
N SER A 813 -31.83 -30.90 -27.35
CA SER A 813 -30.47 -30.40 -27.27
C SER A 813 -29.44 -31.38 -27.83
N LYS A 814 -29.88 -32.54 -28.32
CA LYS A 814 -28.99 -33.53 -28.94
C LYS A 814 -27.87 -33.94 -27.99
N ARG A 815 -28.22 -34.11 -26.72
CA ARG A 815 -27.25 -34.46 -25.70
C ARG A 815 -27.49 -35.90 -25.25
N SER A 816 -26.40 -36.60 -24.97
CA SER A 816 -26.48 -37.96 -24.47
C SER A 816 -27.07 -37.97 -23.07
N PRO A 817 -27.65 -39.11 -22.65
CA PRO A 817 -28.24 -39.16 -21.31
C PRO A 817 -27.26 -38.79 -20.20
N ILE A 818 -26.01 -39.23 -20.31
CA ILE A 818 -25.03 -38.89 -19.28
C ILE A 818 -24.70 -37.40 -19.34
N GLU A 819 -24.57 -36.85 -20.54
CA GLU A 819 -24.32 -35.41 -20.66
C GLU A 819 -25.48 -34.60 -20.12
N ASP A 820 -26.71 -35.04 -20.38
CA ASP A 820 -27.87 -34.35 -19.83
C ASP A 820 -27.89 -34.43 -18.32
N LEU A 821 -27.54 -35.60 -17.76
CA LEU A 821 -27.46 -35.74 -16.32
C LEU A 821 -26.41 -34.80 -15.74
N LEU A 822 -25.27 -34.67 -16.41
CA LEU A 822 -24.23 -33.74 -15.95
C LEU A 822 -24.73 -32.30 -16.00
N PHE A 823 -25.45 -31.94 -17.06
CA PHE A 823 -25.96 -30.59 -17.17
C PHE A 823 -26.95 -30.28 -16.05
N ASN A 824 -27.83 -31.23 -15.75
CA ASN A 824 -28.78 -31.01 -14.66
C ASN A 824 -28.12 -31.12 -13.29
N LYS A 825 -26.92 -31.69 -13.22
CA LYS A 825 -26.28 -31.87 -11.93
C LYS A 825 -25.69 -30.58 -11.36
N VAL A 826 -25.17 -29.70 -12.20
CA VAL A 826 -24.51 -28.48 -11.76
C VAL A 826 -25.35 -27.27 -12.16
N THR A 827 -25.57 -26.38 -11.20
CA THR A 827 -26.34 -25.16 -11.42
C THR A 827 -25.58 -23.98 -10.84
N LEU A 828 -25.75 -22.81 -11.45
CA LEU A 828 -25.07 -21.60 -11.02
C LEU A 828 -25.62 -21.11 -9.68
N GLN A 853 -24.48 -8.31 -9.67
CA GLN A 853 -23.74 -9.36 -10.37
C GLN A 853 -23.44 -8.96 -11.81
N LYS A 854 -24.38 -8.23 -12.42
CA LYS A 854 -24.26 -7.82 -13.82
C LYS A 854 -24.76 -6.40 -14.04
N PHE A 855 -24.65 -5.54 -13.04
CA PHE A 855 -25.24 -4.21 -13.11
C PHE A 855 -24.27 -3.08 -12.82
N ASN A 856 -23.02 -3.36 -12.47
CA ASN A 856 -22.09 -2.31 -12.04
C ASN A 856 -20.90 -2.22 -12.98
N GLY A 857 -21.16 -2.26 -14.28
CA GLY A 857 -20.08 -2.29 -15.25
C GLY A 857 -19.44 -3.64 -15.45
N LEU A 858 -19.97 -4.68 -14.82
CA LEU A 858 -19.47 -6.04 -14.98
C LEU A 858 -20.29 -6.76 -16.03
N THR A 859 -19.62 -7.36 -17.00
CA THR A 859 -20.28 -8.08 -18.07
C THR A 859 -19.69 -9.47 -18.19
N VAL A 860 -20.45 -10.38 -18.79
CA VAL A 860 -20.03 -11.76 -19.00
C VAL A 860 -20.18 -12.04 -20.48
N LEU A 861 -19.07 -12.06 -21.20
CA LEU A 861 -19.12 -12.37 -22.62
C LEU A 861 -19.50 -13.83 -22.82
N PRO A 862 -20.40 -14.13 -23.75
CA PRO A 862 -20.75 -15.52 -23.98
C PRO A 862 -19.58 -16.28 -24.57
N PRO A 863 -19.46 -17.57 -24.28
CA PRO A 863 -18.35 -18.34 -24.87
C PRO A 863 -18.50 -18.47 -26.36
N LEU A 864 -17.37 -18.57 -27.05
CA LEU A 864 -17.39 -18.70 -28.50
C LEU A 864 -18.11 -19.97 -28.93
N LEU A 865 -17.87 -21.07 -28.23
CA LEU A 865 -18.51 -22.34 -28.54
C LEU A 865 -19.63 -22.59 -27.54
N THR A 866 -20.87 -22.59 -28.02
CA THR A 866 -21.99 -22.95 -27.17
C THR A 866 -21.99 -24.45 -26.92
N ASP A 867 -22.87 -24.88 -26.03
CA ASP A 867 -22.91 -26.29 -25.65
C ASP A 867 -23.31 -27.18 -26.82
N GLU A 868 -24.00 -26.62 -27.82
CA GLU A 868 -24.43 -27.44 -28.94
C GLU A 868 -23.25 -27.97 -29.75
N MET A 869 -22.33 -27.09 -30.15
CA MET A 869 -21.20 -27.58 -30.93
C MET A 869 -20.19 -28.33 -30.07
N ILE A 870 -20.13 -28.04 -28.78
CA ILE A 870 -19.30 -28.87 -27.91
C ILE A 870 -19.85 -30.30 -27.86
N ALA A 871 -21.16 -30.43 -27.70
CA ALA A 871 -21.77 -31.76 -27.74
C ALA A 871 -21.57 -32.40 -29.11
N GLN A 872 -21.60 -31.60 -30.17
CA GLN A 872 -21.36 -32.15 -31.50
C GLN A 872 -19.94 -32.68 -31.64
N TYR A 873 -18.95 -31.96 -31.12
CA TYR A 873 -17.58 -32.46 -31.13
C TYR A 873 -17.45 -33.75 -30.34
N THR A 874 -18.06 -33.81 -29.16
CA THR A 874 -17.97 -35.05 -28.38
C THR A 874 -18.67 -36.20 -29.09
N SER A 875 -19.79 -35.93 -29.74
CA SER A 875 -20.46 -36.97 -30.53
C SER A 875 -19.58 -37.44 -31.67
N ALA A 876 -18.88 -36.50 -32.33
CA ALA A 876 -17.97 -36.89 -33.39
C ALA A 876 -16.85 -37.78 -32.87
N LEU A 877 -16.28 -37.42 -31.72
CA LEU A 877 -15.22 -38.24 -31.14
C LEU A 877 -15.73 -39.62 -30.78
N LEU A 878 -16.93 -39.70 -30.21
CA LEU A 878 -17.51 -41.01 -29.90
C LEU A 878 -17.73 -41.84 -31.15
N ALA A 879 -18.27 -41.23 -32.20
CA ALA A 879 -18.50 -41.97 -33.43
C ALA A 879 -17.20 -42.47 -34.01
N GLY A 880 -16.17 -41.62 -34.03
CA GLY A 880 -14.89 -42.05 -34.55
C GLY A 880 -14.28 -43.19 -33.75
N THR A 881 -14.32 -43.09 -32.42
CA THR A 881 -13.75 -44.15 -31.60
C THR A 881 -14.51 -45.45 -31.77
N ILE A 882 -15.85 -45.38 -31.81
CA ILE A 882 -16.65 -46.59 -31.93
C ILE A 882 -16.43 -47.25 -33.28
N THR A 883 -16.38 -46.47 -34.35
CA THR A 883 -16.31 -47.05 -35.69
C THR A 883 -14.89 -47.40 -36.09
N SER A 884 -14.01 -46.41 -36.13
CA SER A 884 -12.69 -46.55 -36.72
C SER A 884 -11.60 -46.80 -35.70
N GLY A 885 -11.96 -47.05 -34.44
CA GLY A 885 -10.93 -47.29 -33.44
C GLY A 885 -10.05 -46.09 -33.24
N TRP A 886 -8.75 -46.32 -33.17
CA TRP A 886 -7.80 -45.23 -33.00
C TRP A 886 -7.23 -44.73 -34.31
N THR A 887 -7.63 -45.31 -35.44
CA THR A 887 -7.03 -44.94 -36.72
C THR A 887 -7.40 -43.52 -37.12
N PHE A 888 -8.60 -43.07 -36.76
CA PHE A 888 -9.03 -41.73 -37.18
C PHE A 888 -8.21 -40.63 -36.54
N GLY A 889 -7.50 -40.93 -35.45
CA GLY A 889 -6.63 -39.94 -34.86
C GLY A 889 -5.31 -39.76 -35.56
N ALA A 890 -4.93 -40.70 -36.42
CA ALA A 890 -3.67 -40.64 -37.15
C ALA A 890 -3.86 -40.10 -38.56
N GLY A 891 -4.72 -40.75 -39.35
CA GLY A 891 -4.97 -40.32 -40.70
C GLY A 891 -6.44 -40.45 -41.05
N PRO A 892 -6.72 -41.03 -42.21
CA PRO A 892 -8.12 -41.28 -42.57
C PRO A 892 -8.76 -42.29 -41.64
N ALA A 893 -10.06 -42.13 -41.44
CA ALA A 893 -10.80 -43.03 -40.56
C ALA A 893 -11.05 -44.35 -41.27
N LEU A 894 -10.47 -45.43 -40.73
CA LEU A 894 -10.62 -46.76 -41.30
C LEU A 894 -11.54 -47.57 -40.41
N GLN A 895 -12.66 -48.02 -40.97
CA GLN A 895 -13.66 -48.73 -40.18
C GLN A 895 -13.11 -50.05 -39.65
N ILE A 896 -13.50 -50.38 -38.42
CA ILE A 896 -13.08 -51.61 -37.76
C ILE A 896 -14.33 -52.22 -37.16
N PRO A 897 -14.63 -53.50 -37.39
CA PRO A 897 -15.71 -54.14 -36.63
C PRO A 897 -15.39 -54.10 -35.14
N PHE A 898 -16.31 -53.54 -34.37
CA PHE A 898 -16.00 -53.23 -32.98
C PHE A 898 -15.47 -54.41 -32.17
N PRO A 899 -16.01 -55.62 -32.28
CA PRO A 899 -15.37 -56.73 -31.56
C PRO A 899 -13.90 -56.87 -31.92
N MET A 900 -13.54 -56.67 -33.17
CA MET A 900 -12.14 -56.78 -33.56
C MET A 900 -11.32 -55.64 -32.97
N GLN A 901 -11.90 -54.45 -32.88
CA GLN A 901 -11.20 -53.34 -32.24
C GLN A 901 -10.93 -53.65 -30.78
N MET A 902 -11.92 -54.21 -30.08
CA MET A 902 -11.70 -54.59 -28.70
C MET A 902 -10.66 -55.70 -28.60
N ALA A 903 -10.64 -56.61 -29.57
CA ALA A 903 -9.63 -57.66 -29.56
C ALA A 903 -8.24 -57.08 -29.67
N TYR A 904 -8.08 -56.08 -30.54
CA TYR A 904 -6.77 -55.45 -30.67
C TYR A 904 -6.42 -54.62 -29.43
N ARG A 905 -7.42 -54.08 -28.75
CA ARG A 905 -7.13 -53.37 -27.51
C ARG A 905 -6.68 -54.34 -26.42
N PHE A 906 -7.27 -55.54 -26.36
CA PHE A 906 -6.69 -56.57 -25.50
C PHE A 906 -5.27 -56.92 -25.91
N ASN A 907 -5.04 -57.13 -27.21
CA ASN A 907 -3.70 -57.47 -27.67
C ASN A 907 -2.70 -56.40 -27.28
N GLY A 908 -3.15 -55.15 -27.15
CA GLY A 908 -2.28 -54.08 -26.72
C GLY A 908 -1.81 -54.21 -25.28
N ILE A 909 -2.57 -54.90 -24.43
CA ILE A 909 -2.23 -55.02 -23.02
C ILE A 909 -1.76 -56.43 -22.67
N GLY A 910 -1.37 -57.22 -23.66
CA GLY A 910 -0.77 -58.51 -23.38
C GLY A 910 -1.73 -59.66 -23.19
N VAL A 911 -2.96 -59.55 -23.68
CA VAL A 911 -3.93 -60.63 -23.64
C VAL A 911 -4.30 -60.98 -25.07
N THR A 912 -4.22 -62.26 -25.40
CA THR A 912 -4.43 -62.68 -26.78
C THR A 912 -5.89 -62.50 -27.19
N GLN A 913 -6.11 -62.51 -28.51
CA GLN A 913 -7.44 -62.21 -29.04
C GLN A 913 -8.45 -63.28 -28.63
N ASN A 914 -8.01 -64.52 -28.48
CA ASN A 914 -8.95 -65.60 -28.23
C ASN A 914 -9.72 -65.39 -26.93
N VAL A 915 -9.13 -64.67 -25.97
CA VAL A 915 -9.85 -64.38 -24.73
C VAL A 915 -11.12 -63.59 -25.03
N LEU A 916 -10.99 -62.52 -25.81
CA LEU A 916 -12.19 -61.76 -26.19
C LEU A 916 -13.12 -62.60 -27.05
N TYR A 917 -12.57 -63.32 -28.03
CA TYR A 917 -13.45 -63.99 -28.96
C TYR A 917 -14.18 -65.16 -28.30
N GLU A 918 -13.71 -65.60 -27.13
CA GLU A 918 -14.43 -66.62 -26.40
C GLU A 918 -15.32 -66.06 -25.31
N ASN A 919 -15.03 -64.86 -24.78
CA ASN A 919 -15.86 -64.31 -23.73
C ASN A 919 -16.52 -63.01 -24.17
N GLN A 920 -16.82 -62.87 -25.45
CA GLN A 920 -17.43 -61.66 -25.96
C GLN A 920 -18.77 -61.38 -25.30
N LYS A 921 -19.60 -62.40 -25.12
CA LYS A 921 -20.90 -62.19 -24.50
C LYS A 921 -20.74 -61.66 -23.08
N LEU A 922 -19.88 -62.31 -22.29
CA LEU A 922 -19.67 -61.89 -20.91
C LEU A 922 -19.08 -60.48 -20.85
N ILE A 923 -18.16 -60.17 -21.74
CA ILE A 923 -17.54 -58.84 -21.72
C ILE A 923 -18.54 -57.77 -22.12
N ALA A 924 -19.39 -58.05 -23.10
CA ALA A 924 -20.43 -57.09 -23.43
C ALA A 924 -21.37 -56.86 -22.26
N ASN A 925 -21.74 -57.94 -21.56
CA ASN A 925 -22.60 -57.78 -20.40
C ASN A 925 -21.92 -56.95 -19.32
N GLN A 926 -20.65 -57.21 -19.05
CA GLN A 926 -19.94 -56.44 -18.03
C GLN A 926 -19.83 -54.97 -18.42
N PHE A 927 -19.55 -54.71 -19.70
CA PHE A 927 -19.45 -53.32 -20.15
C PHE A 927 -20.78 -52.61 -20.01
N ASN A 928 -21.87 -53.26 -20.40
CA ASN A 928 -23.19 -52.65 -20.24
C ASN A 928 -23.51 -52.40 -18.78
N SER A 929 -23.19 -53.35 -17.90
CA SER A 929 -23.46 -53.16 -16.48
C SER A 929 -22.68 -51.98 -15.93
N ALA A 930 -21.41 -51.86 -16.30
CA ALA A 930 -20.60 -50.75 -15.81
C ALA A 930 -21.13 -49.42 -16.30
N ILE A 931 -21.47 -49.34 -17.59
CA ILE A 931 -22.00 -48.09 -18.14
C ILE A 931 -23.30 -47.72 -17.43
N GLY A 932 -24.17 -48.70 -17.21
CA GLY A 932 -25.40 -48.42 -16.49
C GLY A 932 -25.16 -47.95 -15.08
N LYS A 933 -24.20 -48.56 -14.39
CA LYS A 933 -23.91 -48.15 -13.02
C LYS A 933 -23.30 -46.76 -12.95
N ILE A 934 -22.65 -46.30 -14.02
CA ILE A 934 -22.12 -44.93 -14.03
C ILE A 934 -23.23 -43.91 -13.83
N GLN A 935 -24.37 -44.11 -14.50
CA GLN A 935 -25.48 -43.16 -14.35
C GLN A 935 -25.96 -43.10 -12.91
N ASP A 936 -26.14 -44.25 -12.27
CA ASP A 936 -26.59 -44.27 -10.88
C ASP A 936 -25.56 -43.64 -9.97
N SER A 937 -24.27 -43.92 -10.20
CA SER A 937 -23.23 -43.32 -9.37
C SER A 937 -23.24 -41.80 -9.49
N LEU A 938 -23.41 -41.29 -10.70
CA LEU A 938 -23.45 -39.83 -10.89
C LEU A 938 -24.69 -39.23 -10.24
N SER A 939 -25.84 -39.90 -10.39
CA SER A 939 -27.09 -39.34 -9.90
C SER A 939 -27.29 -39.51 -8.40
N SER A 940 -26.49 -40.35 -7.74
CA SER A 940 -26.70 -40.64 -6.33
C SER A 940 -25.58 -40.15 -5.42
N THR A 941 -24.41 -39.80 -5.97
CA THR A 941 -23.30 -39.38 -5.14
C THR A 941 -23.28 -37.87 -5.01
N PRO A 942 -23.44 -37.32 -3.82
CA PRO A 942 -23.25 -35.87 -3.64
C PRO A 942 -21.80 -35.48 -3.94
N SER A 943 -21.64 -34.26 -4.44
CA SER A 943 -20.33 -33.71 -4.76
C SER A 943 -19.59 -34.55 -5.79
N ALA A 944 -20.33 -35.24 -6.65
CA ALA A 944 -19.69 -35.95 -7.76
C ALA A 944 -18.99 -34.98 -8.70
N LEU A 945 -19.62 -33.84 -8.97
CA LEU A 945 -19.06 -32.80 -9.83
C LEU A 945 -18.36 -31.72 -9.03
N GLY A 946 -17.73 -32.09 -7.91
CA GLY A 946 -17.16 -31.08 -7.03
C GLY A 946 -16.11 -30.23 -7.72
N LYS A 947 -15.32 -30.83 -8.59
CA LYS A 947 -14.25 -30.08 -9.25
C LYS A 947 -14.82 -28.96 -10.12
N LEU A 948 -15.88 -29.24 -10.87
CA LEU A 948 -16.50 -28.21 -11.69
C LEU A 948 -17.31 -27.22 -10.87
N GLN A 949 -17.89 -27.66 -9.76
CA GLN A 949 -18.63 -26.72 -8.92
C GLN A 949 -17.68 -25.76 -8.22
N ASP A 950 -16.48 -26.21 -7.88
CA ASP A 950 -15.56 -25.38 -7.11
C ASP A 950 -15.11 -24.16 -7.90
N VAL A 951 -14.80 -24.33 -9.19
CA VAL A 951 -14.34 -23.18 -9.96
C VAL A 951 -15.45 -22.16 -10.12
N VAL A 952 -16.68 -22.61 -10.38
CA VAL A 952 -17.80 -21.70 -10.49
C VAL A 952 -18.02 -20.96 -9.18
N ASN A 953 -17.97 -21.69 -8.06
CA ASN A 953 -18.16 -21.05 -6.76
C ASN A 953 -17.06 -20.04 -6.47
N GLN A 954 -15.81 -20.36 -6.82
CA GLN A 954 -14.72 -19.44 -6.59
C GLN A 954 -14.90 -18.16 -7.40
N ASN A 955 -15.26 -18.31 -8.68
CA ASN A 955 -15.47 -17.11 -9.51
C ASN A 955 -16.63 -16.29 -8.99
N ALA A 956 -17.73 -16.94 -8.60
CA ALA A 956 -18.86 -16.20 -8.07
C ALA A 956 -18.50 -15.47 -6.79
N GLN A 957 -17.72 -16.12 -5.91
CA GLN A 957 -17.32 -15.47 -4.68
C GLN A 957 -16.41 -14.28 -4.94
N ALA A 958 -15.48 -14.41 -5.88
CA ALA A 958 -14.61 -13.29 -6.22
C ALA A 958 -15.41 -12.12 -6.77
N LEU A 959 -16.35 -12.41 -7.66
CA LEU A 959 -17.19 -11.34 -8.19
C LEU A 959 -18.02 -10.69 -7.08
N ASN A 960 -18.59 -11.51 -6.19
CA ASN A 960 -19.43 -10.97 -5.13
C ASN A 960 -18.64 -10.07 -4.20
N THR A 961 -17.42 -10.48 -3.83
CA THR A 961 -16.64 -9.62 -2.95
C THR A 961 -16.15 -8.38 -3.69
N LEU A 962 -15.87 -8.49 -4.98
CA LEU A 962 -15.52 -7.28 -5.75
C LEU A 962 -16.66 -6.29 -5.74
N VAL A 963 -17.89 -6.76 -5.94
CA VAL A 963 -19.03 -5.85 -5.93
C VAL A 963 -19.25 -5.29 -4.53
N LYS A 964 -19.13 -6.13 -3.51
CA LYS A 964 -19.36 -5.67 -2.15
C LYS A 964 -18.31 -4.69 -1.69
N GLN A 965 -17.15 -4.65 -2.34
CA GLN A 965 -16.15 -3.65 -1.96
C GLN A 965 -16.59 -2.23 -2.28
N LEU A 966 -17.58 -2.04 -3.15
CA LEU A 966 -18.03 -0.69 -3.48
C LEU A 966 -18.70 0.01 -2.33
N SER A 967 -19.18 -0.72 -1.33
CA SER A 967 -19.85 -0.12 -0.19
C SER A 967 -18.89 0.29 0.91
N SER A 968 -17.59 0.16 0.68
CA SER A 968 -16.58 0.53 1.67
C SER A 968 -16.21 1.99 1.52
N ASN A 969 -16.15 2.69 2.66
CA ASN A 969 -15.84 4.11 2.65
C ASN A 969 -14.41 4.38 2.20
N PHE A 970 -13.48 3.50 2.56
CA PHE A 970 -12.05 3.71 2.33
C PHE A 970 -11.56 5.01 2.97
N GLY A 971 -12.21 5.42 4.05
CA GLY A 971 -11.86 6.65 4.74
C GLY A 971 -12.63 7.87 4.29
N ALA A 972 -13.40 7.78 3.21
CA ALA A 972 -14.19 8.91 2.77
C ALA A 972 -15.38 9.12 3.71
N ILE A 973 -16.02 10.28 3.55
CA ILE A 973 -17.19 10.59 4.36
C ILE A 973 -18.36 9.67 4.00
N SER A 974 -18.48 9.30 2.74
CA SER A 974 -19.54 8.40 2.31
C SER A 974 -19.03 7.49 1.21
N SER A 975 -19.57 6.27 1.13
CA SER A 975 -19.18 5.35 0.09
C SER A 975 -19.79 5.71 -1.26
N VAL A 976 -20.96 6.36 -1.25
CA VAL A 976 -21.61 6.69 -2.51
C VAL A 976 -20.89 7.87 -3.16
N LEU A 977 -20.60 7.71 -4.46
CA LEU A 977 -19.90 8.76 -5.20
C LEU A 977 -20.79 9.95 -5.48
N ASN A 978 -22.05 9.71 -5.82
CA ASN A 978 -22.95 10.79 -6.19
C ASN A 978 -23.26 11.68 -4.98
N ASP A 979 -23.42 11.07 -3.81
CA ASP A 979 -23.79 11.85 -2.62
C ASP A 979 -22.72 12.86 -2.26
N ILE A 980 -21.45 12.44 -2.25
CA ILE A 980 -20.40 13.37 -1.88
C ILE A 980 -20.17 14.39 -2.99
N LEU A 981 -20.56 14.07 -4.22
CA LEU A 981 -20.45 15.05 -5.29
C LEU A 981 -21.52 16.12 -5.15
N SER A 982 -22.75 15.72 -4.84
CA SER A 982 -23.85 16.64 -4.65
C SER A 982 -23.82 17.34 -3.31
N ARG A 983 -22.95 16.90 -2.40
CA ARG A 983 -22.88 17.45 -1.06
C ARG A 983 -21.62 18.25 -0.79
N LEU A 984 -20.66 18.25 -1.70
CA LEU A 984 -19.42 19.01 -1.52
C LEU A 984 -19.00 19.61 -2.85
N ASP A 985 -18.44 20.82 -2.77
CA ASP A 985 -17.86 21.47 -3.92
C ASP A 985 -16.53 20.82 -4.28
N PRO A 986 -16.10 20.93 -5.53
CA PRO A 986 -14.91 20.21 -6.00
C PRO A 986 -13.67 20.47 -5.16
N PRO A 987 -13.34 21.72 -4.81
CA PRO A 987 -11.99 21.98 -4.25
C PRO A 987 -11.63 21.13 -3.05
N GLU A 988 -12.57 20.84 -2.16
CA GLU A 988 -12.30 19.91 -1.07
C GLU A 988 -13.15 18.65 -1.14
N ALA A 989 -13.78 18.38 -2.28
CA ALA A 989 -14.29 17.04 -2.56
C ALA A 989 -13.28 16.20 -3.30
N GLU A 990 -12.24 16.82 -3.86
CA GLU A 990 -11.21 16.06 -4.56
C GLU A 990 -10.56 15.03 -3.64
N VAL A 991 -10.38 15.37 -2.37
CA VAL A 991 -9.71 14.45 -1.45
C VAL A 991 -10.55 13.20 -1.23
N GLN A 992 -11.85 13.38 -0.98
CA GLN A 992 -12.72 12.22 -0.80
C GLN A 992 -12.79 11.39 -2.07
N ILE A 993 -12.93 12.07 -3.22
CA ILE A 993 -12.97 11.34 -4.48
C ILE A 993 -11.70 10.54 -4.66
N ASP A 994 -10.55 11.12 -4.31
CA ASP A 994 -9.28 10.43 -4.48
C ASP A 994 -9.16 9.23 -3.56
N ARG A 995 -9.65 9.34 -2.32
CA ARG A 995 -9.62 8.18 -1.43
C ARG A 995 -10.46 7.05 -2.01
N LEU A 996 -11.65 7.39 -2.52
CA LEU A 996 -12.48 6.36 -3.15
C LEU A 996 -11.80 5.77 -4.37
N ILE A 997 -11.15 6.61 -5.18
CA ILE A 997 -10.43 6.13 -6.35
C ILE A 997 -9.38 5.12 -5.95
N THR A 998 -8.57 5.48 -4.95
CA THR A 998 -7.49 4.59 -4.53
C THR A 998 -8.04 3.26 -4.03
N GLY A 999 -9.04 3.30 -3.15
CA GLY A 999 -9.58 2.07 -2.62
C GLY A 999 -10.17 1.17 -3.69
N ARG A 1000 -11.01 1.74 -4.55
CA ARG A 1000 -11.66 0.93 -5.58
C ARG A 1000 -10.63 0.39 -6.58
N LEU A 1001 -9.66 1.21 -6.96
CA LEU A 1001 -8.65 0.76 -7.91
C LEU A 1001 -7.83 -0.38 -7.33
N GLN A 1002 -7.47 -0.29 -6.05
CA GLN A 1002 -6.70 -1.36 -5.44
C GLN A 1002 -7.53 -2.64 -5.33
N SER A 1003 -8.82 -2.51 -5.01
CA SER A 1003 -9.67 -3.69 -4.98
C SER A 1003 -9.76 -4.35 -6.35
N LEU A 1004 -9.93 -3.53 -7.39
CA LEU A 1004 -9.95 -4.07 -8.75
C LEU A 1004 -8.64 -4.76 -9.09
N GLN A 1005 -7.52 -4.17 -8.67
CA GLN A 1005 -6.22 -4.76 -8.95
C GLN A 1005 -6.09 -6.13 -8.31
N THR A 1006 -6.51 -6.25 -7.05
CA THR A 1006 -6.48 -7.55 -6.39
C THR A 1006 -7.36 -8.56 -7.10
N TYR A 1007 -8.57 -8.15 -7.48
CA TYR A 1007 -9.44 -9.08 -8.18
C TYR A 1007 -8.80 -9.56 -9.47
N VAL A 1008 -8.17 -8.65 -10.20
CA VAL A 1008 -7.55 -9.03 -11.48
C VAL A 1008 -6.38 -9.97 -11.24
N THR A 1009 -5.61 -9.75 -10.18
CA THR A 1009 -4.45 -10.61 -9.94
C THR A 1009 -4.89 -12.04 -9.60
N GLN A 1010 -5.86 -12.18 -8.69
CA GLN A 1010 -6.38 -13.51 -8.42
C GLN A 1010 -7.03 -14.14 -9.65
N GLN A 1011 -7.67 -13.33 -10.49
CA GLN A 1011 -8.23 -13.87 -11.72
C GLN A 1011 -7.12 -14.42 -12.62
N LEU A 1012 -6.00 -13.70 -12.71
CA LEU A 1012 -4.90 -14.17 -13.55
C LEU A 1012 -4.33 -15.48 -13.03
N ILE A 1013 -4.16 -15.59 -11.72
CA ILE A 1013 -3.63 -16.83 -11.15
C ILE A 1013 -4.58 -17.99 -11.39
N ARG A 1014 -5.87 -17.77 -11.16
CA ARG A 1014 -6.85 -18.83 -11.41
C ARG A 1014 -6.90 -19.20 -12.89
N ALA A 1015 -6.75 -18.21 -13.77
CA ALA A 1015 -6.72 -18.51 -15.19
C ALA A 1015 -5.52 -19.37 -15.55
N ALA A 1016 -4.37 -19.10 -14.95
CA ALA A 1016 -3.20 -19.94 -15.20
C ALA A 1016 -3.45 -21.37 -14.74
N GLU A 1017 -4.07 -21.52 -13.56
CA GLU A 1017 -4.37 -22.87 -13.09
C GLU A 1017 -5.33 -23.59 -14.02
N ILE A 1018 -6.38 -22.89 -14.47
CA ILE A 1018 -7.35 -23.51 -15.37
C ILE A 1018 -6.70 -23.85 -16.70
N ARG A 1019 -5.76 -23.00 -17.15
CA ARG A 1019 -5.03 -23.32 -18.37
C ARG A 1019 -4.22 -24.59 -18.22
N ALA A 1020 -3.57 -24.78 -17.08
CA ALA A 1020 -2.84 -26.02 -16.85
C ALA A 1020 -3.79 -27.22 -16.86
N SER A 1021 -4.94 -27.08 -16.20
CA SER A 1021 -5.90 -28.18 -16.19
C SER A 1021 -6.43 -28.47 -17.58
N ALA A 1022 -6.67 -27.44 -18.37
CA ALA A 1022 -7.16 -27.64 -19.73
C ALA A 1022 -6.11 -28.31 -20.61
N ASN A 1023 -4.84 -27.96 -20.42
CA ASN A 1023 -3.78 -28.65 -21.15
C ASN A 1023 -3.73 -30.13 -20.76
N LEU A 1024 -3.91 -30.42 -19.46
CA LEU A 1024 -3.98 -31.81 -19.05
C LEU A 1024 -5.15 -32.53 -19.70
N ALA A 1025 -6.31 -31.87 -19.77
CA ALA A 1025 -7.47 -32.49 -20.40
C ALA A 1025 -7.22 -32.73 -21.89
N ALA A 1026 -6.57 -31.79 -22.56
CA ALA A 1026 -6.25 -31.97 -23.97
C ALA A 1026 -5.30 -33.15 -24.16
N THR A 1027 -4.31 -33.28 -23.28
CA THR A 1027 -3.41 -34.42 -23.35
C THR A 1027 -4.17 -35.73 -23.15
N LYS A 1028 -5.08 -35.77 -22.19
CA LYS A 1028 -5.85 -36.99 -21.96
C LYS A 1028 -6.71 -37.32 -23.18
N MET A 1029 -7.36 -36.32 -23.77
CA MET A 1029 -8.17 -36.56 -24.95
C MET A 1029 -7.31 -37.10 -26.09
N SER A 1030 -6.13 -36.53 -26.28
CA SER A 1030 -5.29 -36.96 -27.39
C SER A 1030 -4.74 -38.37 -27.15
N GLU A 1031 -4.51 -38.74 -25.89
CA GLU A 1031 -3.90 -40.02 -25.57
C GLU A 1031 -4.93 -41.07 -25.15
N CYS A 1032 -5.76 -40.77 -24.15
CA CYS A 1032 -6.69 -41.77 -23.66
C CYS A 1032 -7.78 -42.07 -24.68
N VAL A 1033 -8.27 -41.05 -25.38
CA VAL A 1033 -9.41 -41.24 -26.28
C VAL A 1033 -8.97 -41.67 -27.68
N LEU A 1034 -8.21 -40.82 -28.37
CA LEU A 1034 -7.82 -41.11 -29.74
C LEU A 1034 -6.82 -42.25 -29.85
N GLY A 1035 -6.46 -42.88 -28.74
CA GLY A 1035 -5.56 -44.01 -28.80
C GLY A 1035 -5.62 -44.80 -27.52
N GLN A 1036 -4.75 -45.80 -27.43
CA GLN A 1036 -4.61 -46.61 -26.23
C GLN A 1036 -3.37 -46.17 -25.49
N SER A 1037 -3.45 -46.10 -24.17
CA SER A 1037 -2.38 -45.56 -23.35
C SER A 1037 -1.64 -46.68 -22.65
N LYS A 1038 -0.31 -46.63 -22.70
CA LYS A 1038 0.52 -47.60 -22.00
C LYS A 1038 1.00 -47.10 -20.66
N ARG A 1039 1.04 -45.78 -20.45
CA ARG A 1039 1.45 -45.23 -19.17
C ARG A 1039 0.38 -45.52 -18.13
N VAL A 1040 0.76 -46.26 -17.10
CA VAL A 1040 -0.19 -46.82 -16.15
C VAL A 1040 -0.79 -45.69 -15.31
N ASP A 1041 -2.08 -45.84 -15.01
CA ASP A 1041 -2.85 -44.97 -14.11
C ASP A 1041 -3.07 -43.59 -14.69
N PHE A 1042 -2.63 -43.33 -15.93
CA PHE A 1042 -2.90 -42.05 -16.55
C PHE A 1042 -4.36 -41.96 -17.00
N CYS A 1043 -4.93 -43.07 -17.48
CA CYS A 1043 -6.30 -43.05 -17.97
C CYS A 1043 -7.17 -44.02 -17.17
N GLY A 1044 -7.10 -43.94 -15.85
CA GLY A 1044 -7.94 -44.75 -15.00
C GLY A 1044 -7.20 -45.93 -14.40
N LYS A 1045 -7.76 -46.45 -13.30
CA LYS A 1045 -7.13 -47.56 -12.60
C LYS A 1045 -7.21 -48.84 -13.43
N GLY A 1046 -6.13 -49.60 -13.42
CA GLY A 1046 -6.07 -50.83 -14.19
C GLY A 1046 -5.47 -50.62 -15.56
N TYR A 1047 -5.36 -51.72 -16.29
CA TYR A 1047 -4.87 -51.66 -17.66
C TYR A 1047 -5.87 -50.94 -18.54
N HIS A 1048 -5.44 -49.85 -19.16
CA HIS A 1048 -6.36 -49.02 -19.93
C HIS A 1048 -6.72 -49.70 -21.24
N LEU A 1049 -8.02 -49.78 -21.52
CA LEU A 1049 -8.52 -50.28 -22.79
C LEU A 1049 -8.89 -49.14 -23.73
N MET A 1050 -9.81 -48.28 -23.32
CA MET A 1050 -10.21 -47.16 -24.16
C MET A 1050 -10.96 -46.16 -23.30
N SER A 1051 -11.50 -45.12 -23.92
CA SER A 1051 -12.21 -44.12 -23.15
C SER A 1051 -13.18 -43.37 -24.03
N PHE A 1052 -14.13 -42.70 -23.39
CA PHE A 1052 -15.17 -41.94 -24.06
C PHE A 1052 -15.27 -40.57 -23.43
N PRO A 1053 -15.34 -39.50 -24.22
CA PRO A 1053 -15.52 -38.17 -23.66
C PRO A 1053 -16.98 -37.77 -23.59
N GLN A 1054 -17.27 -36.93 -22.60
CA GLN A 1054 -18.58 -36.31 -22.47
C GLN A 1054 -18.38 -34.86 -22.06
N SER A 1055 -19.30 -34.01 -22.48
CA SER A 1055 -19.19 -32.59 -22.22
C SER A 1055 -20.03 -32.22 -21.01
N ALA A 1056 -19.45 -31.46 -20.10
CA ALA A 1056 -20.12 -30.95 -18.92
C ALA A 1056 -19.92 -29.44 -18.90
N PRO A 1057 -20.79 -28.71 -18.22
CA PRO A 1057 -20.64 -27.25 -18.20
C PRO A 1057 -19.25 -26.80 -17.79
N HIS A 1058 -18.52 -26.21 -18.72
CA HIS A 1058 -17.15 -25.76 -18.49
C HIS A 1058 -16.25 -26.90 -18.03
N GLY A 1059 -16.35 -28.05 -18.68
CA GLY A 1059 -15.50 -29.17 -18.32
C GLY A 1059 -15.78 -30.38 -19.18
N VAL A 1060 -14.95 -31.40 -18.99
CA VAL A 1060 -15.04 -32.64 -19.73
C VAL A 1060 -14.98 -33.80 -18.76
N VAL A 1061 -15.77 -34.84 -19.03
CA VAL A 1061 -15.82 -36.04 -18.21
C VAL A 1061 -15.36 -37.21 -19.09
N PHE A 1062 -14.34 -37.91 -18.63
CA PHE A 1062 -13.83 -39.08 -19.34
C PHE A 1062 -14.35 -40.33 -18.65
N LEU A 1063 -15.00 -41.19 -19.43
CA LEU A 1063 -15.33 -42.54 -18.99
C LEU A 1063 -14.23 -43.46 -19.48
N HIS A 1064 -13.34 -43.86 -18.58
CA HIS A 1064 -12.23 -44.75 -18.93
C HIS A 1064 -12.68 -46.18 -18.74
N VAL A 1065 -12.63 -46.96 -19.81
CA VAL A 1065 -12.92 -48.39 -19.78
C VAL A 1065 -11.60 -49.11 -19.67
N THR A 1066 -11.42 -49.85 -18.58
CA THR A 1066 -10.16 -50.51 -18.25
C THR A 1066 -10.42 -51.97 -17.90
N TYR A 1067 -9.36 -52.77 -18.04
CA TYR A 1067 -9.39 -54.20 -17.80
C TYR A 1067 -8.72 -54.47 -16.46
N VAL A 1068 -9.45 -55.10 -15.54
CA VAL A 1068 -8.95 -55.33 -14.19
C VAL A 1068 -8.93 -56.84 -13.95
N PRO A 1069 -7.78 -57.42 -13.60
CA PRO A 1069 -7.75 -58.86 -13.32
C PRO A 1069 -8.64 -59.21 -12.14
N ALA A 1070 -9.21 -60.41 -12.19
CA ALA A 1070 -10.14 -60.89 -11.19
C ALA A 1070 -9.54 -62.11 -10.51
N GLN A 1071 -10.37 -62.83 -9.75
CA GLN A 1071 -9.94 -63.89 -8.84
C GLN A 1071 -8.79 -64.70 -9.42
N GLU A 1072 -7.72 -64.81 -8.66
CA GLU A 1072 -6.48 -65.40 -9.11
C GLU A 1072 -6.24 -66.75 -8.44
N LYS A 1073 -5.18 -67.40 -8.87
CA LYS A 1073 -4.81 -68.71 -8.34
C LYS A 1073 -3.31 -68.77 -8.13
N ASN A 1074 -2.90 -69.53 -7.12
CA ASN A 1074 -1.49 -69.81 -6.89
C ASN A 1074 -0.97 -70.82 -7.89
N PHE A 1075 0.32 -70.73 -8.19
CA PHE A 1075 0.97 -71.71 -9.05
C PHE A 1075 2.43 -71.79 -8.66
N THR A 1076 3.05 -72.92 -8.97
CA THR A 1076 4.47 -73.12 -8.73
C THR A 1076 5.22 -72.96 -10.05
N THR A 1077 6.22 -72.09 -10.05
CA THR A 1077 6.91 -71.69 -11.25
C THR A 1077 8.36 -72.10 -11.24
N ALA A 1078 9.05 -71.78 -12.33
CA ALA A 1078 10.47 -71.96 -12.50
C ALA A 1078 10.91 -71.16 -13.71
N PRO A 1079 12.01 -70.40 -13.61
CA PRO A 1079 12.39 -69.55 -14.74
C PRO A 1079 12.70 -70.28 -16.03
N ALA A 1080 13.11 -71.56 -15.97
CA ALA A 1080 13.42 -72.27 -17.19
C ALA A 1080 13.23 -73.76 -16.98
N ILE A 1081 13.15 -74.49 -18.09
CA ILE A 1081 12.91 -75.93 -18.09
C ILE A 1081 14.14 -76.62 -18.65
N CYS A 1082 14.63 -77.63 -17.96
CA CYS A 1082 15.79 -78.39 -18.41
C CYS A 1082 15.32 -79.60 -19.21
N HIS A 1083 15.88 -79.76 -20.41
CA HIS A 1083 15.56 -80.90 -21.26
C HIS A 1083 16.77 -81.20 -22.13
N ASP A 1084 17.26 -82.44 -22.05
CA ASP A 1084 18.40 -82.89 -22.85
C ASP A 1084 19.60 -81.98 -22.68
N GLY A 1085 19.83 -81.54 -21.44
CA GLY A 1085 20.95 -80.66 -21.17
C GLY A 1085 20.81 -79.28 -21.76
N LYS A 1086 19.60 -78.86 -22.10
CA LYS A 1086 19.35 -77.54 -22.65
C LYS A 1086 18.31 -76.82 -21.81
N ALA A 1087 18.44 -75.51 -21.71
CA ALA A 1087 17.53 -74.69 -20.94
C ALA A 1087 16.54 -74.00 -21.88
N HIS A 1088 15.25 -74.19 -21.62
CA HIS A 1088 14.19 -73.59 -22.41
C HIS A 1088 13.53 -72.49 -21.60
N PHE A 1089 13.36 -71.33 -22.22
CA PHE A 1089 12.67 -70.18 -21.66
C PHE A 1089 11.42 -69.88 -22.48
N PRO A 1090 10.34 -69.43 -21.85
CA PRO A 1090 9.11 -69.18 -22.59
C PRO A 1090 9.21 -67.94 -23.45
N ARG A 1091 8.66 -68.02 -24.66
CA ARG A 1091 8.64 -66.86 -25.54
C ARG A 1091 7.73 -65.78 -24.99
N GLU A 1092 6.50 -66.14 -24.64
CA GLU A 1092 5.56 -65.23 -24.00
C GLU A 1092 4.89 -65.98 -22.87
N GLY A 1093 4.65 -65.31 -21.76
CA GLY A 1093 4.12 -65.96 -20.59
C GLY A 1093 5.20 -66.68 -19.83
N VAL A 1094 4.78 -67.40 -18.79
CA VAL A 1094 5.69 -68.10 -17.91
C VAL A 1094 5.24 -69.53 -17.68
N PHE A 1095 6.15 -70.30 -17.09
CA PHE A 1095 5.88 -71.67 -16.70
C PHE A 1095 5.11 -71.70 -15.40
N VAL A 1096 4.10 -72.56 -15.35
CA VAL A 1096 3.33 -72.80 -14.13
C VAL A 1096 3.17 -74.31 -13.98
N SER A 1097 2.80 -74.73 -12.78
CA SER A 1097 2.60 -76.14 -12.51
C SER A 1097 1.51 -76.30 -11.49
N ASN A 1098 0.45 -77.02 -11.86
CA ASN A 1098 -0.65 -77.25 -10.94
C ASN A 1098 -0.31 -78.31 -9.88
N GLY A 1099 0.90 -78.82 -9.88
CA GLY A 1099 1.33 -79.75 -8.87
C GLY A 1099 2.11 -80.94 -9.42
N THR A 1100 1.75 -81.38 -10.61
CA THR A 1100 2.44 -82.50 -11.23
C THR A 1100 2.94 -82.19 -12.63
N HIS A 1101 2.18 -81.43 -13.41
CA HIS A 1101 2.52 -81.15 -14.79
C HIS A 1101 2.87 -79.67 -14.94
N TRP A 1102 3.63 -79.37 -15.98
CA TRP A 1102 4.03 -78.00 -16.26
C TRP A 1102 3.35 -77.50 -17.53
N PHE A 1103 3.09 -76.19 -17.55
CA PHE A 1103 2.40 -75.57 -18.67
C PHE A 1103 2.99 -74.18 -18.88
N VAL A 1104 2.73 -73.63 -20.05
CA VAL A 1104 3.08 -72.25 -20.37
C VAL A 1104 1.79 -71.46 -20.45
N THR A 1105 1.71 -70.36 -19.71
CA THR A 1105 0.53 -69.52 -19.76
C THR A 1105 0.94 -68.08 -19.96
N GLN A 1106 0.09 -67.31 -20.63
CA GLN A 1106 0.47 -65.92 -20.86
C GLN A 1106 0.43 -65.13 -19.57
N ARG A 1107 0.82 -63.86 -19.68
CA ARG A 1107 1.08 -63.05 -18.50
C ARG A 1107 -0.16 -62.90 -17.62
N ASN A 1108 -1.24 -62.36 -18.18
CA ASN A 1108 -2.33 -61.84 -17.38
C ASN A 1108 -3.59 -62.69 -17.43
N PHE A 1109 -3.52 -63.92 -17.92
CA PHE A 1109 -4.72 -64.76 -18.00
C PHE A 1109 -4.28 -66.21 -18.01
N TYR A 1110 -4.91 -67.02 -17.16
CA TYR A 1110 -4.52 -68.42 -17.02
C TYR A 1110 -5.07 -69.22 -18.18
N GLU A 1111 -4.22 -69.46 -19.18
CA GLU A 1111 -4.55 -70.30 -20.33
C GLU A 1111 -3.42 -71.30 -20.53
N PRO A 1112 -3.37 -72.34 -19.69
CA PRO A 1112 -2.24 -73.26 -19.75
C PRO A 1112 -2.20 -74.01 -21.07
N GLN A 1113 -0.98 -74.27 -21.55
CA GLN A 1113 -0.77 -75.01 -22.78
C GLN A 1113 0.42 -75.93 -22.61
N ILE A 1114 0.47 -76.98 -23.43
CA ILE A 1114 1.56 -77.94 -23.35
C ILE A 1114 2.85 -77.26 -23.79
N ILE A 1115 3.93 -77.52 -23.06
CA ILE A 1115 5.23 -76.92 -23.37
C ILE A 1115 5.77 -77.57 -24.64
N THR A 1116 5.92 -76.79 -25.70
CA THR A 1116 6.43 -77.28 -26.96
C THR A 1116 7.68 -76.50 -27.36
N THR A 1117 8.18 -76.81 -28.55
CA THR A 1117 9.27 -76.03 -29.12
C THR A 1117 8.78 -74.72 -29.73
N ASP A 1118 7.50 -74.63 -30.06
CA ASP A 1118 6.97 -73.46 -30.73
C ASP A 1118 6.76 -72.27 -29.80
N ASN A 1119 6.73 -72.48 -28.48
CA ASN A 1119 6.51 -71.38 -27.54
C ASN A 1119 7.67 -71.21 -26.57
N THR A 1120 8.75 -71.95 -26.73
CA THR A 1120 9.93 -71.79 -25.91
C THR A 1120 11.15 -71.69 -26.80
N PHE A 1121 12.15 -70.93 -26.36
CA PHE A 1121 13.42 -70.83 -27.04
C PHE A 1121 14.53 -71.27 -26.12
N VAL A 1122 15.57 -71.86 -26.69
CA VAL A 1122 16.64 -72.50 -25.94
C VAL A 1122 17.86 -71.60 -25.96
N SER A 1123 18.61 -71.61 -24.87
CA SER A 1123 19.87 -70.86 -24.80
C SER A 1123 20.73 -71.45 -23.69
N GLY A 1124 21.88 -72.01 -24.05
CA GLY A 1124 22.80 -72.53 -23.06
C GLY A 1124 22.37 -73.87 -22.49
N ASN A 1125 23.04 -74.24 -21.41
CA ASN A 1125 22.79 -75.48 -20.70
C ASN A 1125 22.07 -75.19 -19.39
N CYS A 1126 21.90 -76.23 -18.59
CA CYS A 1126 21.15 -76.13 -17.34
C CYS A 1126 22.02 -75.80 -16.13
N ASP A 1127 23.28 -75.45 -16.33
CA ASP A 1127 24.19 -75.18 -15.23
C ASP A 1127 24.28 -73.70 -14.87
N VAL A 1128 23.51 -72.84 -15.52
CA VAL A 1128 23.63 -71.40 -15.34
C VAL A 1128 22.44 -70.81 -14.62
N VAL A 1129 21.23 -71.28 -14.94
CA VAL A 1129 20.02 -70.73 -14.35
C VAL A 1129 19.87 -71.25 -12.92
N ILE A 1130 19.39 -70.38 -12.03
CA ILE A 1130 19.32 -70.75 -10.61
C ILE A 1130 18.20 -71.77 -10.38
N GLY A 1131 16.95 -71.38 -10.67
CA GLY A 1131 15.86 -72.30 -10.46
C GLY A 1131 15.52 -73.10 -11.69
N ILE A 1132 16.04 -74.32 -11.78
CA ILE A 1132 15.83 -75.18 -12.94
C ILE A 1132 15.09 -76.42 -12.49
N VAL A 1133 14.01 -76.74 -13.20
CA VAL A 1133 13.24 -77.94 -12.93
C VAL A 1133 13.30 -78.84 -14.16
N ASN A 1134 13.66 -80.11 -13.93
CA ASN A 1134 13.66 -81.09 -15.01
C ASN A 1134 12.24 -81.29 -15.53
N ASN A 1135 12.11 -81.37 -16.84
CA ASN A 1135 10.82 -81.70 -17.45
C ASN A 1135 11.08 -82.04 -18.91
N THR A 1136 9.99 -82.34 -19.63
CA THR A 1136 10.05 -82.76 -21.02
C THR A 1136 9.33 -81.73 -21.88
N VAL A 1137 9.93 -81.40 -23.02
CA VAL A 1137 9.36 -80.46 -23.99
C VAL A 1137 8.98 -81.26 -25.23
N TYR A 1138 7.69 -81.20 -25.59
CA TYR A 1138 7.17 -82.02 -26.67
C TYR A 1138 7.20 -81.24 -27.97
N ASP A 1139 8.07 -81.63 -28.87
CA ASP A 1139 8.04 -81.04 -30.21
C ASP A 1139 6.99 -81.76 -31.05
N PRO A 1140 6.15 -81.04 -31.79
CA PRO A 1140 5.06 -81.70 -32.52
C PRO A 1140 5.56 -82.65 -33.60
N LEU A 1141 6.80 -82.51 -34.04
CA LEU A 1141 7.27 -83.23 -35.23
C LEU A 1141 7.26 -84.74 -35.01
N GLN A 1142 7.88 -85.21 -33.92
CA GLN A 1142 7.97 -86.65 -33.71
C GLN A 1142 6.61 -87.31 -33.56
N PRO A 1143 5.71 -86.84 -32.69
CA PRO A 1143 4.37 -87.45 -32.65
C PRO A 1143 3.60 -87.30 -33.95
N GLU A 1144 3.80 -86.21 -34.69
CA GLU A 1144 3.02 -86.03 -35.91
C GLU A 1144 3.47 -86.99 -36.99
N LEU A 1145 4.78 -87.24 -37.11
CA LEU A 1145 5.27 -88.24 -38.06
C LEU A 1145 4.78 -89.64 -37.72
N ASP A 1146 4.77 -90.01 -36.44
CA ASP A 1146 4.39 -91.37 -36.05
C ASP A 1146 3.09 -91.37 -35.26
N GLN B 14 48.67 31.90 36.22
CA GLN B 14 48.76 30.51 36.68
C GLN B 14 49.22 29.61 35.54
N CYS B 15 48.69 29.85 34.35
CA CYS B 15 49.04 29.04 33.19
C CYS B 15 50.50 29.29 32.79
N VAL B 16 51.24 28.19 32.60
CA VAL B 16 52.66 28.25 32.24
C VAL B 16 52.84 27.51 30.93
N ASN B 17 53.43 28.18 29.94
CA ASN B 17 53.66 27.58 28.63
C ASN B 17 54.95 26.77 28.67
N LEU B 18 54.82 25.45 28.57
CA LEU B 18 55.99 24.58 28.51
C LEU B 18 56.74 24.82 27.20
N THR B 19 58.06 24.71 27.27
CA THR B 19 58.91 24.99 26.12
C THR B 19 59.79 23.79 25.80
N THR B 20 60.78 24.00 24.92
CA THR B 20 61.73 22.98 24.50
C THR B 20 61.04 21.79 23.82
N ARG B 21 59.86 22.02 23.23
CA ARG B 21 59.22 20.98 22.45
C ARG B 21 59.81 20.91 21.05
N THR B 22 59.95 19.68 20.55
CA THR B 22 60.52 19.44 19.24
C THR B 22 59.41 19.22 18.22
N GLN B 23 59.70 19.58 16.97
CA GLN B 23 58.76 19.41 15.87
C GLN B 23 59.12 18.16 15.09
N LEU B 24 58.16 17.24 14.98
CA LEU B 24 58.35 16.01 14.23
C LEU B 24 57.10 15.82 13.38
N PRO B 25 57.25 15.36 12.14
CA PRO B 25 56.06 15.08 11.32
C PRO B 25 55.24 13.98 11.95
N PRO B 26 53.92 14.02 11.77
CA PRO B 26 53.06 13.02 12.43
C PRO B 26 53.36 11.63 11.91
N ALA B 27 53.16 10.65 12.78
CA ALA B 27 53.36 9.24 12.43
C ALA B 27 52.02 8.57 12.29
N TYR B 28 51.98 7.57 11.41
CA TYR B 28 50.75 6.85 11.09
C TYR B 28 50.92 5.35 11.31
N THR B 29 49.87 4.73 11.86
CA THR B 29 49.88 3.30 12.14
C THR B 29 48.53 2.70 11.75
N ASN B 30 48.54 1.41 11.44
CA ASN B 30 47.33 0.73 11.00
C ASN B 30 46.41 0.43 12.18
N SER B 31 45.13 0.77 12.04
CA SER B 31 44.15 0.53 13.10
C SER B 31 43.58 -0.88 13.08
N PHE B 32 43.71 -1.58 11.95
CA PHE B 32 43.25 -2.98 11.79
C PHE B 32 41.75 -3.02 12.09
N THR B 33 41.27 -3.97 12.88
CA THR B 33 39.84 -4.17 13.11
C THR B 33 39.42 -3.75 14.52
N ARG B 34 40.13 -2.78 15.09
CA ARG B 34 39.77 -2.23 16.38
C ARG B 34 38.79 -1.08 16.20
N GLY B 35 38.03 -0.80 17.25
CA GLY B 35 37.08 0.29 17.24
C GLY B 35 35.63 -0.11 17.09
N VAL B 36 35.25 -1.30 17.54
CA VAL B 36 33.87 -1.74 17.49
C VAL B 36 33.27 -1.64 18.88
N TYR B 37 32.18 -0.87 19.00
CA TYR B 37 31.48 -0.67 20.25
C TYR B 37 30.04 -1.11 20.09
N TYR B 38 29.37 -1.30 21.21
CA TYR B 38 27.97 -1.71 21.18
C TYR B 38 27.12 -0.57 20.68
N PRO B 39 26.39 -0.73 19.57
CA PRO B 39 25.62 0.38 19.02
C PRO B 39 24.37 0.71 19.81
N ASP B 40 23.94 -0.15 20.73
CA ASP B 40 22.75 0.11 21.52
C ASP B 40 22.85 -0.68 22.81
N LYS B 41 21.81 -0.57 23.63
CA LYS B 41 21.71 -1.31 24.88
C LYS B 41 21.20 -2.73 24.67
N VAL B 42 20.77 -3.05 23.46
CA VAL B 42 20.01 -4.26 23.17
C VAL B 42 20.91 -5.48 23.27
N PHE B 43 20.41 -6.53 23.92
CA PHE B 43 21.06 -7.82 23.93
C PHE B 43 20.64 -8.61 22.70
N ARG B 44 21.61 -9.22 22.02
CA ARG B 44 21.33 -10.08 20.88
C ARG B 44 22.15 -11.36 21.05
N SER B 45 21.58 -12.48 20.63
CA SER B 45 22.24 -13.76 20.84
C SER B 45 22.28 -14.55 19.54
N SER B 46 23.49 -14.97 19.16
CA SER B 46 23.71 -15.87 18.02
C SER B 46 23.07 -15.34 16.75
N VAL B 47 23.23 -14.04 16.50
CA VAL B 47 22.63 -13.41 15.34
C VAL B 47 23.66 -12.55 14.63
N LEU B 48 23.30 -12.10 13.44
CA LEU B 48 24.11 -11.16 12.65
C LEU B 48 23.27 -9.91 12.44
N HIS B 49 23.67 -8.81 13.07
CA HIS B 49 22.90 -7.57 13.02
C HIS B 49 23.65 -6.53 12.22
N SER B 50 22.97 -5.92 11.26
CA SER B 50 23.56 -4.90 10.40
C SER B 50 23.05 -3.54 10.85
N THR B 51 23.97 -2.64 11.18
CA THR B 51 23.61 -1.33 11.69
C THR B 51 24.48 -0.26 11.04
N GLN B 52 23.86 0.89 10.76
CA GLN B 52 24.54 2.04 10.20
C GLN B 52 24.73 3.08 11.30
N ASP B 53 25.97 3.45 11.55
CA ASP B 53 26.28 4.39 12.63
C ASP B 53 27.71 4.89 12.42
N LEU B 54 28.14 5.78 13.31
CA LEU B 54 29.50 6.30 13.25
C LEU B 54 30.48 5.21 13.70
N PHE B 55 31.56 5.04 12.95
CA PHE B 55 32.52 3.97 13.20
C PHE B 55 33.89 4.37 12.68
N LEU B 56 34.89 3.60 13.12
CA LEU B 56 36.24 3.69 12.57
C LEU B 56 36.39 2.63 11.48
N PRO B 57 36.74 3.01 10.25
CA PRO B 57 36.83 2.00 9.18
C PRO B 57 37.92 0.99 9.49
N PHE B 58 37.69 -0.25 9.08
CA PHE B 58 38.68 -1.29 9.29
C PHE B 58 39.91 -1.04 8.42
N PHE B 59 41.08 -1.38 8.97
CA PHE B 59 42.36 -1.21 8.29
C PHE B 59 42.52 0.21 7.76
N SER B 60 42.21 1.18 8.62
CA SER B 60 42.42 2.58 8.34
C SER B 60 43.64 3.07 9.11
N ASN B 61 44.29 4.10 8.60
CA ASN B 61 45.47 4.60 9.27
C ASN B 61 45.09 5.65 10.30
N VAL B 62 45.52 5.44 11.54
CA VAL B 62 45.31 6.36 12.64
C VAL B 62 46.62 7.06 12.97
N THR B 63 46.53 8.22 13.59
CA THR B 63 47.69 9.01 13.94
C THR B 63 48.28 8.53 15.28
N TRP B 64 49.60 8.64 15.40
CA TRP B 64 50.34 8.12 16.55
C TRP B 64 50.99 9.27 17.31
N PHE B 65 50.93 9.22 18.64
CA PHE B 65 51.60 10.18 19.50
C PHE B 65 52.35 9.45 20.62
N HIS B 66 53.51 9.98 20.97
CA HIS B 66 54.43 9.34 21.91
C HIS B 66 54.56 10.17 23.18
N ALA B 67 55.13 9.53 24.21
CA ALA B 67 55.54 10.21 25.44
C ALA B 67 56.81 9.51 25.90
N ILE B 68 57.96 10.15 25.66
CA ILE B 68 59.26 9.54 25.91
C ILE B 68 60.31 10.63 26.00
N HIS B 69 61.39 10.36 26.73
CA HIS B 69 62.52 11.27 26.87
C HIS B 69 63.78 10.52 26.44
N VAL B 70 64.24 10.77 25.21
CA VAL B 70 65.44 10.13 24.72
C VAL B 70 66.66 10.77 25.37
N SER B 71 67.53 9.95 25.93
CA SER B 71 68.72 10.45 26.61
C SER B 71 69.74 10.96 25.61
N GLY B 72 70.67 11.76 26.11
CA GLY B 72 71.73 12.34 25.30
C GLY B 72 71.65 13.86 25.26
N THR B 73 72.73 14.45 24.76
CA THR B 73 72.80 15.89 24.64
C THR B 73 71.88 16.38 23.53
N ASN B 74 71.01 17.33 23.86
CA ASN B 74 70.00 17.84 22.94
C ASN B 74 69.14 16.72 22.37
N GLY B 75 68.82 15.74 23.23
CA GLY B 75 68.04 14.61 22.80
C GLY B 75 66.58 14.98 22.54
N THR B 76 65.94 14.18 21.70
CA THR B 76 64.55 14.42 21.36
C THR B 76 63.65 14.00 22.53
N LYS B 77 62.78 14.91 22.96
CA LYS B 77 61.87 14.68 24.06
C LYS B 77 60.45 14.73 23.51
N ARG B 78 59.89 13.56 23.23
CA ARG B 78 58.55 13.48 22.63
C ARG B 78 57.53 13.67 23.73
N PHE B 79 56.89 14.83 23.73
CA PHE B 79 55.84 15.19 24.69
C PHE B 79 54.76 15.90 23.87
N ASP B 80 53.80 15.13 23.37
CA ASP B 80 52.85 15.59 22.36
C ASP B 80 51.51 15.89 23.01
N ASN B 81 51.16 17.18 23.10
CA ASN B 81 49.83 17.61 23.51
C ASN B 81 49.33 18.69 22.57
N PRO B 82 49.03 18.34 21.32
CA PRO B 82 48.48 19.31 20.38
C PRO B 82 46.96 19.33 20.40
N VAL B 83 46.40 20.43 19.91
CA VAL B 83 44.96 20.59 19.83
C VAL B 83 44.47 19.95 18.53
N LEU B 84 43.54 19.00 18.64
CA LEU B 84 43.02 18.29 17.50
C LEU B 84 41.50 18.45 17.43
N PRO B 85 40.94 18.61 16.23
CA PRO B 85 39.49 18.77 16.11
C PRO B 85 38.75 17.52 16.54
N PHE B 86 37.55 17.72 17.08
CA PHE B 86 36.69 16.60 17.46
C PHE B 86 36.02 15.94 16.27
N ASN B 87 35.69 16.71 15.24
CA ASN B 87 34.94 16.22 14.07
C ASN B 87 33.61 15.66 14.60
N ASP B 88 33.27 14.41 14.30
CA ASP B 88 32.02 13.84 14.79
C ASP B 88 32.27 12.50 15.48
N GLY B 89 33.28 12.45 16.34
CA GLY B 89 33.61 11.22 17.04
C GLY B 89 35.08 10.90 16.98
N VAL B 90 35.66 10.50 18.10
CA VAL B 90 37.11 10.28 18.20
C VAL B 90 37.37 8.96 18.89
N TYR B 91 38.28 8.18 18.31
CA TYR B 91 38.76 6.93 18.89
C TYR B 91 40.15 7.17 19.45
N PHE B 92 40.32 6.91 20.75
CA PHE B 92 41.56 7.16 21.46
C PHE B 92 42.02 5.87 22.10
N ALA B 93 43.14 5.33 21.63
CA ALA B 93 43.66 4.05 22.13
C ALA B 93 45.02 4.30 22.75
N SER B 94 45.10 4.24 24.08
CA SER B 94 46.33 4.53 24.80
C SER B 94 46.95 3.22 25.28
N THR B 95 48.21 3.01 24.92
CA THR B 95 49.02 1.94 25.48
C THR B 95 49.94 2.52 26.54
N GLU B 96 49.81 2.01 27.76
CA GLU B 96 50.31 2.68 28.95
C GLU B 96 50.87 1.67 29.93
N LYS B 97 51.75 2.18 30.80
CA LYS B 97 52.29 1.43 31.91
C LYS B 97 52.31 2.21 33.22
N SER B 98 52.06 3.53 33.20
CA SER B 98 52.13 4.35 34.39
C SER B 98 51.01 5.40 34.46
N ASN B 99 49.95 5.21 33.69
CA ASN B 99 48.77 6.08 33.74
C ASN B 99 49.14 7.54 33.44
N ILE B 100 49.61 7.77 32.22
CA ILE B 100 50.07 9.10 31.84
C ILE B 100 48.90 10.00 31.48
N ILE B 101 47.98 9.50 30.65
CA ILE B 101 46.79 10.28 30.32
C ILE B 101 45.91 10.41 31.55
N ARG B 102 45.48 11.64 31.84
CA ARG B 102 44.71 11.91 33.04
C ARG B 102 43.38 12.61 32.74
N GLY B 103 42.98 12.68 31.48
CA GLY B 103 41.67 13.23 31.17
C GLY B 103 41.65 13.86 29.79
N TRP B 104 40.52 14.51 29.52
CA TRP B 104 40.25 15.12 28.23
C TRP B 104 39.53 16.45 28.43
N ILE B 105 39.66 17.32 27.45
CA ILE B 105 38.96 18.60 27.42
C ILE B 105 38.27 18.73 26.08
N PHE B 106 37.05 19.28 26.08
CA PHE B 106 36.26 19.40 24.87
C PHE B 106 35.63 20.79 24.82
N GLY B 107 35.57 21.36 23.63
CA GLY B 107 34.98 22.67 23.46
C GLY B 107 35.12 23.15 22.03
N THR B 108 34.70 24.39 21.82
CA THR B 108 34.81 25.06 20.53
C THR B 108 35.78 26.22 20.56
N THR B 109 35.58 27.18 21.47
CA THR B 109 36.48 28.31 21.60
C THR B 109 37.54 28.11 22.68
N LEU B 110 37.35 27.14 23.57
CA LEU B 110 38.31 26.82 24.62
C LEU B 110 38.60 28.03 25.50
N ASP B 111 37.54 28.73 25.92
CA ASP B 111 37.66 29.86 26.84
C ASP B 111 36.40 29.91 27.68
N SER B 112 36.26 31.00 28.45
CA SER B 112 35.07 31.19 29.26
C SER B 112 33.88 31.72 28.44
N LYS B 113 34.10 32.09 27.17
CA LYS B 113 33.00 32.58 26.35
C LYS B 113 31.98 31.47 26.09
N THR B 114 32.44 30.25 25.87
CA THR B 114 31.58 29.12 25.55
C THR B 114 31.79 28.01 26.56
N GLN B 115 30.74 27.24 26.82
CA GLN B 115 30.81 26.14 27.76
C GLN B 115 31.75 25.05 27.25
N SER B 116 32.38 24.34 28.19
CA SER B 116 33.37 23.33 27.84
C SER B 116 33.27 22.14 28.78
N LEU B 117 33.72 21.00 28.28
CA LEU B 117 33.72 19.73 28.99
C LEU B 117 35.11 19.42 29.50
N LEU B 118 35.19 18.89 30.72
CA LEU B 118 36.47 18.63 31.35
C LEU B 118 36.39 17.35 32.17
N ILE B 119 37.07 16.31 31.70
CA ILE B 119 37.15 15.03 32.40
C ILE B 119 38.57 14.90 32.94
N VAL B 120 38.71 14.66 34.24
CA VAL B 120 40.02 14.55 34.88
C VAL B 120 39.99 13.43 35.91
N ASN B 121 41.08 12.67 35.97
CA ASN B 121 41.29 11.64 36.98
C ASN B 121 42.34 12.18 37.95
N ASN B 122 41.91 12.44 39.19
CA ASN B 122 42.81 12.95 40.23
C ASN B 122 43.34 11.82 41.11
N ALA B 123 43.51 10.64 40.53
CA ALA B 123 43.98 9.42 41.18
C ALA B 123 42.99 8.89 42.21
N THR B 124 41.87 9.58 42.43
CA THR B 124 40.83 9.12 43.34
C THR B 124 39.49 8.94 42.66
N ASN B 125 39.08 9.87 41.80
CA ASN B 125 37.81 9.79 41.12
C ASN B 125 37.96 10.35 39.72
N VAL B 126 37.07 9.92 38.82
CA VAL B 126 36.97 10.49 37.49
C VAL B 126 35.90 11.57 37.54
N VAL B 127 36.32 12.83 37.52
CA VAL B 127 35.44 13.97 37.71
C VAL B 127 35.18 14.61 36.35
N ILE B 128 33.91 14.83 36.05
CA ILE B 128 33.48 15.45 34.81
C ILE B 128 32.80 16.76 35.17
N LYS B 129 33.26 17.86 34.59
CA LYS B 129 32.73 19.18 34.85
C LYS B 129 32.34 19.85 33.55
N VAL B 130 31.19 20.52 33.54
CA VAL B 130 30.71 21.25 32.39
C VAL B 130 30.71 22.72 32.78
N CYS B 131 31.75 23.46 32.37
CA CYS B 131 31.90 24.84 32.81
C CYS B 131 32.58 25.64 31.71
N GLU B 132 32.40 26.96 31.79
CA GLU B 132 33.11 27.90 30.92
C GLU B 132 34.52 28.14 31.44
N PHE B 133 35.31 27.06 31.44
CA PHE B 133 36.66 27.12 31.98
C PHE B 133 37.52 28.07 31.15
N GLN B 134 38.43 28.78 31.83
CA GLN B 134 39.42 29.61 31.15
C GLN B 134 40.61 28.71 30.83
N PHE B 135 40.54 28.07 29.67
CA PHE B 135 41.57 27.13 29.27
C PHE B 135 42.88 27.86 29.00
N CYS B 136 43.98 27.26 29.47
CA CYS B 136 45.29 27.82 29.22
C CYS B 136 45.72 27.52 27.79
N ASN B 137 46.81 28.17 27.37
CA ASN B 137 47.38 27.85 26.06
C ASN B 137 48.25 26.60 26.14
N ASP B 138 48.65 26.20 27.34
CA ASP B 138 49.31 24.92 27.58
C ASP B 138 48.77 24.31 28.86
N PRO B 139 47.53 23.82 28.83
CA PRO B 139 46.98 23.15 30.03
C PRO B 139 47.62 21.79 30.22
N PHE B 140 47.91 21.45 31.47
CA PHE B 140 48.47 20.14 31.78
C PHE B 140 48.41 19.91 33.29
N LEU B 141 49.02 18.81 33.73
CA LEU B 141 49.19 18.51 35.14
C LEU B 141 50.64 18.12 35.40
N GLY B 142 51.15 18.52 36.57
CA GLY B 142 52.49 18.20 36.97
C GLY B 142 52.57 17.88 38.45
N VAL B 143 53.12 16.71 38.78
CA VAL B 143 53.22 16.25 40.16
C VAL B 143 54.69 16.13 40.51
N TYR B 144 55.13 16.87 41.52
CA TYR B 144 56.51 16.81 41.97
C TYR B 144 56.79 15.49 42.66
N TYR B 145 57.91 14.86 42.32
CA TYR B 145 58.30 13.59 42.92
C TYR B 145 59.11 13.87 44.18
N HIS B 146 58.52 13.61 45.34
CA HIS B 146 59.17 13.83 46.63
C HIS B 146 59.81 12.52 47.06
N LYS B 147 61.10 12.37 46.75
CA LYS B 147 61.82 11.13 47.05
C LYS B 147 62.26 11.05 48.50
N ASN B 148 62.21 12.15 49.24
CA ASN B 148 62.70 12.14 50.63
C ASN B 148 61.88 11.20 51.50
N ASN B 149 60.55 11.24 51.37
CA ASN B 149 59.68 10.36 52.16
C ASN B 149 58.66 9.62 51.29
N LYS B 150 58.79 9.69 49.96
CA LYS B 150 57.91 8.97 49.04
C LYS B 150 56.45 9.34 49.27
N SER B 151 56.15 10.63 49.25
CA SER B 151 54.79 11.13 49.43
C SER B 151 54.25 11.59 48.07
N TRP B 152 53.02 11.20 47.77
CA TRP B 152 52.36 11.55 46.52
C TRP B 152 51.32 12.62 46.80
N MET B 153 51.43 13.75 46.09
CA MET B 153 50.54 14.87 46.32
C MET B 153 50.46 15.73 45.05
N GLU B 154 49.28 16.31 44.83
CA GLU B 154 49.09 17.19 43.68
C GLU B 154 49.87 18.48 43.87
N SER B 155 50.63 18.85 42.85
CA SER B 155 51.49 20.03 42.94
C SER B 155 51.10 21.13 41.97
N GLU B 156 50.79 20.79 40.72
CA GLU B 156 50.50 21.78 39.70
C GLU B 156 49.36 21.28 38.81
N PHE B 157 48.31 22.07 38.69
CA PHE B 157 47.29 21.87 37.65
C PHE B 157 47.21 23.17 36.88
N ARG B 158 47.63 23.13 35.62
CA ARG B 158 47.65 24.31 34.75
C ARG B 158 46.71 24.05 33.59
N VAL B 159 45.50 23.63 33.92
CA VAL B 159 44.46 23.36 32.96
C VAL B 159 43.46 24.50 32.85
N TYR B 160 42.96 25.00 33.97
CA TYR B 160 42.05 26.13 33.98
C TYR B 160 42.45 27.08 35.09
N SER B 161 42.32 28.37 34.82
CA SER B 161 42.60 29.39 35.84
C SER B 161 41.49 29.49 36.87
N SER B 162 40.23 29.27 36.47
CA SER B 162 39.11 29.37 37.39
C SER B 162 37.93 28.61 36.80
N ALA B 163 36.97 28.31 37.66
CA ALA B 163 35.72 27.69 37.27
C ALA B 163 34.59 28.68 37.52
N ASN B 164 33.85 29.03 36.47
CA ASN B 164 32.82 30.05 36.55
C ASN B 164 31.54 29.51 35.91
N ASN B 165 30.43 29.63 36.64
CA ASN B 165 29.10 29.22 36.17
C ASN B 165 29.10 27.74 35.75
N CYS B 166 29.33 26.91 36.75
CA CYS B 166 29.26 25.47 36.56
C CYS B 166 27.83 25.06 36.22
N THR B 167 27.70 24.09 35.32
CA THR B 167 26.40 23.60 34.89
C THR B 167 26.17 22.12 35.15
N PHE B 168 27.21 21.29 35.13
CA PHE B 168 27.05 19.89 35.46
C PHE B 168 28.32 19.37 36.13
N GLU B 169 28.12 18.54 37.15
CA GLU B 169 29.20 17.90 37.89
C GLU B 169 28.91 16.42 38.02
N TYR B 170 29.93 15.59 37.77
CA TYR B 170 29.81 14.16 37.94
C TYR B 170 31.08 13.63 38.57
N VAL B 171 30.93 12.67 39.48
CA VAL B 171 32.05 12.03 40.15
C VAL B 171 31.90 10.52 39.99
N SER B 172 33.00 9.86 39.63
CA SER B 172 32.99 8.41 39.48
C SER B 172 33.22 7.76 40.85
N GLN B 173 33.44 6.44 40.84
CA GLN B 173 33.73 5.73 42.08
C GLN B 173 35.12 6.11 42.59
N PRO B 174 35.32 6.08 43.90
CA PRO B 174 36.67 6.31 44.44
C PRO B 174 37.60 5.16 44.08
N PHE B 175 38.88 5.49 43.91
CA PHE B 175 39.90 4.49 43.61
C PHE B 175 41.26 5.06 43.98
N LEU B 176 42.32 4.35 43.57
CA LEU B 176 43.69 4.78 43.80
C LEU B 176 44.54 4.28 42.65
N MET B 177 44.98 5.20 41.79
CA MET B 177 45.75 4.86 40.60
C MET B 177 47.21 5.21 40.83
N ASP B 178 48.09 4.26 40.51
CA ASP B 178 49.52 4.48 40.68
C ASP B 178 50.03 5.52 39.68
N LEU B 179 50.98 6.34 40.13
CA LEU B 179 51.52 7.42 39.32
C LEU B 179 53.00 7.30 39.02
N GLU B 180 53.75 6.52 39.80
CA GLU B 180 55.18 6.41 39.58
C GLU B 180 55.47 5.65 38.29
N GLY B 181 56.43 6.17 37.52
CA GLY B 181 56.82 5.56 36.26
C GLY B 181 57.39 4.16 36.42
N LYS B 182 56.90 3.22 35.62
CA LYS B 182 57.33 1.84 35.67
C LYS B 182 58.09 1.44 34.40
N GLN B 183 58.94 0.42 34.53
CA GLN B 183 59.73 -0.10 33.43
C GLN B 183 59.07 -1.34 32.84
N GLY B 184 59.62 -1.79 31.73
CA GLY B 184 59.09 -2.94 31.02
C GLY B 184 58.23 -2.58 29.85
N ASN B 185 57.79 -3.61 29.13
CA ASN B 185 56.97 -3.42 27.93
C ASN B 185 55.56 -3.00 28.32
N PHE B 186 54.78 -2.61 27.32
CA PHE B 186 53.41 -2.16 27.55
C PHE B 186 52.55 -3.29 28.08
N LYS B 187 51.69 -2.96 29.04
CA LYS B 187 50.76 -3.93 29.62
C LYS B 187 49.32 -3.44 29.70
N ASN B 188 49.08 -2.13 29.65
CA ASN B 188 47.72 -1.61 29.72
C ASN B 188 47.33 -1.07 28.35
N LEU B 189 46.16 -1.50 27.86
CA LEU B 189 45.59 -0.96 26.63
C LEU B 189 44.19 -0.47 26.93
N ARG B 190 44.00 0.84 26.86
CA ARG B 190 42.70 1.45 27.15
C ARG B 190 42.18 2.11 25.88
N GLU B 191 41.04 1.65 25.39
CA GLU B 191 40.40 2.20 24.20
C GLU B 191 39.16 2.95 24.61
N PHE B 192 38.99 4.15 24.05
CA PHE B 192 37.84 4.98 24.33
C PHE B 192 37.28 5.52 23.02
N VAL B 193 35.97 5.65 22.97
CA VAL B 193 35.28 6.24 21.83
C VAL B 193 34.37 7.35 22.35
N PHE B 194 34.52 8.54 21.78
CA PHE B 194 33.73 9.70 22.16
C PHE B 194 32.87 10.11 20.98
N LYS B 195 31.57 10.26 21.24
CA LYS B 195 30.60 10.60 20.22
C LYS B 195 29.70 11.71 20.74
N ASN B 196 29.19 12.54 19.82
CA ASN B 196 28.29 13.64 20.17
C ASN B 196 27.09 13.57 19.21
N ILE B 197 26.02 12.93 19.65
CA ILE B 197 24.84 12.73 18.82
C ILE B 197 23.60 13.15 19.58
N ASP B 198 22.78 14.01 18.95
CA ASP B 198 21.48 14.40 19.49
C ASP B 198 21.61 15.02 20.87
N GLY B 199 22.63 15.85 21.04
CA GLY B 199 22.85 16.49 22.32
C GLY B 199 23.40 15.59 23.39
N TYR B 200 23.77 14.36 23.05
CA TYR B 200 24.33 13.41 24.00
C TYR B 200 25.81 13.23 23.72
N PHE B 201 26.61 13.36 24.77
CA PHE B 201 28.04 13.07 24.71
C PHE B 201 28.25 11.66 25.27
N LYS B 202 28.54 10.71 24.40
CA LYS B 202 28.62 9.30 24.76
C LYS B 202 30.08 8.87 24.77
N ILE B 203 30.48 8.20 25.86
CA ILE B 203 31.83 7.69 26.02
C ILE B 203 31.73 6.18 26.22
N TYR B 204 32.43 5.43 25.38
CA TYR B 204 32.55 3.98 25.50
C TYR B 204 34.01 3.64 25.81
N SER B 205 34.22 2.63 26.64
CA SER B 205 35.55 2.33 27.14
C SER B 205 35.79 0.82 27.12
N LYS B 206 37.08 0.46 27.06
CA LYS B 206 37.48 -0.94 27.17
C LYS B 206 38.92 -1.00 27.67
N HIS B 207 39.15 -1.81 28.69
CA HIS B 207 40.46 -2.00 29.28
C HIS B 207 40.93 -3.42 28.97
N THR B 208 42.20 -3.57 28.57
CA THR B 208 42.73 -4.85 28.15
C THR B 208 44.15 -5.03 28.64
N PRO B 209 44.45 -6.11 29.38
CA PRO B 209 45.84 -6.52 29.55
C PRO B 209 46.37 -7.12 28.26
N ILE B 210 47.62 -6.81 27.94
CA ILE B 210 48.23 -7.26 26.70
C ILE B 210 49.57 -7.91 27.02
N ASN B 211 49.98 -8.84 26.16
CA ASN B 211 51.27 -9.51 26.25
C ASN B 211 52.01 -9.32 24.92
N LEU B 212 52.66 -8.18 24.78
CA LEU B 212 53.35 -7.82 23.55
C LEU B 212 54.37 -6.74 23.87
N VAL B 213 55.22 -6.45 22.89
CA VAL B 213 56.30 -5.48 23.05
C VAL B 213 56.06 -4.23 22.21
N ARG B 214 55.45 -4.38 21.04
CA ARG B 214 55.30 -3.27 20.11
C ARG B 214 54.05 -3.50 19.29
N ASP B 215 53.56 -2.41 18.68
CA ASP B 215 52.31 -2.41 17.90
C ASP B 215 51.10 -2.71 18.78
N LEU B 216 49.93 -2.80 18.15
CA LEU B 216 48.69 -3.10 18.83
C LEU B 216 48.21 -4.51 18.49
N PRO B 217 47.50 -5.17 19.40
CA PRO B 217 47.11 -6.57 19.16
C PRO B 217 46.09 -6.69 18.05
N GLN B 218 46.12 -7.86 17.40
CA GLN B 218 45.21 -8.18 16.32
C GLN B 218 43.87 -8.74 16.80
N GLY B 219 43.70 -8.94 18.09
CA GLY B 219 42.48 -9.52 18.60
C GLY B 219 41.29 -8.60 18.42
N PHE B 220 40.11 -9.20 18.49
CA PHE B 220 38.85 -8.46 18.38
C PHE B 220 38.19 -8.37 19.75
N SER B 221 37.83 -7.15 20.15
CA SER B 221 37.20 -6.93 21.45
C SER B 221 36.21 -5.77 21.31
N ALA B 222 34.94 -6.05 21.58
CA ALA B 222 33.93 -5.01 21.51
C ALA B 222 34.07 -4.06 22.70
N LEU B 223 33.65 -2.82 22.49
CA LEU B 223 33.77 -1.77 23.49
C LEU B 223 32.43 -1.57 24.18
N GLU B 224 32.39 -1.82 25.49
CA GLU B 224 31.17 -1.64 26.25
C GLU B 224 30.89 -0.15 26.48
N PRO B 225 29.62 0.23 26.55
CA PRO B 225 29.29 1.61 26.88
C PRO B 225 29.73 1.95 28.30
N LEU B 226 30.14 3.20 28.50
CA LEU B 226 30.61 3.66 29.79
C LEU B 226 29.73 4.75 30.39
N VAL B 227 29.40 5.79 29.62
CA VAL B 227 28.58 6.87 30.16
C VAL B 227 27.96 7.66 29.00
N ASP B 228 26.80 8.28 29.29
CA ASP B 228 26.12 9.17 28.37
C ASP B 228 25.81 10.47 29.11
N LEU B 229 26.05 11.60 28.46
CA LEU B 229 25.87 12.91 29.07
C LEU B 229 24.82 13.70 28.29
N PRO B 230 23.66 13.97 28.87
CA PRO B 230 22.61 14.80 28.21
C PRO B 230 22.77 16.29 28.49
N ILE B 231 23.68 16.92 27.76
CA ILE B 231 23.99 18.34 27.99
C ILE B 231 23.55 19.19 26.80
N GLY B 232 23.57 18.60 25.61
CA GLY B 232 23.14 19.32 24.42
C GLY B 232 23.99 20.52 24.07
N ILE B 233 25.31 20.38 24.19
CA ILE B 233 26.23 21.46 23.85
C ILE B 233 26.96 21.09 22.56
N ASN B 234 27.68 22.06 22.00
CA ASN B 234 28.39 21.89 20.75
C ASN B 234 29.88 21.74 21.03
N ILE B 235 30.49 20.73 20.42
CA ILE B 235 31.92 20.46 20.58
C ILE B 235 32.55 20.34 19.19
N THR B 236 33.69 21.01 19.01
CA THR B 236 34.40 20.95 17.74
C THR B 236 35.86 20.51 17.85
N ARG B 237 36.53 20.77 18.97
CA ARG B 237 37.93 20.39 19.13
C ARG B 237 38.15 19.86 20.54
N PHE B 238 39.30 19.20 20.71
CA PHE B 238 39.65 18.62 21.99
C PHE B 238 41.17 18.61 22.14
N GLN B 239 41.63 18.15 23.30
CA GLN B 239 43.05 18.01 23.57
C GLN B 239 43.27 17.04 24.72
N THR B 240 44.25 16.15 24.58
CA THR B 240 44.56 15.22 25.64
C THR B 240 45.35 15.90 26.76
N LEU B 241 45.34 15.28 27.93
CA LEU B 241 46.02 15.80 29.11
C LEU B 241 46.90 14.74 29.73
N LEU B 242 48.15 15.11 30.00
CA LEU B 242 49.13 14.20 30.59
C LEU B 242 49.65 14.79 31.89
N ALA B 243 50.08 13.90 32.78
CA ALA B 243 50.69 14.29 34.05
C ALA B 243 52.19 14.06 33.96
N LEU B 244 52.95 15.14 34.12
CA LEU B 244 54.40 15.09 34.11
C LEU B 244 54.93 15.03 35.54
N HIS B 245 56.21 14.68 35.66
CA HIS B 245 56.89 14.58 36.95
C HIS B 245 58.16 15.41 36.92
N ARG B 246 58.46 16.06 38.06
CA ARG B 246 59.64 16.89 38.21
C ARG B 246 60.49 16.29 39.32
N SER B 247 61.79 16.16 39.07
CA SER B 247 62.69 15.53 40.03
C SER B 247 64.06 16.18 39.90
N TYR B 248 64.97 15.80 40.80
CA TYR B 248 66.32 16.36 40.82
C TYR B 248 67.15 15.93 39.62
N LEU B 249 66.81 14.80 38.99
CA LEU B 249 67.57 14.33 37.84
C LEU B 249 67.41 15.22 36.61
N THR B 250 66.44 16.14 36.63
CA THR B 250 66.21 17.09 35.53
C THR B 250 66.24 18.49 36.12
N PRO B 251 67.42 19.06 36.35
CA PRO B 251 67.51 20.40 36.94
C PRO B 251 66.97 21.46 36.00
N GLY B 252 66.46 22.53 36.59
CA GLY B 252 65.92 23.66 35.87
C GLY B 252 64.62 24.12 36.47
N ASP B 253 63.92 24.97 35.74
CA ASP B 253 62.63 25.52 36.19
C ASP B 253 61.52 24.55 35.82
N SER B 254 60.27 24.97 36.03
CA SER B 254 59.13 24.12 35.71
C SER B 254 58.96 23.94 34.21
N SER B 255 59.35 24.93 33.41
CA SER B 255 59.18 24.85 31.97
C SER B 255 60.12 23.83 31.34
N SER B 256 61.22 23.51 32.00
CA SER B 256 62.21 22.58 31.45
C SER B 256 62.56 21.42 32.38
N GLY B 257 62.53 21.62 33.69
CA GLY B 257 62.92 20.57 34.62
C GLY B 257 61.82 19.58 34.90
N TRP B 258 61.52 18.71 33.94
CA TRP B 258 60.47 17.71 34.10
C TRP B 258 60.76 16.53 33.19
N THR B 259 60.09 15.42 33.46
CA THR B 259 60.23 14.21 32.66
C THR B 259 58.86 13.58 32.45
N ALA B 260 58.76 12.79 31.39
CA ALA B 260 57.53 12.09 31.03
C ALA B 260 57.81 10.60 30.86
N GLY B 261 56.99 9.76 31.46
CA GLY B 261 57.17 8.33 31.32
C GLY B 261 56.87 7.84 29.92
N ALA B 262 57.41 6.67 29.60
CA ALA B 262 57.22 6.06 28.29
C ALA B 262 55.79 5.57 28.10
N ALA B 263 55.09 6.11 27.11
CA ALA B 263 53.73 5.69 26.81
C ALA B 263 53.41 6.11 25.38
N ALA B 264 52.29 5.61 24.87
CA ALA B 264 51.90 5.98 23.51
C ALA B 264 50.40 5.96 23.38
N TYR B 265 49.89 6.63 22.35
CA TYR B 265 48.47 6.51 22.04
C TYR B 265 48.23 6.79 20.56
N TYR B 266 47.05 6.35 20.11
CA TYR B 266 46.62 6.43 18.73
C TYR B 266 45.29 7.15 18.68
N VAL B 267 45.11 8.00 17.68
CA VAL B 267 43.91 8.81 17.51
C VAL B 267 43.34 8.54 16.12
N GLY B 268 42.04 8.25 16.07
CA GLY B 268 41.34 8.07 14.82
C GLY B 268 40.00 8.78 14.85
N TYR B 269 39.41 8.93 13.67
CA TYR B 269 38.18 9.69 13.50
C TYR B 269 37.09 8.81 12.91
N LEU B 270 35.90 8.87 13.49
CA LEU B 270 34.78 8.08 13.04
C LEU B 270 34.00 8.80 11.94
N GLN B 271 33.12 8.06 11.27
CA GLN B 271 32.28 8.61 10.22
C GLN B 271 31.13 7.63 10.01
N PRO B 272 30.07 8.05 9.30
CA PRO B 272 28.97 7.11 9.04
C PRO B 272 29.37 5.93 8.18
N ARG B 273 29.30 4.72 8.75
CA ARG B 273 29.56 3.48 8.03
C ARG B 273 28.54 2.44 8.49
N THR B 274 28.36 1.42 7.68
CA THR B 274 27.46 0.32 7.99
C THR B 274 28.30 -0.91 8.34
N PHE B 275 28.01 -1.51 9.49
CA PHE B 275 28.77 -2.64 10.01
C PHE B 275 27.84 -3.81 10.26
N LEU B 276 28.33 -5.01 10.00
CA LEU B 276 27.62 -6.24 10.33
C LEU B 276 28.33 -6.88 11.52
N LEU B 277 27.61 -7.06 12.61
CA LEU B 277 28.18 -7.54 13.87
C LEU B 277 27.60 -8.90 14.21
N LYS B 278 28.45 -9.80 14.68
CA LYS B 278 28.03 -11.13 15.11
C LYS B 278 27.90 -11.16 16.62
N TYR B 279 26.72 -11.52 17.11
CA TYR B 279 26.49 -11.74 18.52
C TYR B 279 26.45 -13.24 18.75
N ASN B 280 27.29 -13.73 19.67
CA ASN B 280 27.28 -15.13 20.04
C ASN B 280 26.17 -15.37 21.06
N GLU B 281 26.14 -16.57 21.64
CA GLU B 281 25.11 -16.90 22.61
C GLU B 281 25.21 -16.04 23.87
N ASN B 282 26.42 -15.58 24.21
CA ASN B 282 26.63 -14.76 25.40
C ASN B 282 26.34 -13.29 25.14
N GLY B 283 26.02 -12.93 23.90
CA GLY B 283 25.81 -11.53 23.55
C GLY B 283 27.08 -10.74 23.33
N THR B 284 28.23 -11.38 23.32
CA THR B 284 29.50 -10.71 23.09
C THR B 284 29.76 -10.58 21.60
N ILE B 285 30.05 -9.36 21.15
CA ILE B 285 30.32 -9.11 19.74
C ILE B 285 31.70 -9.68 19.43
N THR B 286 31.73 -10.86 18.80
CA THR B 286 32.98 -11.56 18.55
C THR B 286 33.61 -11.21 17.21
N ASP B 287 32.82 -10.71 16.25
CA ASP B 287 33.37 -10.39 14.94
C ASP B 287 32.49 -9.34 14.28
N ALA B 288 33.11 -8.56 13.40
CA ALA B 288 32.41 -7.50 12.70
C ALA B 288 33.00 -7.35 11.31
N VAL B 289 32.17 -6.87 10.40
CA VAL B 289 32.53 -6.67 8.99
C VAL B 289 32.15 -5.27 8.59
N ASP B 290 33.11 -4.53 8.04
CA ASP B 290 32.88 -3.20 7.50
C ASP B 290 32.33 -3.35 6.09
N CYS B 291 31.10 -2.89 5.88
CA CYS B 291 30.42 -3.15 4.60
C CYS B 291 31.15 -2.52 3.43
N ALA B 292 31.65 -1.29 3.60
CA ALA B 292 32.22 -0.54 2.48
C ALA B 292 33.71 -0.76 2.31
N LEU B 293 34.31 -1.70 3.05
CA LEU B 293 35.75 -1.88 2.98
C LEU B 293 36.19 -2.39 1.62
N ASP B 294 35.57 -3.47 1.14
CA ASP B 294 35.96 -4.09 -0.11
C ASP B 294 34.76 -4.88 -0.65
N PRO B 295 34.77 -5.23 -1.94
CA PRO B 295 33.60 -5.92 -2.50
C PRO B 295 33.24 -7.20 -1.78
N LEU B 296 34.21 -7.94 -1.24
CA LEU B 296 33.88 -9.14 -0.49
C LEU B 296 33.04 -8.81 0.73
N SER B 297 33.39 -7.73 1.43
CA SER B 297 32.59 -7.30 2.56
C SER B 297 31.23 -6.79 2.12
N GLU B 298 31.16 -6.16 0.94
CA GLU B 298 29.86 -5.79 0.39
C GLU B 298 28.99 -7.02 0.20
N THR B 299 29.57 -8.09 -0.33
CA THR B 299 28.82 -9.33 -0.50
C THR B 299 28.38 -9.90 0.84
N LYS B 300 29.28 -9.89 1.84
CA LYS B 300 28.92 -10.41 3.15
C LYS B 300 27.77 -9.62 3.75
N CYS B 301 27.81 -8.30 3.64
CA CYS B 301 26.72 -7.48 4.17
C CYS B 301 25.42 -7.72 3.40
N THR B 302 25.51 -7.88 2.08
CA THR B 302 24.31 -8.15 1.29
C THR B 302 23.66 -9.45 1.71
N LEU B 303 24.47 -10.49 1.91
CA LEU B 303 23.93 -11.79 2.29
C LEU B 303 23.56 -11.88 3.77
N LYS B 304 23.91 -10.87 4.56
CA LYS B 304 23.71 -10.92 6.01
C LYS B 304 24.33 -12.18 6.60
N SER B 305 25.49 -12.56 6.07
CA SER B 305 26.18 -13.75 6.52
C SER B 305 27.69 -13.53 6.46
N PHE B 306 28.39 -14.15 7.41
CA PHE B 306 29.84 -14.08 7.45
C PHE B 306 30.50 -15.05 6.49
N THR B 307 29.77 -16.02 5.98
CA THR B 307 30.30 -17.00 5.05
C THR B 307 29.55 -16.89 3.73
N VAL B 308 30.30 -16.73 2.65
CA VAL B 308 29.74 -16.55 1.31
C VAL B 308 29.93 -17.84 0.53
N GLU B 309 28.87 -18.32 -0.11
CA GLU B 309 28.96 -19.51 -0.94
C GLU B 309 29.57 -19.15 -2.30
N LYS B 310 30.09 -20.16 -2.97
CA LYS B 310 30.63 -19.97 -4.31
C LYS B 310 29.56 -19.51 -5.27
N GLY B 311 29.88 -18.50 -6.07
CA GLY B 311 28.97 -18.05 -7.10
C GLY B 311 29.08 -16.55 -7.32
N ILE B 312 28.06 -16.01 -7.98
CA ILE B 312 27.97 -14.60 -8.31
C ILE B 312 26.85 -13.97 -7.47
N TYR B 313 27.11 -12.77 -6.95
CA TYR B 313 26.12 -12.03 -6.18
C TYR B 313 26.16 -10.57 -6.57
N GLN B 314 24.99 -10.00 -6.83
CA GLN B 314 24.88 -8.58 -7.13
C GLN B 314 24.79 -7.81 -5.82
N THR B 315 25.74 -6.90 -5.59
CA THR B 315 25.82 -6.17 -4.33
C THR B 315 25.15 -4.80 -4.40
N SER B 316 25.57 -3.96 -5.34
CA SER B 316 25.11 -2.58 -5.39
C SER B 316 25.09 -2.12 -6.84
N ASN B 317 25.00 -0.81 -7.02
CA ASN B 317 24.90 -0.19 -8.34
C ASN B 317 25.95 0.89 -8.48
N PHE B 318 26.56 0.94 -9.66
CA PHE B 318 27.60 1.91 -9.98
C PHE B 318 27.08 2.92 -10.98
N ARG B 319 27.23 4.20 -10.66
CA ARG B 319 26.77 5.28 -11.54
C ARG B 319 27.77 6.41 -11.47
N VAL B 320 28.14 6.95 -12.63
CA VAL B 320 29.11 8.04 -12.67
C VAL B 320 28.42 9.32 -12.24
N GLN B 321 29.01 10.03 -11.29
CA GLN B 321 28.40 11.26 -10.81
C GLN B 321 28.67 12.42 -11.78
N PRO B 322 27.77 13.38 -11.84
CA PRO B 322 28.02 14.57 -12.68
C PRO B 322 29.26 15.32 -12.21
N THR B 323 29.99 15.89 -13.16
CA THR B 323 31.22 16.61 -12.83
C THR B 323 30.98 18.11 -12.66
N GLU B 324 30.16 18.70 -13.51
CA GLU B 324 29.97 20.15 -13.50
C GLU B 324 28.57 20.48 -14.00
N SER B 325 28.17 21.72 -13.77
CA SER B 325 26.92 22.26 -14.28
C SER B 325 27.22 23.38 -15.25
N ILE B 326 26.66 23.27 -16.46
CA ILE B 326 26.85 24.27 -17.51
C ILE B 326 25.49 24.82 -17.90
N VAL B 327 25.39 26.14 -17.99
CA VAL B 327 24.17 26.82 -18.42
C VAL B 327 24.48 27.53 -19.73
N ARG B 328 23.75 27.16 -20.78
CA ARG B 328 23.94 27.74 -22.11
C ARG B 328 22.65 28.41 -22.54
N PHE B 329 22.74 29.62 -23.05
CA PHE B 329 21.60 30.41 -23.47
C PHE B 329 21.92 31.13 -24.77
N PRO B 330 20.91 31.45 -25.57
CA PRO B 330 21.14 32.14 -26.84
C PRO B 330 21.62 33.56 -26.63
N ASN B 331 22.06 34.16 -27.73
CA ASN B 331 22.53 35.54 -27.72
C ASN B 331 21.40 36.48 -27.33
N ILE B 332 21.75 37.57 -26.66
CA ILE B 332 20.77 38.53 -26.14
C ILE B 332 20.31 39.46 -27.25
N THR B 333 19.08 39.29 -27.72
CA THR B 333 18.54 40.07 -28.83
C THR B 333 17.49 41.09 -28.43
N ASN B 334 16.70 40.83 -27.39
CA ASN B 334 15.55 41.67 -27.06
C ASN B 334 15.69 42.25 -25.65
N LEU B 335 15.42 43.55 -25.53
CA LEU B 335 15.46 44.26 -24.26
C LEU B 335 14.24 45.17 -24.15
N CYS B 336 13.86 45.46 -22.90
CA CYS B 336 12.79 46.42 -22.67
C CYS B 336 13.23 47.82 -23.09
N PRO B 337 12.32 48.67 -23.57
CA PRO B 337 12.73 50.02 -24.00
C PRO B 337 13.08 50.93 -22.83
N PHE B 338 14.25 50.69 -22.24
CA PHE B 338 14.71 51.46 -21.10
C PHE B 338 15.35 52.78 -21.48
N GLY B 339 15.69 52.98 -22.76
CA GLY B 339 16.22 54.26 -23.18
C GLY B 339 15.20 55.39 -23.15
N GLU B 340 13.93 55.05 -23.29
CA GLU B 340 12.88 56.08 -23.22
C GLU B 340 12.74 56.62 -21.80
N VAL B 341 12.90 55.76 -20.79
CA VAL B 341 12.69 56.16 -19.40
C VAL B 341 13.98 56.64 -18.77
N PHE B 342 15.05 55.87 -18.88
CA PHE B 342 16.29 56.19 -18.17
C PHE B 342 17.05 57.32 -18.85
N ASN B 343 17.45 57.11 -20.10
CA ASN B 343 18.24 58.10 -20.84
C ASN B 343 17.29 59.09 -21.53
N ALA B 344 16.68 59.93 -20.71
CA ALA B 344 15.77 60.96 -21.17
C ALA B 344 16.29 62.33 -20.77
N THR B 345 15.93 63.36 -21.55
CA THR B 345 16.41 64.71 -21.30
C THR B 345 15.52 65.48 -20.34
N ARG B 346 14.21 65.39 -20.49
CA ARG B 346 13.27 66.16 -19.69
C ARG B 346 12.18 65.25 -19.14
N PHE B 347 11.78 65.51 -17.90
CA PHE B 347 10.70 64.79 -17.24
C PHE B 347 9.58 65.75 -16.89
N ALA B 348 8.38 65.20 -16.74
CA ALA B 348 7.22 66.01 -16.38
C ALA B 348 7.29 66.40 -14.89
N SER B 349 6.30 67.18 -14.47
CA SER B 349 6.23 67.62 -13.08
C SER B 349 5.89 66.45 -12.17
N VAL B 350 6.14 66.64 -10.88
CA VAL B 350 5.87 65.59 -9.90
C VAL B 350 4.37 65.32 -9.79
N TYR B 351 3.55 66.37 -9.81
CA TYR B 351 2.11 66.18 -9.77
C TYR B 351 1.57 65.62 -11.07
N ALA B 352 2.33 65.71 -12.17
CA ALA B 352 1.98 65.16 -13.46
C ALA B 352 2.98 64.08 -13.87
N TRP B 353 3.33 63.21 -12.93
CA TRP B 353 4.33 62.18 -13.17
C TRP B 353 3.97 61.33 -14.37
N ASN B 354 4.98 61.04 -15.20
CA ASN B 354 4.77 60.29 -16.42
C ASN B 354 4.55 58.81 -16.10
N ARG B 355 3.48 58.24 -16.66
CA ARG B 355 3.13 56.84 -16.45
C ARG B 355 3.36 56.06 -17.74
N LYS B 356 4.10 54.96 -17.64
CA LYS B 356 4.39 54.11 -18.78
C LYS B 356 4.07 52.67 -18.45
N ARG B 357 3.49 51.96 -19.41
CA ARG B 357 3.16 50.55 -19.26
C ARG B 357 4.19 49.71 -20.00
N ILE B 358 4.79 48.76 -19.28
CA ILE B 358 5.85 47.92 -19.81
C ILE B 358 5.39 46.47 -19.73
N SER B 359 5.49 45.76 -20.85
CA SER B 359 5.09 44.35 -20.92
C SER B 359 5.77 43.69 -22.11
N ASN B 360 5.96 42.38 -22.00
CA ASN B 360 6.46 41.53 -23.08
C ASN B 360 7.84 41.96 -23.54
N CYS B 361 8.80 41.92 -22.61
CA CYS B 361 10.18 42.21 -22.95
C CYS B 361 11.10 41.66 -21.87
N VAL B 362 12.40 41.69 -22.17
CA VAL B 362 13.44 41.27 -21.24
C VAL B 362 14.01 42.51 -20.59
N ALA B 363 13.91 42.58 -19.27
CA ALA B 363 14.39 43.71 -18.49
C ALA B 363 15.67 43.31 -17.76
N ASP B 364 16.79 43.89 -18.16
CA ASP B 364 18.09 43.55 -17.61
C ASP B 364 18.37 44.46 -16.42
N TYR B 365 18.24 43.92 -15.20
CA TYR B 365 18.50 44.67 -13.99
C TYR B 365 19.89 44.43 -13.43
N SER B 366 20.55 43.32 -13.82
CA SER B 366 21.90 43.06 -13.33
C SER B 366 22.88 44.12 -13.80
N VAL B 367 22.80 44.51 -15.07
CA VAL B 367 23.71 45.51 -15.60
C VAL B 367 23.45 46.86 -14.94
N LEU B 368 22.17 47.19 -14.69
CA LEU B 368 21.86 48.44 -14.00
C LEU B 368 22.39 48.44 -12.58
N TYR B 369 22.25 47.31 -11.87
CA TYR B 369 22.77 47.23 -10.51
C TYR B 369 24.29 47.35 -10.50
N ASN B 370 24.97 46.69 -11.43
CA ASN B 370 26.42 46.74 -11.50
C ASN B 370 26.94 47.99 -12.21
N SER B 371 26.05 48.81 -12.75
CA SER B 371 26.48 50.07 -13.36
C SER B 371 26.94 51.07 -12.31
N ALA B 372 26.33 51.02 -11.13
CA ALA B 372 26.66 51.89 -10.00
C ALA B 372 26.45 53.37 -10.32
N SER B 373 25.66 53.67 -11.33
CA SER B 373 25.39 55.05 -11.73
C SER B 373 24.14 55.63 -11.10
N PHE B 374 23.45 54.86 -10.26
CA PHE B 374 22.22 55.30 -9.62
C PHE B 374 22.44 55.42 -8.11
N SER B 375 22.07 56.57 -7.55
CA SER B 375 22.33 56.83 -6.13
C SER B 375 21.49 55.93 -5.23
N THR B 376 20.19 55.84 -5.50
CA THR B 376 19.26 55.12 -4.63
C THR B 376 18.57 54.03 -5.43
N PHE B 377 18.56 52.81 -4.89
CA PHE B 377 17.92 51.66 -5.51
C PHE B 377 17.26 50.87 -4.39
N LYS B 378 15.98 51.16 -4.12
CA LYS B 378 15.28 50.61 -2.97
C LYS B 378 14.04 49.87 -3.45
N CYS B 379 14.05 48.55 -3.33
CA CYS B 379 12.92 47.73 -3.75
C CYS B 379 12.17 47.23 -2.52
N TYR B 380 10.88 47.49 -2.48
CA TYR B 380 10.01 47.12 -1.36
C TYR B 380 9.07 46.03 -1.80
N GLY B 381 9.05 44.91 -1.06
CA GLY B 381 8.19 43.78 -1.37
C GLY B 381 8.83 42.70 -2.22
N VAL B 382 10.01 42.95 -2.77
CA VAL B 382 10.70 41.98 -3.62
C VAL B 382 12.18 41.96 -3.26
N SER B 383 12.87 40.93 -3.74
CA SER B 383 14.32 40.83 -3.55
C SER B 383 15.02 41.51 -4.73
N PRO B 384 15.81 42.57 -4.49
CA PRO B 384 16.45 43.26 -5.61
C PRO B 384 17.35 42.38 -6.45
N THR B 385 18.09 41.46 -5.83
CA THR B 385 18.98 40.59 -6.60
C THR B 385 18.23 39.51 -7.35
N LYS B 386 17.05 39.13 -6.86
CA LYS B 386 16.26 38.07 -7.48
C LYS B 386 15.24 38.60 -8.48
N LEU B 387 15.29 39.89 -8.81
CA LEU B 387 14.36 40.44 -9.80
C LEU B 387 14.57 39.80 -11.17
N ASN B 388 15.83 39.60 -11.57
CA ASN B 388 16.13 39.01 -12.86
C ASN B 388 15.69 37.55 -12.97
N ASP B 389 15.41 36.89 -11.85
CA ASP B 389 14.96 35.51 -11.85
C ASP B 389 13.46 35.38 -11.68
N LEU B 390 12.73 36.50 -11.76
CA LEU B 390 11.28 36.51 -11.62
C LEU B 390 10.67 37.31 -12.76
N CYS B 391 9.45 36.93 -13.14
CA CYS B 391 8.74 37.56 -14.25
C CYS B 391 7.51 38.29 -13.73
N PHE B 392 7.22 39.43 -14.33
CA PHE B 392 6.12 40.30 -13.91
C PHE B 392 5.12 40.46 -15.04
N THR B 393 3.84 40.43 -14.68
CA THR B 393 2.78 40.53 -15.69
C THR B 393 2.77 41.90 -16.36
N ASN B 394 2.80 42.98 -15.56
CA ASN B 394 2.80 44.32 -16.12
C ASN B 394 3.59 45.23 -15.21
N VAL B 395 4.31 46.19 -15.81
CA VAL B 395 5.12 47.13 -15.06
C VAL B 395 4.58 48.53 -15.30
N TYR B 396 4.33 49.25 -14.21
CA TYR B 396 3.93 50.65 -14.26
C TYR B 396 5.13 51.49 -13.84
N ALA B 397 5.67 52.25 -14.78
CA ALA B 397 6.80 53.13 -14.51
C ALA B 397 6.27 54.54 -14.28
N ASP B 398 6.46 55.06 -13.08
CA ASP B 398 6.06 56.41 -12.71
C ASP B 398 7.34 57.24 -12.57
N SER B 399 7.56 58.15 -13.51
CA SER B 399 8.79 58.92 -13.57
C SER B 399 8.51 60.39 -13.26
N PHE B 400 9.39 60.99 -12.45
CA PHE B 400 9.27 62.40 -12.11
C PHE B 400 10.63 62.89 -11.64
N VAL B 401 10.70 64.18 -11.30
CA VAL B 401 11.91 64.82 -10.81
C VAL B 401 11.58 65.57 -9.53
N ILE B 402 12.40 65.36 -8.50
CA ILE B 402 12.18 66.04 -7.22
C ILE B 402 13.49 66.62 -6.72
N ARG B 403 13.46 67.19 -5.52
CA ARG B 403 14.65 67.74 -4.90
C ARG B 403 15.35 66.66 -4.06
N GLY B 404 16.61 66.94 -3.70
CA GLY B 404 17.44 65.93 -3.07
C GLY B 404 16.95 65.52 -1.69
N ASP B 405 16.57 66.50 -0.85
CA ASP B 405 16.20 66.17 0.52
C ASP B 405 14.84 65.50 0.60
N GLU B 406 14.04 65.57 -0.47
CA GLU B 406 12.75 64.89 -0.52
C GLU B 406 12.83 63.50 -1.11
N VAL B 407 14.02 63.02 -1.46
CA VAL B 407 14.16 61.67 -2.01
C VAL B 407 13.73 60.64 -0.97
N ARG B 408 14.10 60.84 0.29
CA ARG B 408 13.75 59.89 1.33
C ARG B 408 12.25 59.77 1.54
N GLN B 409 11.47 60.79 1.17
CA GLN B 409 10.03 60.75 1.36
C GLN B 409 9.32 59.77 0.44
N ILE B 410 9.99 59.31 -0.63
CA ILE B 410 9.37 58.37 -1.57
C ILE B 410 9.61 56.97 -1.02
N ALA B 411 8.75 56.55 -0.11
CA ALA B 411 8.82 55.25 0.53
C ALA B 411 7.49 54.91 1.17
N PRO B 412 7.12 53.62 1.23
CA PRO B 412 5.85 53.26 1.88
C PRO B 412 5.82 53.66 3.35
N GLY B 413 4.67 54.14 3.80
CA GLY B 413 4.49 54.54 5.17
C GLY B 413 5.04 55.90 5.52
N GLN B 414 5.60 56.63 4.56
CA GLN B 414 6.20 57.92 4.84
C GLN B 414 5.16 59.03 4.70
N THR B 415 5.47 60.19 5.29
CA THR B 415 4.61 61.36 5.24
C THR B 415 5.40 62.55 4.71
N GLY B 416 4.68 63.51 4.16
CA GLY B 416 5.29 64.72 3.62
C GLY B 416 4.39 65.36 2.59
N LYS B 417 4.80 66.57 2.18
CA LYS B 417 4.02 67.31 1.20
C LYS B 417 3.95 66.58 -0.13
N ILE B 418 5.08 66.00 -0.55
CA ILE B 418 5.09 65.23 -1.80
C ILE B 418 4.17 64.02 -1.70
N ALA B 419 4.22 63.31 -0.58
CA ALA B 419 3.35 62.14 -0.40
C ALA B 419 1.89 62.56 -0.33
N ASP B 420 1.59 63.64 0.40
CA ASP B 420 0.20 64.02 0.63
C ASP B 420 -0.45 64.63 -0.60
N TYR B 421 0.24 65.53 -1.30
CA TYR B 421 -0.37 66.33 -2.34
C TYR B 421 0.16 66.06 -3.75
N ASN B 422 1.30 65.38 -3.87
CA ASN B 422 1.92 65.18 -5.18
C ASN B 422 1.86 63.74 -5.65
N TYR B 423 2.32 62.79 -4.83
CA TYR B 423 2.30 61.38 -5.21
C TYR B 423 2.28 60.54 -3.94
N LYS B 424 1.18 59.83 -3.71
CA LYS B 424 1.01 59.01 -2.52
C LYS B 424 1.28 57.55 -2.85
N LEU B 425 2.12 56.91 -2.04
CA LEU B 425 2.43 55.50 -2.22
C LEU B 425 1.64 54.66 -1.22
N PRO B 426 1.08 53.52 -1.62
CA PRO B 426 0.33 52.69 -0.68
C PRO B 426 1.24 52.06 0.35
N ASP B 427 0.64 51.74 1.51
CA ASP B 427 1.40 51.12 2.60
C ASP B 427 1.88 49.73 2.22
N ASP B 428 1.07 48.97 1.47
CA ASP B 428 1.42 47.62 1.05
C ASP B 428 1.97 47.62 -0.38
N PHE B 429 2.71 48.67 -0.74
CA PHE B 429 3.23 48.80 -2.09
C PHE B 429 4.22 47.68 -2.40
N THR B 430 4.08 47.10 -3.60
CA THR B 430 4.99 46.07 -4.09
C THR B 430 5.64 46.63 -5.35
N GLY B 431 6.95 46.87 -5.28
CA GLY B 431 7.65 47.44 -6.41
C GLY B 431 9.06 47.84 -6.01
N CYS B 432 9.59 48.80 -6.76
CA CYS B 432 10.93 49.32 -6.49
C CYS B 432 10.99 50.79 -6.90
N VAL B 433 12.00 51.48 -6.36
CA VAL B 433 12.22 52.90 -6.63
C VAL B 433 13.69 53.09 -6.98
N ILE B 434 13.95 53.78 -8.09
CA ILE B 434 15.30 54.09 -8.54
C ILE B 434 15.42 55.60 -8.67
N ALA B 435 16.34 56.19 -7.91
CA ALA B 435 16.57 57.62 -7.93
C ALA B 435 18.03 57.90 -8.24
N TRP B 436 18.26 58.82 -9.17
CA TRP B 436 19.62 59.17 -9.56
C TRP B 436 19.73 60.67 -9.73
N ASN B 437 20.87 61.22 -9.32
CA ASN B 437 21.11 62.65 -9.45
C ASN B 437 21.28 63.02 -10.92
N SER B 438 20.89 64.26 -11.25
CA SER B 438 21.00 64.77 -12.61
C SER B 438 21.82 66.05 -12.64
N ASN B 439 22.90 66.11 -11.85
CA ASN B 439 23.74 67.31 -11.81
C ASN B 439 24.40 67.57 -13.16
N ASN B 440 24.90 66.51 -13.81
CA ASN B 440 25.58 66.69 -15.09
C ASN B 440 24.65 67.13 -16.20
N LEU B 441 23.34 66.97 -16.04
CA LEU B 441 22.38 67.30 -17.08
C LEU B 441 21.51 68.51 -16.77
N ASP B 442 21.35 68.86 -15.49
CA ASP B 442 20.50 69.97 -15.08
C ASP B 442 21.30 71.20 -14.70
N SER B 443 22.52 71.34 -15.23
CA SER B 443 23.37 72.50 -14.96
C SER B 443 23.14 73.55 -16.04
N LYS B 444 22.56 74.68 -15.65
CA LYS B 444 22.29 75.78 -16.57
C LYS B 444 22.66 77.10 -15.91
N VAL B 445 23.00 78.09 -16.74
CA VAL B 445 23.35 79.40 -16.23
C VAL B 445 22.10 80.11 -15.75
N GLY B 446 22.15 80.67 -14.55
CA GLY B 446 21.02 81.34 -13.95
C GLY B 446 20.05 80.44 -13.22
N GLY B 447 20.29 79.14 -13.20
CA GLY B 447 19.42 78.21 -12.49
C GLY B 447 18.39 77.59 -13.42
N ASN B 448 18.03 76.34 -13.11
CA ASN B 448 17.02 75.61 -13.87
C ASN B 448 15.70 75.70 -13.10
N TYR B 449 14.78 76.52 -13.62
CA TYR B 449 13.50 76.76 -12.97
C TYR B 449 12.32 76.20 -13.76
N ASN B 450 12.57 75.34 -14.74
CA ASN B 450 11.48 74.75 -15.51
C ASN B 450 10.62 73.83 -14.66
N TYR B 451 11.24 73.07 -13.76
CA TYR B 451 10.53 72.12 -12.93
C TYR B 451 9.79 72.85 -11.81
N LEU B 452 8.48 72.59 -11.70
CA LEU B 452 7.66 73.12 -10.62
C LEU B 452 6.98 71.96 -9.91
N TYR B 453 6.72 72.15 -8.62
CA TYR B 453 6.09 71.12 -7.81
C TYR B 453 4.85 71.67 -7.12
N ARG B 454 3.86 70.79 -6.95
CA ARG B 454 2.61 71.20 -6.32
C ARG B 454 2.83 71.42 -4.82
N LEU B 455 2.40 72.59 -4.33
CA LEU B 455 2.61 72.97 -2.93
C LEU B 455 1.37 72.73 -2.08
N PHE B 456 0.18 73.02 -2.61
CA PHE B 456 -1.06 72.83 -1.88
C PHE B 456 -2.09 72.17 -2.79
N ARG B 457 -3.04 71.46 -2.17
CA ARG B 457 -4.13 70.83 -2.89
C ARG B 457 -5.37 70.81 -2.00
N LYS B 458 -6.53 70.73 -2.65
CA LYS B 458 -7.79 70.77 -1.91
C LYS B 458 -7.94 69.56 -1.00
N SER B 459 -7.56 68.38 -1.48
CA SER B 459 -7.72 67.16 -0.69
C SER B 459 -6.51 66.26 -0.91
N ASN B 460 -6.31 65.34 0.02
CA ASN B 460 -5.19 64.41 -0.08
C ASN B 460 -5.35 63.51 -1.30
N LEU B 461 -4.27 63.35 -2.04
CA LEU B 461 -4.29 62.49 -3.21
C LEU B 461 -4.22 61.02 -2.82
N LYS B 462 -5.14 60.23 -3.35
CA LYS B 462 -5.11 58.79 -3.13
C LYS B 462 -4.00 58.17 -3.97
N PRO B 463 -3.50 57.00 -3.57
CA PRO B 463 -2.48 56.33 -4.38
C PRO B 463 -2.97 56.05 -5.78
N PHE B 464 -2.08 56.25 -6.76
CA PHE B 464 -2.39 56.05 -8.18
C PHE B 464 -3.61 56.85 -8.61
N GLU B 465 -3.67 58.11 -8.20
CA GLU B 465 -4.74 59.01 -8.60
C GLU B 465 -4.17 60.13 -9.46
N ARG B 466 -4.90 60.51 -10.50
CA ARG B 466 -4.44 61.45 -11.51
C ARG B 466 -4.99 62.84 -11.21
N ASP B 467 -4.12 63.84 -11.26
CA ASP B 467 -4.49 65.23 -11.02
C ASP B 467 -4.29 66.04 -12.29
N ILE B 468 -5.36 66.68 -12.76
CA ILE B 468 -5.30 67.54 -13.93
C ILE B 468 -5.83 68.95 -13.66
N SER B 469 -6.30 69.23 -12.46
CA SER B 469 -6.84 70.53 -12.11
C SER B 469 -5.80 71.35 -11.35
N THR B 470 -5.60 72.59 -11.77
CA THR B 470 -4.61 73.48 -11.17
C THR B 470 -5.29 74.71 -10.58
N GLU B 471 -6.45 74.51 -9.95
CA GLU B 471 -7.17 75.62 -9.36
C GLU B 471 -6.48 76.09 -8.08
N ILE B 472 -6.79 77.33 -7.68
CA ILE B 472 -6.17 77.92 -6.51
C ILE B 472 -6.72 77.27 -5.25
N TYR B 473 -5.82 76.82 -4.38
CA TYR B 473 -6.23 76.21 -3.12
C TYR B 473 -6.80 77.27 -2.19
N GLN B 474 -7.92 76.94 -1.54
CA GLN B 474 -8.59 77.84 -0.61
C GLN B 474 -8.13 77.49 0.80
N ALA B 475 -7.28 78.34 1.38
CA ALA B 475 -6.79 78.10 2.73
C ALA B 475 -7.84 78.41 3.78
N GLY B 476 -8.59 79.50 3.59
CA GLY B 476 -9.57 79.94 4.56
C GLY B 476 -10.98 79.51 4.21
N SER B 477 -11.95 80.25 4.74
CA SER B 477 -13.36 79.98 4.51
C SER B 477 -13.95 80.81 3.37
N THR B 478 -13.39 81.98 3.09
CA THR B 478 -13.87 82.78 1.97
C THR B 478 -13.29 82.23 0.67
N PRO B 479 -14.12 81.82 -0.29
CA PRO B 479 -13.59 81.25 -1.54
C PRO B 479 -12.77 82.27 -2.32
N CYS B 480 -11.71 81.79 -2.97
CA CYS B 480 -10.92 82.65 -3.83
C CYS B 480 -11.74 83.14 -5.02
N ASN B 481 -12.55 82.27 -5.60
CA ASN B 481 -13.37 82.59 -6.77
C ASN B 481 -12.51 83.12 -7.92
N GLY B 482 -11.35 82.52 -8.12
CA GLY B 482 -10.44 82.94 -9.16
C GLY B 482 -9.67 84.21 -8.84
N VAL B 483 -9.75 84.71 -7.62
CA VAL B 483 -9.08 85.94 -7.21
C VAL B 483 -8.10 85.59 -6.09
N GLU B 484 -6.84 85.97 -6.27
CA GLU B 484 -5.82 85.71 -5.27
C GLU B 484 -5.89 86.75 -4.15
N GLY B 485 -5.04 86.59 -3.16
CA GLY B 485 -4.98 87.51 -2.04
C GLY B 485 -4.82 86.75 -0.74
N PHE B 486 -5.49 87.25 0.30
CA PHE B 486 -5.43 86.62 1.61
C PHE B 486 -6.04 85.22 1.55
N ASN B 487 -5.34 84.25 2.15
CA ASN B 487 -5.78 82.85 2.18
C ASN B 487 -5.99 82.30 0.77
N CYS B 488 -5.20 82.76 -0.19
CA CYS B 488 -5.29 82.28 -1.57
C CYS B 488 -3.86 82.23 -2.12
N TYR B 489 -3.30 81.03 -2.17
CA TYR B 489 -1.91 80.84 -2.57
C TYR B 489 -1.85 79.97 -3.81
N PHE B 490 -0.89 80.25 -4.68
CA PHE B 490 -0.72 79.47 -5.89
C PHE B 490 -0.22 78.07 -5.53
N PRO B 491 -0.85 77.00 -6.06
CA PRO B 491 -0.46 75.65 -5.65
C PRO B 491 0.89 75.19 -6.20
N LEU B 492 1.49 75.92 -7.13
CA LEU B 492 2.73 75.51 -7.77
C LEU B 492 3.89 76.36 -7.27
N GLN B 493 5.03 75.72 -7.03
CA GLN B 493 6.23 76.39 -6.54
C GLN B 493 7.42 75.99 -7.41
N SER B 494 8.26 76.96 -7.72
CA SER B 494 9.42 76.76 -8.58
C SER B 494 10.57 76.11 -7.81
N TYR B 495 11.53 75.59 -8.57
CA TYR B 495 12.74 75.00 -8.01
C TYR B 495 13.91 75.95 -8.20
N GLY B 496 14.60 76.26 -7.10
CA GLY B 496 15.75 77.13 -7.15
C GLY B 496 17.06 76.38 -7.32
N PHE B 497 17.19 75.64 -8.42
CA PHE B 497 18.35 74.78 -8.64
C PHE B 497 19.56 75.66 -9.02
N GLN B 498 20.07 76.35 -8.01
CA GLN B 498 21.27 77.15 -8.19
C GLN B 498 22.50 76.26 -8.29
N PRO B 499 23.44 76.61 -9.17
CA PRO B 499 24.65 75.78 -9.32
C PRO B 499 25.48 75.67 -8.05
N THR B 500 25.51 76.72 -7.22
CA THR B 500 26.33 76.73 -6.03
C THR B 500 25.65 76.15 -4.80
N ASN B 501 24.41 75.70 -4.93
CA ASN B 501 23.71 75.11 -3.80
C ASN B 501 24.27 73.72 -3.48
N GLY B 502 23.91 73.22 -2.30
CA GLY B 502 24.46 71.96 -1.83
C GLY B 502 23.87 70.75 -2.55
N VAL B 503 24.44 69.60 -2.22
CA VAL B 503 23.98 68.34 -2.81
C VAL B 503 22.56 68.01 -2.36
N GLY B 504 22.20 68.36 -1.13
CA GLY B 504 20.87 68.06 -0.63
C GLY B 504 19.78 68.79 -1.39
N TYR B 505 20.13 69.87 -2.08
CA TYR B 505 19.19 70.62 -2.91
C TYR B 505 19.27 70.26 -4.38
N GLN B 506 20.12 69.30 -4.74
CA GLN B 506 20.31 68.95 -6.14
C GLN B 506 19.09 68.20 -6.68
N PRO B 507 18.76 68.38 -7.96
CA PRO B 507 17.64 67.64 -8.55
C PRO B 507 17.95 66.15 -8.64
N TYR B 508 16.90 65.35 -8.46
CA TYR B 508 17.01 63.90 -8.55
C TYR B 508 15.86 63.37 -9.40
N ARG B 509 16.18 62.52 -10.37
CA ARG B 509 15.18 61.85 -11.18
C ARG B 509 14.79 60.55 -10.49
N VAL B 510 13.49 60.36 -10.28
CA VAL B 510 12.96 59.21 -9.56
C VAL B 510 11.98 58.46 -10.45
N VAL B 511 12.21 57.16 -10.61
CA VAL B 511 11.31 56.28 -11.34
C VAL B 511 10.89 55.15 -10.41
N VAL B 512 9.58 54.97 -10.25
CA VAL B 512 9.03 53.93 -9.41
C VAL B 512 8.39 52.88 -10.32
N LEU B 513 8.85 51.64 -10.18
CA LEU B 513 8.29 50.51 -10.91
C LEU B 513 7.32 49.78 -10.00
N SER B 514 6.06 49.71 -10.41
CA SER B 514 5.03 48.96 -9.72
C SER B 514 4.67 47.73 -10.55
N PHE B 515 4.82 46.55 -9.97
CA PHE B 515 4.60 45.30 -10.69
C PHE B 515 3.21 44.80 -10.36
N GLU B 516 2.33 44.80 -11.36
CA GLU B 516 0.96 44.32 -11.19
C GLU B 516 0.78 43.02 -11.94
N LEU B 517 -0.02 42.12 -11.34
CA LEU B 517 -0.32 40.82 -11.93
C LEU B 517 -1.84 40.72 -12.09
N LEU B 518 -2.27 40.26 -13.27
CA LEU B 518 -3.69 40.13 -13.57
C LEU B 518 -3.98 38.72 -14.05
N HIS B 519 -5.19 38.51 -14.61
CA HIS B 519 -5.56 37.21 -15.16
C HIS B 519 -4.91 37.00 -16.53
N ALA B 520 -3.59 37.16 -16.54
CA ALA B 520 -2.78 37.03 -17.74
C ALA B 520 -1.42 36.49 -17.38
N PRO B 521 -0.77 35.76 -18.28
CA PRO B 521 0.59 35.27 -18.00
C PRO B 521 1.58 36.42 -17.87
N ALA B 522 2.64 36.17 -17.11
CA ALA B 522 3.67 37.18 -16.90
C ALA B 522 4.32 37.56 -18.21
N THR B 523 4.63 38.85 -18.37
CA THR B 523 5.14 39.38 -19.62
C THR B 523 6.59 39.84 -19.54
N VAL B 524 6.93 40.68 -18.57
CA VAL B 524 8.29 41.16 -18.42
C VAL B 524 9.12 40.11 -17.70
N CYS B 525 10.27 39.77 -18.25
CA CYS B 525 11.11 38.71 -17.70
C CYS B 525 12.57 39.15 -17.65
N GLY B 526 13.33 38.55 -16.74
CA GLY B 526 14.72 38.87 -16.58
C GLY B 526 15.65 37.95 -17.34
N PRO B 527 16.85 38.43 -17.65
CA PRO B 527 17.81 37.62 -18.41
C PRO B 527 18.47 36.55 -17.56
N LYS B 528 19.10 35.60 -18.24
CA LYS B 528 19.86 34.54 -17.57
C LYS B 528 21.31 34.56 -18.02
N LYS B 529 22.17 33.98 -17.19
CA LYS B 529 23.60 33.92 -17.46
C LYS B 529 23.92 32.72 -18.34
N SER B 530 24.98 32.84 -19.15
CA SER B 530 25.44 31.77 -20.01
C SER B 530 26.83 31.34 -19.57
N THR B 531 27.13 30.05 -19.74
CA THR B 531 28.41 29.48 -19.37
C THR B 531 28.92 28.58 -20.49
N ASN B 532 30.24 28.41 -20.57
CA ASN B 532 30.84 27.59 -21.61
C ASN B 532 30.31 26.17 -21.54
N LEU B 533 29.99 25.60 -22.69
CA LEU B 533 29.41 24.27 -22.75
C LEU B 533 30.52 23.21 -22.85
N VAL B 534 30.17 21.99 -22.45
CA VAL B 534 31.06 20.84 -22.52
C VAL B 534 30.30 19.68 -23.13
N LYS B 535 31.03 18.72 -23.71
CA LYS B 535 30.42 17.57 -24.36
C LYS B 535 31.06 16.28 -23.86
N ASN B 536 30.36 15.18 -24.11
CA ASN B 536 30.84 13.83 -23.84
C ASN B 536 31.20 13.62 -22.37
N LYS B 537 30.49 14.29 -21.47
CA LYS B 537 30.70 14.11 -20.04
C LYS B 537 29.37 14.14 -19.32
N CYS B 538 29.23 13.29 -18.31
CA CYS B 538 28.02 13.29 -17.49
C CYS B 538 28.04 14.58 -16.68
N VAL B 539 27.29 15.58 -17.15
CA VAL B 539 27.29 16.90 -16.57
C VAL B 539 25.86 17.37 -16.38
N ASN B 540 25.71 18.41 -15.57
CA ASN B 540 24.43 19.05 -15.36
C ASN B 540 24.21 20.14 -16.40
N PHE B 541 23.06 20.12 -17.05
CA PHE B 541 22.74 21.02 -18.13
C PHE B 541 21.45 21.77 -17.84
N ASN B 542 21.34 22.96 -18.41
CA ASN B 542 20.14 23.79 -18.30
C ASN B 542 19.99 24.54 -19.62
N PHE B 543 19.04 24.09 -20.44
CA PHE B 543 18.76 24.69 -21.73
C PHE B 543 17.36 25.29 -21.71
N ASN B 544 17.28 26.62 -21.79
CA ASN B 544 16.01 27.33 -21.93
C ASN B 544 15.04 26.98 -20.80
N GLY B 545 15.57 26.88 -19.58
CA GLY B 545 14.77 26.54 -18.43
C GLY B 545 14.61 25.07 -18.15
N LEU B 546 14.96 24.21 -19.12
CA LEU B 546 14.89 22.76 -18.91
C LEU B 546 16.21 22.30 -18.29
N THR B 547 16.13 21.76 -17.07
CA THR B 547 17.29 21.33 -16.33
C THR B 547 17.38 19.81 -16.29
N GLY B 548 18.60 19.31 -16.15
CA GLY B 548 18.78 17.88 -16.02
C GLY B 548 20.26 17.53 -15.95
N THR B 549 20.54 16.22 -16.02
CA THR B 549 21.89 15.70 -16.05
C THR B 549 22.01 14.69 -17.18
N GLY B 550 23.15 14.65 -17.84
CA GLY B 550 23.34 13.70 -18.92
C GLY B 550 24.64 13.95 -19.66
N VAL B 551 24.75 13.26 -20.80
CA VAL B 551 25.92 13.35 -21.67
C VAL B 551 25.46 13.88 -23.01
N LEU B 552 26.08 14.95 -23.47
CA LEU B 552 25.72 15.59 -24.73
C LEU B 552 26.67 15.14 -25.83
N THR B 553 26.12 14.69 -26.95
CA THR B 553 26.92 14.14 -28.03
C THR B 553 26.39 14.63 -29.37
N GLU B 554 27.21 14.44 -30.41
CA GLU B 554 26.82 14.86 -31.74
C GLU B 554 25.67 14.02 -32.27
N SER B 555 24.73 14.67 -32.95
CA SER B 555 23.58 13.99 -33.53
C SER B 555 23.45 14.39 -35.00
N ASN B 556 22.90 13.47 -35.79
CA ASN B 556 22.72 13.70 -37.22
C ASN B 556 21.29 14.06 -37.59
N LYS B 557 20.41 14.25 -36.61
CA LYS B 557 19.03 14.59 -36.89
C LYS B 557 18.91 16.01 -37.42
N LYS B 558 17.76 16.29 -38.05
CA LYS B 558 17.49 17.58 -38.66
C LYS B 558 16.26 18.18 -38.00
N PHE B 559 16.46 19.20 -37.17
CA PHE B 559 15.35 19.91 -36.56
C PHE B 559 14.72 20.86 -37.57
N LEU B 560 13.45 21.14 -37.37
CA LEU B 560 12.80 22.20 -38.10
C LEU B 560 13.15 23.54 -37.46
N PRO B 561 13.10 24.64 -38.23
CA PRO B 561 13.61 25.93 -37.72
C PRO B 561 12.98 26.36 -36.41
N PHE B 562 11.70 26.06 -36.19
CA PHE B 562 11.04 26.48 -34.97
C PHE B 562 11.21 25.50 -33.82
N GLN B 563 11.73 24.30 -34.08
CA GLN B 563 11.85 23.28 -33.05
C GLN B 563 13.03 23.56 -32.14
N GLN B 564 12.81 23.39 -30.83
CA GLN B 564 13.85 23.63 -29.84
C GLN B 564 14.51 22.33 -29.39
N PHE B 565 13.71 21.38 -28.92
CA PHE B 565 14.23 20.12 -28.41
C PHE B 565 13.33 18.98 -28.86
N GLY B 566 13.91 17.79 -28.94
CA GLY B 566 13.19 16.59 -29.39
C GLY B 566 13.18 15.53 -28.30
N ARG B 567 12.05 14.85 -28.17
CA ARG B 567 11.91 13.73 -27.26
C ARG B 567 11.44 12.51 -28.00
N ASP B 568 11.97 11.36 -27.60
CA ASP B 568 11.61 10.07 -28.20
C ASP B 568 10.33 9.57 -27.56
N ILE B 569 10.03 8.28 -27.76
CA ILE B 569 8.82 7.69 -27.19
C ILE B 569 8.84 7.81 -25.67
N ALA B 570 7.65 7.70 -25.09
CA ALA B 570 7.42 7.74 -23.65
C ALA B 570 7.85 9.05 -23.01
N ASP B 571 7.90 10.14 -23.79
CA ASP B 571 8.21 11.47 -23.29
C ASP B 571 9.56 11.48 -22.55
N THR B 572 10.61 11.19 -23.31
CA THR B 572 11.98 11.25 -22.81
C THR B 572 12.81 12.07 -23.79
N THR B 573 13.34 13.20 -23.33
CA THR B 573 14.09 14.09 -24.19
C THR B 573 15.35 13.39 -24.68
N ASP B 574 15.52 13.29 -25.99
CA ASP B 574 16.68 12.64 -26.57
C ASP B 574 17.56 13.58 -27.37
N ALA B 575 17.06 14.75 -27.76
CA ALA B 575 17.86 15.69 -28.52
C ALA B 575 17.52 17.11 -28.08
N VAL B 576 18.45 18.03 -28.33
CA VAL B 576 18.27 19.43 -27.98
C VAL B 576 19.16 20.27 -28.89
N ARG B 577 18.71 21.47 -29.21
CA ARG B 577 19.46 22.36 -30.09
C ARG B 577 20.18 23.42 -29.27
N ASP B 578 21.51 23.35 -29.27
CA ASP B 578 22.33 24.35 -28.62
C ASP B 578 22.27 25.65 -29.39
N PRO B 579 21.89 26.76 -28.75
CA PRO B 579 21.91 28.06 -29.41
C PRO B 579 23.33 28.61 -29.53
N GLN B 580 23.42 29.78 -30.16
CA GLN B 580 24.68 30.46 -30.49
C GLN B 580 25.46 29.68 -31.53
N THR B 581 25.01 28.46 -31.81
CA THR B 581 25.48 27.68 -32.95
C THR B 581 24.35 26.93 -33.64
N LEU B 582 23.17 26.84 -33.01
CA LEU B 582 22.02 26.12 -33.55
C LEU B 582 22.39 24.70 -33.92
N GLU B 583 23.10 24.04 -33.00
CA GLU B 583 23.62 22.70 -33.25
C GLU B 583 22.76 21.65 -32.56
N ILE B 584 22.29 20.68 -33.33
CA ILE B 584 21.45 19.62 -32.79
C ILE B 584 22.34 18.57 -32.14
N LEU B 585 22.09 18.26 -30.88
CA LEU B 585 22.91 17.34 -30.11
C LEU B 585 22.03 16.35 -29.38
N ASP B 586 22.42 15.07 -29.43
CA ASP B 586 21.73 14.04 -28.68
C ASP B 586 22.15 14.08 -27.22
N ILE B 587 21.29 13.53 -26.37
CA ILE B 587 21.52 13.45 -24.93
C ILE B 587 21.32 12.02 -24.47
N THR B 588 22.24 11.53 -23.65
CA THR B 588 22.20 10.16 -23.16
C THR B 588 22.38 10.14 -21.66
N PRO B 589 21.62 9.33 -20.92
CA PRO B 589 21.89 9.19 -19.49
C PRO B 589 23.29 8.63 -19.28
N CYS B 590 24.06 9.28 -18.42
CA CYS B 590 25.45 8.88 -18.25
C CYS B 590 25.52 7.49 -17.62
N SER B 591 26.58 6.76 -17.98
CA SER B 591 26.61 5.31 -17.81
C SER B 591 26.34 4.90 -16.37
N PHE B 592 25.55 3.84 -16.21
CA PHE B 592 25.26 3.26 -14.91
C PHE B 592 24.99 1.78 -15.10
N GLY B 593 25.02 1.05 -13.99
CA GLY B 593 24.75 -0.37 -14.05
C GLY B 593 24.82 -0.98 -12.67
N GLY B 594 24.72 -2.31 -12.63
CA GLY B 594 24.91 -3.04 -11.41
C GLY B 594 26.33 -3.55 -11.26
N VAL B 595 26.67 -3.97 -10.05
CA VAL B 595 27.97 -4.57 -9.77
C VAL B 595 27.74 -5.95 -9.16
N SER B 596 28.57 -6.90 -9.55
CA SER B 596 28.49 -8.26 -9.05
C SER B 596 29.87 -8.72 -8.62
N VAL B 597 29.90 -9.66 -7.69
CA VAL B 597 31.15 -10.15 -7.11
C VAL B 597 31.28 -11.64 -7.41
N ILE B 598 32.31 -11.99 -8.18
CA ILE B 598 32.67 -13.38 -8.39
C ILE B 598 33.59 -13.82 -7.26
N THR B 599 33.15 -14.82 -6.50
CA THR B 599 33.96 -15.36 -5.42
C THR B 599 33.82 -16.87 -5.34
N PRO B 600 34.86 -17.58 -4.94
CA PRO B 600 34.79 -19.05 -4.89
C PRO B 600 34.41 -19.63 -3.53
N GLY B 601 34.03 -18.81 -2.55
CA GLY B 601 33.66 -19.40 -1.28
C GLY B 601 34.67 -19.12 -0.18
N THR B 602 34.23 -19.27 1.07
CA THR B 602 35.07 -18.88 2.18
C THR B 602 36.28 -19.79 2.40
N ASN B 603 36.18 -21.08 2.10
CA ASN B 603 37.42 -21.86 2.07
C ASN B 603 38.31 -21.50 0.88
N THR B 604 37.77 -21.56 -0.33
CA THR B 604 38.63 -21.67 -1.51
C THR B 604 39.66 -20.55 -1.57
N SER B 605 39.20 -19.30 -1.57
CA SER B 605 40.11 -18.18 -1.52
C SER B 605 39.33 -16.92 -1.15
N ASN B 606 40.06 -15.90 -0.75
CA ASN B 606 39.50 -14.56 -0.58
C ASN B 606 39.60 -13.74 -1.86
N GLN B 607 40.27 -14.26 -2.88
CA GLN B 607 40.34 -13.56 -4.17
C GLN B 607 38.95 -13.40 -4.74
N VAL B 608 38.65 -12.20 -5.23
CA VAL B 608 37.35 -11.89 -5.81
C VAL B 608 37.54 -11.11 -7.09
N ALA B 609 36.51 -11.13 -7.92
CA ALA B 609 36.48 -10.35 -9.14
C ALA B 609 35.20 -9.51 -9.16
N VAL B 610 35.26 -8.36 -9.82
CA VAL B 610 34.15 -7.42 -9.86
C VAL B 610 33.66 -7.30 -11.29
N LEU B 611 32.37 -7.50 -11.49
CA LEU B 611 31.73 -7.34 -12.79
C LEU B 611 30.82 -6.12 -12.74
N TYR B 612 31.16 -5.10 -13.51
CA TYR B 612 30.27 -3.99 -13.75
C TYR B 612 29.36 -4.36 -14.92
N GLN B 613 28.04 -4.30 -14.68
CA GLN B 613 27.10 -5.01 -15.53
C GLN B 613 27.08 -4.48 -16.95
N ASP B 614 26.88 -3.18 -17.13
CA ASP B 614 26.60 -2.67 -18.47
C ASP B 614 27.38 -1.38 -18.72
N VAL B 615 28.64 -1.34 -18.30
CA VAL B 615 29.49 -0.19 -18.57
C VAL B 615 30.59 -0.62 -19.53
N ASN B 616 31.25 0.38 -20.09
CA ASN B 616 32.45 0.17 -20.89
C ASN B 616 33.68 0.12 -19.99
N CYS B 617 34.69 -0.63 -20.43
CA CYS B 617 35.91 -0.74 -19.66
C CYS B 617 36.72 0.54 -19.82
N THR B 618 36.23 1.63 -19.24
CA THR B 618 36.92 2.92 -19.28
C THR B 618 36.99 3.63 -17.95
N GLU B 619 36.16 3.26 -16.99
CA GLU B 619 36.11 3.93 -15.69
C GLU B 619 36.30 2.92 -14.57
N VAL B 620 37.23 3.22 -13.67
CA VAL B 620 37.52 2.36 -12.53
C VAL B 620 36.63 2.76 -11.37
N SER B 640 45.66 -6.66 -11.69
CA SER B 640 45.08 -5.55 -12.43
C SER B 640 44.81 -5.94 -13.87
N ASN B 641 44.00 -6.97 -14.06
CA ASN B 641 43.62 -7.43 -15.38
C ASN B 641 42.18 -7.02 -15.64
N VAL B 642 41.95 -6.41 -16.80
CA VAL B 642 40.63 -5.91 -17.17
C VAL B 642 40.18 -6.62 -18.44
N PHE B 643 38.91 -7.01 -18.46
CA PHE B 643 38.35 -7.74 -19.57
C PHE B 643 37.01 -7.12 -19.95
N GLN B 644 36.75 -7.01 -21.24
CA GLN B 644 35.52 -6.39 -21.74
C GLN B 644 34.69 -7.48 -22.41
N THR B 645 33.57 -7.83 -21.80
CA THR B 645 32.66 -8.83 -22.35
C THR B 645 31.33 -8.19 -22.69
N ARG B 646 30.51 -8.94 -23.43
CA ARG B 646 29.16 -8.51 -23.72
C ARG B 646 28.34 -8.34 -22.45
N ALA B 647 28.78 -8.96 -21.35
CA ALA B 647 28.13 -8.84 -20.06
C ALA B 647 28.73 -7.71 -19.22
N GLY B 648 29.59 -6.89 -19.80
CA GLY B 648 30.11 -5.73 -19.11
C GLY B 648 31.62 -5.65 -18.99
N CYS B 649 32.10 -5.16 -17.85
CA CYS B 649 33.52 -4.99 -17.58
C CYS B 649 33.91 -5.80 -16.36
N LEU B 650 34.86 -6.71 -16.53
CA LEU B 650 35.25 -7.63 -15.48
C LEU B 650 36.68 -7.31 -15.06
N ILE B 651 36.89 -7.09 -13.78
CA ILE B 651 38.19 -6.71 -13.24
C ILE B 651 38.55 -7.67 -12.11
N GLY B 652 39.74 -8.25 -12.19
CA GLY B 652 40.22 -9.15 -11.16
C GLY B 652 40.43 -10.57 -11.58
N ALA B 653 40.01 -10.96 -12.77
CA ALA B 653 40.21 -12.30 -13.30
C ALA B 653 40.94 -12.23 -14.62
N GLU B 654 41.89 -13.13 -14.83
CA GLU B 654 42.73 -13.13 -16.01
C GLU B 654 42.05 -13.95 -17.11
N HIS B 655 41.71 -13.28 -18.21
CA HIS B 655 41.06 -13.94 -19.33
C HIS B 655 41.99 -14.96 -19.97
N VAL B 656 41.47 -16.16 -20.20
CA VAL B 656 42.26 -17.26 -20.75
C VAL B 656 41.54 -17.82 -21.97
N ASN B 657 42.33 -18.09 -23.02
CA ASN B 657 41.76 -18.40 -24.33
C ASN B 657 41.19 -19.81 -24.39
N ASN B 658 41.74 -20.74 -23.61
CA ASN B 658 41.21 -22.09 -23.63
C ASN B 658 39.85 -22.14 -22.93
N SER B 659 39.20 -23.30 -22.98
CA SER B 659 37.85 -23.47 -22.48
C SER B 659 37.77 -24.62 -21.49
N TYR B 660 36.93 -24.46 -20.48
CA TYR B 660 36.62 -25.49 -19.50
C TYR B 660 35.11 -25.53 -19.25
N GLU B 661 34.70 -26.45 -18.39
CA GLU B 661 33.31 -26.48 -17.96
C GLU B 661 32.94 -25.20 -17.21
N CYS B 662 31.68 -24.82 -17.28
CA CYS B 662 31.24 -23.62 -16.60
C CYS B 662 31.28 -23.84 -15.09
N ASP B 663 31.86 -22.87 -14.38
CA ASP B 663 31.96 -22.92 -12.93
C ASP B 663 31.05 -21.89 -12.27
N ILE B 664 31.23 -20.61 -12.61
CA ILE B 664 30.36 -19.54 -12.12
C ILE B 664 29.82 -18.80 -13.33
N PRO B 665 28.56 -18.99 -13.69
CA PRO B 665 28.03 -18.34 -14.89
C PRO B 665 28.07 -16.82 -14.75
N ILE B 666 28.36 -16.15 -15.86
CA ILE B 666 28.45 -14.70 -15.91
C ILE B 666 27.52 -14.11 -16.95
N GLY B 667 27.62 -14.58 -18.18
CA GLY B 667 26.78 -14.10 -19.25
C GLY B 667 27.49 -14.18 -20.57
N ALA B 668 26.71 -14.28 -21.64
CA ALA B 668 27.22 -14.34 -23.00
C ALA B 668 28.23 -15.47 -23.16
N GLY B 669 27.96 -16.59 -22.51
CA GLY B 669 28.83 -17.75 -22.61
C GLY B 669 30.20 -17.56 -22.01
N ILE B 670 30.28 -16.92 -20.84
CA ILE B 670 31.55 -16.74 -20.13
C ILE B 670 31.33 -17.12 -18.68
N CYS B 671 32.25 -17.91 -18.13
CA CYS B 671 32.18 -18.37 -16.76
C CYS B 671 33.50 -18.08 -16.05
N ALA B 672 33.53 -18.39 -14.76
CA ALA B 672 34.73 -18.16 -13.96
C ALA B 672 35.00 -19.31 -13.01
N VAL B 687 37.99 -20.63 -10.28
CA VAL B 687 39.32 -20.50 -9.70
C VAL B 687 40.19 -21.67 -10.12
N ALA B 688 41.41 -21.38 -10.57
CA ALA B 688 42.33 -22.41 -11.01
C ALA B 688 43.75 -21.88 -10.87
N SER B 689 44.61 -22.64 -10.20
CA SER B 689 46.00 -22.25 -9.95
C SER B 689 46.06 -20.90 -9.22
N GLN B 690 45.48 -20.90 -8.01
CA GLN B 690 45.42 -19.75 -7.10
C GLN B 690 45.09 -18.44 -7.81
N SER B 691 44.16 -18.48 -8.77
CA SER B 691 43.75 -17.28 -9.48
C SER B 691 42.38 -17.50 -10.08
N ILE B 692 41.72 -16.40 -10.42
CA ILE B 692 40.40 -16.42 -11.04
C ILE B 692 40.57 -16.19 -12.54
N ILE B 693 39.89 -16.99 -13.34
CA ILE B 693 40.00 -16.91 -14.79
C ILE B 693 38.62 -16.75 -15.39
N ALA B 694 38.56 -16.04 -16.52
CA ALA B 694 37.34 -15.87 -17.29
C ALA B 694 37.56 -16.47 -18.66
N TYR B 695 36.60 -17.28 -19.12
CA TYR B 695 36.78 -18.05 -20.34
C TYR B 695 35.43 -18.33 -20.97
N THR B 696 35.45 -18.66 -22.25
CA THR B 696 34.25 -19.13 -22.92
C THR B 696 33.96 -20.55 -22.47
N MET B 697 32.73 -20.80 -22.02
CA MET B 697 32.40 -22.10 -21.47
C MET B 697 32.56 -23.19 -22.52
N SER B 698 33.05 -24.34 -22.08
CA SER B 698 33.25 -25.48 -22.96
C SER B 698 31.93 -26.22 -23.11
N LEU B 699 31.51 -26.42 -24.36
CA LEU B 699 30.20 -26.99 -24.60
C LEU B 699 30.15 -28.46 -24.24
N GLY B 700 31.28 -29.15 -24.28
CA GLY B 700 31.34 -30.56 -23.98
C GLY B 700 32.37 -31.24 -24.84
N ALA B 701 32.71 -32.47 -24.45
CA ALA B 701 33.66 -33.25 -25.25
C ALA B 701 33.07 -33.54 -26.61
N GLU B 702 33.93 -33.52 -27.62
CA GLU B 702 33.52 -33.71 -29.00
C GLU B 702 34.02 -35.08 -29.49
N ASN B 703 33.10 -35.88 -30.04
CA ASN B 703 33.47 -37.19 -30.55
C ASN B 703 32.57 -37.50 -31.74
N SER B 704 33.14 -37.47 -32.94
CA SER B 704 32.39 -37.87 -34.11
C SER B 704 32.15 -39.38 -34.08
N VAL B 705 30.93 -39.79 -34.40
CA VAL B 705 30.57 -41.20 -34.42
C VAL B 705 31.02 -41.80 -35.74
N ALA B 706 31.67 -42.96 -35.67
CA ALA B 706 32.19 -43.62 -36.86
C ALA B 706 31.02 -44.19 -37.65
N TYR B 707 30.34 -43.30 -38.37
CA TYR B 707 29.15 -43.69 -39.12
C TYR B 707 29.55 -44.30 -40.45
N SER B 708 28.91 -45.41 -40.81
CA SER B 708 29.15 -46.06 -42.08
C SER B 708 27.89 -46.81 -42.48
N ASN B 709 27.61 -46.83 -43.77
CA ASN B 709 26.34 -47.37 -44.24
C ASN B 709 26.26 -48.89 -44.13
N ASN B 710 27.29 -49.56 -43.61
CA ASN B 710 27.22 -51.00 -43.46
C ASN B 710 27.80 -51.48 -42.14
N SER B 711 27.90 -50.62 -41.13
CA SER B 711 28.46 -51.00 -39.85
C SER B 711 27.51 -50.59 -38.73
N ILE B 712 27.36 -51.47 -37.74
CA ILE B 712 26.54 -51.21 -36.58
C ILE B 712 27.44 -51.35 -35.36
N ALA B 713 26.96 -50.85 -34.23
CA ALA B 713 27.66 -51.01 -32.96
C ALA B 713 26.70 -51.68 -31.98
N ILE B 714 27.17 -52.72 -31.31
CA ILE B 714 26.31 -53.47 -30.40
C ILE B 714 27.01 -53.63 -29.06
N PRO B 715 26.33 -53.36 -27.95
CA PRO B 715 26.96 -53.54 -26.63
C PRO B 715 27.11 -55.02 -26.31
N THR B 716 28.22 -55.37 -25.67
CA THR B 716 28.48 -56.73 -25.25
C THR B 716 28.27 -56.94 -23.76
N ASN B 717 27.97 -55.88 -23.01
CA ASN B 717 27.79 -55.96 -21.58
C ASN B 717 26.92 -54.79 -21.17
N PHE B 718 26.60 -54.72 -19.88
CA PHE B 718 25.68 -53.69 -19.42
C PHE B 718 26.03 -53.31 -17.98
N THR B 719 25.42 -52.22 -17.53
CA THR B 719 25.50 -51.81 -16.13
C THR B 719 24.11 -51.44 -15.65
N ILE B 720 23.91 -51.56 -14.35
CA ILE B 720 22.68 -51.15 -13.70
C ILE B 720 22.96 -49.87 -12.94
N SER B 721 22.33 -48.78 -13.35
CA SER B 721 22.61 -47.47 -12.78
C SER B 721 21.41 -47.00 -11.98
N VAL B 722 21.66 -46.55 -10.76
CA VAL B 722 20.62 -46.00 -9.89
C VAL B 722 20.85 -44.51 -9.79
N THR B 723 19.87 -43.73 -10.19
CA THR B 723 19.96 -42.28 -10.17
C THR B 723 18.86 -41.71 -9.29
N THR B 724 19.18 -40.67 -8.52
CA THR B 724 18.24 -40.06 -7.61
C THR B 724 17.62 -38.84 -8.26
N GLU B 725 16.31 -38.71 -8.14
CA GLU B 725 15.57 -37.56 -8.62
C GLU B 725 14.73 -37.03 -7.46
N ILE B 726 14.89 -35.75 -7.15
CA ILE B 726 14.32 -35.18 -5.93
C ILE B 726 13.28 -34.13 -6.33
N LEU B 727 12.06 -34.28 -5.83
CA LEU B 727 10.95 -33.42 -6.21
C LEU B 727 10.22 -32.92 -4.97
N PRO B 728 10.12 -31.61 -4.76
CA PRO B 728 9.28 -31.10 -3.67
C PRO B 728 7.82 -31.33 -3.97
N VAL B 729 7.03 -31.55 -2.92
CA VAL B 729 5.61 -31.81 -3.08
C VAL B 729 4.73 -30.88 -2.28
N SER B 730 5.22 -30.24 -1.23
CA SER B 730 4.38 -29.39 -0.40
C SER B 730 5.26 -28.43 0.38
N MET B 731 4.62 -27.43 0.99
CA MET B 731 5.33 -26.48 1.84
C MET B 731 4.51 -26.28 3.10
N THR B 732 5.02 -25.42 3.98
CA THR B 732 4.37 -25.21 5.27
C THR B 732 3.02 -24.51 5.10
N LYS B 733 2.04 -24.97 5.85
CA LYS B 733 0.68 -24.44 5.77
C LYS B 733 0.59 -23.22 6.68
N THR B 734 1.02 -22.08 6.14
CA THR B 734 1.00 -20.85 6.91
C THR B 734 -0.39 -20.21 6.90
N SER B 735 -0.66 -19.42 7.92
CA SER B 735 -1.90 -18.68 8.03
C SER B 735 -1.67 -17.45 8.89
N VAL B 736 -2.47 -16.40 8.64
CA VAL B 736 -2.30 -15.12 9.31
C VAL B 736 -3.63 -14.68 9.91
N ASP B 737 -3.52 -13.84 10.93
CA ASP B 737 -4.67 -13.12 11.50
C ASP B 737 -4.45 -11.64 11.24
N CYS B 738 -5.43 -11.01 10.60
CA CYS B 738 -5.23 -9.64 10.13
C CYS B 738 -5.13 -8.67 11.30
N THR B 739 -6.08 -8.75 12.23
CA THR B 739 -6.10 -7.80 13.34
C THR B 739 -4.87 -7.96 14.22
N MET B 740 -4.48 -9.20 14.51
CA MET B 740 -3.25 -9.41 15.28
C MET B 740 -2.03 -8.86 14.57
N TYR B 741 -2.01 -8.95 13.24
CA TYR B 741 -0.83 -8.52 12.50
C TYR B 741 -0.78 -7.00 12.39
N ILE B 742 -1.79 -6.41 11.74
CA ILE B 742 -1.77 -4.98 11.45
C ILE B 742 -1.86 -4.18 12.73
N CYS B 743 -2.73 -4.57 13.66
CA CYS B 743 -2.96 -3.83 14.89
C CYS B 743 -2.48 -4.57 16.13
N GLY B 744 -3.01 -5.73 16.40
CA GLY B 744 -2.74 -6.40 17.67
C GLY B 744 -3.66 -5.88 18.78
N ASP B 745 -3.07 -5.37 19.84
CA ASP B 745 -3.83 -4.94 21.02
C ASP B 745 -4.23 -3.47 20.92
N SER B 746 -4.95 -3.14 19.85
CA SER B 746 -5.50 -1.81 19.68
C SER B 746 -6.90 -1.94 19.10
N THR B 747 -7.74 -0.95 19.37
CA THR B 747 -9.13 -0.97 18.96
C THR B 747 -9.48 0.06 17.91
N GLU B 748 -9.01 1.30 18.07
CA GLU B 748 -9.37 2.36 17.13
C GLU B 748 -8.81 2.07 15.73
N CYS B 749 -7.59 1.54 15.67
CA CYS B 749 -7.07 1.12 14.37
C CYS B 749 -7.87 -0.04 13.80
N SER B 750 -8.40 -0.92 14.66
CA SER B 750 -9.30 -1.95 14.16
C SER B 750 -10.56 -1.33 13.57
N ASN B 751 -11.09 -0.29 14.21
CA ASN B 751 -12.25 0.41 13.67
C ASN B 751 -11.92 1.04 12.33
N LEU B 752 -10.73 1.62 12.20
CA LEU B 752 -10.32 2.19 10.92
C LEU B 752 -10.18 1.11 9.86
N LEU B 753 -9.60 -0.02 10.22
CA LEU B 753 -9.45 -1.13 9.27
C LEU B 753 -10.81 -1.64 8.82
N LEU B 754 -11.81 -1.55 9.70
CA LEU B 754 -13.16 -1.94 9.31
C LEU B 754 -13.66 -1.15 8.10
N GLN B 755 -13.16 0.06 7.90
CA GLN B 755 -13.59 0.86 6.75
C GLN B 755 -13.00 0.34 5.45
N TYR B 756 -12.03 -0.56 5.49
CA TYR B 756 -11.40 -1.06 4.28
C TYR B 756 -12.13 -2.26 3.69
N GLY B 757 -13.27 -2.63 4.25
CA GLY B 757 -14.07 -3.69 3.66
C GLY B 757 -13.63 -5.07 4.06
N SER B 758 -13.54 -5.98 3.10
CA SER B 758 -13.27 -7.39 3.34
C SER B 758 -11.93 -7.82 2.73
N PHE B 759 -10.92 -6.98 2.85
CA PHE B 759 -9.58 -7.40 2.43
C PHE B 759 -9.10 -8.57 3.28
N CYS B 760 -9.36 -8.51 4.59
CA CYS B 760 -8.91 -9.57 5.49
C CYS B 760 -9.54 -10.90 5.12
N THR B 761 -10.84 -10.89 4.80
CA THR B 761 -11.50 -12.13 4.42
C THR B 761 -10.88 -12.71 3.16
N GLN B 762 -10.56 -11.85 2.19
CA GLN B 762 -9.90 -12.32 0.98
C GLN B 762 -8.56 -12.98 1.32
N LEU B 763 -7.75 -12.32 2.15
CA LEU B 763 -6.43 -12.87 2.46
C LEU B 763 -6.54 -14.20 3.19
N ASN B 764 -7.43 -14.27 4.18
CA ASN B 764 -7.59 -15.50 4.92
C ASN B 764 -8.11 -16.62 4.03
N ARG B 765 -9.04 -16.31 3.14
CA ARG B 765 -9.56 -17.33 2.23
C ARG B 765 -8.46 -17.83 1.29
N ALA B 766 -7.64 -16.92 0.78
CA ALA B 766 -6.55 -17.34 -0.11
C ALA B 766 -5.57 -18.24 0.62
N LEU B 767 -5.19 -17.89 1.84
CA LEU B 767 -4.25 -18.72 2.57
C LEU B 767 -4.85 -20.07 2.94
N THR B 768 -6.14 -20.10 3.29
CA THR B 768 -6.79 -21.36 3.56
C THR B 768 -6.83 -22.25 2.33
N GLY B 769 -7.12 -21.66 1.16
CA GLY B 769 -7.06 -22.44 -0.06
C GLY B 769 -5.69 -22.98 -0.33
N ILE B 770 -4.65 -22.18 -0.06
CA ILE B 770 -3.28 -22.65 -0.24
C ILE B 770 -3.00 -23.84 0.68
N ALA B 771 -3.42 -23.76 1.93
CA ALA B 771 -3.15 -24.85 2.86
C ALA B 771 -3.88 -26.13 2.44
N VAL B 772 -5.13 -26.00 2.00
CA VAL B 772 -5.87 -27.17 1.55
C VAL B 772 -5.18 -27.79 0.34
N GLU B 773 -4.73 -26.95 -0.59
CA GLU B 773 -3.99 -27.46 -1.74
C GLU B 773 -2.72 -28.17 -1.31
N GLN B 774 -2.03 -27.63 -0.30
CA GLN B 774 -0.83 -28.28 0.19
C GLN B 774 -1.11 -29.67 0.71
N ASP B 775 -2.20 -29.82 1.47
CA ASP B 775 -2.56 -31.15 1.95
C ASP B 775 -2.93 -32.07 0.80
N LYS B 776 -3.68 -31.56 -0.18
CA LYS B 776 -4.10 -32.39 -1.30
C LYS B 776 -2.91 -32.87 -2.13
N ASN B 777 -1.86 -32.05 -2.24
CA ASN B 777 -0.68 -32.47 -2.98
C ASN B 777 -0.08 -33.74 -2.42
N THR B 778 0.19 -33.75 -1.11
CA THR B 778 0.72 -34.96 -0.49
C THR B 778 -0.26 -36.11 -0.59
N GLN B 779 -1.55 -35.82 -0.39
CA GLN B 779 -2.55 -36.88 -0.46
C GLN B 779 -2.52 -37.58 -1.81
N GLU B 780 -2.46 -36.81 -2.90
CA GLU B 780 -2.51 -37.41 -4.22
C GLU B 780 -1.16 -37.91 -4.70
N VAL B 781 -0.07 -37.51 -4.05
CA VAL B 781 1.23 -38.05 -4.46
C VAL B 781 1.48 -39.39 -3.78
N PHE B 782 1.26 -39.48 -2.47
CA PHE B 782 1.62 -40.67 -1.74
C PHE B 782 0.48 -41.68 -1.62
N ALA B 783 -0.72 -41.22 -1.28
CA ALA B 783 -1.85 -42.13 -1.08
C ALA B 783 -2.37 -42.62 -2.42
N GLN B 784 -1.60 -43.53 -3.02
CA GLN B 784 -1.96 -44.12 -4.29
C GLN B 784 -2.19 -45.63 -4.19
N VAL B 785 -2.15 -46.20 -3.00
CA VAL B 785 -2.37 -47.63 -2.79
C VAL B 785 -3.64 -47.80 -1.97
N LYS B 786 -4.52 -48.68 -2.45
CA LYS B 786 -5.76 -48.95 -1.73
C LYS B 786 -5.53 -49.67 -0.41
N GLN B 787 -4.40 -50.35 -0.27
CA GLN B 787 -4.13 -51.12 0.95
C GLN B 787 -2.63 -51.11 1.22
N ILE B 788 -2.29 -51.37 2.47
CA ILE B 788 -0.91 -51.34 2.93
C ILE B 788 -0.34 -52.75 2.85
N TYR B 789 0.72 -52.91 2.06
CA TYR B 789 1.40 -54.19 1.92
C TYR B 789 2.55 -54.26 2.92
N LYS B 790 2.93 -55.48 3.28
CA LYS B 790 4.08 -55.72 4.14
C LYS B 790 5.06 -56.60 3.39
N THR B 791 6.34 -56.28 3.52
CA THR B 791 7.36 -57.17 2.99
C THR B 791 7.37 -58.47 3.78
N PRO B 792 7.67 -59.59 3.12
CA PRO B 792 7.74 -60.86 3.85
C PRO B 792 8.88 -60.82 4.84
N PRO B 793 8.75 -61.53 5.97
CA PRO B 793 9.82 -61.50 6.98
C PRO B 793 11.13 -62.07 6.48
N ILE B 794 11.13 -62.93 5.48
CA ILE B 794 12.34 -63.56 4.96
C ILE B 794 12.79 -62.80 3.72
N LYS B 795 14.05 -62.40 3.70
CA LYS B 795 14.59 -61.59 2.61
C LYS B 795 15.33 -62.47 1.60
N ASP B 796 14.57 -63.32 0.91
CA ASP B 796 15.12 -64.17 -0.14
C ASP B 796 14.73 -63.58 -1.49
N PHE B 797 15.51 -62.61 -1.94
CA PHE B 797 15.27 -61.93 -3.20
C PHE B 797 16.31 -62.29 -4.25
N GLY B 798 16.93 -63.46 -4.11
CA GLY B 798 17.90 -63.91 -5.10
C GLY B 798 19.12 -63.03 -5.25
N GLY B 799 19.67 -62.54 -4.15
CA GLY B 799 20.85 -61.72 -4.17
C GLY B 799 20.59 -60.23 -4.15
N PHE B 800 19.41 -59.80 -4.57
CA PHE B 800 19.04 -58.39 -4.46
C PHE B 800 18.82 -58.08 -2.99
N ASN B 801 19.45 -57.03 -2.50
CA ASN B 801 19.55 -56.82 -1.06
C ASN B 801 19.13 -55.38 -0.76
N PHE B 802 17.90 -55.23 -0.29
CA PHE B 802 17.18 -53.96 -0.24
C PHE B 802 17.26 -53.28 1.12
N SER B 803 18.21 -53.68 1.97
CA SER B 803 18.21 -53.18 3.35
C SER B 803 18.32 -51.67 3.40
N GLN B 804 18.82 -51.05 2.34
CA GLN B 804 19.02 -49.61 2.33
C GLN B 804 17.78 -48.83 1.93
N ILE B 805 16.69 -49.50 1.55
CA ILE B 805 15.44 -48.79 1.27
C ILE B 805 14.25 -49.35 2.04
N LEU B 806 14.34 -50.56 2.59
CA LEU B 806 13.26 -51.09 3.40
C LEU B 806 13.28 -50.45 4.78
N PRO B 807 12.13 -50.35 5.43
CA PRO B 807 12.10 -49.74 6.78
C PRO B 807 12.90 -50.54 7.78
N ASP B 808 13.45 -49.83 8.76
CA ASP B 808 14.27 -50.45 9.79
C ASP B 808 13.45 -50.63 11.06
N PRO B 809 13.16 -51.86 11.48
CA PRO B 809 12.37 -52.04 12.72
C PRO B 809 13.06 -51.47 13.95
N SER B 810 14.38 -51.55 14.03
CA SER B 810 15.08 -51.03 15.21
C SER B 810 15.00 -49.52 15.27
N LYS B 811 14.83 -48.86 14.14
CA LYS B 811 14.75 -47.41 14.12
C LYS B 811 13.48 -46.95 14.81
N PRO B 812 13.56 -46.05 15.79
CA PRO B 812 12.34 -45.57 16.44
C PRO B 812 11.37 -44.88 15.48
N SER B 813 11.89 -44.21 14.45
CA SER B 813 11.05 -43.53 13.48
C SER B 813 10.57 -44.44 12.37
N LYS B 814 10.98 -45.71 12.35
CA LYS B 814 10.55 -46.69 11.36
C LYS B 814 10.84 -46.21 9.95
N ARG B 815 12.03 -45.64 9.76
CA ARG B 815 12.45 -45.07 8.49
C ARG B 815 13.64 -45.83 7.94
N SER B 816 13.66 -45.99 6.63
CA SER B 816 14.76 -46.66 5.96
C SER B 816 16.03 -45.83 6.09
N PRO B 817 17.21 -46.46 5.99
CA PRO B 817 18.46 -45.70 6.17
C PRO B 817 18.59 -44.51 5.25
N ILE B 818 18.19 -44.65 3.99
CA ILE B 818 18.25 -43.52 3.08
C ILE B 818 17.25 -42.44 3.50
N GLU B 819 16.06 -42.86 3.95
CA GLU B 819 15.08 -41.89 4.43
C GLU B 819 15.60 -41.14 5.65
N ASP B 820 16.25 -41.86 6.56
CA ASP B 820 16.82 -41.20 7.74
C ASP B 820 17.93 -40.23 7.34
N LEU B 821 18.77 -40.63 6.39
CA LEU B 821 19.81 -39.73 5.91
C LEU B 821 19.21 -38.48 5.30
N LEU B 822 18.14 -38.63 4.51
CA LEU B 822 17.49 -37.48 3.92
C LEU B 822 16.89 -36.57 4.98
N PHE B 823 16.26 -37.16 6.00
CA PHE B 823 15.68 -36.35 7.07
C PHE B 823 16.75 -35.56 7.81
N ASN B 824 17.90 -36.19 8.07
CA ASN B 824 18.97 -35.48 8.76
C ASN B 824 19.70 -34.51 7.84
N LYS B 825 19.54 -34.65 6.52
CA LYS B 825 20.28 -33.81 5.60
C LYS B 825 19.74 -32.39 5.51
N VAL B 826 18.44 -32.19 5.66
CA VAL B 826 17.81 -30.88 5.51
C VAL B 826 17.51 -30.32 6.88
N THR B 827 17.93 -29.07 7.09
CA THR B 827 17.76 -28.38 8.36
C THR B 827 17.04 -27.06 8.12
N LEU B 828 16.10 -26.72 9.01
CA LEU B 828 15.35 -25.48 8.90
C LEU B 828 16.16 -24.30 9.42
N GLN B 853 8.31 -14.80 13.79
CA GLN B 853 8.15 -16.01 13.00
C GLN B 853 6.84 -16.70 13.35
N LYS B 854 6.53 -16.78 14.64
CA LYS B 854 5.30 -17.40 15.12
C LYS B 854 4.70 -16.62 16.29
N PHE B 855 4.84 -15.30 16.29
CA PHE B 855 4.47 -14.49 17.45
C PHE B 855 3.62 -13.27 17.14
N ASN B 856 3.37 -12.93 15.87
CA ASN B 856 2.59 -11.76 15.56
C ASN B 856 1.35 -12.11 14.74
N GLY B 857 0.60 -13.11 15.18
CA GLY B 857 -0.52 -13.60 14.42
C GLY B 857 -0.15 -14.59 13.34
N LEU B 858 1.13 -14.94 13.22
CA LEU B 858 1.59 -15.90 12.24
C LEU B 858 1.47 -17.30 12.82
N THR B 859 0.71 -18.14 12.16
CA THR B 859 0.50 -19.50 12.62
C THR B 859 0.84 -20.48 11.51
N VAL B 860 1.25 -21.68 11.91
CA VAL B 860 1.66 -22.73 10.98
C VAL B 860 0.85 -23.97 11.32
N LEU B 861 -0.17 -24.24 10.52
CA LEU B 861 -0.99 -25.42 10.76
C LEU B 861 -0.17 -26.68 10.50
N PRO B 862 -0.38 -27.74 11.28
CA PRO B 862 0.34 -28.98 11.03
C PRO B 862 -0.15 -29.64 9.75
N PRO B 863 0.70 -30.40 9.07
CA PRO B 863 0.25 -31.14 7.89
C PRO B 863 -0.72 -32.23 8.30
N LEU B 864 -1.65 -32.53 7.39
CA LEU B 864 -2.65 -33.55 7.69
C LEU B 864 -2.02 -34.92 7.87
N LEU B 865 -1.05 -35.25 7.02
CA LEU B 865 -0.33 -36.51 7.10
C LEU B 865 1.03 -36.28 7.74
N THR B 866 1.25 -36.89 8.89
CA THR B 866 2.54 -36.72 9.55
C THR B 866 3.62 -37.49 8.81
N ASP B 867 4.85 -37.38 9.30
CA ASP B 867 5.95 -38.09 8.67
C ASP B 867 5.80 -39.59 8.79
N GLU B 868 5.19 -40.07 9.88
CA GLU B 868 5.03 -41.51 10.05
C GLU B 868 4.09 -42.09 9.00
N MET B 869 2.98 -41.43 8.72
CA MET B 869 2.06 -41.96 7.71
C MET B 869 2.68 -41.89 6.31
N ILE B 870 3.43 -40.85 6.01
CA ILE B 870 4.10 -40.77 4.71
C ILE B 870 5.12 -41.90 4.59
N ALA B 871 5.89 -42.14 5.64
CA ALA B 871 6.84 -43.24 5.62
C ALA B 871 6.12 -44.57 5.47
N GLN B 872 4.95 -44.70 6.09
CA GLN B 872 4.18 -45.93 5.96
C GLN B 872 3.70 -46.14 4.52
N TYR B 873 3.24 -45.07 3.87
CA TYR B 873 2.87 -45.16 2.47
C TYR B 873 4.05 -45.56 1.60
N THR B 874 5.21 -44.95 1.83
CA THR B 874 6.37 -45.32 1.02
C THR B 874 6.78 -46.76 1.26
N SER B 875 6.71 -47.22 2.51
CA SER B 875 7.02 -48.62 2.80
C SER B 875 6.03 -49.55 2.13
N ALA B 876 4.75 -49.18 2.12
CA ALA B 876 3.76 -49.99 1.43
C ALA B 876 4.04 -50.06 -0.07
N LEU B 877 4.40 -48.92 -0.67
CA LEU B 877 4.72 -48.92 -2.09
C LEU B 877 5.94 -49.78 -2.38
N LEU B 878 6.97 -49.68 -1.54
CA LEU B 878 8.17 -50.48 -1.73
C LEU B 878 7.85 -51.97 -1.62
N ALA B 879 7.07 -52.34 -0.61
CA ALA B 879 6.71 -53.74 -0.45
C ALA B 879 5.91 -54.24 -1.63
N GLY B 880 4.98 -53.42 -2.12
CA GLY B 880 4.20 -53.82 -3.28
C GLY B 880 5.05 -54.01 -4.52
N THR B 881 5.96 -53.07 -4.79
CA THR B 881 6.82 -53.19 -5.96
C THR B 881 7.72 -54.41 -5.84
N ILE B 882 8.30 -54.64 -4.67
CA ILE B 882 9.21 -55.76 -4.50
C ILE B 882 8.48 -57.09 -4.63
N THR B 883 7.30 -57.19 -4.03
CA THR B 883 6.60 -58.46 -3.99
C THR B 883 5.82 -58.74 -5.26
N SER B 884 4.89 -57.86 -5.61
CA SER B 884 3.93 -58.11 -6.66
C SER B 884 4.28 -57.43 -7.98
N GLY B 885 5.49 -56.90 -8.11
CA GLY B 885 5.83 -56.20 -9.34
C GLY B 885 4.96 -54.98 -9.53
N TRP B 886 4.51 -54.79 -10.77
CA TRP B 886 3.61 -53.68 -11.07
C TRP B 886 2.15 -54.08 -11.03
N THR B 887 1.85 -55.35 -10.74
CA THR B 887 0.47 -55.82 -10.81
C THR B 887 -0.41 -55.14 -9.77
N PHE B 888 0.14 -54.79 -8.62
CA PHE B 888 -0.66 -54.18 -7.56
C PHE B 888 -1.16 -52.80 -7.94
N GLY B 889 -0.58 -52.18 -8.98
CA GLY B 889 -1.07 -50.89 -9.43
C GLY B 889 -2.32 -50.97 -10.29
N ALA B 890 -2.65 -52.15 -10.80
CA ALA B 890 -3.83 -52.33 -11.65
C ALA B 890 -5.00 -52.93 -10.88
N GLY B 891 -4.82 -54.11 -10.32
CA GLY B 891 -5.86 -54.77 -9.58
C GLY B 891 -5.34 -55.39 -8.30
N PRO B 892 -5.73 -56.63 -8.04
CA PRO B 892 -5.20 -57.34 -6.87
C PRO B 892 -3.70 -57.57 -7.02
N ALA B 893 -3.00 -57.53 -5.90
CA ALA B 893 -1.56 -57.74 -5.91
C ALA B 893 -1.25 -59.21 -6.11
N LEU B 894 -0.63 -59.54 -7.23
CA LEU B 894 -0.27 -60.91 -7.57
C LEU B 894 1.22 -61.10 -7.33
N GLN B 895 1.57 -62.04 -6.46
CA GLN B 895 2.96 -62.24 -6.09
C GLN B 895 3.76 -62.76 -7.28
N ILE B 896 5.06 -62.50 -7.24
CA ILE B 896 5.96 -62.89 -8.32
C ILE B 896 7.38 -62.95 -7.77
N PRO B 897 8.13 -64.04 -8.00
CA PRO B 897 9.52 -64.08 -7.56
C PRO B 897 10.30 -62.94 -8.18
N PHE B 898 11.14 -62.29 -7.39
CA PHE B 898 11.80 -61.09 -7.87
C PHE B 898 12.66 -61.32 -9.10
N PRO B 899 13.44 -62.39 -9.23
CA PRO B 899 14.14 -62.61 -10.49
C PRO B 899 13.21 -62.66 -11.69
N MET B 900 12.03 -63.26 -11.56
CA MET B 900 11.12 -63.30 -12.70
C MET B 900 10.53 -61.93 -12.99
N GLN B 901 10.27 -61.14 -11.96
CA GLN B 901 9.82 -59.77 -12.21
C GLN B 901 10.89 -58.99 -12.94
N MET B 902 12.14 -59.16 -12.53
CA MET B 902 13.24 -58.50 -13.21
C MET B 902 13.34 -58.98 -14.65
N ALA B 903 13.03 -60.26 -14.88
CA ALA B 903 13.03 -60.79 -16.24
C ALA B 903 11.96 -60.15 -17.10
N TYR B 904 10.76 -59.99 -16.55
CA TYR B 904 9.74 -59.21 -17.25
C TYR B 904 10.22 -57.81 -17.58
N ARG B 905 10.86 -57.15 -16.61
CA ARG B 905 11.29 -55.77 -16.84
C ARG B 905 12.37 -55.72 -17.91
N PHE B 906 13.26 -56.70 -17.93
CA PHE B 906 14.24 -56.79 -19.01
C PHE B 906 13.57 -57.01 -20.36
N ASN B 907 12.57 -57.90 -20.39
CA ASN B 907 11.84 -58.13 -21.63
C ASN B 907 11.14 -56.86 -22.08
N GLY B 908 10.79 -56.00 -21.15
CA GLY B 908 10.12 -54.75 -21.51
C GLY B 908 11.01 -53.79 -22.26
N ILE B 909 12.33 -53.90 -22.14
CA ILE B 909 13.24 -52.98 -22.78
C ILE B 909 13.95 -53.63 -23.97
N GLY B 910 13.42 -54.74 -24.47
CA GLY B 910 13.99 -55.37 -25.64
C GLY B 910 15.18 -56.26 -25.38
N VAL B 911 15.32 -56.78 -24.17
CA VAL B 911 16.37 -57.73 -23.83
C VAL B 911 15.71 -59.02 -23.38
N THR B 912 16.12 -60.14 -23.97
CA THR B 912 15.48 -61.40 -23.67
C THR B 912 15.80 -61.88 -22.26
N GLN B 913 14.97 -62.78 -21.76
CA GLN B 913 15.04 -63.17 -20.35
C GLN B 913 16.34 -63.90 -20.03
N ASN B 914 16.85 -64.67 -20.99
CA ASN B 914 18.02 -65.49 -20.72
C ASN B 914 19.21 -64.64 -20.31
N VAL B 915 19.25 -63.37 -20.74
CA VAL B 915 20.31 -62.48 -20.30
C VAL B 915 20.30 -62.35 -18.79
N LEU B 916 19.15 -62.06 -18.22
CA LEU B 916 19.04 -61.99 -16.76
C LEU B 916 19.30 -63.34 -16.12
N TYR B 917 18.72 -64.40 -16.66
CA TYR B 917 18.82 -65.67 -15.96
C TYR B 917 20.24 -66.22 -16.01
N GLU B 918 21.06 -65.69 -16.91
CA GLU B 918 22.46 -66.11 -16.95
C GLU B 918 23.40 -65.14 -16.25
N ASN B 919 23.01 -63.87 -16.08
CA ASN B 919 23.86 -62.94 -15.35
C ASN B 919 23.19 -62.43 -14.08
N GLN B 920 22.34 -63.26 -13.47
CA GLN B 920 21.65 -62.85 -12.26
C GLN B 920 22.61 -62.47 -11.14
N LYS B 921 23.66 -63.25 -10.96
CA LYS B 921 24.62 -62.95 -9.90
C LYS B 921 25.29 -61.61 -10.13
N LEU B 922 25.76 -61.37 -11.36
CA LEU B 922 26.41 -60.11 -11.67
C LEU B 922 25.45 -58.94 -11.53
N ILE B 923 24.21 -59.11 -11.97
CA ILE B 923 23.24 -58.02 -11.89
C ILE B 923 22.91 -57.71 -10.44
N ALA B 924 22.77 -58.74 -9.61
CA ALA B 924 22.52 -58.50 -8.20
C ALA B 924 23.69 -57.76 -7.55
N ASN B 925 24.92 -58.15 -7.90
CA ASN B 925 26.07 -57.45 -7.35
C ASN B 925 26.10 -55.99 -7.77
N GLN B 926 25.81 -55.73 -9.05
CA GLN B 926 25.80 -54.35 -9.53
C GLN B 926 24.71 -53.55 -8.86
N PHE B 927 23.53 -54.14 -8.68
CA PHE B 927 22.43 -53.43 -8.04
C PHE B 927 22.77 -53.08 -6.60
N ASN B 928 23.35 -54.05 -5.87
CA ASN B 928 23.74 -53.78 -4.49
C ASN B 928 24.80 -52.68 -4.44
N SER B 929 25.78 -52.73 -5.35
CA SER B 929 26.82 -51.70 -5.36
C SER B 929 26.23 -50.33 -5.62
N ALA B 930 25.29 -50.23 -6.58
CA ALA B 930 24.71 -48.93 -6.89
C ALA B 930 23.90 -48.38 -5.72
N ILE B 931 23.08 -49.24 -5.09
CA ILE B 931 22.31 -48.79 -3.94
C ILE B 931 23.24 -48.33 -2.82
N GLY B 932 24.32 -49.09 -2.58
CA GLY B 932 25.27 -48.67 -1.57
C GLY B 932 25.92 -47.34 -1.88
N LYS B 933 26.25 -47.11 -3.15
CA LYS B 933 26.90 -45.86 -3.52
C LYS B 933 25.95 -44.68 -3.48
N ILE B 934 24.65 -44.91 -3.57
CA ILE B 934 23.69 -43.80 -3.46
C ILE B 934 23.81 -43.12 -2.10
N GLN B 935 23.98 -43.91 -1.03
CA GLN B 935 24.11 -43.31 0.30
C GLN B 935 25.32 -42.38 0.35
N ASP B 936 26.47 -42.84 -0.13
CA ASP B 936 27.67 -42.01 -0.10
C ASP B 936 27.51 -40.77 -0.97
N SER B 937 26.90 -40.93 -2.15
CA SER B 937 26.69 -39.79 -3.03
C SER B 937 25.81 -38.74 -2.37
N LEU B 938 24.76 -39.17 -1.67
CA LEU B 938 23.88 -38.21 -1.00
C LEU B 938 24.57 -37.57 0.20
N SER B 939 25.31 -38.36 0.97
CA SER B 939 25.90 -37.87 2.21
C SER B 939 27.16 -37.05 2.00
N SER B 940 27.80 -37.12 0.83
CA SER B 940 29.05 -36.43 0.61
C SER B 940 28.95 -35.25 -0.34
N THR B 941 27.90 -35.16 -1.15
CA THR B 941 27.78 -34.11 -2.14
C THR B 941 27.11 -32.90 -1.51
N PRO B 942 27.79 -31.74 -1.47
CA PRO B 942 27.10 -30.52 -1.02
C PRO B 942 25.97 -30.15 -1.96
N SER B 943 24.92 -29.57 -1.40
CA SER B 943 23.76 -29.11 -2.16
C SER B 943 23.09 -30.25 -2.92
N ALA B 944 23.17 -31.46 -2.39
CA ALA B 944 22.44 -32.58 -3.00
C ALA B 944 20.93 -32.36 -2.90
N LEU B 945 20.46 -31.86 -1.76
CA LEU B 945 19.05 -31.59 -1.52
C LEU B 945 18.68 -30.15 -1.80
N GLY B 946 19.32 -29.52 -2.78
CA GLY B 946 19.12 -28.09 -2.99
C GLY B 946 17.68 -27.74 -3.32
N LYS B 947 16.99 -28.63 -4.04
CA LYS B 947 15.64 -28.30 -4.48
C LYS B 947 14.69 -28.16 -3.28
N LEU B 948 14.79 -29.06 -2.31
CA LEU B 948 13.95 -28.96 -1.12
C LEU B 948 14.44 -27.90 -0.16
N GLN B 949 15.75 -27.71 -0.05
CA GLN B 949 16.24 -26.62 0.80
C GLN B 949 15.80 -25.27 0.26
N ASP B 950 15.66 -25.15 -1.05
CA ASP B 950 15.33 -23.87 -1.66
C ASP B 950 13.95 -23.40 -1.26
N VAL B 951 12.96 -24.29 -1.28
CA VAL B 951 11.60 -23.87 -0.95
C VAL B 951 11.50 -23.50 0.53
N VAL B 952 12.18 -24.25 1.40
CA VAL B 952 12.18 -23.92 2.81
C VAL B 952 12.83 -22.56 3.04
N ASN B 953 13.94 -22.31 2.34
CA ASN B 953 14.59 -21.01 2.46
C ASN B 953 13.70 -19.89 1.98
N GLN B 954 12.99 -20.10 0.87
CA GLN B 954 12.10 -19.07 0.34
C GLN B 954 10.97 -18.77 1.30
N ASN B 955 10.37 -19.82 1.87
CA ASN B 955 9.28 -19.60 2.83
C ASN B 955 9.78 -18.88 4.07
N ALA B 956 10.93 -19.27 4.59
CA ALA B 956 11.48 -18.61 5.76
C ALA B 956 11.80 -17.15 5.45
N GLN B 957 12.35 -16.88 4.27
CA GLN B 957 12.66 -15.52 3.89
C GLN B 957 11.40 -14.67 3.79
N ALA B 958 10.34 -15.23 3.20
CA ALA B 958 9.09 -14.49 3.10
C ALA B 958 8.53 -14.18 4.47
N LEU B 959 8.53 -15.16 5.37
CA LEU B 959 8.02 -14.90 6.71
C LEU B 959 8.85 -13.85 7.42
N ASN B 960 10.18 -13.94 7.31
CA ASN B 960 11.04 -12.98 8.00
C ASN B 960 10.82 -11.57 7.48
N THR B 961 10.72 -11.40 6.16
CA THR B 961 10.50 -10.05 5.66
C THR B 961 9.10 -9.55 6.02
N LEU B 962 8.11 -10.45 6.06
CA LEU B 962 6.77 -10.01 6.45
C LEU B 962 6.77 -9.51 7.89
N VAL B 963 7.44 -10.24 8.80
CA VAL B 963 7.47 -9.79 10.19
C VAL B 963 8.31 -8.53 10.32
N LYS B 964 9.41 -8.43 9.59
CA LYS B 964 10.27 -7.25 9.67
C LYS B 964 9.58 -6.01 9.11
N GLN B 965 8.58 -6.19 8.26
CA GLN B 965 7.87 -5.03 7.74
C GLN B 965 7.11 -4.25 8.83
N LEU B 966 6.86 -4.86 9.98
CA LEU B 966 6.17 -4.13 11.05
C LEU B 966 6.99 -2.99 11.61
N SER B 967 8.30 -3.00 11.42
CA SER B 967 9.17 -1.99 12.00
C SER B 967 9.35 -0.79 11.10
N SER B 968 8.63 -0.72 9.99
CA SER B 968 8.77 0.38 9.05
C SER B 968 7.75 1.47 9.32
N ASN B 969 8.15 2.72 9.10
CA ASN B 969 7.28 3.86 9.36
C ASN B 969 6.19 4.00 8.31
N PHE B 970 6.51 3.70 7.05
CA PHE B 970 5.59 3.91 5.93
C PHE B 970 5.16 5.36 5.84
N GLY B 971 6.02 6.28 6.25
CA GLY B 971 5.70 7.69 6.26
C GLY B 971 5.02 8.18 7.52
N ALA B 972 4.63 7.27 8.41
CA ALA B 972 4.05 7.70 9.68
C ALA B 972 5.16 8.18 10.61
N ILE B 973 4.74 8.85 11.68
CA ILE B 973 5.70 9.45 12.61
C ILE B 973 6.54 8.37 13.30
N SER B 974 5.94 7.22 13.59
CA SER B 974 6.67 6.14 14.23
C SER B 974 6.09 4.80 13.80
N SER B 975 6.94 3.77 13.85
CA SER B 975 6.48 2.42 13.50
C SER B 975 5.63 1.82 14.62
N VAL B 976 5.94 2.14 15.87
CA VAL B 976 5.16 1.62 16.98
C VAL B 976 3.76 2.22 16.95
N LEU B 977 2.78 1.42 17.36
CA LEU B 977 1.39 1.87 17.32
C LEU B 977 0.97 2.50 18.64
N ASN B 978 1.34 1.88 19.76
CA ASN B 978 0.88 2.35 21.06
C ASN B 978 1.42 3.74 21.39
N ASP B 979 2.69 4.00 21.06
CA ASP B 979 3.31 5.25 21.45
C ASP B 979 2.64 6.45 20.78
N ILE B 980 2.34 6.35 19.49
CA ILE B 980 1.70 7.47 18.82
C ILE B 980 0.25 7.62 19.29
N LEU B 981 -0.41 6.52 19.67
CA LEU B 981 -1.74 6.63 20.26
C LEU B 981 -1.68 7.38 21.58
N SER B 982 -0.69 7.08 22.41
CA SER B 982 -0.56 7.71 23.71
C SER B 982 0.11 9.08 23.64
N ARG B 983 0.61 9.47 22.47
CA ARG B 983 1.29 10.75 22.32
C ARG B 983 0.54 11.74 21.46
N LEU B 984 -0.48 11.32 20.73
CA LEU B 984 -1.23 12.20 19.85
C LEU B 984 -2.72 12.03 20.08
N ASP B 985 -3.46 13.12 19.94
CA ASP B 985 -4.90 13.08 20.04
C ASP B 985 -5.49 12.32 18.85
N PRO B 986 -6.63 11.68 19.03
CA PRO B 986 -7.25 10.90 17.94
C PRO B 986 -7.42 11.72 16.67
N PRO B 987 -7.93 12.96 16.74
CA PRO B 987 -8.19 13.68 15.48
C PRO B 987 -6.97 13.82 14.58
N GLU B 988 -5.79 14.01 15.17
CA GLU B 988 -4.55 14.13 14.41
C GLU B 988 -3.77 12.82 14.39
N ALA B 989 -4.21 11.82 15.13
CA ALA B 989 -3.59 10.49 15.05
C ALA B 989 -4.23 9.62 13.98
N GLU B 990 -5.40 10.01 13.49
CA GLU B 990 -6.07 9.20 12.47
C GLU B 990 -5.22 9.09 11.21
N VAL B 991 -4.58 10.18 10.81
CA VAL B 991 -3.78 10.15 9.59
C VAL B 991 -2.59 9.21 9.73
N GLN B 992 -1.88 9.28 10.86
CA GLN B 992 -0.76 8.38 11.08
C GLN B 992 -1.21 6.93 11.15
N ILE B 993 -2.32 6.68 11.85
CA ILE B 993 -2.83 5.31 11.93
C ILE B 993 -3.19 4.81 10.53
N ASP B 994 -3.82 5.66 9.72
CA ASP B 994 -4.19 5.24 8.38
C ASP B 994 -2.97 4.96 7.52
N ARG B 995 -1.91 5.76 7.66
CA ARG B 995 -0.69 5.48 6.91
C ARG B 995 -0.12 4.13 7.30
N LEU B 996 -0.07 3.84 8.59
CA LEU B 996 0.42 2.53 9.03
C LEU B 996 -0.47 1.41 8.52
N ILE B 997 -1.78 1.61 8.55
CA ILE B 997 -2.70 0.59 8.07
C ILE B 997 -2.45 0.31 6.60
N THR B 998 -2.31 1.37 5.80
CA THR B 998 -2.06 1.20 4.37
C THR B 998 -0.77 0.45 4.13
N GLY B 999 0.30 0.84 4.80
CA GLY B 999 1.57 0.17 4.59
C GLY B 999 1.53 -1.31 4.95
N ARG B 1000 1.00 -1.62 6.13
CA ARG B 1000 0.98 -3.01 6.57
C ARG B 1000 0.04 -3.85 5.70
N LEU B 1001 -1.11 -3.28 5.29
CA LEU B 1001 -2.03 -4.02 4.45
C LEU B 1001 -1.42 -4.32 3.09
N GLN B 1002 -0.73 -3.33 2.50
CA GLN B 1002 -0.08 -3.58 1.22
C GLN B 1002 1.01 -4.62 1.35
N SER B 1003 1.76 -4.59 2.46
CA SER B 1003 2.78 -5.62 2.69
C SER B 1003 2.14 -7.00 2.78
N LEU B 1004 1.02 -7.11 3.49
CA LEU B 1004 0.35 -8.39 3.62
C LEU B 1004 -0.15 -8.89 2.27
N GLN B 1005 -0.71 -8.00 1.46
CA GLN B 1005 -1.17 -8.42 0.13
C GLN B 1005 0.00 -8.89 -0.72
N THR B 1006 1.14 -8.20 -0.66
CA THR B 1006 2.30 -8.65 -1.41
C THR B 1006 2.73 -10.04 -0.98
N TYR B 1007 2.77 -10.28 0.33
CA TYR B 1007 3.15 -11.60 0.81
C TYR B 1007 2.18 -12.66 0.34
N VAL B 1008 0.88 -12.36 0.37
CA VAL B 1008 -0.12 -13.35 -0.03
C VAL B 1008 0.00 -13.65 -1.52
N THR B 1009 0.24 -12.64 -2.35
CA THR B 1009 0.40 -12.88 -3.77
C THR B 1009 1.63 -13.75 -4.04
N GLN B 1010 2.74 -13.45 -3.37
CA GLN B 1010 3.92 -14.30 -3.52
C GLN B 1010 3.61 -15.73 -3.11
N GLN B 1011 2.87 -15.90 -2.01
CA GLN B 1011 2.53 -17.24 -1.55
C GLN B 1011 1.67 -17.96 -2.58
N LEU B 1012 0.73 -17.24 -3.20
CA LEU B 1012 -0.12 -17.87 -4.20
C LEU B 1012 0.68 -18.34 -5.40
N ILE B 1013 1.59 -17.51 -5.89
CA ILE B 1013 2.39 -17.90 -7.05
C ILE B 1013 3.28 -19.10 -6.70
N ARG B 1014 3.92 -19.05 -5.54
CA ARG B 1014 4.74 -20.19 -5.12
C ARG B 1014 3.90 -21.44 -4.96
N ALA B 1015 2.65 -21.29 -4.49
CA ALA B 1015 1.78 -22.44 -4.36
C ALA B 1015 1.44 -23.04 -5.71
N ALA B 1016 1.23 -22.20 -6.71
CA ALA B 1016 0.99 -22.73 -8.06
C ALA B 1016 2.21 -23.49 -8.56
N GLU B 1017 3.40 -22.96 -8.33
CA GLU B 1017 4.61 -23.65 -8.76
C GLU B 1017 4.77 -25.00 -8.06
N ILE B 1018 4.54 -25.01 -6.74
CA ILE B 1018 4.65 -26.26 -6.00
C ILE B 1018 3.57 -27.24 -6.43
N ARG B 1019 2.39 -26.74 -6.77
CA ARG B 1019 1.33 -27.61 -7.27
C ARG B 1019 1.74 -28.27 -8.57
N ALA B 1020 2.36 -27.52 -9.48
CA ALA B 1020 2.85 -28.13 -10.71
C ALA B 1020 3.90 -29.19 -10.41
N SER B 1021 4.82 -28.90 -9.49
CA SER B 1021 5.84 -29.88 -9.13
C SER B 1021 5.22 -31.14 -8.52
N ALA B 1022 4.20 -30.97 -7.69
CA ALA B 1022 3.56 -32.11 -7.05
C ALA B 1022 2.79 -32.94 -8.07
N ASN B 1023 2.16 -32.29 -9.05
CA ASN B 1023 1.52 -33.04 -10.12
C ASN B 1023 2.53 -33.87 -10.88
N LEU B 1024 3.69 -33.27 -11.19
CA LEU B 1024 4.73 -34.03 -11.87
C LEU B 1024 5.20 -35.20 -11.02
N ALA B 1025 5.36 -34.98 -9.72
CA ALA B 1025 5.81 -36.05 -8.83
C ALA B 1025 4.77 -37.17 -8.78
N ALA B 1026 3.49 -36.83 -8.73
CA ALA B 1026 2.45 -37.84 -8.72
C ALA B 1026 2.46 -38.64 -10.01
N THR B 1027 2.65 -37.97 -11.15
CA THR B 1027 2.73 -38.69 -12.41
C THR B 1027 3.93 -39.64 -12.42
N LYS B 1028 5.08 -39.18 -11.91
CA LYS B 1028 6.24 -40.04 -11.85
C LYS B 1028 5.99 -41.26 -10.96
N MET B 1029 5.36 -41.03 -9.81
CA MET B 1029 5.05 -42.14 -8.92
C MET B 1029 4.13 -43.14 -9.59
N SER B 1030 3.11 -42.65 -10.28
CA SER B 1030 2.19 -43.56 -10.96
C SER B 1030 2.87 -44.35 -12.06
N GLU B 1031 3.72 -43.69 -12.85
CA GLU B 1031 4.31 -44.33 -14.03
C GLU B 1031 5.64 -45.01 -13.71
N CYS B 1032 6.59 -44.27 -13.13
CA CYS B 1032 7.91 -44.85 -12.89
C CYS B 1032 7.86 -45.93 -11.81
N VAL B 1033 7.07 -45.74 -10.77
CA VAL B 1033 7.08 -46.68 -9.64
C VAL B 1033 6.05 -47.79 -9.81
N LEU B 1034 4.80 -47.44 -10.06
CA LEU B 1034 3.75 -48.44 -10.16
C LEU B 1034 3.78 -49.20 -11.48
N GLY B 1035 4.71 -48.88 -12.37
CA GLY B 1035 4.84 -49.60 -13.60
C GLY B 1035 6.20 -49.35 -14.22
N GLN B 1036 6.38 -49.87 -15.42
CA GLN B 1036 7.59 -49.65 -16.19
C GLN B 1036 7.30 -48.61 -17.27
N SER B 1037 8.19 -47.63 -17.38
CA SER B 1037 7.97 -46.50 -18.28
C SER B 1037 8.70 -46.70 -19.59
N LYS B 1038 8.01 -46.42 -20.69
CA LYS B 1038 8.62 -46.52 -22.00
C LYS B 1038 9.04 -45.16 -22.56
N ARG B 1039 8.47 -44.07 -22.05
CA ARG B 1039 8.86 -42.75 -22.51
C ARG B 1039 10.26 -42.44 -22.03
N VAL B 1040 11.18 -42.27 -22.96
CA VAL B 1040 12.59 -42.21 -22.65
C VAL B 1040 12.91 -40.94 -21.88
N ASP B 1041 13.84 -41.06 -20.94
CA ASP B 1041 14.39 -39.96 -20.14
C ASP B 1041 13.39 -39.41 -19.14
N PHE B 1042 12.19 -39.98 -19.04
CA PHE B 1042 11.25 -39.52 -18.03
C PHE B 1042 11.64 -40.01 -16.64
N CYS B 1043 12.06 -41.27 -16.53
CA CYS B 1043 12.38 -41.84 -15.22
C CYS B 1043 13.87 -42.16 -15.13
N GLY B 1044 14.71 -41.24 -15.56
CA GLY B 1044 16.15 -41.40 -15.40
C GLY B 1044 16.84 -41.76 -16.70
N LYS B 1045 18.16 -41.58 -16.70
CA LYS B 1045 18.96 -41.87 -17.88
C LYS B 1045 19.00 -43.36 -18.16
N GLY B 1046 19.02 -43.72 -19.43
CA GLY B 1046 19.02 -45.10 -19.83
C GLY B 1046 17.63 -45.68 -19.91
N TYR B 1047 17.57 -46.94 -20.30
CA TYR B 1047 16.30 -47.66 -20.37
C TYR B 1047 15.80 -47.91 -18.97
N HIS B 1048 14.58 -47.44 -18.68
CA HIS B 1048 14.07 -47.53 -17.33
C HIS B 1048 13.69 -48.97 -17.00
N LEU B 1049 14.20 -49.47 -15.88
CA LEU B 1049 13.85 -50.79 -15.38
C LEU B 1049 12.78 -50.70 -14.30
N MET B 1050 13.05 -49.96 -13.23
CA MET B 1050 12.07 -49.79 -12.16
C MET B 1050 12.50 -48.61 -11.31
N SER B 1051 11.78 -48.37 -10.21
CA SER B 1051 12.15 -47.26 -9.36
C SER B 1051 11.56 -47.47 -7.99
N PHE B 1052 12.13 -46.75 -7.02
CA PHE B 1052 11.72 -46.85 -5.62
C PHE B 1052 11.41 -45.46 -5.09
N PRO B 1053 10.35 -45.29 -4.31
CA PRO B 1053 10.09 -44.00 -3.67
C PRO B 1053 10.67 -43.93 -2.28
N GLN B 1054 11.01 -42.71 -1.88
CA GLN B 1054 11.45 -42.41 -0.53
C GLN B 1054 10.86 -41.08 -0.13
N SER B 1055 10.58 -40.93 1.16
CA SER B 1055 9.98 -39.71 1.68
C SER B 1055 11.04 -38.82 2.30
N ALA B 1056 11.02 -37.54 1.95
CA ALA B 1056 11.90 -36.54 2.52
C ALA B 1056 11.04 -35.39 2.99
N PRO B 1057 11.54 -34.58 3.93
CA PRO B 1057 10.73 -33.47 4.44
C PRO B 1057 10.20 -32.58 3.33
N HIS B 1058 8.88 -32.61 3.14
CA HIS B 1058 8.21 -31.85 2.08
C HIS B 1058 8.76 -32.21 0.71
N GLY B 1059 8.89 -33.51 0.44
CA GLY B 1059 9.34 -33.91 -0.88
C GLY B 1059 9.45 -35.42 -0.99
N VAL B 1060 9.69 -35.86 -2.21
CA VAL B 1060 9.82 -37.27 -2.53
C VAL B 1060 11.10 -37.47 -3.34
N VAL B 1061 11.81 -38.57 -3.05
CA VAL B 1061 13.04 -38.91 -3.74
C VAL B 1061 12.81 -40.23 -4.46
N PHE B 1062 13.01 -40.23 -5.76
CA PHE B 1062 12.88 -41.45 -6.56
C PHE B 1062 14.28 -41.99 -6.86
N LEU B 1063 14.49 -43.25 -6.53
CA LEU B 1063 15.67 -43.97 -6.98
C LEU B 1063 15.31 -44.74 -8.22
N HIS B 1064 15.75 -44.27 -9.38
CA HIS B 1064 15.47 -44.91 -10.65
C HIS B 1064 16.55 -45.92 -10.94
N VAL B 1065 16.16 -47.18 -11.10
CA VAL B 1065 17.05 -48.26 -11.49
C VAL B 1065 16.88 -48.46 -12.99
N THR B 1066 17.95 -48.23 -13.74
CA THR B 1066 17.92 -48.24 -15.19
C THR B 1066 19.05 -49.11 -15.73
N TYR B 1067 18.88 -49.53 -16.97
CA TYR B 1067 19.80 -50.43 -17.65
C TYR B 1067 20.57 -49.63 -18.69
N VAL B 1068 21.87 -49.49 -18.51
CA VAL B 1068 22.70 -48.69 -19.39
C VAL B 1068 23.68 -49.62 -20.11
N PRO B 1069 23.66 -49.69 -21.43
CA PRO B 1069 24.59 -50.58 -22.14
C PRO B 1069 26.05 -50.20 -21.87
N ALA B 1070 26.90 -51.21 -21.92
CA ALA B 1070 28.32 -51.08 -21.59
C ALA B 1070 29.15 -51.39 -22.82
N GLN B 1071 30.45 -51.57 -22.62
CA GLN B 1071 31.43 -51.67 -23.69
C GLN B 1071 30.90 -52.42 -24.90
N GLU B 1072 31.06 -51.81 -26.06
CA GLU B 1072 30.44 -52.27 -27.29
C GLU B 1072 31.50 -52.62 -28.33
N LYS B 1073 31.08 -53.45 -29.28
CA LYS B 1073 31.90 -53.80 -30.43
C LYS B 1073 31.14 -53.46 -31.68
N ASN B 1074 31.83 -53.00 -32.71
CA ASN B 1074 31.11 -52.70 -33.93
C ASN B 1074 31.38 -53.76 -34.99
N PHE B 1075 30.31 -54.10 -35.71
CA PHE B 1075 30.26 -55.22 -36.62
C PHE B 1075 29.81 -54.73 -37.98
N THR B 1076 29.96 -55.59 -38.98
CA THR B 1076 29.48 -55.34 -40.33
C THR B 1076 28.09 -55.93 -40.48
N THR B 1077 27.17 -55.16 -41.06
CA THR B 1077 25.76 -55.53 -41.11
C THR B 1077 25.25 -55.53 -42.55
N ALA B 1078 23.96 -55.85 -42.67
CA ALA B 1078 23.26 -55.87 -43.94
C ALA B 1078 21.77 -55.95 -43.68
N PRO B 1079 20.95 -55.14 -44.36
CA PRO B 1079 19.52 -55.14 -44.07
C PRO B 1079 18.83 -56.48 -44.27
N ALA B 1080 19.26 -57.28 -45.23
CA ALA B 1080 18.59 -58.55 -45.50
C ALA B 1080 19.57 -59.56 -46.05
N ILE B 1081 19.16 -60.82 -46.05
CA ILE B 1081 20.00 -61.93 -46.46
C ILE B 1081 19.39 -62.58 -47.70
N CYS B 1082 20.20 -62.79 -48.73
CA CYS B 1082 19.73 -63.41 -49.95
C CYS B 1082 19.99 -64.91 -49.89
N HIS B 1083 18.98 -65.71 -50.17
CA HIS B 1083 19.11 -67.17 -50.18
C HIS B 1083 18.08 -67.75 -51.13
N ASP B 1084 18.55 -68.49 -52.14
CA ASP B 1084 17.67 -69.15 -53.10
C ASP B 1084 16.73 -68.15 -53.78
N GLY B 1085 17.25 -66.97 -54.08
CA GLY B 1085 16.42 -65.97 -54.72
C GLY B 1085 15.34 -65.39 -53.83
N LYS B 1086 15.48 -65.53 -52.53
CA LYS B 1086 14.52 -65.00 -51.58
C LYS B 1086 15.25 -64.13 -50.55
N ALA B 1087 14.57 -63.08 -50.10
CA ALA B 1087 15.13 -62.15 -49.14
C ALA B 1087 14.59 -62.47 -47.75
N HIS B 1088 15.50 -62.72 -46.81
CA HIS B 1088 15.15 -62.99 -45.43
C HIS B 1088 15.49 -61.78 -44.59
N PHE B 1089 14.53 -61.34 -43.79
CA PHE B 1089 14.72 -60.28 -42.82
C PHE B 1089 14.60 -60.85 -41.41
N PRO B 1090 15.27 -60.26 -40.43
CA PRO B 1090 15.20 -60.82 -39.07
C PRO B 1090 13.82 -60.61 -38.47
N ARG B 1091 13.28 -61.67 -37.88
CA ARG B 1091 12.02 -61.55 -37.16
C ARG B 1091 12.16 -60.55 -36.02
N GLU B 1092 13.18 -60.73 -35.20
CA GLU B 1092 13.52 -59.79 -34.13
C GLU B 1092 15.02 -59.77 -33.99
N GLY B 1093 15.61 -58.59 -34.14
CA GLY B 1093 17.05 -58.45 -34.05
C GLY B 1093 17.67 -57.94 -35.32
N VAL B 1094 18.98 -58.13 -35.41
CA VAL B 1094 19.80 -57.57 -36.47
C VAL B 1094 20.69 -58.68 -37.03
N PHE B 1095 21.10 -58.49 -38.27
CA PHE B 1095 22.17 -59.31 -38.85
C PHE B 1095 23.52 -58.65 -38.57
N VAL B 1096 24.46 -59.44 -38.06
CA VAL B 1096 25.81 -58.97 -37.82
C VAL B 1096 26.78 -59.99 -38.41
N SER B 1097 28.04 -59.59 -38.50
CA SER B 1097 29.06 -60.48 -39.02
C SER B 1097 30.38 -60.16 -38.34
N ASN B 1098 31.01 -61.18 -37.75
CA ASN B 1098 32.32 -61.00 -37.16
C ASN B 1098 33.41 -60.81 -38.20
N GLY B 1099 33.09 -60.99 -39.47
CA GLY B 1099 34.05 -60.81 -40.55
C GLY B 1099 33.97 -61.92 -41.57
N THR B 1100 33.63 -63.12 -41.10
CA THR B 1100 33.54 -64.29 -41.96
C THR B 1100 32.15 -64.91 -41.97
N HIS B 1101 31.50 -64.98 -40.81
CA HIS B 1101 30.20 -65.62 -40.69
C HIS B 1101 29.16 -64.60 -40.28
N TRP B 1102 27.90 -64.89 -40.58
CA TRP B 1102 26.79 -64.02 -40.24
C TRP B 1102 25.98 -64.61 -39.10
N PHE B 1103 25.36 -63.73 -38.32
CA PHE B 1103 24.59 -64.14 -37.16
C PHE B 1103 23.43 -63.18 -36.97
N VAL B 1104 22.47 -63.59 -36.16
CA VAL B 1104 21.32 -62.78 -35.78
C VAL B 1104 21.39 -62.53 -34.29
N THR B 1105 21.31 -61.26 -33.89
CA THR B 1105 21.40 -60.92 -32.47
C THR B 1105 20.46 -59.77 -32.16
N GLN B 1106 19.92 -59.79 -30.94
CA GLN B 1106 19.00 -58.72 -30.58
C GLN B 1106 19.76 -57.40 -30.44
N ARG B 1107 19.03 -56.29 -30.55
CA ARG B 1107 19.65 -55.00 -30.75
C ARG B 1107 20.50 -54.59 -29.56
N ASN B 1108 20.05 -54.90 -28.34
CA ASN B 1108 20.65 -54.33 -27.14
C ASN B 1108 21.65 -55.24 -26.46
N PHE B 1109 21.97 -56.39 -27.04
CA PHE B 1109 22.92 -57.30 -26.42
C PHE B 1109 23.48 -58.24 -27.48
N TYR B 1110 24.78 -58.46 -27.44
CA TYR B 1110 25.43 -59.28 -28.46
C TYR B 1110 25.25 -60.74 -28.10
N GLU B 1111 24.29 -61.40 -28.73
CA GLU B 1111 24.02 -62.82 -28.54
C GLU B 1111 23.92 -63.46 -29.92
N PRO B 1112 25.05 -63.67 -30.59
CA PRO B 1112 25.01 -64.19 -31.97
C PRO B 1112 24.39 -65.57 -32.02
N GLN B 1113 23.63 -65.82 -33.10
CA GLN B 1113 23.00 -67.10 -33.32
C GLN B 1113 23.03 -67.42 -34.81
N ILE B 1114 22.93 -68.70 -35.13
CA ILE B 1114 22.92 -69.14 -36.52
C ILE B 1114 21.64 -68.68 -37.18
N ILE B 1115 21.75 -68.12 -38.38
CA ILE B 1115 20.59 -67.63 -39.10
C ILE B 1115 19.77 -68.82 -39.58
N THR B 1116 18.62 -69.04 -38.97
CA THR B 1116 17.72 -70.12 -39.35
C THR B 1116 16.45 -69.54 -39.93
N THR B 1117 15.51 -70.42 -40.26
CA THR B 1117 14.19 -69.97 -40.71
C THR B 1117 13.31 -69.53 -39.55
N ASP B 1118 13.64 -69.94 -38.32
CA ASP B 1118 12.81 -69.58 -37.18
C ASP B 1118 12.92 -68.13 -36.77
N ASN B 1119 14.07 -67.48 -36.99
CA ASN B 1119 14.25 -66.09 -36.60
C ASN B 1119 14.27 -65.14 -37.79
N THR B 1120 13.94 -65.62 -38.98
CA THR B 1120 13.86 -64.77 -40.16
C THR B 1120 12.56 -65.05 -40.91
N PHE B 1121 12.03 -64.02 -41.54
CA PHE B 1121 10.85 -64.13 -42.38
C PHE B 1121 11.19 -63.68 -43.79
N VAL B 1122 10.54 -64.32 -44.76
CA VAL B 1122 10.84 -64.10 -46.17
C VAL B 1122 9.76 -63.23 -46.78
N SER B 1123 10.17 -62.35 -47.69
CA SER B 1123 9.22 -61.53 -48.45
C SER B 1123 9.92 -61.00 -49.68
N GLY B 1124 9.43 -61.40 -50.86
CA GLY B 1124 9.99 -60.93 -52.10
C GLY B 1124 11.29 -61.61 -52.47
N ASN B 1125 11.95 -61.04 -53.47
CA ASN B 1125 13.23 -61.52 -53.95
C ASN B 1125 14.31 -60.49 -53.67
N CYS B 1126 15.52 -60.77 -54.12
CA CYS B 1126 16.70 -59.98 -53.77
C CYS B 1126 16.95 -58.84 -54.73
N ASP B 1127 15.95 -58.41 -55.50
CA ASP B 1127 16.16 -57.41 -56.53
C ASP B 1127 15.74 -56.00 -56.12
N VAL B 1128 15.24 -55.81 -54.90
CA VAL B 1128 14.66 -54.54 -54.49
C VAL B 1128 15.46 -53.89 -53.37
N VAL B 1129 15.91 -54.66 -52.40
CA VAL B 1129 16.63 -54.11 -51.25
C VAL B 1129 18.03 -53.71 -51.67
N ILE B 1130 18.50 -52.57 -51.15
CA ILE B 1130 19.80 -52.05 -51.57
C ILE B 1130 20.92 -52.91 -51.04
N GLY B 1131 21.05 -53.01 -49.72
CA GLY B 1131 22.12 -53.79 -49.14
C GLY B 1131 21.75 -55.25 -48.99
N ILE B 1132 22.15 -56.06 -49.96
CA ILE B 1132 21.84 -57.48 -49.96
C ILE B 1132 23.13 -58.26 -50.05
N VAL B 1133 23.29 -59.24 -49.15
CA VAL B 1133 24.48 -60.07 -49.12
C VAL B 1133 24.06 -61.52 -49.30
N ASN B 1134 24.70 -62.21 -50.24
CA ASN B 1134 24.48 -63.64 -50.39
C ASN B 1134 24.91 -64.37 -49.13
N ASN B 1135 24.09 -65.30 -48.68
CA ASN B 1135 24.42 -66.15 -47.54
C ASN B 1135 23.49 -67.35 -47.54
N THR B 1136 23.64 -68.20 -46.55
CA THR B 1136 22.86 -69.42 -46.43
C THR B 1136 22.05 -69.39 -45.14
N VAL B 1137 20.80 -69.83 -45.22
CA VAL B 1137 19.90 -69.90 -44.07
C VAL B 1137 19.65 -71.37 -43.78
N TYR B 1138 20.09 -71.82 -42.60
CA TYR B 1138 20.01 -73.23 -42.24
C TYR B 1138 18.69 -73.50 -41.55
N ASP B 1139 17.80 -74.19 -42.23
CA ASP B 1139 16.58 -74.64 -41.57
C ASP B 1139 16.79 -76.00 -40.91
N PRO B 1140 16.35 -76.20 -39.67
CA PRO B 1140 16.58 -77.48 -39.01
C PRO B 1140 15.86 -78.64 -39.66
N LEU B 1141 14.81 -78.37 -40.43
CA LEU B 1141 13.94 -79.44 -40.92
C LEU B 1141 14.70 -80.41 -41.82
N GLN B 1142 15.41 -79.90 -42.81
CA GLN B 1142 16.08 -80.79 -43.76
C GLN B 1142 17.14 -81.66 -43.10
N PRO B 1143 18.09 -81.12 -42.32
CA PRO B 1143 19.03 -82.01 -41.62
C PRO B 1143 18.35 -82.94 -40.64
N GLU B 1144 17.24 -82.53 -40.02
CA GLU B 1144 16.59 -83.42 -39.07
C GLU B 1144 15.93 -84.60 -39.78
N LEU B 1145 15.34 -84.35 -40.95
CA LEU B 1145 14.63 -85.42 -41.67
C LEU B 1145 15.57 -86.48 -42.22
N ASP B 1146 16.76 -86.09 -42.68
CA ASP B 1146 17.70 -87.05 -43.26
C ASP B 1146 18.82 -87.37 -42.29
N GLN C 14 -15.79 59.47 -40.42
CA GLN C 14 -14.72 58.99 -41.30
C GLN C 14 -15.06 57.63 -41.89
N CYS C 15 -15.78 56.81 -41.11
CA CYS C 15 -16.18 55.49 -41.57
C CYS C 15 -17.21 55.59 -42.69
N VAL C 16 -16.96 54.88 -43.77
CA VAL C 16 -17.87 54.84 -44.91
C VAL C 16 -18.97 53.82 -44.64
N ASN C 17 -20.22 54.26 -44.74
CA ASN C 17 -21.37 53.37 -44.58
C ASN C 17 -21.60 52.64 -45.89
N LEU C 18 -20.91 51.51 -46.05
CA LEU C 18 -21.02 50.73 -47.28
C LEU C 18 -22.43 50.18 -47.42
N THR C 19 -23.01 50.36 -48.61
CA THR C 19 -24.38 49.97 -48.89
C THR C 19 -24.47 49.13 -50.15
N THR C 20 -25.70 48.91 -50.64
CA THR C 20 -25.95 48.14 -51.86
C THR C 20 -25.40 46.72 -51.75
N ARG C 21 -25.58 46.10 -50.58
CA ARG C 21 -25.14 44.73 -50.39
C ARG C 21 -26.05 43.77 -51.14
N THR C 22 -25.48 42.61 -51.48
CA THR C 22 -26.20 41.56 -52.18
C THR C 22 -26.54 40.42 -51.23
N GLN C 23 -27.80 39.98 -51.26
CA GLN C 23 -28.26 38.94 -50.37
C GLN C 23 -27.94 37.56 -50.94
N LEU C 24 -27.41 36.68 -50.10
CA LEU C 24 -27.08 35.32 -50.50
C LEU C 24 -26.94 34.43 -49.27
N PRO C 25 -27.59 33.26 -49.26
CA PRO C 25 -27.42 32.36 -48.13
C PRO C 25 -26.00 31.82 -48.06
N PRO C 26 -25.49 31.53 -46.86
CA PRO C 26 -24.15 30.95 -46.75
C PRO C 26 -24.10 29.56 -47.35
N ALA C 27 -22.94 29.22 -47.91
CA ALA C 27 -22.70 27.93 -48.52
C ALA C 27 -21.69 27.14 -47.72
N TYR C 28 -21.77 25.81 -47.82
CA TYR C 28 -20.91 24.92 -47.06
C TYR C 28 -20.20 23.97 -48.01
N THR C 29 -18.92 23.75 -47.75
CA THR C 29 -18.10 22.86 -48.56
C THR C 29 -17.33 21.91 -47.66
N ASN C 30 -17.00 20.75 -48.22
CA ASN C 30 -16.34 19.70 -47.45
C ASN C 30 -14.96 20.17 -46.99
N SER C 31 -14.62 19.87 -45.73
CA SER C 31 -13.32 20.23 -45.19
C SER C 31 -12.22 19.29 -45.67
N PHE C 32 -12.58 18.10 -46.15
CA PHE C 32 -11.61 17.10 -46.60
C PHE C 32 -10.73 16.73 -45.41
N THR C 33 -9.42 16.68 -45.56
CA THR C 33 -8.51 16.28 -44.49
C THR C 33 -7.52 17.39 -44.15
N ARG C 34 -7.98 18.62 -44.11
CA ARG C 34 -7.14 19.77 -43.79
C ARG C 34 -7.36 20.21 -42.36
N GLY C 35 -6.47 21.07 -41.88
CA GLY C 35 -6.55 21.60 -40.54
C GLY C 35 -5.68 20.92 -39.51
N VAL C 36 -4.62 20.24 -39.93
CA VAL C 36 -3.73 19.55 -39.01
C VAL C 36 -2.45 20.37 -38.84
N TYR C 37 -2.12 20.68 -37.59
CA TYR C 37 -0.96 21.49 -37.27
C TYR C 37 -0.13 20.79 -36.20
N TYR C 38 1.12 21.20 -36.07
CA TYR C 38 1.96 20.66 -35.02
C TYR C 38 1.41 21.12 -33.68
N PRO C 39 1.03 20.21 -32.78
CA PRO C 39 0.43 20.63 -31.50
C PRO C 39 1.41 21.32 -30.59
N ASP C 40 2.71 21.20 -30.85
CA ASP C 40 3.74 21.79 -30.01
C ASP C 40 5.04 21.84 -30.79
N LYS C 41 6.06 22.41 -30.16
CA LYS C 41 7.37 22.56 -30.79
C LYS C 41 8.23 21.32 -30.65
N VAL C 42 7.75 20.28 -29.98
CA VAL C 42 8.56 19.12 -29.66
C VAL C 42 8.81 18.30 -30.91
N PHE C 43 10.07 17.92 -31.13
CA PHE C 43 10.44 17.11 -32.27
C PHE C 43 10.22 15.63 -31.97
N ARG C 44 9.74 14.90 -32.97
CA ARG C 44 9.54 13.46 -32.89
C ARG C 44 9.88 12.85 -34.24
N SER C 45 10.16 11.55 -34.24
CA SER C 45 10.55 10.89 -35.48
C SER C 45 10.08 9.45 -35.49
N SER C 46 9.45 9.05 -36.60
CA SER C 46 9.03 7.66 -36.83
C SER C 46 8.13 7.14 -35.72
N VAL C 47 7.25 7.99 -35.19
CA VAL C 47 6.40 7.59 -34.07
C VAL C 47 4.96 7.97 -34.39
N LEU C 48 4.05 7.45 -33.58
CA LEU C 48 2.63 7.78 -33.65
C LEU C 48 2.23 8.36 -32.30
N HIS C 49 1.90 9.65 -32.27
CA HIS C 49 1.58 10.35 -31.03
C HIS C 49 0.10 10.67 -31.00
N SER C 50 -0.54 10.35 -29.88
CA SER C 50 -1.96 10.65 -29.67
C SER C 50 -2.07 11.86 -28.76
N THR C 51 -2.77 12.89 -29.22
CA THR C 51 -2.93 14.12 -28.45
C THR C 51 -4.37 14.60 -28.49
N GLN C 52 -4.87 15.08 -27.36
CA GLN C 52 -6.21 15.65 -27.27
C GLN C 52 -6.08 17.16 -27.26
N ASP C 53 -6.68 17.82 -28.25
CA ASP C 53 -6.52 19.25 -28.40
C ASP C 53 -7.65 19.78 -29.29
N LEU C 54 -7.73 21.10 -29.41
CA LEU C 54 -8.68 21.74 -30.30
C LEU C 54 -8.25 21.45 -31.74
N PHE C 55 -9.17 20.89 -32.54
CA PHE C 55 -8.87 20.56 -33.92
C PHE C 55 -10.07 20.79 -34.81
N LEU C 56 -9.81 20.76 -36.11
CA LEU C 56 -10.85 20.76 -37.13
C LEU C 56 -11.18 19.33 -37.50
N PRO C 57 -12.39 18.85 -37.26
CA PRO C 57 -12.71 17.45 -37.56
C PRO C 57 -12.56 17.16 -39.05
N PHE C 58 -12.14 15.95 -39.36
CA PHE C 58 -12.00 15.55 -40.74
C PHE C 58 -13.37 15.49 -41.40
N PHE C 59 -13.40 15.82 -42.70
CA PHE C 59 -14.63 15.77 -43.50
C PHE C 59 -15.72 16.64 -42.90
N SER C 60 -15.32 17.77 -42.32
CA SER C 60 -16.27 18.75 -41.81
C SER C 60 -16.79 19.60 -42.96
N ASN C 61 -17.72 20.48 -42.63
CA ASN C 61 -18.54 21.13 -43.64
C ASN C 61 -18.61 22.63 -43.32
N VAL C 62 -17.77 23.39 -44.00
CA VAL C 62 -17.29 24.69 -43.53
C VAL C 62 -17.83 25.80 -44.42
N THR C 63 -17.89 27.01 -43.87
CA THR C 63 -18.57 28.11 -44.54
C THR C 63 -17.68 28.73 -45.61
N TRP C 64 -18.29 29.01 -46.76
CA TRP C 64 -17.62 29.60 -47.91
C TRP C 64 -17.89 31.10 -47.96
N PHE C 65 -16.90 31.86 -48.41
CA PHE C 65 -17.11 33.27 -48.73
C PHE C 65 -16.29 33.64 -49.95
N HIS C 66 -16.88 34.46 -50.82
CA HIS C 66 -16.34 34.79 -52.12
C HIS C 66 -15.98 36.26 -52.22
N ALA C 67 -15.24 36.59 -53.28
CA ALA C 67 -14.98 37.98 -53.64
C ALA C 67 -14.87 38.02 -55.16
N ILE C 68 -15.93 38.48 -55.83
CA ILE C 68 -15.99 38.47 -57.28
C ILE C 68 -17.01 39.51 -57.73
N HIS C 69 -16.86 39.98 -58.96
CA HIS C 69 -17.80 40.93 -59.57
C HIS C 69 -18.00 40.51 -61.02
N VAL C 70 -19.16 39.89 -61.30
CA VAL C 70 -19.46 39.43 -62.64
C VAL C 70 -19.73 40.62 -63.55
N SER C 71 -19.06 40.68 -64.69
CA SER C 71 -19.24 41.77 -65.63
C SER C 71 -20.59 41.65 -66.34
N GLY C 72 -21.13 42.79 -66.75
CA GLY C 72 -22.39 42.87 -67.45
C GLY C 72 -23.46 43.56 -66.62
N THR C 73 -24.62 43.73 -67.24
CA THR C 73 -25.74 44.36 -66.57
C THR C 73 -26.29 43.45 -65.48
N ASN C 74 -26.49 44.02 -64.29
CA ASN C 74 -26.96 43.25 -63.12
C ASN C 74 -26.04 42.07 -62.83
N GLY C 75 -24.74 42.29 -63.00
CA GLY C 75 -23.79 41.23 -62.76
C GLY C 75 -23.68 40.88 -61.29
N THR C 76 -23.29 39.63 -61.03
CA THR C 76 -23.15 39.16 -59.66
C THR C 76 -21.93 39.82 -59.01
N LYS C 77 -22.18 40.57 -57.94
CA LYS C 77 -21.14 41.27 -57.19
C LYS C 77 -21.15 40.72 -55.77
N ARG C 78 -20.41 39.64 -55.56
CA ARG C 78 -20.33 38.98 -54.27
C ARG C 78 -19.11 39.49 -53.53
N PHE C 79 -19.35 40.28 -52.49
CA PHE C 79 -18.32 40.79 -51.59
C PHE C 79 -18.71 40.35 -50.18
N ASP C 80 -18.13 39.25 -49.73
CA ASP C 80 -18.56 38.58 -48.50
C ASP C 80 -17.59 38.95 -47.38
N ASN C 81 -18.02 39.86 -46.51
CA ASN C 81 -17.29 40.18 -45.27
C ASN C 81 -18.25 40.31 -44.08
N PRO C 82 -18.90 39.22 -43.68
CA PRO C 82 -19.73 39.27 -42.47
C PRO C 82 -18.88 39.21 -41.20
N VAL C 83 -19.52 39.52 -40.09
CA VAL C 83 -18.92 39.37 -38.77
C VAL C 83 -19.11 37.93 -38.32
N LEU C 84 -18.00 37.24 -38.04
CA LEU C 84 -18.06 35.82 -37.70
C LEU C 84 -17.53 35.58 -36.30
N PRO C 85 -18.20 34.75 -35.51
CA PRO C 85 -17.69 34.45 -34.16
C PRO C 85 -16.39 33.66 -34.21
N PHE C 86 -15.56 33.87 -33.20
CA PHE C 86 -14.31 33.13 -33.07
C PHE C 86 -14.50 31.76 -32.46
N ASN C 87 -15.49 31.62 -31.57
CA ASN C 87 -15.78 30.35 -30.89
C ASN C 87 -14.53 29.93 -30.13
N ASP C 88 -13.98 28.73 -30.36
CA ASP C 88 -12.80 28.28 -29.64
C ASP C 88 -11.67 27.96 -30.61
N GLY C 89 -11.42 28.87 -31.54
CA GLY C 89 -10.40 28.65 -32.55
C GLY C 89 -11.00 28.66 -33.94
N VAL C 90 -10.27 29.19 -34.91
CA VAL C 90 -10.80 29.36 -36.26
C VAL C 90 -9.76 28.87 -37.26
N TYR C 91 -10.22 28.08 -38.22
CA TYR C 91 -9.39 27.66 -39.36
C TYR C 91 -9.80 28.51 -40.56
N PHE C 92 -8.83 29.21 -41.14
CA PHE C 92 -9.07 30.19 -42.19
C PHE C 92 -8.24 29.78 -43.41
N ALA C 93 -8.91 29.36 -44.49
CA ALA C 93 -8.23 28.85 -45.67
C ALA C 93 -8.58 29.70 -46.88
N SER C 94 -7.62 30.48 -47.37
CA SER C 94 -7.86 31.43 -48.45
C SER C 94 -7.16 30.99 -49.73
N THR C 95 -7.91 30.99 -50.84
CA THR C 95 -7.36 30.79 -52.16
C THR C 95 -7.30 32.13 -52.88
N GLU C 96 -6.11 32.50 -53.35
CA GLU C 96 -5.80 33.87 -53.72
C GLU C 96 -4.86 33.95 -54.90
N LYS C 97 -5.05 35.07 -55.63
CA LYS C 97 -4.18 35.69 -56.64
C LYS C 97 -3.87 37.16 -56.44
N SER C 98 -4.47 37.82 -55.45
CA SER C 98 -4.18 39.23 -55.25
C SER C 98 -4.04 39.64 -53.80
N ASN C 99 -4.05 38.70 -52.85
CA ASN C 99 -3.89 38.98 -51.43
C ASN C 99 -4.96 39.98 -50.96
N ILE C 100 -6.21 39.64 -51.27
CA ILE C 100 -7.34 40.50 -50.86
C ILE C 100 -7.40 40.60 -49.35
N ILE C 101 -7.29 39.46 -48.66
CA ILE C 101 -7.33 39.47 -47.20
C ILE C 101 -6.06 40.10 -46.67
N ARG C 102 -6.22 41.15 -45.87
CA ARG C 102 -5.09 41.93 -45.39
C ARG C 102 -4.92 41.84 -43.88
N GLY C 103 -5.58 40.88 -43.23
CA GLY C 103 -5.42 40.71 -41.80
C GLY C 103 -6.73 40.37 -41.14
N TRP C 104 -6.78 40.60 -39.84
CA TRP C 104 -7.92 40.21 -39.01
C TRP C 104 -8.06 41.17 -37.84
N ILE C 105 -9.25 41.14 -37.23
CA ILE C 105 -9.52 41.87 -36.02
C ILE C 105 -10.17 40.91 -35.03
N PHE C 106 -9.94 41.18 -33.74
CA PHE C 106 -10.42 40.31 -32.68
C PHE C 106 -10.92 41.16 -31.51
N GLY C 107 -12.06 40.78 -30.96
CA GLY C 107 -12.62 41.49 -29.84
C GLY C 107 -14.00 40.97 -29.53
N THR C 108 -14.64 41.63 -28.55
CA THR C 108 -15.99 41.28 -28.14
C THR C 108 -16.98 42.36 -28.53
N THR C 109 -16.73 43.62 -28.16
CA THR C 109 -17.64 44.71 -28.50
C THR C 109 -17.23 45.43 -29.78
N LEU C 110 -16.00 45.24 -30.25
CA LEU C 110 -15.51 45.86 -31.48
C LEU C 110 -15.65 47.38 -31.46
N ASP C 111 -15.35 47.98 -30.31
CA ASP C 111 -15.38 49.43 -30.16
C ASP C 111 -14.26 49.85 -29.22
N SER C 112 -14.24 51.13 -28.89
CA SER C 112 -13.26 51.65 -27.94
C SER C 112 -13.59 51.30 -26.50
N LYS C 113 -14.78 50.74 -26.24
CA LYS C 113 -15.16 50.41 -24.87
C LYS C 113 -14.24 49.34 -24.29
N THR C 114 -13.90 48.33 -25.08
CA THR C 114 -13.09 47.21 -24.63
C THR C 114 -11.83 47.11 -25.48
N GLN C 115 -10.85 46.37 -24.96
CA GLN C 115 -9.61 46.15 -25.69
C GLN C 115 -9.85 45.32 -26.93
N SER C 116 -9.10 45.62 -27.99
CA SER C 116 -9.25 44.91 -29.25
C SER C 116 -7.88 44.64 -29.84
N LEU C 117 -7.81 43.62 -30.69
CA LEU C 117 -6.58 43.19 -31.34
C LEU C 117 -6.72 43.33 -32.84
N LEU C 118 -5.65 43.76 -33.50
CA LEU C 118 -5.67 44.00 -34.94
C LEU C 118 -4.38 43.48 -35.55
N ILE C 119 -4.52 42.58 -36.53
CA ILE C 119 -3.40 42.09 -37.33
C ILE C 119 -3.56 42.65 -38.72
N VAL C 120 -2.54 43.36 -39.21
CA VAL C 120 -2.60 44.05 -40.49
C VAL C 120 -1.37 43.71 -41.30
N ASN C 121 -1.54 43.56 -42.61
CA ASN C 121 -0.46 43.31 -43.55
C ASN C 121 -0.59 44.34 -44.66
N ASN C 122 0.19 45.42 -44.58
CA ASN C 122 0.16 46.47 -45.59
C ASN C 122 1.31 46.34 -46.59
N ALA C 123 1.62 45.10 -46.98
CA ALA C 123 2.66 44.74 -47.92
C ALA C 123 4.06 45.04 -47.40
N THR C 124 4.18 45.43 -46.13
CA THR C 124 5.48 45.65 -45.50
C THR C 124 5.72 44.70 -44.35
N ASN C 125 4.81 44.63 -43.38
CA ASN C 125 5.01 43.80 -42.20
C ASN C 125 3.67 43.29 -41.70
N VAL C 126 3.73 42.21 -40.93
CA VAL C 126 2.57 41.66 -40.23
C VAL C 126 2.56 42.34 -38.85
N VAL C 127 1.81 43.42 -38.75
CA VAL C 127 1.80 44.25 -37.54
C VAL C 127 0.60 43.87 -36.69
N ILE C 128 0.84 43.59 -35.42
CA ILE C 128 -0.20 43.24 -34.45
C ILE C 128 -0.26 44.35 -33.41
N LYS C 129 -1.46 44.84 -33.15
CA LYS C 129 -1.67 45.94 -32.21
C LYS C 129 -2.79 45.56 -31.25
N VAL C 130 -2.66 45.99 -30.00
CA VAL C 130 -3.66 45.76 -28.97
C VAL C 130 -4.09 47.13 -28.46
N CYS C 131 -5.24 47.61 -28.95
CA CYS C 131 -5.73 48.93 -28.59
C CYS C 131 -7.26 48.91 -28.60
N GLU C 132 -7.84 49.94 -28.00
CA GLU C 132 -9.29 50.15 -28.03
C GLU C 132 -9.67 50.82 -29.34
N PHE C 133 -9.43 50.11 -30.43
CA PHE C 133 -9.75 50.62 -31.75
C PHE C 133 -11.26 50.75 -31.91
N GLN C 134 -11.70 51.92 -32.38
CA GLN C 134 -13.13 52.15 -32.62
C GLN C 134 -13.46 51.61 -34.01
N PHE C 135 -13.79 50.33 -34.06
CA PHE C 135 -14.14 49.69 -35.32
C PHE C 135 -15.39 50.32 -35.91
N CYS C 136 -15.37 50.51 -37.23
CA CYS C 136 -16.51 51.07 -37.92
C CYS C 136 -17.58 50.00 -38.13
N ASN C 137 -18.71 50.42 -38.70
CA ASN C 137 -19.75 49.46 -39.07
C ASN C 137 -19.25 48.52 -40.15
N ASP C 138 -18.55 49.06 -41.15
CA ASP C 138 -17.94 48.27 -42.22
C ASP C 138 -16.49 48.70 -42.37
N PRO C 139 -15.62 48.31 -41.43
CA PRO C 139 -14.20 48.63 -41.55
C PRO C 139 -13.60 47.97 -42.78
N PHE C 140 -12.67 48.67 -43.42
CA PHE C 140 -12.08 48.13 -44.65
C PHE C 140 -10.79 48.87 -44.97
N LEU C 141 -10.21 48.53 -46.12
CA LEU C 141 -9.03 49.18 -46.66
C LEU C 141 -9.31 49.60 -48.10
N GLY C 142 -8.67 50.68 -48.53
CA GLY C 142 -8.83 51.17 -49.88
C GLY C 142 -7.51 51.51 -50.54
N VAL C 143 -7.29 50.98 -51.73
CA VAL C 143 -6.07 51.25 -52.49
C VAL C 143 -6.45 51.97 -53.77
N TYR C 144 -5.89 53.16 -53.96
CA TYR C 144 -6.15 53.96 -55.15
C TYR C 144 -5.21 53.52 -56.27
N TYR C 145 -5.78 53.28 -57.45
CA TYR C 145 -4.99 52.86 -58.61
C TYR C 145 -4.75 54.07 -59.50
N HIS C 146 -3.48 54.37 -59.76
CA HIS C 146 -3.09 55.49 -60.61
C HIS C 146 -2.78 54.96 -62.00
N LYS C 147 -3.77 55.02 -62.90
CA LYS C 147 -3.62 54.42 -64.22
C LYS C 147 -2.67 55.22 -65.10
N ASN C 148 -2.46 56.51 -64.80
CA ASN C 148 -1.65 57.35 -65.67
C ASN C 148 -0.22 56.84 -65.77
N ASN C 149 0.39 56.49 -64.64
CA ASN C 149 1.75 55.99 -64.63
C ASN C 149 1.89 54.64 -63.94
N LYS C 150 0.78 53.95 -63.66
CA LYS C 150 0.80 52.61 -63.07
C LYS C 150 1.53 52.60 -61.74
N SER C 151 1.12 53.51 -60.85
CA SER C 151 1.76 53.69 -59.55
C SER C 151 0.87 53.05 -58.48
N TRP C 152 1.50 52.24 -57.62
CA TRP C 152 0.79 51.44 -56.63
C TRP C 152 1.14 51.95 -55.23
N MET C 153 0.13 52.38 -54.48
CA MET C 153 0.35 52.84 -53.11
C MET C 153 -0.88 52.50 -52.26
N GLU C 154 -0.63 52.12 -51.01
CA GLU C 154 -1.72 51.99 -50.05
C GLU C 154 -2.22 53.38 -49.68
N SER C 155 -3.54 53.54 -49.67
CA SER C 155 -4.10 54.88 -49.58
C SER C 155 -4.95 55.11 -48.32
N GLU C 156 -5.87 54.21 -48.02
CA GLU C 156 -6.89 54.48 -47.01
C GLU C 156 -7.06 53.27 -46.11
N PHE C 157 -7.20 53.52 -44.81
CA PHE C 157 -7.49 52.48 -43.83
C PHE C 157 -8.68 52.95 -43.00
N ARG C 158 -9.86 52.46 -43.36
CA ARG C 158 -11.09 52.74 -42.62
C ARG C 158 -11.46 51.52 -41.76
N VAL C 159 -10.44 50.93 -41.16
CA VAL C 159 -10.65 49.83 -40.22
C VAL C 159 -10.97 50.36 -38.81
N TYR C 160 -10.31 51.43 -38.38
CA TYR C 160 -10.61 52.05 -37.10
C TYR C 160 -10.57 53.56 -37.26
N SER C 161 -11.38 54.24 -36.45
CA SER C 161 -11.42 55.69 -36.49
C SER C 161 -10.52 56.34 -35.45
N SER C 162 -10.16 55.62 -34.39
CA SER C 162 -9.36 56.20 -33.33
C SER C 162 -8.59 55.09 -32.63
N ALA C 163 -7.45 55.45 -32.03
CA ALA C 163 -6.63 54.52 -31.28
C ALA C 163 -6.52 54.97 -29.83
N ASN C 164 -6.98 54.13 -28.90
CA ASN C 164 -6.94 54.47 -27.49
C ASN C 164 -6.38 53.31 -26.68
N ASN C 165 -5.75 53.64 -25.55
CA ASN C 165 -5.01 52.68 -24.74
C ASN C 165 -4.13 51.76 -25.58
N CYS C 166 -3.09 52.34 -26.16
CA CYS C 166 -2.04 51.53 -26.75
C CYS C 166 -1.39 50.70 -25.64
N THR C 167 -1.40 49.38 -25.81
CA THR C 167 -0.94 48.46 -24.78
C THR C 167 0.15 47.52 -25.26
N PHE C 168 0.08 47.05 -26.51
CA PHE C 168 1.08 46.15 -27.05
C PHE C 168 1.12 46.32 -28.57
N GLU C 169 2.32 46.25 -29.13
CA GLU C 169 2.49 46.33 -30.57
C GLU C 169 3.70 45.52 -30.98
N TYR C 170 3.53 44.70 -32.02
CA TYR C 170 4.60 43.88 -32.56
C TYR C 170 4.61 44.03 -34.07
N VAL C 171 5.82 44.01 -34.63
CA VAL C 171 6.03 44.11 -36.07
C VAL C 171 6.84 42.90 -36.52
N SER C 172 6.35 42.21 -37.54
CA SER C 172 7.01 41.02 -38.05
C SER C 172 8.18 41.41 -38.95
N GLN C 173 8.77 40.43 -39.60
CA GLN C 173 9.86 40.70 -40.52
C GLN C 173 9.33 41.41 -41.76
N PRO C 174 10.13 42.27 -42.40
CA PRO C 174 9.68 42.94 -43.62
C PRO C 174 9.59 41.99 -44.79
N PHE C 175 8.72 42.34 -45.73
CA PHE C 175 8.54 41.57 -46.96
C PHE C 175 7.82 42.44 -47.97
N LEU C 176 7.58 41.88 -49.16
CA LEU C 176 6.92 42.59 -50.25
C LEU C 176 6.13 41.56 -51.06
N MET C 177 4.81 41.64 -50.97
CA MET C 177 3.92 40.78 -51.74
C MET C 177 3.28 41.57 -52.87
N ASP C 178 3.34 41.00 -54.08
CA ASP C 178 2.77 41.66 -55.25
C ASP C 178 1.26 41.57 -55.24
N LEU C 179 0.60 42.70 -55.47
CA LEU C 179 -0.85 42.77 -55.51
C LEU C 179 -1.40 42.81 -56.92
N GLU C 180 -0.57 42.59 -57.93
CA GLU C 180 -1.03 42.60 -59.31
C GLU C 180 -1.86 41.36 -59.59
N GLY C 181 -3.04 41.56 -60.16
CA GLY C 181 -3.90 40.44 -60.50
C GLY C 181 -3.32 39.61 -61.63
N LYS C 182 -3.59 38.31 -61.58
CA LYS C 182 -3.11 37.37 -62.58
C LYS C 182 -4.27 36.54 -63.12
N GLN C 183 -4.13 36.11 -64.37
CA GLN C 183 -5.13 35.31 -65.05
C GLN C 183 -4.70 33.85 -65.05
N GLY C 184 -5.66 32.97 -64.81
CA GLY C 184 -5.41 31.54 -64.77
C GLY C 184 -5.88 30.91 -63.48
N ASN C 185 -5.38 29.70 -63.24
CA ASN C 185 -5.80 28.93 -62.07
C ASN C 185 -5.25 29.53 -60.79
N PHE C 186 -5.94 29.24 -59.68
CA PHE C 186 -5.48 29.70 -58.38
C PHE C 186 -4.15 29.04 -58.04
N LYS C 187 -3.23 29.83 -57.47
CA LYS C 187 -1.97 29.28 -57.02
C LYS C 187 -1.69 29.50 -55.55
N ASN C 188 -2.21 30.57 -54.93
CA ASN C 188 -1.91 30.81 -53.53
C ASN C 188 -2.98 30.17 -52.66
N LEU C 189 -2.57 29.27 -51.76
CA LEU C 189 -3.48 28.70 -50.78
C LEU C 189 -2.85 28.91 -49.40
N ARG C 190 -3.43 29.80 -48.62
CA ARG C 190 -2.91 30.15 -47.30
C ARG C 190 -3.85 29.59 -46.25
N GLU C 191 -3.34 28.71 -45.39
CA GLU C 191 -4.11 28.13 -44.31
C GLU C 191 -3.58 28.65 -42.99
N PHE C 192 -4.49 29.13 -42.14
CA PHE C 192 -4.13 29.68 -40.85
C PHE C 192 -5.03 29.09 -39.78
N VAL C 193 -4.46 28.90 -38.60
CA VAL C 193 -5.21 28.42 -37.44
C VAL C 193 -5.00 29.41 -36.31
N PHE C 194 -6.10 29.91 -35.76
CA PHE C 194 -6.07 30.90 -34.67
C PHE C 194 -6.65 30.26 -33.42
N LYS C 195 -5.88 30.30 -32.34
CA LYS C 195 -6.33 29.80 -31.05
C LYS C 195 -6.08 30.85 -29.99
N ASN C 196 -6.98 30.91 -29.01
CA ASN C 196 -6.87 31.87 -27.89
C ASN C 196 -7.16 31.10 -26.61
N ILE C 197 -6.12 30.54 -26.00
CA ILE C 197 -6.28 29.69 -24.82
C ILE C 197 -5.26 30.08 -23.76
N ASP C 198 -5.72 30.12 -22.50
CA ASP C 198 -4.86 30.35 -21.34
C ASP C 198 -4.12 31.68 -21.47
N GLY C 199 -4.81 32.69 -21.99
CA GLY C 199 -4.18 33.99 -22.17
C GLY C 199 -3.14 34.04 -23.26
N TYR C 200 -3.07 33.02 -24.11
CA TYR C 200 -2.10 32.94 -25.19
C TYR C 200 -2.82 32.91 -26.52
N PHE C 201 -2.38 33.75 -27.46
CA PHE C 201 -2.89 33.75 -28.82
C PHE C 201 -1.87 33.06 -29.71
N LYS C 202 -2.27 31.94 -30.29
CA LYS C 202 -1.39 31.13 -31.12
C LYS C 202 -1.89 31.16 -32.56
N ILE C 203 -1.00 31.56 -33.47
CA ILE C 203 -1.28 31.61 -34.90
C ILE C 203 -0.33 30.64 -35.58
N TYR C 204 -0.91 29.68 -36.29
CA TYR C 204 -0.15 28.72 -37.10
C TYR C 204 -0.51 28.93 -38.56
N SER C 205 0.45 28.67 -39.45
CA SER C 205 0.23 29.00 -40.85
C SER C 205 0.89 27.97 -41.76
N LYS C 206 0.44 27.97 -43.01
CA LYS C 206 1.09 27.20 -44.06
C LYS C 206 0.66 27.76 -45.42
N HIS C 207 1.62 27.91 -46.32
CA HIS C 207 1.38 28.40 -47.67
C HIS C 207 1.62 27.28 -48.66
N THR C 208 0.75 27.19 -49.68
CA THR C 208 0.85 26.12 -50.65
C THR C 208 0.62 26.65 -52.07
N PRO C 209 1.50 26.31 -53.01
CA PRO C 209 1.20 26.52 -54.43
C PRO C 209 0.43 25.33 -54.99
N ILE C 210 -0.76 25.58 -55.52
CA ILE C 210 -1.65 24.51 -55.96
C ILE C 210 -1.92 24.67 -57.45
N ASN C 211 -2.17 23.54 -58.11
CA ASN C 211 -2.48 23.49 -59.54
C ASN C 211 -3.81 22.75 -59.68
N LEU C 212 -4.91 23.48 -59.54
CA LEU C 212 -6.24 22.89 -59.58
C LEU C 212 -7.23 24.00 -59.89
N VAL C 213 -8.46 23.58 -60.22
CA VAL C 213 -9.52 24.51 -60.57
C VAL C 213 -10.64 24.58 -59.54
N ARG C 214 -10.80 23.56 -58.70
CA ARG C 214 -11.88 23.58 -57.73
C ARG C 214 -11.51 22.71 -56.54
N ASP C 215 -12.20 22.95 -55.42
CA ASP C 215 -12.07 22.17 -54.20
C ASP C 215 -10.69 22.29 -53.58
N LEU C 216 -10.48 21.56 -52.48
CA LEU C 216 -9.22 21.52 -51.76
C LEU C 216 -8.47 20.23 -52.08
N PRO C 217 -7.14 20.27 -52.14
CA PRO C 217 -6.40 19.08 -52.58
C PRO C 217 -6.49 17.94 -51.59
N GLN C 218 -6.48 16.72 -52.11
CA GLN C 218 -6.56 15.53 -51.27
C GLN C 218 -5.26 15.30 -50.51
N GLY C 219 -4.19 15.99 -50.89
CA GLY C 219 -2.92 15.82 -50.21
C GLY C 219 -2.98 16.30 -48.78
N PHE C 220 -2.09 15.77 -47.95
CA PHE C 220 -2.06 16.07 -46.54
C PHE C 220 -0.88 16.99 -46.23
N SER C 221 -1.16 18.09 -45.54
CA SER C 221 -0.14 19.06 -45.18
C SER C 221 -0.29 19.46 -43.72
N ALA C 222 0.83 19.76 -43.09
CA ALA C 222 0.87 20.15 -41.69
C ALA C 222 1.15 21.63 -41.57
N LEU C 223 0.47 22.29 -40.62
CA LEU C 223 0.62 23.73 -40.42
C LEU C 223 1.67 23.98 -39.34
N GLU C 224 2.77 24.61 -39.72
CA GLU C 224 3.81 24.94 -38.77
C GLU C 224 3.38 26.11 -37.90
N PRO C 225 3.80 26.14 -36.63
CA PRO C 225 3.49 27.30 -35.79
C PRO C 225 4.19 28.55 -36.30
N LEU C 226 3.55 29.69 -36.10
CA LEU C 226 4.10 30.97 -36.53
C LEU C 226 4.36 31.91 -35.36
N VAL C 227 3.35 32.19 -34.53
CA VAL C 227 3.53 33.08 -33.38
C VAL C 227 2.69 32.60 -32.20
N ASP C 228 3.26 32.74 -30.99
CA ASP C 228 2.53 32.53 -29.74
C ASP C 228 2.73 33.79 -28.88
N LEU C 229 1.70 34.61 -28.78
CA LEU C 229 1.77 35.85 -28.02
C LEU C 229 1.10 35.69 -26.67
N PRO C 230 1.78 36.01 -25.57
CA PRO C 230 1.14 36.02 -24.23
C PRO C 230 0.41 37.33 -23.96
N ILE C 231 -0.79 37.44 -24.50
CA ILE C 231 -1.54 38.69 -24.41
C ILE C 231 -2.63 38.60 -23.35
N GLY C 232 -3.58 37.70 -23.54
CA GLY C 232 -4.63 37.48 -22.54
C GLY C 232 -5.70 38.55 -22.45
N ILE C 233 -6.53 38.66 -23.49
CA ILE C 233 -7.56 39.70 -23.57
C ILE C 233 -8.90 39.08 -23.91
N ASN C 234 -9.94 39.92 -23.86
CA ASN C 234 -11.26 39.53 -24.36
C ASN C 234 -11.17 39.20 -25.84
N ILE C 235 -11.48 37.95 -26.21
CA ILE C 235 -11.67 37.57 -27.61
C ILE C 235 -12.81 36.57 -27.66
N THR C 236 -13.88 36.92 -28.39
CA THR C 236 -15.02 36.05 -28.61
C THR C 236 -15.38 36.01 -30.08
N ARG C 237 -15.10 37.08 -30.81
CA ARG C 237 -15.47 37.20 -32.21
C ARG C 237 -14.25 37.63 -33.03
N PHE C 238 -14.44 37.69 -34.34
CA PHE C 238 -13.40 38.13 -35.24
C PHE C 238 -14.04 38.57 -36.55
N GLN C 239 -13.21 39.12 -37.43
CA GLN C 239 -13.67 39.64 -38.71
C GLN C 239 -12.48 39.73 -39.65
N THR C 240 -12.67 39.24 -40.87
CA THR C 240 -11.64 39.34 -41.90
C THR C 240 -11.58 40.77 -42.44
N LEU C 241 -10.43 41.12 -43.01
CA LEU C 241 -10.20 42.45 -43.54
C LEU C 241 -9.90 42.36 -45.03
N LEU C 242 -10.63 43.14 -45.82
CA LEU C 242 -10.49 43.16 -47.27
C LEU C 242 -10.12 44.55 -47.73
N ALA C 243 -9.28 44.61 -48.76
CA ALA C 243 -8.83 45.88 -49.34
C ALA C 243 -9.47 46.03 -50.72
N LEU C 244 -10.44 46.94 -50.82
CA LEU C 244 -11.10 47.20 -52.08
C LEU C 244 -10.26 48.13 -52.96
N HIS C 245 -10.60 48.17 -54.24
CA HIS C 245 -9.84 48.91 -55.23
C HIS C 245 -10.69 50.01 -55.83
N ARG C 246 -10.14 51.23 -55.89
CA ARG C 246 -10.79 52.37 -56.51
C ARG C 246 -9.95 52.79 -57.70
N SER C 247 -10.59 52.87 -58.88
CA SER C 247 -9.88 53.19 -60.11
C SER C 247 -10.85 53.88 -61.06
N TYR C 248 -10.42 54.05 -62.31
CA TYR C 248 -11.24 54.72 -63.32
C TYR C 248 -12.50 53.92 -63.65
N LEU C 249 -12.51 52.62 -63.38
CA LEU C 249 -13.68 51.80 -63.71
C LEU C 249 -14.89 52.15 -62.85
N THR C 250 -14.68 52.77 -61.68
CA THR C 250 -15.76 53.11 -60.76
C THR C 250 -15.67 54.60 -60.44
N PRO C 251 -16.17 55.46 -61.34
CA PRO C 251 -16.13 56.89 -61.08
C PRO C 251 -17.02 57.28 -59.92
N GLY C 252 -16.61 58.33 -59.20
CA GLY C 252 -17.34 58.85 -58.07
C GLY C 252 -16.45 58.97 -56.86
N ASP C 253 -17.07 59.13 -55.70
CA ASP C 253 -16.37 59.24 -54.44
C ASP C 253 -16.13 57.85 -53.86
N SER C 254 -15.66 57.80 -52.60
CA SER C 254 -15.37 56.51 -51.97
C SER C 254 -16.63 55.77 -51.54
N SER C 255 -17.79 56.45 -51.56
CA SER C 255 -19.02 55.84 -51.06
C SER C 255 -19.46 54.66 -51.94
N SER C 256 -19.37 54.80 -53.26
CA SER C 256 -19.85 53.78 -54.17
C SER C 256 -18.78 53.25 -55.13
N GLY C 257 -17.69 53.98 -55.34
CA GLY C 257 -16.66 53.53 -56.26
C GLY C 257 -15.71 52.53 -55.64
N TRP C 258 -16.19 51.30 -55.46
CA TRP C 258 -15.36 50.26 -54.86
C TRP C 258 -15.62 48.94 -55.57
N THR C 259 -14.61 48.07 -55.54
CA THR C 259 -14.71 46.75 -56.15
C THR C 259 -13.71 45.82 -55.47
N ALA C 260 -13.92 44.52 -55.67
CA ALA C 260 -13.07 43.49 -55.07
C ALA C 260 -12.64 42.51 -56.15
N GLY C 261 -11.37 42.11 -56.12
CA GLY C 261 -10.89 41.13 -57.05
C GLY C 261 -11.34 39.72 -56.69
N ALA C 262 -11.20 38.82 -57.66
CA ALA C 262 -11.66 37.44 -57.47
C ALA C 262 -10.75 36.71 -56.49
N ALA C 263 -11.34 36.13 -55.45
CA ALA C 263 -10.64 35.35 -54.44
C ALA C 263 -11.68 34.63 -53.60
N ALA C 264 -11.23 33.70 -52.77
CA ALA C 264 -12.21 33.00 -51.93
C ALA C 264 -11.56 32.60 -50.62
N TYR C 265 -12.39 32.35 -49.61
CA TYR C 265 -11.87 31.82 -48.36
C TYR C 265 -12.92 30.96 -47.68
N TYR C 266 -12.44 30.13 -46.76
CA TYR C 266 -13.23 29.12 -46.06
C TYR C 266 -13.00 29.30 -44.57
N VAL C 267 -14.08 29.20 -43.80
CA VAL C 267 -14.04 29.35 -42.35
C VAL C 267 -14.52 28.06 -41.72
N GLY C 268 -13.70 27.51 -40.80
CA GLY C 268 -14.08 26.34 -40.06
C GLY C 268 -13.79 26.53 -38.58
N TYR C 269 -14.42 25.68 -37.77
CA TYR C 269 -14.40 25.82 -36.33
C TYR C 269 -13.87 24.55 -35.68
N LEU C 270 -13.05 24.72 -34.65
CA LEU C 270 -12.41 23.62 -33.96
C LEU C 270 -13.20 23.25 -32.71
N GLN C 271 -12.97 22.03 -32.21
CA GLN C 271 -13.41 21.66 -30.88
C GLN C 271 -12.44 20.61 -30.34
N PRO C 272 -12.53 20.26 -29.04
CA PRO C 272 -11.60 19.26 -28.50
C PRO C 272 -11.82 17.87 -29.08
N ARG C 273 -10.85 17.40 -29.86
CA ARG C 273 -10.82 16.04 -30.36
C ARG C 273 -9.47 15.43 -30.09
N THR C 274 -9.42 14.11 -30.13
CA THR C 274 -8.18 13.35 -29.98
C THR C 274 -7.70 12.94 -31.37
N PHE C 275 -6.46 13.29 -31.69
CA PHE C 275 -5.89 13.04 -32.99
C PHE C 275 -4.63 12.19 -32.84
N LEU C 276 -4.43 11.27 -33.78
CA LEU C 276 -3.23 10.46 -33.86
C LEU C 276 -2.40 11.00 -35.01
N LEU C 277 -1.16 11.38 -34.73
CA LEU C 277 -0.29 12.02 -35.71
C LEU C 277 0.93 11.15 -35.95
N LYS C 278 1.28 10.96 -37.22
CA LYS C 278 2.40 10.13 -37.62
C LYS C 278 3.59 11.02 -37.94
N TYR C 279 4.60 11.03 -37.06
CA TYR C 279 5.85 11.70 -37.35
C TYR C 279 6.75 10.72 -38.10
N ASN C 280 7.14 11.10 -39.31
CA ASN C 280 7.99 10.24 -40.12
C ASN C 280 9.42 10.30 -39.62
N GLU C 281 10.30 9.57 -40.31
CA GLU C 281 11.72 9.55 -39.95
C GLU C 281 12.36 10.93 -40.04
N ASN C 282 11.80 11.82 -40.86
CA ASN C 282 12.35 13.15 -41.06
C ASN C 282 11.80 14.14 -40.04
N GLY C 283 10.86 13.72 -39.21
CA GLY C 283 10.21 14.60 -38.26
C GLY C 283 9.05 15.40 -38.81
N THR C 284 8.57 15.09 -40.00
CA THR C 284 7.50 15.82 -40.64
C THR C 284 6.20 15.05 -40.47
N ILE C 285 5.14 15.77 -40.10
CA ILE C 285 3.83 15.15 -39.94
C ILE C 285 3.29 14.78 -41.31
N THR C 286 3.19 13.48 -41.58
CA THR C 286 2.75 13.01 -42.88
C THR C 286 1.33 12.47 -42.91
N ASP C 287 0.75 12.16 -41.75
CA ASP C 287 -0.62 11.67 -41.73
C ASP C 287 -1.22 11.88 -40.35
N ALA C 288 -2.54 11.97 -40.30
CA ALA C 288 -3.27 12.15 -39.06
C ALA C 288 -4.57 11.37 -39.13
N VAL C 289 -5.08 10.99 -37.96
CA VAL C 289 -6.30 10.21 -37.84
C VAL C 289 -7.16 10.82 -36.74
N ASP C 290 -8.41 11.10 -37.05
CA ASP C 290 -9.35 11.65 -36.09
C ASP C 290 -10.04 10.49 -35.37
N CYS C 291 -9.89 10.44 -34.04
CA CYS C 291 -10.32 9.27 -33.29
C CYS C 291 -11.83 9.05 -33.38
N ALA C 292 -12.61 10.12 -33.30
CA ALA C 292 -14.06 10.00 -33.24
C ALA C 292 -14.74 10.15 -34.60
N LEU C 293 -13.98 10.09 -35.69
CA LEU C 293 -14.57 10.27 -37.01
C LEU C 293 -15.47 9.10 -37.38
N ASP C 294 -14.98 7.88 -37.23
CA ASP C 294 -15.71 6.68 -37.62
C ASP C 294 -15.10 5.49 -36.92
N PRO C 295 -15.82 4.37 -36.83
CA PRO C 295 -15.31 3.23 -36.04
C PRO C 295 -13.94 2.75 -36.45
N LEU C 296 -13.62 2.75 -37.74
CA LEU C 296 -12.29 2.32 -38.17
C LEU C 296 -11.21 3.20 -37.58
N SER C 297 -11.43 4.52 -37.60
CA SER C 297 -10.45 5.43 -37.00
C SER C 297 -10.42 5.27 -35.49
N GLU C 298 -11.55 4.94 -34.87
CA GLU C 298 -11.53 4.65 -33.44
C GLU C 298 -10.64 3.46 -33.14
N THR C 299 -10.75 2.40 -33.95
CA THR C 299 -9.87 1.25 -33.78
C THR C 299 -8.42 1.64 -34.00
N LYS C 300 -8.15 2.47 -35.00
CA LYS C 300 -6.79 2.91 -35.26
C LYS C 300 -6.21 3.66 -34.06
N CYS C 301 -7.01 4.54 -33.47
CA CYS C 301 -6.56 5.24 -32.27
C CYS C 301 -6.33 4.28 -31.12
N THR C 302 -7.22 3.30 -30.95
CA THR C 302 -7.09 2.36 -29.84
C THR C 302 -5.81 1.54 -29.96
N LEU C 303 -5.51 1.05 -31.16
CA LEU C 303 -4.32 0.24 -31.36
C LEU C 303 -3.04 1.05 -31.52
N LYS C 304 -3.14 2.38 -31.58
CA LYS C 304 -1.98 3.24 -31.79
C LYS C 304 -1.23 2.86 -33.06
N SER C 305 -1.99 2.52 -34.10
CA SER C 305 -1.41 2.09 -35.36
C SER C 305 -2.30 2.56 -36.50
N PHE C 306 -1.68 2.79 -37.66
CA PHE C 306 -2.40 3.23 -38.84
C PHE C 306 -2.96 2.09 -39.67
N THR C 307 -2.59 0.85 -39.37
CA THR C 307 -3.15 -0.31 -40.03
C THR C 307 -3.55 -1.34 -38.99
N VAL C 308 -4.64 -2.04 -39.26
CA VAL C 308 -5.14 -3.08 -38.38
C VAL C 308 -5.33 -4.36 -39.19
N GLU C 309 -4.98 -5.49 -38.59
CA GLU C 309 -5.16 -6.78 -39.22
C GLU C 309 -6.56 -7.32 -38.91
N LYS C 310 -6.91 -8.43 -39.56
CA LYS C 310 -8.23 -9.01 -39.37
C LYS C 310 -8.41 -9.41 -37.92
N GLY C 311 -9.54 -9.02 -37.34
CA GLY C 311 -9.83 -9.38 -35.97
C GLY C 311 -10.89 -8.47 -35.39
N ILE C 312 -11.28 -8.78 -34.15
CA ILE C 312 -12.27 -8.02 -33.40
C ILE C 312 -11.54 -7.28 -32.30
N TYR C 313 -11.82 -5.98 -32.18
CA TYR C 313 -11.17 -5.13 -31.20
C TYR C 313 -12.22 -4.37 -30.40
N GLN C 314 -12.12 -4.45 -29.08
CA GLN C 314 -12.99 -3.67 -28.20
C GLN C 314 -12.39 -2.28 -28.04
N THR C 315 -13.20 -1.25 -28.30
CA THR C 315 -12.70 0.12 -28.29
C THR C 315 -13.28 0.95 -27.15
N SER C 316 -14.59 1.06 -27.05
CA SER C 316 -15.20 1.96 -26.08
C SER C 316 -16.43 1.29 -25.47
N ASN C 317 -17.24 2.09 -24.78
CA ASN C 317 -18.42 1.59 -24.09
C ASN C 317 -19.60 2.50 -24.45
N PHE C 318 -20.50 1.99 -25.27
CA PHE C 318 -21.70 2.72 -25.60
C PHE C 318 -22.60 2.84 -24.39
N ARG C 319 -23.18 4.02 -24.20
CA ARG C 319 -24.12 4.29 -23.13
C ARG C 319 -25.13 5.31 -23.62
N VAL C 320 -26.32 5.26 -23.06
CA VAL C 320 -27.37 6.22 -23.42
C VAL C 320 -27.40 7.32 -22.36
N GLN C 321 -27.39 8.57 -22.80
CA GLN C 321 -27.34 9.69 -21.87
C GLN C 321 -28.74 10.04 -21.36
N PRO C 322 -28.82 10.60 -20.16
CA PRO C 322 -30.13 11.03 -19.65
C PRO C 322 -30.66 12.23 -20.44
N THR C 323 -31.98 12.38 -20.41
CA THR C 323 -32.65 13.45 -21.15
C THR C 323 -32.90 14.69 -20.31
N GLU C 324 -33.61 14.55 -19.18
CA GLU C 324 -33.94 15.70 -18.36
C GLU C 324 -33.94 15.30 -16.90
N SER C 325 -33.95 16.31 -16.03
CA SER C 325 -33.89 16.13 -14.59
C SER C 325 -35.28 16.28 -13.98
N ILE C 326 -35.57 15.44 -12.99
CA ILE C 326 -36.84 15.49 -12.27
C ILE C 326 -36.54 15.50 -10.78
N VAL C 327 -37.29 16.32 -10.03
CA VAL C 327 -37.13 16.45 -8.60
C VAL C 327 -38.48 16.21 -7.94
N ARG C 328 -38.51 15.36 -6.93
CA ARG C 328 -39.74 15.04 -6.19
C ARG C 328 -39.53 15.37 -4.72
N PHE C 329 -40.20 16.41 -4.25
CA PHE C 329 -40.14 16.86 -2.87
C PHE C 329 -41.55 16.89 -2.29
N PRO C 330 -41.69 16.67 -0.99
CA PRO C 330 -43.02 16.71 -0.37
C PRO C 330 -43.64 18.10 -0.47
N ASN C 331 -44.97 18.13 -0.51
CA ASN C 331 -45.67 19.40 -0.58
C ASN C 331 -45.71 20.16 0.75
N ILE C 332 -44.86 19.84 1.71
CA ILE C 332 -44.80 20.62 2.94
C ILE C 332 -44.08 21.93 2.61
N THR C 333 -44.85 22.96 2.26
CA THR C 333 -44.28 24.24 1.85
C THR C 333 -44.35 25.23 3.03
N ASN C 334 -43.64 24.87 4.09
CA ASN C 334 -43.60 25.66 5.30
C ASN C 334 -42.19 26.22 5.49
N LEU C 335 -42.08 27.54 5.61
CA LEU C 335 -40.78 28.15 5.84
C LEU C 335 -40.34 27.92 7.27
N CYS C 336 -39.08 27.52 7.43
CA CYS C 336 -38.54 27.22 8.74
C CYS C 336 -38.43 28.49 9.57
N PRO C 337 -38.65 28.40 10.88
CA PRO C 337 -38.55 29.58 11.75
C PRO C 337 -37.11 29.93 12.10
N PHE C 338 -36.37 30.37 11.07
CA PHE C 338 -34.97 30.72 11.28
C PHE C 338 -34.83 32.02 12.07
N GLY C 339 -35.64 33.02 11.75
CA GLY C 339 -35.58 34.27 12.48
C GLY C 339 -35.98 34.15 13.93
N GLU C 340 -36.76 33.12 14.27
CA GLU C 340 -37.12 32.88 15.66
C GLU C 340 -35.89 32.60 16.51
N VAL C 341 -34.84 32.04 15.90
CA VAL C 341 -33.60 31.72 16.59
C VAL C 341 -32.53 32.77 16.31
N PHE C 342 -32.34 33.12 15.03
CA PHE C 342 -31.29 34.07 14.68
C PHE C 342 -31.59 35.45 15.22
N ASN C 343 -32.79 35.94 14.99
CA ASN C 343 -33.19 37.28 15.42
C ASN C 343 -34.00 37.24 16.71
N ALA C 344 -33.37 36.77 17.79
CA ALA C 344 -33.98 36.76 19.11
C ALA C 344 -33.18 37.69 20.02
N THR C 345 -33.87 38.62 20.68
CA THR C 345 -33.21 39.61 21.51
C THR C 345 -32.51 39.01 22.72
N ARG C 346 -32.88 37.80 23.13
CA ARG C 346 -32.29 37.15 24.30
C ARG C 346 -31.71 35.80 23.90
N PHE C 347 -30.43 35.59 24.21
CA PHE C 347 -29.79 34.29 24.05
C PHE C 347 -29.25 33.83 25.40
N ALA C 348 -29.29 32.51 25.62
CA ALA C 348 -28.78 31.95 26.86
C ALA C 348 -27.26 31.87 26.84
N SER C 349 -26.69 31.53 28.00
CA SER C 349 -25.24 31.42 28.14
C SER C 349 -24.72 30.22 27.38
N VAL C 350 -23.40 30.19 27.21
CA VAL C 350 -22.77 29.11 26.44
C VAL C 350 -22.89 27.79 27.18
N TYR C 351 -22.79 27.79 28.51
CA TYR C 351 -22.97 26.56 29.26
C TYR C 351 -24.43 26.11 29.24
N ALA C 352 -25.34 27.01 28.93
CA ALA C 352 -26.77 26.70 28.80
C ALA C 352 -27.24 26.96 27.37
N TRP C 353 -26.45 26.51 26.39
CA TRP C 353 -26.73 26.78 24.99
C TRP C 353 -28.11 26.26 24.60
N ASN C 354 -28.86 27.10 23.90
CA ASN C 354 -30.23 26.76 23.53
C ASN C 354 -30.24 25.88 22.29
N ARG C 355 -30.93 24.75 22.37
CA ARG C 355 -31.04 23.80 21.27
C ARG C 355 -32.47 23.77 20.77
N LYS C 356 -32.62 23.91 19.45
CA LYS C 356 -33.93 23.82 18.81
C LYS C 356 -33.87 22.77 17.71
N ARG C 357 -34.99 22.08 17.52
CA ARG C 357 -35.08 21.00 16.55
C ARG C 357 -35.88 21.48 15.34
N ILE C 358 -35.30 21.34 14.16
CA ILE C 358 -35.88 21.86 12.93
C ILE C 358 -36.20 20.67 12.03
N SER C 359 -37.47 20.55 11.65
CA SER C 359 -37.95 19.49 10.78
C SER C 359 -39.30 19.92 10.20
N ASN C 360 -39.70 19.24 9.14
CA ASN C 360 -41.00 19.44 8.50
C ASN C 360 -41.20 20.90 8.09
N CYS C 361 -40.15 21.51 7.57
CA CYS C 361 -40.25 22.86 7.04
C CYS C 361 -39.20 23.05 5.95
N VAL C 362 -39.43 24.05 5.12
CA VAL C 362 -38.52 24.37 4.03
C VAL C 362 -37.50 25.37 4.51
N ALA C 363 -36.22 25.07 4.28
CA ALA C 363 -35.12 25.92 4.72
C ALA C 363 -34.52 26.62 3.52
N ASP C 364 -34.25 27.91 3.65
CA ASP C 364 -33.61 28.71 2.63
C ASP C 364 -32.32 29.27 3.20
N TYR C 365 -31.20 28.67 2.83
CA TYR C 365 -29.90 29.14 3.29
C TYR C 365 -29.28 30.18 2.38
N SER C 366 -29.90 30.47 1.23
CA SER C 366 -29.37 31.49 0.35
C SER C 366 -29.36 32.85 1.02
N VAL C 367 -30.42 33.17 1.75
CA VAL C 367 -30.47 34.45 2.46
C VAL C 367 -29.36 34.52 3.51
N LEU C 368 -29.08 33.40 4.18
CA LEU C 368 -28.03 33.38 5.18
C LEU C 368 -26.66 33.56 4.54
N TYR C 369 -26.42 32.89 3.42
CA TYR C 369 -25.12 32.99 2.76
C TYR C 369 -24.91 34.38 2.16
N ASN C 370 -25.96 34.97 1.60
CA ASN C 370 -25.86 36.25 0.90
C ASN C 370 -26.13 37.45 1.80
N SER C 371 -26.37 37.23 3.09
CA SER C 371 -26.59 38.36 3.99
C SER C 371 -25.36 39.24 4.09
N ALA C 372 -24.17 38.64 4.13
CA ALA C 372 -22.89 39.34 4.22
C ALA C 372 -22.77 40.20 5.47
N SER C 373 -23.73 40.09 6.39
CA SER C 373 -23.69 40.80 7.65
C SER C 373 -23.16 39.94 8.79
N PHE C 374 -22.71 38.72 8.51
CA PHE C 374 -22.15 37.83 9.50
C PHE C 374 -20.64 37.85 9.37
N SER C 375 -19.94 38.17 10.45
CA SER C 375 -18.49 38.20 10.42
C SER C 375 -17.92 36.80 10.18
N THR C 376 -18.51 35.78 10.80
CA THR C 376 -18.03 34.40 10.72
C THR C 376 -19.13 33.53 10.17
N PHE C 377 -18.84 32.80 9.09
CA PHE C 377 -19.80 31.89 8.49
C PHE C 377 -19.04 30.82 7.71
N LYS C 378 -18.91 29.63 8.29
CA LYS C 378 -18.26 28.52 7.62
C LYS C 378 -19.11 27.26 7.74
N CYS C 379 -18.78 26.26 6.93
CA CYS C 379 -19.46 24.98 6.96
C CYS C 379 -18.45 23.86 6.85
N TYR C 380 -18.62 22.85 7.67
CA TYR C 380 -17.71 21.71 7.74
C TYR C 380 -18.46 20.48 7.26
N GLY C 381 -17.95 19.85 6.22
CA GLY C 381 -18.55 18.65 5.67
C GLY C 381 -19.54 18.87 4.55
N VAL C 382 -20.08 20.07 4.40
CA VAL C 382 -21.01 20.39 3.31
C VAL C 382 -20.62 21.73 2.72
N SER C 383 -20.58 21.80 1.39
CA SER C 383 -20.33 23.06 0.72
C SER C 383 -21.55 23.96 0.85
N PRO C 384 -21.38 25.20 1.33
CA PRO C 384 -22.56 26.04 1.60
C PRO C 384 -23.45 26.24 0.38
N THR C 385 -22.86 26.45 -0.79
CA THR C 385 -23.62 26.83 -1.97
C THR C 385 -24.64 25.78 -2.39
N LYS C 386 -24.49 24.55 -1.92
CA LYS C 386 -25.39 23.47 -2.31
C LYS C 386 -26.46 23.16 -1.26
N LEU C 387 -26.48 23.87 -0.13
CA LEU C 387 -27.52 23.60 0.87
C LEU C 387 -28.92 23.81 0.30
N ASN C 388 -29.07 24.66 -0.69
CA ASN C 388 -30.38 24.90 -1.28
C ASN C 388 -30.89 23.71 -2.08
N ASP C 389 -30.05 22.70 -2.31
CA ASP C 389 -30.45 21.55 -3.11
C ASP C 389 -30.30 20.23 -2.38
N LEU C 390 -30.36 20.24 -1.04
CA LEU C 390 -30.26 19.02 -0.26
C LEU C 390 -31.46 18.89 0.67
N CYS C 391 -31.83 17.64 0.95
CA CYS C 391 -32.90 17.34 1.89
C CYS C 391 -32.34 16.55 3.06
N PHE C 392 -32.68 16.98 4.27
CA PHE C 392 -32.07 16.45 5.49
C PHE C 392 -33.13 15.89 6.41
N THR C 393 -32.74 14.88 7.19
CA THR C 393 -33.67 14.23 8.10
C THR C 393 -34.05 15.15 9.25
N ASN C 394 -33.06 15.82 9.85
CA ASN C 394 -33.32 16.68 10.99
C ASN C 394 -32.20 17.71 11.10
N VAL C 395 -32.51 18.83 11.76
CA VAL C 395 -31.54 19.89 11.97
C VAL C 395 -31.56 20.28 13.44
N TYR C 396 -30.38 20.52 14.00
CA TYR C 396 -30.24 21.02 15.36
C TYR C 396 -29.62 22.41 15.31
N ALA C 397 -30.31 23.39 15.87
CA ALA C 397 -29.80 24.75 15.95
C ALA C 397 -29.37 25.01 17.39
N ASP C 398 -28.08 25.20 17.60
CA ASP C 398 -27.52 25.45 18.92
C ASP C 398 -27.03 26.90 18.96
N SER C 399 -27.71 27.73 19.74
CA SER C 399 -27.37 29.14 19.84
C SER C 399 -26.80 29.44 21.21
N PHE C 400 -25.77 30.29 21.24
CA PHE C 400 -25.18 30.75 22.50
C PHE C 400 -24.41 32.03 22.22
N VAL C 401 -23.75 32.54 23.26
CA VAL C 401 -22.95 33.75 23.18
C VAL C 401 -21.58 33.46 23.79
N ILE C 402 -20.52 33.82 23.08
CA ILE C 402 -19.16 33.59 23.56
C ILE C 402 -18.32 34.84 23.35
N ARG C 403 -17.03 34.75 23.62
CA ARG C 403 -16.10 35.82 23.29
C ARG C 403 -15.60 35.67 21.85
N GLY C 404 -15.11 36.76 21.29
CA GLY C 404 -14.66 36.74 19.92
C GLY C 404 -13.46 35.85 19.69
N ASP C 405 -12.49 35.90 20.60
CA ASP C 405 -11.24 35.16 20.42
C ASP C 405 -11.46 33.65 20.39
N GLU C 406 -12.58 33.17 20.92
CA GLU C 406 -12.88 31.75 20.91
C GLU C 406 -13.75 31.33 19.73
N VAL C 407 -14.04 32.25 18.80
CA VAL C 407 -14.85 31.90 17.64
C VAL C 407 -14.18 30.79 16.84
N ARG C 408 -12.86 30.87 16.67
CA ARG C 408 -12.13 29.84 15.95
C ARG C 408 -12.17 28.50 16.67
N GLN C 409 -12.47 28.50 17.98
CA GLN C 409 -12.49 27.26 18.74
C GLN C 409 -13.58 26.29 18.27
N ILE C 410 -14.65 26.81 17.67
CA ILE C 410 -15.79 25.97 17.30
C ILE C 410 -15.44 25.30 15.98
N ALA C 411 -14.89 24.09 16.08
CA ALA C 411 -14.55 23.25 14.94
C ALA C 411 -14.24 21.85 15.45
N PRO C 412 -14.49 20.81 14.67
CA PRO C 412 -14.18 19.45 15.14
C PRO C 412 -12.68 19.28 15.40
N GLY C 413 -12.37 18.56 16.47
CA GLY C 413 -10.99 18.25 16.80
C GLY C 413 -10.22 19.37 17.45
N GLN C 414 -10.86 20.49 17.76
CA GLN C 414 -10.16 21.59 18.41
C GLN C 414 -10.06 21.33 19.91
N THR C 415 -9.22 22.14 20.56
CA THR C 415 -8.98 22.02 22.00
C THR C 415 -9.23 23.36 22.66
N GLY C 416 -9.58 23.30 23.93
CA GLY C 416 -9.86 24.49 24.71
C GLY C 416 -10.88 24.19 25.79
N LYS C 417 -10.91 25.06 26.80
CA LYS C 417 -11.81 24.84 27.92
C LYS C 417 -13.26 24.85 27.47
N ILE C 418 -13.62 25.76 26.56
CA ILE C 418 -14.97 25.72 26.01
C ILE C 418 -15.19 24.43 25.23
N ALA C 419 -14.23 24.04 24.40
CA ALA C 419 -14.37 22.80 23.64
C ALA C 419 -14.38 21.58 24.55
N ASP C 420 -13.54 21.57 25.58
CA ASP C 420 -13.41 20.38 26.42
C ASP C 420 -14.58 20.26 27.39
N TYR C 421 -15.07 21.37 27.92
CA TYR C 421 -15.98 21.37 29.06
C TYR C 421 -17.33 22.00 28.79
N ASN C 422 -17.50 22.70 27.67
CA ASN C 422 -18.74 23.42 27.41
C ASN C 422 -19.45 22.95 26.15
N TYR C 423 -18.71 22.73 25.06
CA TYR C 423 -19.35 22.32 23.80
C TYR C 423 -18.31 21.57 22.98
N LYS C 424 -18.45 20.24 22.93
CA LYS C 424 -17.52 19.38 22.21
C LYS C 424 -18.15 18.93 20.92
N LEU C 425 -17.55 19.30 19.81
CA LEU C 425 -18.05 18.88 18.51
C LEU C 425 -17.54 17.48 18.17
N PRO C 426 -18.38 16.63 17.59
CA PRO C 426 -17.93 15.30 17.17
C PRO C 426 -16.92 15.41 16.04
N ASP C 427 -16.05 14.40 15.97
CA ASP C 427 -15.04 14.38 14.93
C ASP C 427 -15.65 14.27 13.54
N ASP C 428 -16.78 13.56 13.44
CA ASP C 428 -17.51 13.43 12.18
C ASP C 428 -18.61 14.47 12.04
N PHE C 429 -18.44 15.64 12.63
CA PHE C 429 -19.46 16.68 12.57
C PHE C 429 -19.68 17.11 11.12
N THR C 430 -20.95 17.18 10.72
CA THR C 430 -21.34 17.75 9.44
C THR C 430 -22.33 18.86 9.72
N GLY C 431 -21.97 20.08 9.35
CA GLY C 431 -22.85 21.20 9.66
C GLY C 431 -22.22 22.52 9.28
N CYS C 432 -22.67 23.58 9.96
CA CYS C 432 -22.20 24.92 9.72
C CYS C 432 -22.11 25.68 11.04
N VAL C 433 -21.23 26.67 11.08
CA VAL C 433 -21.04 27.54 12.23
C VAL C 433 -21.15 28.99 11.76
N ILE C 434 -21.96 29.77 12.46
CA ILE C 434 -22.07 31.20 12.20
C ILE C 434 -21.79 31.94 13.50
N ALA C 435 -21.26 33.16 13.38
CA ALA C 435 -20.91 33.99 14.51
C ALA C 435 -20.92 35.44 14.08
N TRP C 436 -21.69 36.26 14.78
CA TRP C 436 -21.76 37.68 14.46
C TRP C 436 -21.69 38.50 15.74
N ASN C 437 -21.06 39.67 15.66
CA ASN C 437 -20.83 40.49 16.84
C ASN C 437 -22.16 40.98 17.40
N SER C 438 -22.23 41.08 18.72
CA SER C 438 -23.44 41.48 19.43
C SER C 438 -23.22 42.75 20.23
N ASN C 439 -22.17 43.51 19.88
CA ASN C 439 -21.90 44.76 20.57
C ASN C 439 -23.03 45.77 20.36
N ASN C 440 -23.69 45.72 19.20
CA ASN C 440 -24.79 46.64 18.95
C ASN C 440 -26.06 46.26 19.69
N LEU C 441 -26.13 45.04 20.21
CA LEU C 441 -27.35 44.57 20.87
C LEU C 441 -27.11 44.06 22.28
N ASP C 442 -25.98 43.39 22.54
CA ASP C 442 -25.73 42.75 23.82
C ASP C 442 -24.74 43.49 24.69
N SER C 443 -24.38 44.73 24.33
CA SER C 443 -23.49 45.54 25.12
C SER C 443 -24.31 46.53 25.93
N LYS C 444 -24.19 46.48 27.25
CA LYS C 444 -24.93 47.36 28.15
C LYS C 444 -23.97 48.28 28.88
N VAL C 445 -24.45 49.47 29.21
CA VAL C 445 -23.62 50.44 29.90
C VAL C 445 -23.18 49.86 31.24
N GLY C 446 -21.89 50.02 31.55
CA GLY C 446 -21.31 49.39 32.72
C GLY C 446 -20.95 47.93 32.54
N GLY C 447 -21.16 47.37 31.36
CA GLY C 447 -20.80 45.99 31.09
C GLY C 447 -21.96 45.04 31.35
N ASN C 448 -21.94 43.92 30.62
CA ASN C 448 -22.95 42.89 30.74
C ASN C 448 -22.29 41.60 31.21
N TYR C 449 -22.79 41.04 32.32
CA TYR C 449 -22.22 39.84 32.91
C TYR C 449 -23.18 38.67 32.89
N ASN C 450 -24.28 38.78 32.14
CA ASN C 450 -25.31 37.73 32.16
C ASN C 450 -24.82 36.43 31.52
N TYR C 451 -23.72 36.46 30.79
CA TYR C 451 -23.24 35.28 30.08
C TYR C 451 -22.26 34.51 30.94
N LEU C 452 -22.56 33.23 31.15
CA LEU C 452 -21.81 32.37 32.04
C LEU C 452 -21.17 31.23 31.25
N TYR C 453 -20.01 30.77 31.72
CA TYR C 453 -19.38 29.60 31.12
C TYR C 453 -18.80 28.72 32.21
N ARG C 454 -18.99 27.41 32.06
CA ARG C 454 -18.39 26.44 32.97
C ARG C 454 -16.89 26.39 32.71
N LEU C 455 -16.12 26.16 33.76
CA LEU C 455 -14.67 26.22 33.67
C LEU C 455 -13.97 24.93 34.06
N PHE C 456 -14.44 24.26 35.11
CA PHE C 456 -13.85 23.01 35.58
C PHE C 456 -14.85 21.87 35.41
N ARG C 457 -14.35 20.72 34.93
CA ARG C 457 -15.12 19.50 34.90
C ARG C 457 -14.21 18.34 35.24
N LYS C 458 -14.81 17.25 35.74
CA LYS C 458 -14.03 16.05 36.04
C LYS C 458 -13.44 15.45 34.78
N SER C 459 -14.21 15.42 33.70
CA SER C 459 -13.75 14.88 32.42
C SER C 459 -14.28 15.76 31.29
N ASN C 460 -13.75 15.53 30.09
CA ASN C 460 -14.19 16.30 28.94
C ASN C 460 -15.60 15.90 28.53
N LEU C 461 -16.34 16.88 27.99
CA LEU C 461 -17.68 16.62 27.52
C LEU C 461 -17.67 15.67 26.32
N LYS C 462 -18.61 14.73 26.33
CA LYS C 462 -18.85 13.90 25.17
C LYS C 462 -19.44 14.77 24.05
N PRO C 463 -19.30 14.35 22.79
CA PRO C 463 -19.84 15.15 21.69
C PRO C 463 -21.34 15.39 21.86
N PHE C 464 -21.75 16.63 21.62
CA PHE C 464 -23.15 17.04 21.73
C PHE C 464 -23.73 16.71 23.10
N GLU C 465 -23.01 17.12 24.14
CA GLU C 465 -23.46 16.96 25.52
C GLU C 465 -23.70 18.32 26.14
N ARG C 466 -24.79 18.44 26.89
CA ARG C 466 -25.16 19.68 27.55
C ARG C 466 -25.13 19.46 29.06
N ASP C 467 -24.44 20.35 29.77
CA ASP C 467 -24.32 20.29 31.22
C ASP C 467 -24.84 21.58 31.83
N ILE C 468 -25.69 21.46 32.85
CA ILE C 468 -26.24 22.60 33.55
C ILE C 468 -26.08 22.51 35.06
N SER C 469 -25.38 21.49 35.56
CA SER C 469 -25.21 21.33 37.00
C SER C 469 -24.38 22.46 37.58
N THR C 470 -24.76 22.92 38.77
CA THR C 470 -24.05 23.99 39.47
C THR C 470 -23.38 23.49 40.75
N GLU C 471 -23.13 22.18 40.84
CA GLU C 471 -22.45 21.63 42.00
C GLU C 471 -21.02 22.12 42.06
N ILE C 472 -20.51 22.29 43.29
CA ILE C 472 -19.16 22.78 43.48
C ILE C 472 -18.16 21.71 43.04
N TYR C 473 -17.18 22.10 42.23
CA TYR C 473 -16.18 21.17 41.74
C TYR C 473 -15.28 20.72 42.89
N GLN C 474 -14.98 19.41 42.91
CA GLN C 474 -14.01 18.86 43.86
C GLN C 474 -12.65 18.85 43.17
N ALA C 475 -11.95 19.99 43.24
CA ALA C 475 -10.66 20.10 42.58
C ALA C 475 -9.64 19.12 43.16
N GLY C 476 -9.64 18.95 44.48
CA GLY C 476 -8.77 18.01 45.15
C GLY C 476 -9.51 16.76 45.60
N SER C 477 -9.04 16.17 46.70
CA SER C 477 -9.66 15.00 47.26
C SER C 477 -10.66 15.31 48.36
N THR C 478 -10.61 16.50 48.94
CA THR C 478 -11.54 16.86 50.00
C THR C 478 -12.90 17.16 49.41
N PRO C 479 -13.96 16.45 49.81
CA PRO C 479 -15.29 16.73 49.25
C PRO C 479 -15.79 18.10 49.70
N CYS C 480 -16.19 18.91 48.71
CA CYS C 480 -16.76 20.21 49.03
C CYS C 480 -18.10 20.08 49.74
N ASN C 481 -18.91 19.11 49.32
CA ASN C 481 -20.21 18.83 49.95
C ASN C 481 -21.10 20.07 49.95
N GLY C 482 -21.08 20.80 48.83
CA GLY C 482 -21.83 22.04 48.75
C GLY C 482 -21.23 23.20 49.48
N VAL C 483 -20.01 23.06 49.99
CA VAL C 483 -19.33 24.11 50.75
C VAL C 483 -18.03 24.46 50.02
N GLU C 484 -17.84 25.74 49.74
CA GLU C 484 -16.66 26.20 49.03
C GLU C 484 -15.46 26.23 49.97
N GLY C 485 -14.35 26.80 49.51
CA GLY C 485 -13.16 26.89 50.32
C GLY C 485 -11.91 26.50 49.54
N PHE C 486 -10.91 26.00 50.25
CA PHE C 486 -9.68 25.55 49.59
C PHE C 486 -9.95 24.28 48.80
N ASN C 487 -9.39 24.21 47.59
CA ASN C 487 -9.64 23.10 46.67
C ASN C 487 -11.13 22.94 46.38
N CYS C 488 -11.87 24.06 46.39
CA CYS C 488 -13.30 24.05 46.13
C CYS C 488 -13.63 25.36 45.43
N TYR C 489 -13.83 25.30 44.12
CA TYR C 489 -14.01 26.49 43.30
C TYR C 489 -15.33 26.39 42.55
N PHE C 490 -15.90 27.56 42.26
CA PHE C 490 -17.13 27.60 41.49
C PHE C 490 -16.83 27.35 40.01
N PRO C 491 -17.42 26.31 39.41
CA PRO C 491 -17.09 26.01 38.00
C PRO C 491 -17.56 27.07 37.03
N LEU C 492 -18.52 27.93 37.41
CA LEU C 492 -19.08 28.91 36.50
C LEU C 492 -18.36 30.24 36.65
N GLN C 493 -18.12 30.90 35.52
CA GLN C 493 -17.45 32.19 35.47
C GLN C 493 -18.22 33.11 34.53
N SER C 494 -18.36 34.37 34.93
CA SER C 494 -19.06 35.35 34.11
C SER C 494 -18.14 35.96 33.07
N TYR C 495 -18.75 36.43 31.98
CA TYR C 495 -18.00 37.11 30.93
C TYR C 495 -17.99 38.61 31.19
N GLY C 496 -16.80 39.20 31.18
CA GLY C 496 -16.66 40.63 31.37
C GLY C 496 -16.84 41.42 30.09
N PHE C 497 -17.97 41.22 29.41
CA PHE C 497 -18.22 41.85 28.11
C PHE C 497 -18.50 43.34 28.30
N GLN C 498 -17.44 44.07 28.61
CA GLN C 498 -17.55 45.51 28.71
C GLN C 498 -17.68 46.12 27.31
N PRO C 499 -18.50 47.16 27.15
CA PRO C 499 -18.65 47.76 25.80
C PRO C 499 -17.34 48.31 25.25
N THR C 500 -16.45 48.79 26.11
CA THR C 500 -15.19 49.36 25.68
C THR C 500 -14.08 48.33 25.52
N ASN C 501 -14.36 47.05 25.80
CA ASN C 501 -13.33 46.03 25.72
C ASN C 501 -12.94 45.78 24.26
N GLY C 502 -11.81 45.07 24.10
CA GLY C 502 -11.30 44.80 22.77
C GLY C 502 -12.19 43.88 21.98
N VAL C 503 -12.07 43.97 20.66
CA VAL C 503 -12.93 43.19 19.77
C VAL C 503 -12.68 41.70 19.94
N GLY C 504 -11.43 41.31 20.22
CA GLY C 504 -11.14 39.90 20.43
C GLY C 504 -11.90 39.32 21.62
N TYR C 505 -12.09 40.12 22.65
CA TYR C 505 -12.84 39.70 23.83
C TYR C 505 -14.28 40.19 23.79
N GLN C 506 -14.69 40.87 22.72
CA GLN C 506 -16.05 41.36 22.61
C GLN C 506 -17.04 40.21 22.47
N PRO C 507 -18.29 40.40 22.91
CA PRO C 507 -19.27 39.34 22.78
C PRO C 507 -19.60 39.04 21.32
N TYR C 508 -19.84 37.76 21.03
CA TYR C 508 -20.27 37.30 19.72
C TYR C 508 -21.37 36.27 19.89
N ARG C 509 -22.45 36.44 19.12
CA ARG C 509 -23.55 35.48 19.08
C ARG C 509 -23.23 34.40 18.07
N VAL C 510 -23.24 33.14 18.51
CA VAL C 510 -22.77 32.01 17.71
C VAL C 510 -23.88 30.99 17.62
N VAL C 511 -24.17 30.54 16.40
CA VAL C 511 -25.17 29.51 16.15
C VAL C 511 -24.54 28.40 15.33
N VAL C 512 -24.72 27.17 15.79
CA VAL C 512 -24.22 25.97 15.13
C VAL C 512 -25.41 25.22 14.56
N LEU C 513 -25.39 24.97 13.25
CA LEU C 513 -26.39 24.17 12.58
C LEU C 513 -25.81 22.78 12.35
N SER C 514 -26.33 21.78 13.04
CA SER C 514 -25.93 20.39 12.84
C SER C 514 -27.00 19.69 12.01
N PHE C 515 -26.63 19.24 10.83
CA PHE C 515 -27.57 18.58 9.94
C PHE C 515 -27.35 17.08 10.02
N GLU C 516 -28.40 16.34 10.40
CA GLU C 516 -28.33 14.89 10.49
C GLU C 516 -29.25 14.30 9.42
N LEU C 517 -28.70 13.44 8.58
CA LEU C 517 -29.43 12.79 7.51
C LEU C 517 -29.42 11.29 7.74
N LEU C 518 -30.61 10.68 7.65
CA LEU C 518 -30.78 9.25 7.90
C LEU C 518 -31.48 8.62 6.70
N HIS C 519 -31.75 7.33 6.83
CA HIS C 519 -32.51 6.61 5.82
C HIS C 519 -34.00 6.74 6.11
N ALA C 520 -34.46 7.96 6.30
CA ALA C 520 -35.82 8.29 6.71
C ALA C 520 -36.37 9.35 5.76
N PRO C 521 -37.69 9.51 5.71
CA PRO C 521 -38.26 10.54 4.83
C PRO C 521 -37.72 11.92 5.16
N ALA C 522 -37.48 12.70 4.11
CA ALA C 522 -36.92 14.03 4.28
C ALA C 522 -37.92 14.95 4.99
N THR C 523 -37.41 15.70 5.96
CA THR C 523 -38.20 16.69 6.68
C THR C 523 -37.81 18.11 6.35
N VAL C 524 -36.51 18.38 6.26
CA VAL C 524 -35.99 19.69 5.88
C VAL C 524 -35.51 19.61 4.44
N CYS C 525 -35.93 20.57 3.62
CA CYS C 525 -35.55 20.59 2.22
C CYS C 525 -35.32 22.03 1.77
N GLY C 526 -34.49 22.19 0.75
CA GLY C 526 -34.25 23.48 0.18
C GLY C 526 -35.41 23.96 -0.64
N PRO C 527 -35.31 25.20 -1.13
CA PRO C 527 -36.41 25.76 -1.94
C PRO C 527 -36.69 24.93 -3.17
N LYS C 528 -35.67 24.78 -4.04
CA LYS C 528 -35.74 23.94 -5.23
C LYS C 528 -37.04 24.14 -6.00
N LYS C 529 -37.62 23.05 -6.46
CA LYS C 529 -38.88 23.05 -7.19
C LYS C 529 -39.37 21.61 -7.26
N SER C 530 -40.41 21.37 -8.05
CA SER C 530 -40.90 20.04 -8.30
C SER C 530 -41.16 19.89 -9.80
N THR C 531 -41.04 18.65 -10.28
CA THR C 531 -41.21 18.36 -11.69
C THR C 531 -42.08 17.12 -11.85
N ASN C 532 -42.83 17.08 -12.94
CA ASN C 532 -43.67 15.93 -13.21
C ASN C 532 -42.81 14.69 -13.41
N LEU C 533 -43.30 13.57 -12.88
CA LEU C 533 -42.58 12.31 -12.99
C LEU C 533 -42.62 11.79 -14.42
N VAL C 534 -41.58 11.05 -14.80
CA VAL C 534 -41.47 10.46 -16.12
C VAL C 534 -41.22 8.97 -15.97
N LYS C 535 -41.57 8.21 -16.99
CA LYS C 535 -41.49 6.76 -16.95
C LYS C 535 -40.80 6.23 -18.19
N ASN C 536 -40.05 5.14 -18.01
CA ASN C 536 -39.41 4.41 -19.10
C ASN C 536 -38.50 5.31 -19.93
N LYS C 537 -37.83 6.24 -19.26
CA LYS C 537 -36.88 7.13 -19.92
C LYS C 537 -35.62 7.24 -19.09
N CYS C 538 -34.47 7.18 -19.76
CA CYS C 538 -33.19 7.38 -19.08
C CYS C 538 -33.12 8.83 -18.64
N VAL C 539 -33.32 9.06 -17.34
CA VAL C 539 -33.33 10.40 -16.76
C VAL C 539 -32.53 10.39 -15.47
N ASN C 540 -32.04 11.56 -15.08
CA ASN C 540 -31.39 11.75 -13.79
C ASN C 540 -32.33 12.45 -12.83
N PHE C 541 -32.39 11.95 -11.61
CA PHE C 541 -33.40 12.34 -10.64
C PHE C 541 -32.77 12.74 -9.32
N ASN C 542 -33.48 13.58 -8.58
CA ASN C 542 -33.10 14.02 -7.24
C ASN C 542 -34.30 13.74 -6.33
N PHE C 543 -34.29 12.57 -5.70
CA PHE C 543 -35.36 12.15 -4.80
C PHE C 543 -34.94 12.46 -3.37
N ASN C 544 -35.46 13.56 -2.83
CA ASN C 544 -35.23 13.94 -1.44
C ASN C 544 -33.74 14.06 -1.14
N GLY C 545 -32.99 14.68 -2.05
CA GLY C 545 -31.56 14.81 -1.90
C GLY C 545 -30.76 13.63 -2.38
N LEU C 546 -31.42 12.54 -2.78
CA LEU C 546 -30.76 11.36 -3.31
C LEU C 546 -30.61 11.53 -4.81
N THR C 547 -29.38 11.69 -5.28
CA THR C 547 -29.12 11.89 -6.69
C THR C 547 -28.87 10.55 -7.37
N GLY C 548 -29.55 10.29 -8.49
CA GLY C 548 -29.36 9.06 -9.21
C GLY C 548 -29.65 9.25 -10.68
N THR C 549 -29.41 8.21 -11.46
CA THR C 549 -29.67 8.25 -12.89
C THR C 549 -30.09 6.85 -13.35
N GLY C 550 -31.12 6.81 -14.19
CA GLY C 550 -31.62 5.54 -14.69
C GLY C 550 -33.02 5.70 -15.24
N VAL C 551 -33.70 4.57 -15.40
CA VAL C 551 -35.08 4.52 -15.87
C VAL C 551 -35.95 4.09 -14.70
N LEU C 552 -37.08 4.77 -14.54
CA LEU C 552 -38.02 4.51 -13.47
C LEU C 552 -39.21 3.74 -14.04
N THR C 553 -39.25 2.44 -13.78
CA THR C 553 -40.27 1.57 -14.30
C THR C 553 -41.23 1.22 -13.16
N GLU C 554 -42.40 0.70 -13.53
CA GLU C 554 -43.33 0.17 -12.54
C GLU C 554 -42.71 -1.03 -11.86
N SER C 555 -42.76 -1.07 -10.54
CA SER C 555 -42.28 -2.20 -9.77
C SER C 555 -43.49 -3.04 -9.37
N ASN C 556 -43.64 -4.21 -10.01
CA ASN C 556 -44.75 -5.09 -9.69
C ASN C 556 -44.57 -5.79 -8.36
N LYS C 557 -43.42 -5.58 -7.70
CA LYS C 557 -43.13 -6.27 -6.46
C LYS C 557 -43.62 -5.44 -5.28
N LYS C 558 -44.50 -6.05 -4.53
CA LYS C 558 -45.23 -5.44 -3.43
C LYS C 558 -44.32 -5.10 -2.23
N PHE C 559 -44.61 -3.95 -1.60
CA PHE C 559 -43.87 -3.45 -0.46
C PHE C 559 -44.68 -3.52 0.83
N LEU C 560 -43.99 -3.32 1.97
CA LEU C 560 -44.65 -3.08 3.25
C LEU C 560 -44.82 -1.57 3.44
N PRO C 561 -45.83 -1.15 4.21
CA PRO C 561 -46.22 0.28 4.21
C PRO C 561 -45.14 1.23 4.73
N PHE C 562 -44.17 0.76 5.50
CA PHE C 562 -43.27 1.65 6.20
C PHE C 562 -41.91 1.85 5.53
N GLN C 563 -41.55 1.01 4.56
CA GLN C 563 -40.28 1.23 3.89
C GLN C 563 -40.36 2.44 2.97
N GLN C 564 -39.19 3.02 2.68
CA GLN C 564 -39.10 4.19 1.82
C GLN C 564 -38.45 3.86 0.48
N PHE C 565 -37.22 3.33 0.49
CA PHE C 565 -36.55 2.98 -0.75
C PHE C 565 -35.89 1.62 -0.61
N GLY C 566 -36.02 0.80 -1.64
CA GLY C 566 -35.45 -0.53 -1.62
C GLY C 566 -34.00 -0.55 -2.07
N ARG C 567 -33.24 -1.47 -1.49
CA ARG C 567 -31.82 -1.60 -1.77
C ARG C 567 -31.46 -3.04 -2.06
N ASP C 568 -30.60 -3.23 -3.05
CA ASP C 568 -30.04 -4.54 -3.36
C ASP C 568 -28.54 -4.54 -3.10
N ILE C 569 -27.94 -5.72 -3.28
CA ILE C 569 -26.58 -6.03 -2.86
C ILE C 569 -25.60 -4.95 -3.31
N ALA C 570 -24.58 -4.70 -2.46
CA ALA C 570 -23.59 -3.64 -2.67
C ALA C 570 -24.23 -2.26 -2.62
N ASP C 571 -25.29 -2.11 -1.85
CA ASP C 571 -25.91 -0.82 -1.56
C ASP C 571 -26.32 -0.11 -2.85
N THR C 572 -27.16 -0.78 -3.62
CA THR C 572 -27.69 -0.22 -4.87
C THR C 572 -29.15 0.12 -4.68
N THR C 573 -29.50 1.39 -4.90
CA THR C 573 -30.88 1.83 -4.76
C THR C 573 -31.71 1.19 -5.86
N ASP C 574 -32.36 0.09 -5.54
CA ASP C 574 -33.13 -0.67 -6.52
C ASP C 574 -34.56 -0.18 -6.67
N ALA C 575 -35.19 0.25 -5.59
CA ALA C 575 -36.55 0.75 -5.65
C ALA C 575 -36.67 1.94 -4.71
N VAL C 576 -37.67 2.78 -4.98
CA VAL C 576 -37.89 3.98 -4.18
C VAL C 576 -39.36 4.36 -4.26
N ARG C 577 -39.89 4.87 -3.16
CA ARG C 577 -41.24 5.41 -3.15
C ARG C 577 -41.17 6.92 -3.29
N ASP C 578 -42.12 7.47 -3.98
CA ASP C 578 -41.89 8.87 -4.27
C ASP C 578 -42.76 9.76 -3.39
N PRO C 579 -42.27 10.95 -3.06
CA PRO C 579 -43.11 11.93 -2.36
C PRO C 579 -44.26 12.38 -3.26
N GLN C 580 -45.35 12.78 -2.61
CA GLN C 580 -46.58 13.29 -3.23
C GLN C 580 -47.35 12.23 -4.00
N THR C 581 -46.83 11.01 -4.12
CA THR C 581 -47.53 9.98 -4.88
C THR C 581 -47.59 8.68 -4.11
N LEU C 582 -46.61 8.45 -3.24
CA LEU C 582 -46.50 7.22 -2.46
C LEU C 582 -46.50 6.00 -3.37
N GLU C 583 -45.81 6.12 -4.50
CA GLU C 583 -45.80 5.09 -5.54
C GLU C 583 -44.43 4.43 -5.58
N ILE C 584 -44.43 3.10 -5.65
CA ILE C 584 -43.20 2.34 -5.72
C ILE C 584 -42.67 2.36 -7.14
N LEU C 585 -41.38 2.66 -7.28
CA LEU C 585 -40.72 2.76 -8.58
C LEU C 585 -39.47 1.90 -8.56
N ASP C 586 -39.25 1.17 -9.64
CA ASP C 586 -38.06 0.34 -9.78
C ASP C 586 -37.06 1.07 -10.67
N ILE C 587 -35.86 1.30 -10.15
CA ILE C 587 -34.82 2.06 -10.84
C ILE C 587 -33.88 1.08 -11.51
N THR C 588 -33.66 1.26 -12.81
CA THR C 588 -32.75 0.41 -13.56
C THR C 588 -31.70 1.27 -14.25
N PRO C 589 -30.42 0.92 -14.16
CA PRO C 589 -29.40 1.74 -14.82
C PRO C 589 -29.63 1.82 -16.33
N CYS C 590 -29.28 2.98 -16.88
CA CYS C 590 -29.51 3.21 -18.31
C CYS C 590 -28.71 2.22 -19.14
N SER C 591 -29.25 1.90 -20.32
CA SER C 591 -28.66 0.88 -21.18
C SER C 591 -27.21 1.19 -21.50
N PHE C 592 -26.37 0.17 -21.44
CA PHE C 592 -24.94 0.33 -21.67
C PHE C 592 -24.38 -0.96 -22.22
N GLY C 593 -23.16 -0.88 -22.75
CA GLY C 593 -22.46 -2.06 -23.19
C GLY C 593 -21.22 -1.75 -23.99
N GLY C 594 -20.22 -2.62 -23.93
CA GLY C 594 -19.02 -2.41 -24.72
C GLY C 594 -19.31 -2.46 -26.20
N VAL C 595 -18.44 -1.81 -26.98
CA VAL C 595 -18.55 -1.80 -28.43
C VAL C 595 -17.29 -2.41 -29.00
N SER C 596 -17.46 -3.34 -29.94
CA SER C 596 -16.37 -4.03 -30.59
C SER C 596 -16.44 -3.78 -32.09
N VAL C 597 -15.29 -3.84 -32.74
CA VAL C 597 -15.15 -3.52 -34.14
C VAL C 597 -14.75 -4.76 -34.91
N ILE C 598 -15.60 -5.19 -35.83
CA ILE C 598 -15.31 -6.30 -36.73
C ILE C 598 -14.70 -5.71 -37.99
N THR C 599 -13.46 -6.08 -38.28
CA THR C 599 -12.82 -5.58 -39.47
C THR C 599 -12.07 -6.70 -40.19
N PRO C 600 -12.12 -6.72 -41.52
CA PRO C 600 -11.29 -7.67 -42.26
C PRO C 600 -9.85 -7.25 -42.36
N GLY C 601 -9.46 -6.15 -41.73
CA GLY C 601 -8.12 -5.63 -41.84
C GLY C 601 -8.05 -4.52 -42.87
N THR C 602 -7.47 -3.39 -42.48
CA THR C 602 -7.37 -2.26 -43.41
C THR C 602 -6.61 -2.61 -44.68
N ASN C 603 -5.71 -3.58 -44.63
CA ASN C 603 -4.88 -3.85 -45.79
C ASN C 603 -5.70 -4.52 -46.89
N THR C 604 -6.84 -5.10 -46.53
CA THR C 604 -7.71 -5.76 -47.50
C THR C 604 -8.89 -4.89 -47.88
N SER C 605 -9.59 -4.32 -46.90
CA SER C 605 -10.73 -3.46 -47.17
C SER C 605 -10.89 -2.50 -45.99
N ASN C 606 -11.85 -1.58 -46.12
CA ASN C 606 -12.14 -0.62 -45.07
C ASN C 606 -13.53 -0.77 -44.48
N GLN C 607 -14.37 -1.64 -45.03
CA GLN C 607 -15.69 -1.85 -44.44
C GLN C 607 -15.54 -2.39 -43.02
N VAL C 608 -16.42 -1.92 -42.14
CA VAL C 608 -16.33 -2.23 -40.71
C VAL C 608 -17.72 -2.53 -40.19
N ALA C 609 -17.84 -3.57 -39.38
CA ALA C 609 -19.05 -3.87 -38.65
C ALA C 609 -18.86 -3.50 -37.18
N VAL C 610 -19.97 -3.21 -36.51
CA VAL C 610 -19.96 -2.79 -35.13
C VAL C 610 -20.82 -3.74 -34.31
N LEU C 611 -20.28 -4.22 -33.19
CA LEU C 611 -21.00 -5.13 -32.31
C LEU C 611 -21.17 -4.45 -30.95
N TYR C 612 -22.41 -4.16 -30.59
CA TYR C 612 -22.73 -3.64 -29.27
C TYR C 612 -23.08 -4.84 -28.38
N GLN C 613 -22.31 -5.04 -27.31
CA GLN C 613 -22.51 -6.19 -26.45
C GLN C 613 -23.59 -5.90 -25.42
N ASP C 614 -24.49 -6.86 -25.23
CA ASP C 614 -25.54 -6.76 -24.21
C ASP C 614 -26.45 -5.57 -24.46
N VAL C 615 -26.60 -5.18 -25.72
CA VAL C 615 -27.44 -4.05 -26.12
C VAL C 615 -28.40 -4.57 -27.18
N ASN C 616 -29.63 -4.87 -26.77
CA ASN C 616 -30.67 -5.32 -27.67
C ASN C 616 -30.84 -4.32 -28.81
N CYS C 617 -31.14 -4.83 -30.01
CA CYS C 617 -31.28 -3.97 -31.18
C CYS C 617 -32.54 -3.13 -31.02
N THR C 618 -32.47 -2.19 -30.08
CA THR C 618 -33.50 -1.17 -29.91
C THR C 618 -32.89 0.19 -29.67
N GLU C 619 -31.58 0.30 -29.56
CA GLU C 619 -30.89 1.55 -29.26
C GLU C 619 -29.80 1.77 -30.31
N VAL C 620 -29.83 2.94 -30.95
CA VAL C 620 -28.85 3.25 -31.98
C VAL C 620 -27.77 4.15 -31.41
N ASN C 641 -28.30 -5.97 -42.64
CA ASN C 641 -28.21 -4.65 -42.03
C ASN C 641 -28.03 -4.74 -40.53
N VAL C 642 -29.07 -5.21 -39.83
CA VAL C 642 -29.07 -5.32 -38.39
C VAL C 642 -29.34 -6.77 -38.00
N PHE C 643 -28.51 -7.31 -37.11
CA PHE C 643 -28.62 -8.67 -36.64
C PHE C 643 -28.61 -8.70 -35.13
N GLN C 644 -29.32 -9.65 -34.56
CA GLN C 644 -29.43 -9.80 -33.11
C GLN C 644 -28.84 -11.16 -32.71
N THR C 645 -27.66 -11.13 -32.12
CA THR C 645 -27.01 -12.35 -31.65
C THR C 645 -27.06 -12.40 -30.12
N ARG C 646 -26.76 -13.59 -29.59
CA ARG C 646 -26.70 -13.74 -28.15
C ARG C 646 -25.64 -12.83 -27.53
N ALA C 647 -24.62 -12.45 -28.28
CA ALA C 647 -23.60 -11.54 -27.78
C ALA C 647 -24.04 -10.09 -27.83
N GLY C 648 -25.08 -9.78 -28.59
CA GLY C 648 -25.54 -8.40 -28.67
C GLY C 648 -26.18 -8.04 -29.98
N CYS C 649 -25.86 -6.85 -30.49
CA CYS C 649 -26.44 -6.35 -31.72
C CYS C 649 -25.32 -6.06 -32.71
N LEU C 650 -25.46 -6.58 -33.92
CA LEU C 650 -24.42 -6.49 -34.94
C LEU C 650 -24.93 -5.64 -36.10
N ILE C 651 -24.17 -4.62 -36.46
CA ILE C 651 -24.55 -3.68 -37.51
C ILE C 651 -23.46 -3.66 -38.57
N GLY C 652 -23.87 -3.81 -39.83
CA GLY C 652 -22.94 -3.79 -40.93
C GLY C 652 -22.61 -5.15 -41.51
N ALA C 653 -23.16 -6.21 -40.95
CA ALA C 653 -22.94 -7.57 -41.45
C ALA C 653 -24.29 -8.21 -41.75
N GLU C 654 -24.34 -8.99 -42.82
CA GLU C 654 -25.57 -9.65 -43.24
C GLU C 654 -25.56 -11.10 -42.81
N HIS C 655 -26.65 -11.53 -42.19
CA HIS C 655 -26.77 -12.91 -41.74
C HIS C 655 -27.01 -13.81 -42.93
N VAL C 656 -26.34 -14.96 -42.97
CA VAL C 656 -26.31 -15.77 -44.18
C VAL C 656 -26.55 -17.21 -43.84
N ASN C 657 -27.29 -17.89 -44.71
CA ASN C 657 -27.75 -19.25 -44.46
C ASN C 657 -26.60 -20.25 -44.62
N ASN C 658 -25.71 -20.01 -45.57
CA ASN C 658 -24.51 -20.82 -45.71
C ASN C 658 -23.61 -20.68 -44.48
N SER C 659 -22.92 -21.75 -44.14
CA SER C 659 -22.04 -21.78 -42.98
C SER C 659 -20.61 -22.04 -43.42
N TYR C 660 -19.66 -21.31 -42.86
CA TYR C 660 -18.26 -21.44 -43.23
C TYR C 660 -17.41 -21.57 -41.97
N GLU C 661 -16.14 -21.92 -42.19
CA GLU C 661 -15.20 -22.03 -41.08
C GLU C 661 -14.98 -20.67 -40.43
N CYS C 662 -14.85 -20.67 -39.11
CA CYS C 662 -14.83 -19.42 -38.36
C CYS C 662 -13.60 -18.59 -38.70
N ASP C 663 -13.81 -17.32 -39.04
CA ASP C 663 -12.73 -16.41 -39.39
C ASP C 663 -12.53 -15.35 -38.31
N ILE C 664 -13.56 -14.57 -38.00
CA ILE C 664 -13.49 -13.58 -36.93
C ILE C 664 -14.48 -13.98 -35.85
N PRO C 665 -14.03 -14.57 -34.75
CA PRO C 665 -14.98 -15.05 -33.74
C PRO C 665 -15.68 -13.89 -33.04
N ILE C 666 -17.00 -13.94 -33.02
CA ILE C 666 -17.80 -12.94 -32.32
C ILE C 666 -18.28 -13.45 -30.97
N GLY C 667 -18.87 -14.62 -30.94
CA GLY C 667 -19.36 -15.21 -29.71
C GLY C 667 -20.66 -15.96 -29.94
N ALA C 668 -20.92 -16.94 -29.06
CA ALA C 668 -22.14 -17.74 -29.10
C ALA C 668 -22.29 -18.47 -30.42
N GLY C 669 -21.16 -18.82 -31.04
CA GLY C 669 -21.18 -19.60 -32.25
C GLY C 669 -21.40 -18.83 -33.54
N ILE C 670 -21.33 -17.51 -33.51
CA ILE C 670 -21.45 -16.68 -34.70
C ILE C 670 -20.08 -16.09 -35.01
N CYS C 671 -19.67 -16.18 -36.27
CA CYS C 671 -18.40 -15.66 -36.73
C CYS C 671 -18.63 -14.71 -37.89
N ALA C 672 -17.56 -14.07 -38.35
CA ALA C 672 -17.66 -13.13 -39.46
C ALA C 672 -16.58 -13.38 -40.51
N VAL C 687 -15.22 -11.77 -44.29
CA VAL C 687 -15.48 -10.99 -45.49
C VAL C 687 -15.52 -11.89 -46.72
N ALA C 688 -16.55 -11.71 -47.54
CA ALA C 688 -16.71 -12.50 -48.75
C ALA C 688 -17.59 -11.73 -49.71
N SER C 689 -17.25 -11.84 -51.00
CA SER C 689 -17.99 -11.16 -52.07
C SER C 689 -18.11 -9.65 -51.81
N GLN C 690 -17.00 -9.04 -51.40
CA GLN C 690 -16.92 -7.60 -51.19
C GLN C 690 -17.95 -7.10 -50.17
N SER C 691 -18.14 -7.86 -49.09
CA SER C 691 -19.05 -7.46 -48.04
C SER C 691 -18.71 -8.24 -46.77
N ILE C 692 -19.25 -7.77 -45.65
CA ILE C 692 -19.04 -8.40 -44.35
C ILE C 692 -20.28 -9.21 -44.02
N ILE C 693 -20.09 -10.48 -43.68
CA ILE C 693 -21.20 -11.39 -43.42
C ILE C 693 -21.01 -12.04 -42.07
N ALA C 694 -22.13 -12.35 -41.41
CA ALA C 694 -22.14 -13.04 -40.13
C ALA C 694 -22.91 -14.34 -40.28
N TYR C 695 -22.30 -15.44 -39.85
CA TYR C 695 -22.86 -16.76 -40.04
C TYR C 695 -22.60 -17.63 -38.82
N THR C 696 -23.41 -18.67 -38.68
CA THR C 696 -23.14 -19.65 -37.65
C THR C 696 -21.82 -20.37 -37.95
N MET C 697 -21.12 -20.74 -36.89
CA MET C 697 -19.81 -21.38 -37.05
C MET C 697 -19.94 -22.66 -37.86
N SER C 698 -18.82 -23.04 -38.48
CA SER C 698 -18.81 -24.21 -39.35
C SER C 698 -19.22 -25.45 -38.57
N LEU C 699 -20.18 -26.19 -39.12
CA LEU C 699 -20.59 -27.44 -38.51
C LEU C 699 -19.49 -28.49 -38.56
N GLY C 700 -18.46 -28.26 -39.36
CA GLY C 700 -17.45 -29.27 -39.61
C GLY C 700 -17.78 -30.11 -40.83
N ALA C 701 -16.73 -30.60 -41.48
CA ALA C 701 -16.93 -31.40 -42.69
C ALA C 701 -17.70 -32.66 -42.36
N GLU C 702 -18.84 -32.84 -43.02
CA GLU C 702 -19.63 -34.03 -42.81
C GLU C 702 -18.91 -35.27 -43.34
N ASN C 703 -19.00 -36.37 -42.59
CA ASN C 703 -18.34 -37.60 -43.00
C ASN C 703 -18.98 -38.77 -42.25
N SER C 704 -19.38 -39.78 -42.99
CA SER C 704 -19.95 -41.00 -42.43
C SER C 704 -19.03 -42.16 -42.72
N VAL C 705 -18.70 -42.93 -41.69
CA VAL C 705 -17.84 -44.10 -41.83
C VAL C 705 -18.72 -45.33 -41.97
N ALA C 706 -18.52 -46.08 -43.04
CA ALA C 706 -19.37 -47.24 -43.33
C ALA C 706 -18.97 -48.38 -42.40
N TYR C 707 -19.53 -48.34 -41.19
CA TYR C 707 -19.31 -49.40 -40.22
C TYR C 707 -20.03 -50.66 -40.66
N SER C 708 -19.40 -51.81 -40.47
CA SER C 708 -20.04 -53.08 -40.76
C SER C 708 -19.32 -54.17 -39.99
N ASN C 709 -20.10 -55.13 -39.51
CA ASN C 709 -19.56 -56.22 -38.71
C ASN C 709 -18.73 -57.22 -39.51
N ASN C 710 -18.56 -57.02 -40.81
CA ASN C 710 -17.66 -57.89 -41.57
C ASN C 710 -16.86 -57.10 -42.60
N SER C 711 -16.61 -55.82 -42.35
CA SER C 711 -15.89 -54.98 -43.30
C SER C 711 -14.72 -54.31 -42.61
N ILE C 712 -13.61 -54.18 -43.34
CA ILE C 712 -12.39 -53.59 -42.83
C ILE C 712 -11.87 -52.61 -43.87
N ALA C 713 -11.09 -51.65 -43.42
CA ALA C 713 -10.45 -50.67 -44.29
C ALA C 713 -8.96 -50.69 -43.99
N ILE C 714 -8.17 -51.15 -44.95
CA ILE C 714 -6.74 -51.36 -44.76
C ILE C 714 -5.98 -50.42 -45.67
N PRO C 715 -5.07 -49.60 -45.16
CA PRO C 715 -4.32 -48.69 -46.03
C PRO C 715 -3.33 -49.46 -46.89
N THR C 716 -3.39 -49.24 -48.20
CA THR C 716 -2.47 -49.87 -49.13
C THR C 716 -1.26 -49.01 -49.45
N ASN C 717 -1.23 -47.77 -49.00
CA ASN C 717 -0.10 -46.89 -49.22
C ASN C 717 0.03 -45.96 -48.03
N PHE C 718 1.13 -45.22 -47.99
CA PHE C 718 1.43 -44.37 -46.86
C PHE C 718 2.02 -43.07 -47.36
N THR C 719 2.28 -42.17 -46.42
CA THR C 719 2.94 -40.91 -46.72
C THR C 719 3.74 -40.48 -45.51
N ILE C 720 4.82 -39.76 -45.75
CA ILE C 720 5.69 -39.25 -44.69
C ILE C 720 5.45 -37.76 -44.57
N SER C 721 4.92 -37.34 -43.44
CA SER C 721 4.54 -35.95 -43.24
C SER C 721 5.45 -35.32 -42.20
N VAL C 722 5.99 -34.15 -42.50
CA VAL C 722 6.82 -33.39 -41.58
C VAL C 722 6.05 -32.15 -41.16
N THR C 723 5.82 -32.01 -39.87
CA THR C 723 5.08 -30.88 -39.33
C THR C 723 5.98 -30.08 -38.39
N THR C 724 5.63 -28.82 -38.19
CA THR C 724 6.41 -27.93 -37.32
C THR C 724 5.61 -27.60 -36.08
N GLU C 725 6.30 -27.58 -34.94
CA GLU C 725 5.69 -27.20 -33.67
C GLU C 725 6.64 -26.25 -32.95
N ILE C 726 6.17 -25.04 -32.69
CA ILE C 726 7.00 -23.99 -32.11
C ILE C 726 6.65 -23.84 -30.64
N LEU C 727 7.66 -23.86 -29.78
CA LEU C 727 7.45 -23.74 -28.33
C LEU C 727 8.39 -22.69 -27.77
N PRO C 728 7.89 -21.69 -27.05
CA PRO C 728 8.79 -20.76 -26.36
C PRO C 728 9.55 -21.47 -25.25
N VAL C 729 10.75 -20.98 -24.98
CA VAL C 729 11.63 -21.56 -23.97
C VAL C 729 11.97 -20.55 -22.88
N SER C 730 12.29 -19.33 -23.27
CA SER C 730 12.68 -18.29 -22.32
C SER C 730 12.27 -16.94 -22.87
N MET C 731 12.58 -15.89 -22.12
CA MET C 731 12.36 -14.53 -22.58
C MET C 731 13.54 -13.67 -22.15
N THR C 732 13.41 -12.36 -22.39
CA THR C 732 14.46 -11.42 -22.03
C THR C 732 14.62 -11.36 -20.52
N LYS C 733 15.87 -11.37 -20.06
CA LYS C 733 16.16 -11.30 -18.62
C LYS C 733 16.21 -9.83 -18.22
N THR C 734 15.05 -9.28 -17.93
CA THR C 734 14.97 -7.89 -17.53
C THR C 734 15.36 -7.72 -16.07
N SER C 735 15.78 -6.51 -15.72
CA SER C 735 16.07 -6.18 -14.33
C SER C 735 15.90 -4.69 -14.14
N VAL C 736 15.17 -4.30 -13.11
CA VAL C 736 14.93 -2.89 -12.81
C VAL C 736 15.59 -2.57 -11.47
N ASP C 737 16.17 -1.39 -11.39
CA ASP C 737 16.77 -0.90 -10.16
C ASP C 737 15.75 0.01 -9.49
N CYS C 738 15.27 -0.41 -8.31
CA CYS C 738 14.19 0.31 -7.65
C CYS C 738 14.60 1.75 -7.36
N THR C 739 15.73 1.92 -6.69
CA THR C 739 16.05 3.21 -6.07
C THR C 739 16.09 4.35 -7.07
N MET C 740 16.69 4.13 -8.24
CA MET C 740 16.81 5.20 -9.22
C MET C 740 15.67 5.21 -10.23
N TYR C 741 14.75 4.26 -10.15
CA TYR C 741 13.56 4.31 -11.00
C TYR C 741 12.42 5.04 -10.30
N ILE C 742 11.97 4.50 -9.17
CA ILE C 742 10.85 5.10 -8.44
C ILE C 742 11.26 6.46 -7.90
N CYS C 743 12.52 6.62 -7.56
CA CYS C 743 12.99 7.70 -6.71
C CYS C 743 14.28 8.26 -7.29
N GLY C 744 14.27 8.54 -8.59
CA GLY C 744 15.44 8.91 -9.35
C GLY C 744 16.34 9.97 -8.75
N ASP C 745 17.58 9.58 -8.45
CA ASP C 745 18.71 10.45 -8.11
C ASP C 745 18.35 11.67 -7.27
N SER C 746 17.49 11.50 -6.27
CA SER C 746 17.18 12.55 -5.31
C SER C 746 17.39 12.01 -3.92
N THR C 747 18.28 12.64 -3.15
CA THR C 747 18.62 12.14 -1.83
C THR C 747 17.48 12.29 -0.85
N GLU C 748 16.80 13.43 -0.84
CA GLU C 748 15.65 13.60 0.05
C GLU C 748 14.52 12.65 -0.31
N CYS C 749 14.37 12.36 -1.60
CA CYS C 749 13.46 11.29 -2.01
C CYS C 749 13.83 9.96 -1.35
N SER C 750 15.10 9.55 -1.47
CA SER C 750 15.49 8.24 -0.96
C SER C 750 15.40 8.18 0.56
N ASN C 751 15.65 9.30 1.24
CA ASN C 751 15.60 9.30 2.69
C ASN C 751 14.23 8.89 3.19
N LEU C 752 13.17 9.34 2.53
CA LEU C 752 11.84 8.94 2.90
C LEU C 752 11.39 7.66 2.20
N LEU C 753 12.06 7.26 1.12
CA LEU C 753 11.76 5.96 0.52
C LEU C 753 12.21 4.83 1.42
N LEU C 754 13.34 4.99 2.11
CA LEU C 754 13.78 3.97 3.07
C LEU C 754 12.78 3.75 4.19
N GLN C 755 11.86 4.68 4.41
CA GLN C 755 10.81 4.48 5.39
C GLN C 755 9.87 3.34 5.02
N TYR C 756 9.83 2.94 3.76
CA TYR C 756 8.91 1.91 3.31
C TYR C 756 9.43 0.50 3.54
N GLY C 757 10.63 0.37 4.09
CA GLY C 757 11.17 -0.95 4.36
C GLY C 757 11.91 -1.55 3.17
N SER C 758 11.72 -2.83 2.94
CA SER C 758 12.49 -3.58 1.94
C SER C 758 11.59 -4.07 0.81
N PHE C 759 10.68 -3.22 0.35
CA PHE C 759 9.82 -3.61 -0.76
C PHE C 759 10.62 -3.85 -2.03
N CYS C 760 11.44 -2.88 -2.42
CA CYS C 760 12.13 -3.03 -3.68
C CYS C 760 13.29 -4.01 -3.57
N THR C 761 13.76 -4.32 -2.37
CA THR C 761 14.65 -5.47 -2.22
C THR C 761 13.95 -6.76 -2.64
N GLN C 762 12.69 -6.93 -2.20
CA GLN C 762 11.91 -8.07 -2.66
C GLN C 762 11.72 -8.03 -4.17
N LEU C 763 11.49 -6.84 -4.71
CA LEU C 763 11.32 -6.71 -6.16
C LEU C 763 12.56 -7.17 -6.91
N ASN C 764 13.73 -6.71 -6.47
CA ASN C 764 14.98 -7.14 -7.10
C ASN C 764 15.19 -8.62 -6.95
N ARG C 765 14.86 -9.18 -5.78
CA ARG C 765 14.99 -10.62 -5.59
C ARG C 765 14.11 -11.39 -6.56
N ALA C 766 12.86 -10.97 -6.73
CA ALA C 766 11.96 -11.66 -7.64
C ALA C 766 12.45 -11.58 -9.07
N LEU C 767 12.92 -10.39 -9.49
CA LEU C 767 13.39 -10.26 -10.86
C LEU C 767 14.65 -11.08 -11.09
N THR C 768 15.54 -11.14 -10.09
CA THR C 768 16.72 -11.99 -10.21
C THR C 768 16.33 -13.46 -10.32
N GLY C 769 15.33 -13.88 -9.55
CA GLY C 769 14.84 -15.24 -9.67
C GLY C 769 14.32 -15.54 -11.05
N ILE C 770 13.56 -14.62 -11.63
CA ILE C 770 13.08 -14.81 -12.99
C ILE C 770 14.23 -14.91 -13.97
N ALA C 771 15.22 -14.03 -13.82
CA ALA C 771 16.35 -14.03 -14.75
C ALA C 771 17.12 -15.34 -14.70
N VAL C 772 17.38 -15.86 -13.50
CA VAL C 772 18.11 -17.12 -13.42
C VAL C 772 17.23 -18.28 -13.90
N GLU C 773 15.92 -18.19 -13.69
CA GLU C 773 15.03 -19.23 -14.18
C GLU C 773 15.03 -19.32 -15.70
N GLN C 774 15.22 -18.19 -16.37
CA GLN C 774 15.30 -18.23 -17.84
C GLN C 774 16.48 -19.10 -18.30
N ASP C 775 17.65 -18.87 -17.71
CA ASP C 775 18.81 -19.68 -18.07
C ASP C 775 18.60 -21.14 -17.70
N LYS C 776 17.97 -21.39 -16.56
CA LYS C 776 17.66 -22.78 -16.20
C LYS C 776 16.76 -23.42 -17.24
N ASN C 777 15.77 -22.69 -17.73
CA ASN C 777 14.86 -23.22 -18.74
C ASN C 777 15.62 -23.59 -20.01
N THR C 778 16.44 -22.67 -20.51
CA THR C 778 17.17 -22.95 -21.74
C THR C 778 18.11 -24.14 -21.55
N GLN C 779 18.80 -24.20 -20.41
CA GLN C 779 19.69 -25.33 -20.13
C GLN C 779 18.93 -26.64 -20.11
N GLU C 780 17.76 -26.66 -19.47
CA GLU C 780 16.98 -27.90 -19.40
C GLU C 780 16.52 -28.33 -20.79
N VAL C 781 16.08 -27.38 -21.60
CA VAL C 781 15.53 -27.75 -22.91
C VAL C 781 16.64 -28.26 -23.82
N PHE C 782 17.77 -27.56 -23.89
CA PHE C 782 18.75 -27.87 -24.91
C PHE C 782 19.90 -28.73 -24.41
N ALA C 783 20.46 -28.43 -23.24
CA ALA C 783 21.64 -29.15 -22.74
C ALA C 783 21.22 -30.51 -22.21
N GLN C 784 20.98 -31.43 -23.13
CA GLN C 784 20.66 -32.81 -22.79
C GLN C 784 21.63 -33.82 -23.37
N VAL C 785 22.63 -33.37 -24.12
CA VAL C 785 23.67 -34.25 -24.62
C VAL C 785 24.94 -34.02 -23.82
N LYS C 786 25.55 -35.11 -23.36
CA LYS C 786 26.78 -34.99 -22.59
C LYS C 786 27.97 -34.63 -23.48
N GLN C 787 27.92 -35.01 -24.75
CA GLN C 787 29.01 -34.79 -25.67
C GLN C 787 28.48 -34.10 -26.92
N ILE C 788 29.38 -33.42 -27.63
CA ILE C 788 29.04 -32.69 -28.84
C ILE C 788 29.36 -33.62 -30.01
N TYR C 789 28.34 -34.34 -30.48
CA TYR C 789 28.52 -35.22 -31.62
C TYR C 789 28.67 -34.41 -32.90
N LYS C 790 29.33 -35.01 -33.89
CA LYS C 790 29.57 -34.37 -35.15
C LYS C 790 29.20 -35.31 -36.28
N THR C 791 28.55 -34.77 -37.31
CA THR C 791 28.17 -35.58 -38.46
C THR C 791 29.41 -35.99 -39.25
N PRO C 792 29.37 -37.15 -39.90
CA PRO C 792 30.50 -37.54 -40.74
C PRO C 792 30.64 -36.58 -41.91
N PRO C 793 31.86 -36.41 -42.42
CA PRO C 793 32.07 -35.43 -43.50
C PRO C 793 31.25 -35.72 -44.75
N ILE C 794 31.05 -36.99 -45.08
CA ILE C 794 30.31 -37.38 -46.27
C ILE C 794 28.86 -37.66 -45.87
N LYS C 795 27.93 -37.11 -46.63
CA LYS C 795 26.51 -37.24 -46.33
C LYS C 795 25.92 -38.38 -47.14
N ASP C 796 26.29 -39.61 -46.76
CA ASP C 796 25.79 -40.83 -47.38
C ASP C 796 24.77 -41.45 -46.43
N PHE C 797 23.53 -40.99 -46.52
CA PHE C 797 22.46 -41.46 -45.65
C PHE C 797 21.39 -42.22 -46.41
N GLY C 798 21.79 -43.00 -47.39
CA GLY C 798 20.86 -43.86 -48.11
C GLY C 798 19.78 -43.11 -48.86
N GLY C 799 20.09 -41.95 -49.42
CA GLY C 799 19.14 -41.17 -50.18
C GLY C 799 18.47 -40.07 -49.41
N PHE C 800 18.54 -40.10 -48.08
CA PHE C 800 17.93 -39.06 -47.27
C PHE C 800 18.78 -37.80 -47.29
N ASN C 801 18.12 -36.66 -47.41
CA ASN C 801 18.78 -35.37 -47.60
C ASN C 801 18.51 -34.51 -46.38
N PHE C 802 19.54 -34.31 -45.57
CA PHE C 802 19.45 -33.48 -44.37
C PHE C 802 20.11 -32.12 -44.56
N SER C 803 20.35 -31.72 -45.81
CA SER C 803 21.05 -30.48 -46.03
C SER C 803 20.28 -29.27 -45.50
N GLN C 804 18.96 -29.40 -45.38
CA GLN C 804 18.13 -28.29 -44.93
C GLN C 804 18.14 -28.11 -43.42
N ILE C 805 18.59 -29.10 -42.65
CA ILE C 805 18.61 -28.98 -41.20
C ILE C 805 20.00 -29.13 -40.61
N LEU C 806 20.97 -29.65 -41.34
CA LEU C 806 22.33 -29.71 -40.83
C LEU C 806 22.97 -28.33 -40.93
N PRO C 807 23.91 -28.01 -40.03
CA PRO C 807 24.56 -26.70 -40.09
C PRO C 807 25.30 -26.50 -41.40
N ASP C 808 25.28 -25.26 -41.88
CA ASP C 808 25.87 -24.94 -43.17
C ASP C 808 27.25 -24.33 -42.96
N PRO C 809 28.32 -24.99 -43.37
CA PRO C 809 29.67 -24.42 -43.16
C PRO C 809 29.89 -23.09 -43.86
N SER C 810 29.26 -22.89 -45.02
CA SER C 810 29.51 -21.67 -45.79
C SER C 810 29.04 -20.43 -45.04
N LYS C 811 27.90 -20.52 -44.38
CA LYS C 811 27.36 -19.36 -43.69
C LYS C 811 28.30 -18.93 -42.56
N PRO C 812 28.55 -17.62 -42.41
CA PRO C 812 29.38 -17.17 -41.29
C PRO C 812 28.82 -17.55 -39.94
N SER C 813 27.51 -17.55 -39.79
CA SER C 813 26.86 -18.02 -38.57
C SER C 813 26.52 -19.49 -38.77
N LYS C 814 27.00 -20.34 -37.87
CA LYS C 814 26.84 -21.78 -38.03
C LYS C 814 25.40 -22.19 -37.74
N ARG C 815 24.48 -21.80 -38.61
CA ARG C 815 23.08 -22.16 -38.47
C ARG C 815 22.58 -22.81 -39.76
N SER C 816 21.74 -23.81 -39.60
CA SER C 816 21.16 -24.50 -40.73
C SER C 816 20.17 -23.57 -41.45
N PRO C 817 19.87 -23.85 -42.72
CA PRO C 817 18.95 -22.96 -43.46
C PRO C 817 17.61 -22.76 -42.77
N ILE C 818 17.05 -23.79 -42.15
CA ILE C 818 15.75 -23.64 -41.50
C ILE C 818 15.83 -22.68 -40.34
N GLU C 819 16.83 -22.86 -39.46
CA GLU C 819 16.92 -21.97 -38.31
C GLU C 819 17.42 -20.59 -38.72
N ASP C 820 18.18 -20.49 -39.81
CA ASP C 820 18.52 -19.19 -40.34
C ASP C 820 17.27 -18.44 -40.80
N LEU C 821 16.39 -19.13 -41.51
CA LEU C 821 15.13 -18.54 -41.91
C LEU C 821 14.29 -18.15 -40.70
N LEU C 822 14.31 -19.00 -39.67
CA LEU C 822 13.58 -18.67 -38.44
C LEU C 822 14.11 -17.40 -37.81
N PHE C 823 15.43 -17.26 -37.73
CA PHE C 823 16.02 -16.06 -37.14
C PHE C 823 15.67 -14.83 -37.96
N ASN C 824 15.73 -14.92 -39.29
CA ASN C 824 15.42 -13.76 -40.11
C ASN C 824 13.94 -13.42 -40.04
N LYS C 825 13.08 -14.42 -39.84
CA LYS C 825 11.64 -14.18 -39.85
C LYS C 825 11.23 -13.28 -38.69
N VAL C 826 11.61 -13.64 -37.47
CA VAL C 826 11.22 -12.87 -36.30
C VAL C 826 12.04 -11.58 -36.25
N THR C 827 11.36 -10.47 -36.02
CA THR C 827 11.98 -9.15 -36.00
C THR C 827 11.72 -8.47 -34.67
N LEU C 828 12.72 -7.76 -34.17
CA LEU C 828 12.62 -7.07 -32.90
C LEU C 828 12.23 -5.60 -33.10
N GLN C 853 17.97 -1.63 -25.83
CA GLN C 853 17.43 -0.29 -25.60
C GLN C 853 17.96 0.27 -24.27
N LYS C 854 18.35 1.54 -24.30
CA LYS C 854 18.87 2.21 -23.11
C LYS C 854 17.74 2.96 -22.41
N PHE C 855 17.59 2.71 -21.11
CA PHE C 855 16.49 3.31 -20.36
C PHE C 855 16.98 3.80 -19.00
N ASN C 856 16.04 4.13 -18.12
CA ASN C 856 16.34 4.59 -16.76
C ASN C 856 16.06 3.49 -15.73
N GLY C 857 17.11 2.80 -15.32
CA GLY C 857 17.01 1.73 -14.35
C GLY C 857 16.70 0.38 -14.94
N LEU C 858 16.32 0.31 -16.20
CA LEU C 858 15.98 -0.94 -16.85
C LEU C 858 17.21 -1.47 -17.58
N THR C 859 17.55 -2.72 -17.32
CA THR C 859 18.67 -3.36 -17.99
C THR C 859 18.24 -4.74 -18.46
N VAL C 860 18.88 -5.21 -19.52
CA VAL C 860 18.58 -6.50 -20.12
C VAL C 860 19.83 -7.35 -19.99
N LEU C 861 19.87 -8.21 -18.98
CA LEU C 861 21.02 -9.08 -18.80
C LEU C 861 21.12 -10.04 -19.98
N PRO C 862 22.29 -10.17 -20.60
CA PRO C 862 22.39 -11.08 -21.75
C PRO C 862 22.17 -12.51 -21.32
N PRO C 863 21.61 -13.34 -22.19
CA PRO C 863 21.40 -14.75 -21.84
C PRO C 863 22.73 -15.46 -21.66
N LEU C 864 22.71 -16.48 -20.80
CA LEU C 864 23.94 -17.22 -20.53
C LEU C 864 24.44 -17.95 -21.77
N LEU C 865 23.54 -18.58 -22.52
CA LEU C 865 23.90 -19.32 -23.72
C LEU C 865 23.65 -18.42 -24.92
N THR C 866 24.72 -18.12 -25.67
CA THR C 866 24.54 -17.34 -26.88
C THR C 866 23.84 -18.18 -27.95
N ASP C 867 23.27 -17.49 -28.94
CA ASP C 867 22.47 -18.17 -29.95
C ASP C 867 23.29 -19.18 -30.72
N GLU C 868 24.55 -18.85 -31.00
CA GLU C 868 25.43 -19.80 -31.68
C GLU C 868 25.62 -21.06 -30.83
N MET C 869 25.69 -20.90 -29.51
CA MET C 869 25.89 -22.05 -28.63
C MET C 869 24.67 -22.96 -28.63
N ILE C 870 23.47 -22.38 -28.62
CA ILE C 870 22.26 -23.17 -28.73
C ILE C 870 22.20 -23.87 -30.08
N ALA C 871 22.64 -23.17 -31.14
CA ALA C 871 22.71 -23.82 -32.44
C ALA C 871 23.67 -24.99 -32.43
N GLN C 872 24.75 -24.88 -31.65
CA GLN C 872 25.69 -25.98 -31.54
C GLN C 872 25.07 -27.18 -30.83
N TYR C 873 24.31 -26.94 -29.75
CA TYR C 873 23.51 -28.02 -29.18
C TYR C 873 22.56 -28.65 -30.18
N THR C 874 21.86 -27.85 -30.97
CA THR C 874 20.92 -28.43 -31.93
C THR C 874 21.67 -29.27 -32.96
N SER C 875 22.82 -28.80 -33.41
CA SER C 875 23.63 -29.58 -34.34
C SER C 875 24.09 -30.88 -33.72
N ALA C 876 24.50 -30.84 -32.45
CA ALA C 876 24.93 -32.05 -31.77
C ALA C 876 23.78 -33.05 -31.67
N LEU C 877 22.59 -32.56 -31.32
CA LEU C 877 21.44 -33.45 -31.23
C LEU C 877 21.10 -34.05 -32.58
N LEU C 878 21.15 -33.25 -33.64
CA LEU C 878 20.87 -33.76 -34.98
C LEU C 878 21.88 -34.83 -35.37
N ALA C 879 23.16 -34.58 -35.11
CA ALA C 879 24.19 -35.56 -35.46
C ALA C 879 23.98 -36.85 -34.67
N GLY C 880 23.68 -36.74 -33.38
CA GLY C 880 23.46 -37.93 -32.58
C GLY C 880 22.26 -38.72 -33.06
N THR C 881 21.15 -38.04 -33.35
CA THR C 881 19.96 -38.72 -33.84
C THR C 881 20.21 -39.40 -35.17
N ILE C 882 20.92 -38.72 -36.08
CA ILE C 882 21.14 -39.26 -37.40
C ILE C 882 22.05 -40.48 -37.35
N THR C 883 23.17 -40.37 -36.62
CA THR C 883 24.17 -41.41 -36.68
C THR C 883 24.01 -42.48 -35.60
N SER C 884 23.09 -42.32 -34.66
CA SER C 884 22.99 -43.31 -33.59
C SER C 884 21.56 -43.62 -33.18
N GLY C 885 20.56 -43.07 -33.86
CA GLY C 885 19.18 -43.33 -33.45
C GLY C 885 18.91 -42.80 -32.06
N TRP C 886 18.23 -43.61 -31.26
CA TRP C 886 17.94 -43.27 -29.88
C TRP C 886 19.01 -43.78 -28.92
N THR C 887 20.02 -44.50 -29.43
CA THR C 887 21.00 -45.11 -28.55
C THR C 887 21.82 -44.09 -27.79
N PHE C 888 22.00 -42.89 -28.33
CA PHE C 888 22.77 -41.89 -27.61
C PHE C 888 21.99 -41.27 -26.46
N GLY C 889 20.70 -41.54 -26.36
CA GLY C 889 19.92 -41.06 -25.24
C GLY C 889 19.90 -41.96 -24.04
N ALA C 890 20.30 -43.22 -24.21
CA ALA C 890 20.32 -44.18 -23.11
C ALA C 890 21.73 -44.35 -22.55
N GLY C 891 22.68 -44.71 -23.40
CA GLY C 891 24.05 -44.86 -22.97
C GLY C 891 25.00 -44.26 -23.98
N PRO C 892 26.09 -44.96 -24.26
CA PRO C 892 27.02 -44.49 -25.30
C PRO C 892 26.36 -44.54 -26.67
N ALA C 893 26.75 -43.59 -27.52
CA ALA C 893 26.19 -43.52 -28.86
C ALA C 893 26.70 -44.69 -29.68
N LEU C 894 25.78 -45.43 -30.29
CA LEU C 894 26.13 -46.58 -31.12
C LEU C 894 25.76 -46.28 -32.56
N GLN C 895 26.75 -46.33 -33.44
CA GLN C 895 26.50 -46.04 -34.84
C GLN C 895 25.59 -47.08 -35.46
N ILE C 896 24.82 -46.66 -36.45
CA ILE C 896 23.88 -47.53 -37.14
C ILE C 896 23.53 -46.89 -38.48
N PRO C 897 23.48 -47.65 -39.57
CA PRO C 897 23.09 -47.07 -40.85
C PRO C 897 21.69 -46.48 -40.76
N PHE C 898 21.52 -45.31 -41.38
CA PHE C 898 20.23 -44.63 -41.27
C PHE C 898 19.05 -45.45 -41.79
N PRO C 899 19.15 -46.15 -42.93
CA PRO C 899 18.01 -46.98 -43.33
C PRO C 899 17.63 -48.02 -42.30
N MET C 900 18.58 -48.62 -41.60
CA MET C 900 18.22 -49.56 -40.55
C MET C 900 17.52 -48.88 -39.39
N GLN C 901 17.96 -47.66 -39.04
CA GLN C 901 17.25 -46.92 -38.01
C GLN C 901 15.81 -46.65 -38.42
N MET C 902 15.61 -46.26 -39.68
CA MET C 902 14.25 -46.06 -40.18
C MET C 902 13.45 -47.34 -40.13
N ALA C 903 14.09 -48.48 -40.45
CA ALA C 903 13.39 -49.75 -40.39
C ALA C 903 12.94 -50.06 -38.98
N TYR C 904 13.80 -49.79 -38.00
CA TYR C 904 13.43 -50.06 -36.62
C TYR C 904 12.33 -49.12 -36.12
N ARG C 905 12.37 -47.87 -36.56
CA ARG C 905 11.30 -46.95 -36.20
C ARG C 905 9.98 -47.36 -36.84
N PHE C 906 10.04 -47.91 -38.06
CA PHE C 906 8.85 -48.50 -38.67
C PHE C 906 8.36 -49.69 -37.86
N ASN C 907 9.27 -50.55 -37.45
CA ASN C 907 8.90 -51.71 -36.65
C ASN C 907 8.27 -51.28 -35.34
N GLY C 908 8.62 -50.09 -34.85
CA GLY C 908 8.00 -49.57 -33.66
C GLY C 908 6.52 -49.30 -33.83
N ILE C 909 6.13 -48.76 -34.99
CA ILE C 909 4.74 -48.38 -35.20
C ILE C 909 3.89 -49.46 -35.84
N GLY C 910 4.36 -50.70 -35.86
CA GLY C 910 3.54 -51.80 -36.32
C GLY C 910 3.59 -52.08 -37.80
N VAL C 911 4.62 -51.62 -38.50
CA VAL C 911 4.83 -51.92 -39.91
C VAL C 911 6.11 -52.73 -40.03
N THR C 912 6.01 -53.90 -40.64
CA THR C 912 7.18 -54.76 -40.78
C THR C 912 8.25 -54.05 -41.60
N GLN C 913 9.50 -54.26 -41.21
CA GLN C 913 10.59 -53.45 -41.75
C GLN C 913 10.81 -53.69 -43.24
N ASN C 914 10.30 -54.80 -43.77
CA ASN C 914 10.48 -55.05 -45.20
C ASN C 914 9.81 -53.99 -46.04
N VAL C 915 8.79 -53.32 -45.50
CA VAL C 915 8.13 -52.24 -46.22
C VAL C 915 9.11 -51.12 -46.53
N LEU C 916 9.92 -50.73 -45.54
CA LEU C 916 10.91 -49.68 -45.78
C LEU C 916 11.94 -50.12 -46.80
N TYR C 917 12.43 -51.35 -46.71
CA TYR C 917 13.48 -51.75 -47.63
C TYR C 917 12.94 -51.90 -49.04
N GLU C 918 11.64 -52.13 -49.19
CA GLU C 918 11.08 -52.18 -50.54
C GLU C 918 10.66 -50.81 -51.06
N ASN C 919 10.42 -49.83 -50.19
CA ASN C 919 10.02 -48.51 -50.66
C ASN C 919 10.99 -47.43 -50.19
N GLN C 920 12.27 -47.78 -50.07
CA GLN C 920 13.26 -46.82 -49.56
C GLN C 920 13.35 -45.58 -50.43
N LYS C 921 13.41 -45.75 -51.75
CA LYS C 921 13.55 -44.59 -52.62
C LYS C 921 12.33 -43.69 -52.53
N LEU C 922 11.13 -44.29 -52.54
CA LEU C 922 9.91 -43.51 -52.42
C LEU C 922 9.87 -42.76 -51.09
N ILE C 923 10.26 -43.42 -50.01
CA ILE C 923 10.23 -42.78 -48.70
C ILE C 923 11.24 -41.65 -48.64
N ALA C 924 12.43 -41.84 -49.19
CA ALA C 924 13.42 -40.78 -49.21
C ALA C 924 12.92 -39.58 -50.00
N ASN C 925 12.31 -39.82 -51.16
CA ASN C 925 11.78 -38.72 -51.95
C ASN C 925 10.68 -37.99 -51.20
N GLN C 926 9.78 -38.73 -50.53
CA GLN C 926 8.72 -38.10 -49.76
C GLN C 926 9.30 -37.26 -48.62
N PHE C 927 10.31 -37.79 -47.94
CA PHE C 927 10.92 -37.07 -46.82
C PHE C 927 11.56 -35.78 -47.30
N ASN C 928 12.30 -35.84 -48.41
CA ASN C 928 12.94 -34.65 -48.94
C ASN C 928 11.90 -33.62 -49.39
N SER C 929 10.84 -34.08 -50.06
CA SER C 929 9.80 -33.16 -50.50
C SER C 929 9.11 -32.51 -49.32
N ALA C 930 8.87 -33.28 -48.25
CA ALA C 930 8.23 -32.71 -47.07
C ALA C 930 9.12 -31.66 -46.42
N ILE C 931 10.42 -31.91 -46.35
CA ILE C 931 11.32 -30.92 -45.78
C ILE C 931 11.32 -29.65 -46.61
N GLY C 932 11.35 -29.79 -47.93
CA GLY C 932 11.29 -28.62 -48.79
C GLY C 932 10.01 -27.84 -48.61
N LYS C 933 8.88 -28.54 -48.50
CA LYS C 933 7.61 -27.87 -48.28
C LYS C 933 7.60 -27.14 -46.95
N ILE C 934 8.22 -27.72 -45.92
CA ILE C 934 8.30 -27.05 -44.62
C ILE C 934 9.10 -25.76 -44.74
N GLN C 935 10.22 -25.82 -45.45
CA GLN C 935 11.01 -24.60 -45.64
C GLN C 935 10.21 -23.53 -46.37
N ASP C 936 9.51 -23.92 -47.43
CA ASP C 936 8.71 -22.94 -48.17
C ASP C 936 7.57 -22.38 -47.32
N SER C 937 6.93 -23.23 -46.52
CA SER C 937 5.85 -22.79 -45.66
C SER C 937 6.34 -21.77 -44.64
N LEU C 938 7.50 -22.03 -44.03
CA LEU C 938 8.05 -21.06 -43.08
C LEU C 938 8.45 -19.77 -43.79
N SER C 939 9.03 -19.87 -44.98
CA SER C 939 9.52 -18.68 -45.68
C SER C 939 8.40 -17.84 -46.26
N SER C 940 7.23 -18.43 -46.52
CA SER C 940 6.16 -17.71 -47.21
C SER C 940 5.01 -17.30 -46.31
N THR C 941 4.51 -18.19 -45.46
CA THR C 941 3.33 -17.89 -44.68
C THR C 941 3.68 -16.94 -43.54
N PRO C 942 3.07 -15.77 -43.46
CA PRO C 942 3.33 -14.88 -42.33
C PRO C 942 2.64 -15.39 -41.07
N SER C 943 3.11 -14.88 -39.93
CA SER C 943 2.57 -15.21 -38.62
C SER C 943 2.71 -16.69 -38.29
N ALA C 944 3.68 -17.38 -38.90
CA ALA C 944 3.93 -18.77 -38.54
C ALA C 944 4.55 -18.88 -37.16
N LEU C 945 5.30 -17.86 -36.74
CA LEU C 945 5.96 -17.83 -35.43
C LEU C 945 5.20 -16.99 -34.42
N GLY C 946 3.87 -17.03 -34.47
CA GLY C 946 3.09 -16.18 -33.60
C GLY C 946 3.37 -16.42 -32.13
N LYS C 947 3.58 -17.69 -31.76
CA LYS C 947 3.83 -18.02 -30.36
C LYS C 947 5.11 -17.36 -29.87
N LEU C 948 6.16 -17.35 -30.69
CA LEU C 948 7.41 -16.72 -30.29
C LEU C 948 7.29 -15.21 -30.29
N GLN C 949 6.57 -14.64 -31.25
CA GLN C 949 6.41 -13.20 -31.29
C GLN C 949 5.59 -12.69 -30.12
N ASP C 950 4.66 -13.49 -29.63
CA ASP C 950 3.76 -13.03 -28.58
C ASP C 950 4.51 -12.68 -27.30
N VAL C 951 5.46 -13.51 -26.89
CA VAL C 951 6.17 -13.23 -25.65
C VAL C 951 7.02 -11.98 -25.78
N VAL C 952 7.68 -11.81 -26.91
CA VAL C 952 8.50 -10.62 -27.12
C VAL C 952 7.63 -9.38 -27.10
N ASN C 953 6.49 -9.41 -27.79
CA ASN C 953 5.61 -8.26 -27.80
C ASN C 953 5.05 -7.97 -26.41
N GLN C 954 4.68 -9.01 -25.67
CA GLN C 954 4.14 -8.80 -24.33
C GLN C 954 5.17 -8.15 -23.42
N ASN C 955 6.41 -8.65 -23.45
CA ASN C 955 7.44 -8.07 -22.60
C ASN C 955 7.75 -6.64 -23.00
N ALA C 956 7.84 -6.37 -24.31
CA ALA C 956 8.10 -5.01 -24.76
C ALA C 956 6.98 -4.07 -24.35
N GLN C 957 5.73 -4.52 -24.47
CA GLN C 957 4.61 -3.68 -24.12
C GLN C 957 4.57 -3.42 -22.61
N ALA C 958 4.90 -4.44 -21.80
CA ALA C 958 4.95 -4.23 -20.36
C ALA C 958 6.03 -3.22 -19.99
N LEU C 959 7.20 -3.33 -20.61
CA LEU C 959 8.25 -2.36 -20.35
C LEU C 959 7.84 -0.95 -20.77
N ASN C 960 7.18 -0.83 -21.92
CA ASN C 960 6.74 0.47 -22.38
C ASN C 960 5.72 1.08 -21.43
N THR C 961 4.78 0.27 -20.93
CA THR C 961 3.82 0.77 -19.96
C THR C 961 4.51 1.20 -18.68
N LEU C 962 5.48 0.41 -18.21
CA LEU C 962 6.20 0.78 -17.00
C LEU C 962 6.92 2.10 -17.17
N VAL C 963 7.55 2.32 -18.33
CA VAL C 963 8.25 3.58 -18.57
C VAL C 963 7.26 4.73 -18.63
N LYS C 964 6.15 4.55 -19.38
CA LYS C 964 5.17 5.61 -19.52
C LYS C 964 4.52 5.97 -18.19
N GLN C 965 4.44 5.04 -17.25
CA GLN C 965 3.85 5.35 -15.96
C GLN C 965 4.65 6.39 -15.20
N LEU C 966 5.90 6.64 -15.57
CA LEU C 966 6.71 7.65 -14.90
C LEU C 966 6.22 9.06 -15.14
N SER C 967 5.35 9.28 -16.13
CA SER C 967 4.86 10.60 -16.46
C SER C 967 3.44 10.83 -15.94
N SER C 968 3.03 10.08 -14.93
CA SER C 968 1.70 10.23 -14.36
C SER C 968 1.76 11.06 -13.08
N ASN C 969 0.81 11.98 -12.94
CA ASN C 969 0.81 12.87 -11.79
C ASN C 969 0.51 12.13 -10.50
N PHE C 970 -0.31 11.09 -10.56
CA PHE C 970 -0.79 10.36 -9.39
C PHE C 970 -1.49 11.29 -8.39
N GLY C 971 -2.02 12.41 -8.87
CA GLY C 971 -2.66 13.39 -8.03
C GLY C 971 -1.74 14.49 -7.54
N ALA C 972 -0.43 14.35 -7.72
CA ALA C 972 0.49 15.40 -7.36
C ALA C 972 0.42 16.54 -8.37
N ILE C 973 1.06 17.65 -8.03
CA ILE C 973 0.94 18.85 -8.86
C ILE C 973 1.62 18.66 -10.20
N SER C 974 2.75 17.96 -10.23
CA SER C 974 3.41 17.63 -11.49
C SER C 974 4.11 16.29 -11.36
N SER C 975 4.25 15.60 -12.49
CA SER C 975 4.86 14.28 -12.49
C SER C 975 6.36 14.33 -12.28
N VAL C 976 7.03 15.34 -12.82
CA VAL C 976 8.48 15.42 -12.73
C VAL C 976 8.90 15.69 -11.30
N LEU C 977 9.87 14.91 -10.81
CA LEU C 977 10.28 15.02 -9.42
C LEU C 977 11.09 16.29 -9.19
N ASN C 978 12.01 16.61 -10.09
CA ASN C 978 12.95 17.69 -9.84
C ASN C 978 12.25 19.05 -9.75
N ASP C 979 11.17 19.23 -10.50
CA ASP C 979 10.48 20.51 -10.46
C ASP C 979 9.83 20.75 -9.10
N ILE C 980 9.06 19.79 -8.60
CA ILE C 980 8.43 19.98 -7.30
C ILE C 980 9.49 19.95 -6.20
N LEU C 981 10.63 19.33 -6.46
CA LEU C 981 11.71 19.31 -5.48
C LEU C 981 12.43 20.65 -5.39
N SER C 982 12.58 21.33 -6.51
CA SER C 982 13.41 22.53 -6.59
C SER C 982 12.66 23.82 -6.31
N ARG C 983 11.34 23.77 -6.16
CA ARG C 983 10.61 25.02 -5.92
C ARG C 983 9.60 24.88 -4.79
N LEU C 984 9.82 23.96 -3.87
CA LEU C 984 8.90 23.80 -2.75
C LEU C 984 9.68 23.29 -1.54
N ASP C 985 9.33 23.79 -0.36
CA ASP C 985 10.05 23.42 0.85
C ASP C 985 9.65 22.02 1.31
N PRO C 986 10.53 21.32 2.00
CA PRO C 986 10.29 19.91 2.36
C PRO C 986 9.00 19.69 3.14
N PRO C 987 8.68 20.49 4.17
CA PRO C 987 7.58 20.07 5.06
C PRO C 987 6.26 19.85 4.37
N GLU C 988 5.94 20.64 3.35
CA GLU C 988 4.70 20.45 2.60
C GLU C 988 4.91 19.68 1.31
N ALA C 989 6.08 19.81 0.67
CA ALA C 989 6.35 19.04 -0.54
C ALA C 989 6.46 17.55 -0.27
N GLU C 990 6.62 17.18 1.00
CA GLU C 990 6.68 15.76 1.36
C GLU C 990 5.40 15.05 0.95
N VAL C 991 4.27 15.75 0.96
CA VAL C 991 3.00 15.12 0.56
C VAL C 991 3.07 14.71 -0.90
N GLN C 992 3.48 15.63 -1.78
CA GLN C 992 3.61 15.31 -3.20
C GLN C 992 4.65 14.22 -3.41
N ILE C 993 5.76 14.30 -2.68
CA ILE C 993 6.79 13.28 -2.83
C ILE C 993 6.22 11.91 -2.49
N ASP C 994 5.50 11.81 -1.37
CA ASP C 994 4.95 10.52 -0.95
C ASP C 994 3.91 10.02 -1.94
N ARG C 995 3.10 10.91 -2.50
CA ARG C 995 2.12 10.47 -3.48
C ARG C 995 2.82 9.90 -4.72
N LEU C 996 3.86 10.57 -5.19
CA LEU C 996 4.61 10.03 -6.32
C LEU C 996 5.24 8.69 -5.97
N ILE C 997 5.81 8.57 -4.77
CA ILE C 997 6.45 7.32 -4.37
C ILE C 997 5.44 6.19 -4.35
N THR C 998 4.28 6.41 -3.73
CA THR C 998 3.31 5.32 -3.63
C THR C 998 2.76 4.95 -5.00
N GLY C 999 2.51 5.94 -5.86
CA GLY C 999 2.05 5.61 -7.20
C GLY C 999 3.04 4.80 -7.99
N ARG C 1000 4.31 5.22 -7.98
CA ARG C 1000 5.32 4.49 -8.74
C ARG C 1000 5.58 3.12 -8.14
N LEU C 1001 5.53 3.00 -6.82
CA LEU C 1001 5.70 1.70 -6.19
C LEU C 1001 4.58 0.76 -6.55
N GLN C 1002 3.35 1.26 -6.61
CA GLN C 1002 2.24 0.43 -7.07
C GLN C 1002 2.45 0.00 -8.51
N SER C 1003 2.93 0.90 -9.36
CA SER C 1003 3.20 0.53 -10.75
C SER C 1003 4.25 -0.57 -10.83
N LEU C 1004 5.33 -0.43 -10.05
CA LEU C 1004 6.38 -1.44 -10.06
C LEU C 1004 5.86 -2.78 -9.54
N GLN C 1005 5.04 -2.75 -8.49
CA GLN C 1005 4.47 -3.98 -7.97
C GLN C 1005 3.63 -4.68 -9.02
N THR C 1006 2.79 -3.92 -9.73
CA THR C 1006 1.98 -4.50 -10.78
C THR C 1006 2.84 -5.14 -11.86
N TYR C 1007 3.88 -4.42 -12.29
CA TYR C 1007 4.73 -4.95 -13.35
C TYR C 1007 5.42 -6.23 -12.90
N VAL C 1008 5.92 -6.25 -11.66
CA VAL C 1008 6.62 -7.43 -11.16
C VAL C 1008 5.67 -8.62 -11.07
N THR C 1009 4.44 -8.39 -10.61
CA THR C 1009 3.49 -9.49 -10.53
C THR C 1009 3.16 -10.04 -11.90
N GLN C 1010 2.94 -9.16 -12.89
CA GLN C 1010 2.70 -9.65 -14.24
C GLN C 1010 3.89 -10.44 -14.75
N GLN C 1011 5.10 -9.96 -14.48
CA GLN C 1011 6.28 -10.68 -14.94
C GLN C 1011 6.41 -12.03 -14.28
N LEU C 1012 6.07 -12.13 -12.99
CA LEU C 1012 6.13 -13.42 -12.32
C LEU C 1012 5.14 -14.41 -12.91
N ILE C 1013 3.91 -13.94 -13.18
CA ILE C 1013 2.93 -14.84 -13.77
C ILE C 1013 3.38 -15.30 -15.16
N ARG C 1014 3.86 -14.36 -15.97
CA ARG C 1014 4.34 -14.72 -17.29
C ARG C 1014 5.53 -15.66 -17.22
N ALA C 1015 6.39 -15.48 -16.23
CA ALA C 1015 7.53 -16.38 -16.04
C ALA C 1015 7.06 -17.78 -15.68
N ALA C 1016 6.02 -17.89 -14.85
CA ALA C 1016 5.49 -19.21 -14.55
C ALA C 1016 4.94 -19.87 -15.81
N GLU C 1017 4.23 -19.10 -16.63
CA GLU C 1017 3.69 -19.67 -17.85
C GLU C 1017 4.80 -20.12 -18.81
N ILE C 1018 5.84 -19.31 -18.95
CA ILE C 1018 6.97 -19.69 -19.79
C ILE C 1018 7.69 -20.89 -19.22
N ARG C 1019 7.78 -21.01 -17.90
CA ARG C 1019 8.41 -22.18 -17.32
C ARG C 1019 7.62 -23.44 -17.62
N ALA C 1020 6.29 -23.35 -17.57
CA ALA C 1020 5.48 -24.50 -17.96
C ALA C 1020 5.71 -24.86 -19.43
N SER C 1021 5.76 -23.86 -20.29
CA SER C 1021 6.01 -24.12 -21.71
C SER C 1021 7.39 -24.73 -21.92
N ALA C 1022 8.39 -24.26 -21.19
CA ALA C 1022 9.74 -24.78 -21.34
C ALA C 1022 9.85 -26.20 -20.82
N ASN C 1023 9.12 -26.52 -19.74
CA ASN C 1023 9.08 -27.91 -19.28
C ASN C 1023 8.44 -28.80 -20.32
N LEU C 1024 7.37 -28.32 -20.95
CA LEU C 1024 6.78 -29.09 -22.05
C LEU C 1024 7.78 -29.30 -23.19
N ALA C 1025 8.52 -28.25 -23.53
CA ALA C 1025 9.50 -28.37 -24.61
C ALA C 1025 10.60 -29.35 -24.25
N ALA C 1026 11.05 -29.32 -23.00
CA ALA C 1026 12.08 -30.27 -22.56
C ALA C 1026 11.56 -31.69 -22.62
N THR C 1027 10.30 -31.90 -22.21
CA THR C 1027 9.72 -33.23 -22.32
C THR C 1027 9.66 -33.69 -23.77
N LYS C 1028 9.24 -32.81 -24.67
CA LYS C 1028 9.19 -33.18 -26.08
C LYS C 1028 10.57 -33.52 -26.62
N MET C 1029 11.58 -32.73 -26.25
CA MET C 1029 12.94 -33.01 -26.70
C MET C 1029 13.42 -34.34 -26.16
N SER C 1030 13.10 -34.65 -24.91
CA SER C 1030 13.53 -35.92 -24.33
C SER C 1030 12.84 -37.09 -25.02
N GLU C 1031 11.55 -36.97 -25.31
CA GLU C 1031 10.77 -38.10 -25.83
C GLU C 1031 10.70 -38.11 -27.36
N CYS C 1032 10.24 -37.03 -27.97
CA CYS C 1032 10.05 -37.03 -29.41
C CYS C 1032 11.39 -37.11 -30.15
N VAL C 1033 12.41 -36.43 -29.66
CA VAL C 1033 13.69 -36.37 -30.36
C VAL C 1033 14.57 -37.56 -30.01
N LEU C 1034 14.90 -37.69 -28.74
CA LEU C 1034 15.79 -38.74 -28.26
C LEU C 1034 15.18 -40.10 -28.33
N GLY C 1035 14.00 -40.27 -28.90
CA GLY C 1035 13.41 -41.59 -28.99
C GLY C 1035 12.12 -41.55 -29.77
N GLN C 1036 11.45 -42.69 -29.81
CA GLN C 1036 10.17 -42.85 -30.47
C GLN C 1036 9.08 -42.90 -29.41
N SER C 1037 8.01 -42.14 -29.62
CA SER C 1037 6.96 -42.00 -28.63
C SER C 1037 5.69 -42.70 -29.10
N LYS C 1038 5.13 -43.55 -28.26
CA LYS C 1038 3.85 -44.17 -28.52
C LYS C 1038 2.68 -43.28 -28.13
N ARG C 1039 2.93 -42.14 -27.49
CA ARG C 1039 1.85 -41.25 -27.12
C ARG C 1039 1.23 -40.64 -28.36
N VAL C 1040 -0.10 -40.73 -28.46
CA VAL C 1040 -0.78 -40.26 -29.65
C VAL C 1040 -0.81 -38.75 -29.65
N ASP C 1041 -0.51 -38.15 -30.81
CA ASP C 1041 -0.67 -36.73 -31.03
C ASP C 1041 0.28 -35.91 -30.16
N PHE C 1042 1.20 -36.57 -29.46
CA PHE C 1042 2.18 -35.84 -28.67
C PHE C 1042 3.24 -35.22 -29.57
N CYS C 1043 3.70 -35.95 -30.56
CA CYS C 1043 4.77 -35.50 -31.45
C CYS C 1043 4.25 -35.32 -32.87
N GLY C 1044 3.09 -34.70 -33.01
CA GLY C 1044 2.53 -34.41 -34.32
C GLY C 1044 1.50 -35.43 -34.74
N LYS C 1045 0.69 -35.03 -35.74
CA LYS C 1045 -0.35 -35.91 -36.24
C LYS C 1045 0.25 -37.13 -36.93
N GLY C 1046 -0.44 -38.26 -36.78
CA GLY C 1046 0.04 -39.50 -37.35
C GLY C 1046 0.98 -40.24 -36.42
N TYR C 1047 1.36 -41.43 -36.85
CA TYR C 1047 2.28 -42.26 -36.09
C TYR C 1047 3.67 -41.63 -36.13
N HIS C 1048 4.27 -41.43 -34.97
CA HIS C 1048 5.51 -40.70 -34.88
C HIS C 1048 6.69 -41.57 -35.33
N LEU C 1049 7.52 -41.02 -36.23
CA LEU C 1049 8.75 -41.69 -36.64
C LEU C 1049 9.96 -41.09 -35.95
N MET C 1050 10.20 -39.79 -36.10
CA MET C 1050 11.27 -39.14 -35.36
C MET C 1050 11.01 -37.64 -35.31
N SER C 1051 11.98 -36.91 -34.78
CA SER C 1051 11.85 -35.47 -34.68
C SER C 1051 13.23 -34.84 -34.75
N PHE C 1052 13.26 -33.61 -35.27
CA PHE C 1052 14.50 -32.85 -35.38
C PHE C 1052 14.31 -31.50 -34.71
N PRO C 1053 15.21 -31.09 -33.83
CA PRO C 1053 15.08 -29.77 -33.22
C PRO C 1053 15.77 -28.69 -34.02
N GLN C 1054 15.25 -27.47 -33.90
CA GLN C 1054 15.88 -26.30 -34.46
C GLN C 1054 15.75 -25.17 -33.45
N SER C 1055 16.80 -24.37 -33.30
CA SER C 1055 16.75 -23.25 -32.39
C SER C 1055 16.09 -22.05 -33.06
N ALA C 1056 15.39 -21.25 -32.26
CA ALA C 1056 14.82 -20.00 -32.70
C ALA C 1056 14.91 -19.02 -31.54
N PRO C 1057 14.88 -17.73 -31.81
CA PRO C 1057 15.02 -16.76 -30.72
C PRO C 1057 14.03 -17.00 -29.59
N HIS C 1058 14.55 -17.37 -28.42
CA HIS C 1058 13.75 -17.65 -27.24
C HIS C 1058 12.74 -18.77 -27.49
N GLY C 1059 13.15 -19.81 -28.21
CA GLY C 1059 12.25 -20.90 -28.44
C GLY C 1059 12.89 -21.99 -29.27
N VAL C 1060 12.12 -23.06 -29.47
CA VAL C 1060 12.57 -24.22 -30.23
C VAL C 1060 11.46 -24.63 -31.18
N VAL C 1061 11.86 -24.99 -32.40
CA VAL C 1061 10.94 -25.49 -33.42
C VAL C 1061 11.25 -26.96 -33.64
N PHE C 1062 10.26 -27.81 -33.43
CA PHE C 1062 10.39 -29.24 -33.65
C PHE C 1062 9.83 -29.58 -35.02
N LEU C 1063 10.61 -30.32 -35.80
CA LEU C 1063 10.17 -30.90 -37.07
C LEU C 1063 9.84 -32.35 -36.78
N HIS C 1064 8.56 -32.66 -36.67
CA HIS C 1064 8.10 -34.01 -36.41
C HIS C 1064 7.92 -34.74 -37.74
N VAL C 1065 8.67 -35.82 -37.94
CA VAL C 1065 8.52 -36.69 -39.09
C VAL C 1065 7.64 -37.84 -38.66
N THR C 1066 6.48 -37.99 -39.30
CA THR C 1066 5.47 -38.95 -38.91
C THR C 1066 5.00 -39.73 -40.12
N TYR C 1067 4.46 -40.91 -39.84
CA TYR C 1067 3.97 -41.84 -40.86
C TYR C 1067 2.45 -41.79 -40.85
N VAL C 1068 1.84 -41.59 -42.01
CA VAL C 1068 0.40 -41.41 -42.13
C VAL C 1068 -0.12 -42.37 -43.19
N PRO C 1069 -1.06 -43.25 -42.87
CA PRO C 1069 -1.67 -44.09 -43.91
C PRO C 1069 -2.37 -43.23 -44.95
N ALA C 1070 -2.27 -43.65 -46.21
CA ALA C 1070 -2.66 -42.78 -47.32
C ALA C 1070 -3.88 -43.27 -48.09
N GLN C 1071 -3.82 -44.47 -48.66
CA GLN C 1071 -4.89 -44.97 -49.52
C GLN C 1071 -5.39 -46.29 -48.98
N GLU C 1072 -6.67 -46.35 -48.64
CA GLU C 1072 -7.24 -47.49 -47.96
C GLU C 1072 -8.18 -48.24 -48.88
N LYS C 1073 -8.08 -49.57 -48.85
CA LYS C 1073 -8.97 -50.45 -49.58
C LYS C 1073 -9.96 -51.11 -48.63
N ASN C 1074 -10.84 -51.90 -49.22
CA ASN C 1074 -12.19 -52.16 -48.73
C ASN C 1074 -12.38 -53.66 -48.67
N PHE C 1075 -12.02 -54.29 -47.56
CA PHE C 1075 -11.99 -55.74 -47.53
C PHE C 1075 -13.08 -56.31 -46.61
N THR C 1076 -13.30 -57.61 -46.76
CA THR C 1076 -14.18 -58.37 -45.88
C THR C 1076 -13.34 -59.12 -44.86
N THR C 1077 -13.85 -59.22 -43.64
CA THR C 1077 -13.04 -59.70 -42.53
C THR C 1077 -13.85 -60.61 -41.63
N ALA C 1078 -13.18 -61.62 -41.07
CA ALA C 1078 -13.74 -62.52 -40.08
C ALA C 1078 -12.80 -62.57 -38.89
N PRO C 1079 -13.33 -62.74 -37.69
CA PRO C 1079 -12.44 -62.79 -36.50
C PRO C 1079 -11.46 -63.94 -36.50
N ALA C 1080 -11.87 -65.11 -36.96
CA ALA C 1080 -11.00 -66.29 -36.89
C ALA C 1080 -11.35 -67.22 -38.06
N ILE C 1081 -10.54 -68.25 -38.23
CA ILE C 1081 -10.69 -69.18 -39.35
C ILE C 1081 -10.91 -70.58 -38.79
N CYS C 1082 -11.98 -71.22 -39.22
CA CYS C 1082 -12.30 -72.57 -38.76
C CYS C 1082 -11.71 -73.59 -39.73
N HIS C 1083 -10.83 -74.44 -39.23
CA HIS C 1083 -10.23 -75.51 -40.02
C HIS C 1083 -10.39 -76.80 -39.25
N ASP C 1084 -11.13 -77.75 -39.82
CA ASP C 1084 -11.39 -79.09 -39.29
C ASP C 1084 -11.46 -79.12 -37.76
N GLY C 1085 -12.39 -78.34 -37.22
CA GLY C 1085 -12.69 -78.37 -35.80
C GLY C 1085 -11.82 -77.53 -34.92
N LYS C 1086 -10.91 -76.74 -35.48
CA LYS C 1086 -10.01 -75.89 -34.71
C LYS C 1086 -10.12 -74.45 -35.20
N ALA C 1087 -10.05 -73.52 -34.26
CA ALA C 1087 -10.12 -72.10 -34.58
C ALA C 1087 -8.71 -71.53 -34.62
N HIS C 1088 -8.35 -70.92 -35.74
CA HIS C 1088 -7.06 -70.28 -35.91
C HIS C 1088 -7.25 -68.78 -35.86
N PHE C 1089 -6.43 -68.11 -35.04
CA PHE C 1089 -6.38 -66.66 -34.92
C PHE C 1089 -5.05 -66.16 -35.47
N PRO C 1090 -5.02 -64.95 -36.02
CA PRO C 1090 -3.76 -64.43 -36.56
C PRO C 1090 -2.81 -64.03 -35.43
N ARG C 1091 -1.54 -64.38 -35.60
CA ARG C 1091 -0.54 -63.97 -34.62
C ARG C 1091 -0.39 -62.45 -34.61
N GLU C 1092 -0.15 -61.86 -35.78
CA GLU C 1092 -0.24 -60.42 -35.96
C GLU C 1092 -0.95 -60.14 -37.26
N GLY C 1093 -1.90 -59.23 -37.25
CA GLY C 1093 -2.63 -58.87 -38.44
C GLY C 1093 -4.05 -59.40 -38.40
N VAL C 1094 -4.74 -59.20 -39.52
CA VAL C 1094 -6.14 -59.55 -39.63
C VAL C 1094 -6.35 -60.40 -40.88
N PHE C 1095 -7.46 -61.13 -40.88
CA PHE C 1095 -7.88 -61.86 -42.06
C PHE C 1095 -8.65 -60.93 -42.98
N VAL C 1096 -8.32 -61.00 -44.27
CA VAL C 1096 -8.96 -60.18 -45.29
C VAL C 1096 -9.30 -61.08 -46.48
N SER C 1097 -10.18 -60.59 -47.33
CA SER C 1097 -10.61 -61.35 -48.49
C SER C 1097 -11.31 -60.42 -49.46
N ASN C 1098 -10.92 -60.46 -50.74
CA ASN C 1098 -11.68 -59.70 -51.71
C ASN C 1098 -13.01 -60.36 -52.05
N GLY C 1099 -13.25 -61.57 -51.55
CA GLY C 1099 -14.50 -62.25 -51.81
C GLY C 1099 -14.31 -63.74 -52.06
N THR C 1100 -13.16 -64.11 -52.59
CA THR C 1100 -12.89 -65.51 -52.91
C THR C 1100 -11.81 -66.11 -52.04
N HIS C 1101 -10.62 -65.50 -52.00
CA HIS C 1101 -9.48 -66.04 -51.28
C HIS C 1101 -9.28 -65.26 -50.00
N TRP C 1102 -8.73 -65.94 -49.00
CA TRP C 1102 -8.49 -65.35 -47.69
C TRP C 1102 -7.00 -65.16 -47.48
N PHE C 1103 -6.65 -64.13 -46.70
CA PHE C 1103 -5.25 -63.77 -46.50
C PHE C 1103 -5.08 -63.19 -45.12
N VAL C 1104 -3.83 -63.18 -44.66
CA VAL C 1104 -3.44 -62.55 -43.40
C VAL C 1104 -2.59 -61.34 -43.76
N THR C 1105 -2.94 -60.19 -43.20
CA THR C 1105 -2.20 -58.98 -43.50
C THR C 1105 -1.87 -58.24 -42.21
N GLN C 1106 -0.75 -57.51 -42.23
CA GLN C 1106 -0.43 -56.65 -41.11
C GLN C 1106 -1.42 -55.49 -41.05
N ARG C 1107 -1.52 -54.87 -39.87
CA ARG C 1107 -2.59 -53.92 -39.63
C ARG C 1107 -2.45 -52.67 -40.49
N ASN C 1108 -1.25 -52.11 -40.56
CA ASN C 1108 -1.07 -50.77 -41.13
C ASN C 1108 -0.65 -50.78 -42.58
N PHE C 1109 -0.58 -51.94 -43.22
CA PHE C 1109 -0.17 -52.01 -44.62
C PHE C 1109 -0.75 -53.26 -45.24
N TYR C 1110 -1.25 -53.14 -46.47
CA TYR C 1110 -1.89 -54.26 -47.14
C TYR C 1110 -0.81 -55.12 -47.78
N GLU C 1111 -0.40 -56.17 -47.07
CA GLU C 1111 0.58 -57.14 -47.56
C GLU C 1111 0.01 -58.53 -47.33
N PRO C 1112 -0.92 -58.97 -48.18
CA PRO C 1112 -1.58 -60.26 -47.96
C PRO C 1112 -0.60 -61.42 -48.08
N GLN C 1113 -0.85 -62.46 -47.29
CA GLN C 1113 -0.05 -63.68 -47.33
C GLN C 1113 -0.98 -64.87 -47.17
N ILE C 1114 -0.51 -66.02 -47.65
CA ILE C 1114 -1.30 -67.24 -47.54
C ILE C 1114 -1.35 -67.66 -46.07
N ILE C 1115 -2.54 -68.02 -45.60
CA ILE C 1115 -2.69 -68.41 -44.21
C ILE C 1115 -2.02 -69.76 -43.98
N THR C 1116 -1.07 -69.78 -43.05
CA THR C 1116 -0.36 -71.01 -42.73
C THR C 1116 -0.39 -71.25 -41.23
N THR C 1117 0.36 -72.24 -40.76
CA THR C 1117 0.38 -72.56 -39.34
C THR C 1117 1.45 -71.82 -38.58
N ASP C 1118 2.20 -70.93 -39.23
CA ASP C 1118 3.23 -70.15 -38.56
C ASP C 1118 2.80 -68.74 -38.20
N ASN C 1119 1.92 -68.12 -38.98
CA ASN C 1119 1.39 -66.81 -38.67
C ASN C 1119 0.05 -66.87 -37.95
N THR C 1120 -0.47 -68.07 -37.69
CA THR C 1120 -1.71 -68.23 -36.95
C THR C 1120 -1.49 -69.23 -35.83
N PHE C 1121 -2.24 -69.05 -34.75
CA PHE C 1121 -2.20 -69.97 -33.62
C PHE C 1121 -3.59 -70.50 -33.34
N VAL C 1122 -3.67 -71.73 -32.89
CA VAL C 1122 -4.93 -72.43 -32.66
C VAL C 1122 -5.32 -72.28 -31.20
N SER C 1123 -6.62 -72.12 -30.95
CA SER C 1123 -7.12 -72.05 -29.58
C SER C 1123 -8.61 -72.38 -29.61
N GLY C 1124 -8.97 -73.52 -29.05
CA GLY C 1124 -10.36 -73.91 -28.96
C GLY C 1124 -10.91 -74.45 -30.27
N ASN C 1125 -12.22 -74.64 -30.27
CA ASN C 1125 -12.96 -75.15 -31.43
C ASN C 1125 -13.86 -74.05 -32.00
N CYS C 1126 -14.57 -74.39 -33.07
CA CYS C 1126 -15.21 -73.39 -33.92
C CYS C 1126 -16.57 -72.92 -33.42
N ASP C 1127 -17.19 -73.61 -32.47
CA ASP C 1127 -18.57 -73.32 -32.11
C ASP C 1127 -18.68 -72.41 -30.89
N VAL C 1128 -17.67 -71.60 -30.62
CA VAL C 1128 -17.71 -70.71 -29.47
C VAL C 1128 -17.50 -69.28 -29.93
N VAL C 1129 -16.89 -69.12 -31.10
CA VAL C 1129 -16.60 -67.79 -31.65
C VAL C 1129 -17.67 -67.44 -32.66
N ILE C 1130 -18.26 -66.25 -32.51
CA ILE C 1130 -19.27 -65.77 -33.44
C ILE C 1130 -18.57 -65.06 -34.60
N GLY C 1131 -19.00 -65.36 -35.81
CA GLY C 1131 -18.40 -64.78 -37.01
C GLY C 1131 -17.32 -65.60 -37.64
N ILE C 1132 -16.98 -66.77 -37.09
CA ILE C 1132 -15.94 -67.60 -37.67
C ILE C 1132 -16.39 -68.13 -39.02
N VAL C 1133 -15.42 -68.42 -39.89
CA VAL C 1133 -15.69 -68.86 -41.25
C VAL C 1133 -14.84 -70.08 -41.56
N ASN C 1134 -15.34 -70.92 -42.47
CA ASN C 1134 -14.53 -72.00 -43.03
C ASN C 1134 -13.44 -71.46 -43.93
N ASN C 1135 -12.28 -72.09 -43.89
CA ASN C 1135 -11.23 -71.94 -44.90
C ASN C 1135 -10.24 -73.08 -44.70
N THR C 1136 -9.12 -73.03 -45.42
CA THR C 1136 -8.07 -74.03 -45.28
C THR C 1136 -6.78 -73.34 -44.89
N VAL C 1137 -6.11 -73.89 -43.89
CA VAL C 1137 -4.82 -73.37 -43.43
C VAL C 1137 -3.74 -74.27 -43.97
N TYR C 1138 -2.91 -73.72 -44.86
CA TYR C 1138 -1.95 -74.51 -45.63
C TYR C 1138 -0.73 -74.82 -44.77
N ASP C 1139 -0.58 -76.08 -44.40
CA ASP C 1139 0.57 -76.50 -43.61
C ASP C 1139 1.78 -76.67 -44.51
N PRO C 1140 2.89 -75.96 -44.24
CA PRO C 1140 4.08 -76.12 -45.08
C PRO C 1140 4.74 -77.48 -44.97
N LEU C 1141 4.56 -78.17 -43.85
CA LEU C 1141 5.33 -79.39 -43.62
C LEU C 1141 4.85 -80.54 -44.51
N GLN C 1142 3.54 -80.71 -44.67
CA GLN C 1142 3.02 -81.89 -45.36
C GLN C 1142 3.49 -82.01 -46.80
N PRO C 1143 3.38 -80.99 -47.67
CA PRO C 1143 3.75 -81.20 -49.07
C PRO C 1143 5.20 -81.60 -49.27
N GLU C 1144 6.12 -81.03 -48.49
CA GLU C 1144 7.53 -81.36 -48.65
C GLU C 1144 7.93 -82.61 -47.86
N LEU C 1145 7.08 -83.04 -46.92
CA LEU C 1145 7.41 -84.24 -46.16
C LEU C 1145 7.46 -85.47 -47.04
N ASP C 1146 6.56 -85.55 -48.02
CA ASP C 1146 6.52 -86.69 -48.94
C ASP C 1146 7.68 -86.63 -49.93
N GLN D 1 6.97 51.07 71.85
CA GLN D 1 6.97 51.77 70.57
C GLN D 1 8.38 51.98 70.05
N VAL D 2 8.51 52.83 69.03
CA VAL D 2 9.80 53.14 68.43
C VAL D 2 10.18 54.57 68.80
N GLN D 3 11.35 54.74 69.40
CA GLN D 3 11.83 56.07 69.79
C GLN D 3 13.32 56.18 69.50
N LEU D 4 13.74 57.34 68.99
CA LEU D 4 15.13 57.62 68.68
C LEU D 4 15.59 58.84 69.45
N VAL D 5 16.87 58.83 69.85
CA VAL D 5 17.45 59.90 70.65
C VAL D 5 18.82 60.23 70.08
N GLU D 6 19.16 61.51 70.08
CA GLU D 6 20.48 61.99 69.65
C GLU D 6 21.19 62.60 70.85
N SER D 7 22.41 62.14 71.11
CA SER D 7 23.21 62.61 72.23
C SER D 7 24.52 63.18 71.71
N GLY D 8 24.97 64.24 72.36
CA GLY D 8 26.16 64.97 71.94
C GLY D 8 25.82 66.37 71.47
N GLY D 9 26.87 67.08 71.07
CA GLY D 9 26.72 68.45 70.63
C GLY D 9 26.79 69.44 71.76
N GLY D 10 26.59 70.72 71.39
CA GLY D 10 26.67 71.83 72.30
C GLY D 10 27.60 72.89 71.74
N LEU D 11 28.16 73.69 72.64
CA LEU D 11 29.08 74.76 72.28
C LEU D 11 30.52 74.25 72.40
N VAL D 12 31.30 74.42 71.33
CA VAL D 12 32.66 73.91 71.28
C VAL D 12 33.54 74.90 70.53
N GLN D 13 34.84 74.84 70.80
CA GLN D 13 35.80 75.70 70.14
C GLN D 13 36.17 75.13 68.76
N ALA D 14 36.75 75.98 67.92
CA ALA D 14 37.16 75.57 66.59
C ALA D 14 38.38 74.65 66.65
N GLY D 15 38.44 73.70 65.72
CA GLY D 15 39.53 72.77 65.64
C GLY D 15 39.43 71.56 66.55
N GLY D 16 38.35 71.42 67.31
CA GLY D 16 38.18 70.31 68.21
C GLY D 16 37.64 69.07 67.52
N SER D 17 37.14 68.14 68.34
CA SER D 17 36.59 66.89 67.86
C SER D 17 35.20 66.69 68.46
N LEU D 18 34.33 66.03 67.69
CA LEU D 18 32.96 65.78 68.14
C LEU D 18 32.59 64.33 67.84
N ARG D 19 31.70 63.80 68.69
CA ARG D 19 31.24 62.42 68.57
C ARG D 19 29.78 62.36 69.00
N LEU D 20 28.89 62.31 68.01
CA LEU D 20 27.45 62.22 68.25
C LEU D 20 27.03 60.74 68.30
N SER D 21 25.93 60.48 69.02
CA SER D 21 25.40 59.13 69.13
C SER D 21 23.91 59.15 68.83
N CYS D 22 23.50 58.38 67.82
CA CYS D 22 22.09 58.18 67.50
C CYS D 22 21.69 56.80 68.00
N ALA D 23 20.74 56.76 68.94
CA ALA D 23 20.28 55.51 69.53
C ALA D 23 18.79 55.35 69.27
N ALA D 24 18.42 54.27 68.58
CA ALA D 24 17.03 54.00 68.23
C ALA D 24 16.60 52.68 68.84
N SER D 25 15.45 52.70 69.51
CA SER D 25 14.89 51.51 70.15
C SER D 25 13.51 51.23 69.57
N GLY D 26 13.20 49.95 69.42
CA GLY D 26 11.99 49.51 68.75
C GLY D 26 12.21 48.93 67.37
N PHE D 27 13.39 49.15 66.77
CA PHE D 27 13.72 48.60 65.46
C PHE D 27 15.23 48.61 65.33
N PRO D 28 15.83 47.59 64.71
CA PRO D 28 17.29 47.58 64.54
C PRO D 28 17.73 48.66 63.56
N VAL D 29 18.93 49.20 63.81
CA VAL D 29 19.52 50.18 62.91
C VAL D 29 20.01 49.55 61.61
N TYR D 30 20.21 48.24 61.59
CA TYR D 30 20.64 47.52 60.39
C TYR D 30 19.42 47.38 59.48
N ARG D 31 19.25 48.35 58.60
CA ARG D 31 18.06 48.41 57.74
C ARG D 31 18.46 49.03 56.41
N ASP D 32 17.46 49.46 55.64
CA ASP D 32 17.72 49.93 54.28
C ASP D 32 18.61 51.18 54.27
N ARG D 33 18.29 52.16 55.10
CA ARG D 33 18.96 53.44 55.01
C ARG D 33 18.85 54.25 56.30
N MET D 34 19.98 54.72 56.81
CA MET D 34 20.04 55.59 57.98
C MET D 34 20.57 56.94 57.52
N ALA D 35 19.84 58.02 57.82
CA ALA D 35 20.15 59.32 57.25
C ALA D 35 20.51 60.33 58.33
N TRP D 36 21.38 61.27 57.97
CA TRP D 36 21.77 62.37 58.84
C TRP D 36 21.77 63.65 58.02
N TYR D 37 21.10 64.68 58.55
CA TYR D 37 20.92 65.95 57.88
C TYR D 37 21.43 67.09 58.76
N ARG D 38 21.77 68.21 58.12
CA ARG D 38 22.10 69.44 58.83
C ARG D 38 21.07 70.50 58.46
N GLN D 39 20.65 71.28 59.46
CA GLN D 39 19.78 72.43 59.23
C GLN D 39 20.46 73.66 59.80
N ALA D 40 20.65 74.66 58.95
CA ALA D 40 21.19 75.95 59.32
C ALA D 40 20.06 76.98 59.47
N PRO D 41 20.22 77.95 60.35
CA PRO D 41 19.16 78.96 60.54
C PRO D 41 18.92 79.76 59.27
N GLY D 42 17.71 79.62 58.72
CA GLY D 42 17.35 80.32 57.50
C GLY D 42 17.83 79.68 56.22
N LYS D 43 18.25 78.42 56.25
CA LYS D 43 18.73 77.72 55.07
C LYS D 43 17.83 76.54 54.76
N GLU D 44 17.94 76.05 53.52
CA GLU D 44 17.13 74.92 53.07
C GLU D 44 17.71 73.60 53.55
N ARG D 45 16.86 72.58 53.59
CA ARG D 45 17.26 71.25 54.00
C ARG D 45 18.08 70.58 52.90
N GLU D 46 19.09 69.82 53.32
CA GLU D 46 19.99 69.15 52.38
C GLU D 46 20.50 67.86 53.00
N TRP D 47 20.64 66.83 52.17
CA TRP D 47 21.19 65.57 52.62
C TRP D 47 22.66 65.73 52.98
N VAL D 48 23.10 65.01 54.02
CA VAL D 48 24.48 65.10 54.47
C VAL D 48 25.14 63.73 54.46
N ALA D 49 24.62 62.82 55.26
CA ALA D 49 25.25 61.52 55.43
C ALA D 49 24.20 60.42 55.39
N ALA D 50 24.64 59.23 54.98
CA ALA D 50 23.76 58.08 54.94
C ALA D 50 24.60 56.82 55.08
N ILE D 51 24.04 55.81 55.74
CA ILE D 51 24.66 54.49 55.81
C ILE D 51 23.64 53.47 55.37
N TYR D 52 24.10 52.47 54.62
CA TYR D 52 23.25 51.47 54.00
C TYR D 52 23.78 50.08 54.34
N SER D 53 22.86 49.12 54.38
CA SER D 53 23.22 47.73 54.65
C SER D 53 23.51 46.93 53.39
N ALA D 54 23.46 47.57 52.21
CA ALA D 54 23.76 46.91 50.95
C ALA D 54 24.37 47.94 50.01
N GLY D 55 25.06 47.42 48.98
CA GLY D 55 25.72 48.30 48.03
C GLY D 55 26.84 49.07 48.70
N GLN D 56 26.85 50.38 48.49
CA GLN D 56 27.86 51.23 49.12
C GLN D 56 27.67 51.27 50.63
N GLN D 57 28.77 51.15 51.36
CA GLN D 57 28.68 51.10 52.82
C GLN D 57 28.24 52.43 53.40
N THR D 58 28.88 53.53 52.97
CA THR D 58 28.58 54.84 53.51
C THR D 58 28.56 55.86 52.38
N ARG D 59 27.82 56.94 52.59
CA ARG D 59 27.76 58.06 51.67
C ARG D 59 27.81 59.36 52.47
N TYR D 60 28.65 60.29 52.01
CA TYR D 60 28.86 61.54 52.71
C TYR D 60 28.63 62.70 51.75
N ALA D 61 28.40 63.88 52.33
CA ALA D 61 28.31 65.09 51.53
C ALA D 61 29.68 65.44 50.96
N ASP D 62 29.66 66.18 49.85
CA ASP D 62 30.89 66.52 49.15
C ASP D 62 31.76 67.50 49.95
N SER D 63 31.19 68.21 50.91
CA SER D 63 31.93 69.21 51.66
C SER D 63 32.55 68.67 52.96
N VAL D 64 32.31 67.42 53.30
CA VAL D 64 32.82 66.82 54.53
C VAL D 64 33.64 65.56 54.28
N LYS D 65 34.01 65.28 53.03
CA LYS D 65 34.78 64.08 52.73
C LYS D 65 36.19 64.18 53.29
N GLY D 66 36.68 63.07 53.85
CA GLY D 66 38.05 62.96 54.30
C GLY D 66 38.28 63.33 55.75
N ARG D 67 37.35 64.02 56.40
CA ARG D 67 37.53 64.45 57.79
C ARG D 67 36.35 64.07 58.66
N PHE D 68 35.59 63.04 58.28
CA PHE D 68 34.31 62.73 58.92
C PHE D 68 34.01 61.26 58.73
N THR D 69 33.72 60.55 59.83
CA THR D 69 33.46 59.12 59.76
C THR D 69 32.21 58.79 60.57
N ILE D 70 31.61 57.64 60.25
CA ILE D 70 30.41 57.16 60.91
C ILE D 70 30.48 55.63 60.97
N SER D 71 30.04 55.09 62.11
CA SER D 71 30.01 53.64 62.29
C SER D 71 28.75 53.27 63.07
N ARG D 72 28.42 51.98 63.04
CA ARG D 72 27.23 51.49 63.71
C ARG D 72 27.57 50.25 64.53
N ASP D 73 26.77 50.00 65.57
CA ASP D 73 26.92 48.82 66.40
C ASP D 73 25.54 48.24 66.67
N ASN D 74 25.30 47.04 66.15
CA ASN D 74 24.00 46.40 66.30
C ASN D 74 23.84 45.71 67.65
N ALA D 75 24.95 45.28 68.26
CA ALA D 75 24.87 44.62 69.56
C ALA D 75 24.32 45.56 70.62
N LYS D 76 24.84 46.79 70.68
CA LYS D 76 24.32 47.81 71.58
C LYS D 76 23.34 48.75 70.90
N ASN D 77 23.18 48.63 69.57
CA ASN D 77 22.18 49.36 68.81
C ASN D 77 22.37 50.88 68.92
N THR D 78 23.52 51.33 68.44
CA THR D 78 23.85 52.75 68.48
C THR D 78 24.78 53.09 67.31
N VAL D 79 24.57 54.27 66.74
CA VAL D 79 25.39 54.76 65.63
C VAL D 79 26.26 55.89 66.15
N TYR D 80 27.57 55.77 65.95
CA TYR D 80 28.53 56.78 66.32
C TYR D 80 28.90 57.63 65.11
N LEU D 81 28.98 58.95 65.33
CA LEU D 81 29.24 59.92 64.29
C LEU D 81 30.44 60.75 64.74
N GLN D 82 31.63 60.42 64.23
CA GLN D 82 32.86 61.05 64.67
C GLN D 82 33.32 62.07 63.64
N MET D 83 33.74 63.24 64.11
CA MET D 83 34.16 64.32 63.23
C MET D 83 35.33 65.07 63.85
N ASN D 84 36.28 65.46 63.02
CA ASN D 84 37.48 66.18 63.44
C ASN D 84 37.69 67.38 62.54
N SER D 85 38.63 68.25 62.95
CA SER D 85 38.97 69.45 62.20
C SER D 85 37.73 70.33 61.98
N LEU D 86 37.20 70.84 63.08
CA LEU D 86 35.95 71.58 63.07
C LEU D 86 36.07 72.83 62.19
N LYS D 87 34.96 73.15 61.53
CA LYS D 87 34.85 74.31 60.66
C LYS D 87 33.65 75.14 61.07
N PRO D 88 33.67 76.45 60.80
CA PRO D 88 32.53 77.30 61.20
C PRO D 88 31.22 76.89 60.54
N GLU D 89 31.27 76.22 59.39
CA GLU D 89 30.05 75.79 58.71
C GLU D 89 29.31 74.69 59.46
N ASP D 90 29.92 74.09 60.49
CA ASP D 90 29.31 72.98 61.21
C ASP D 90 28.36 73.42 62.31
N THR D 91 28.22 74.73 62.55
CA THR D 91 27.28 75.22 63.54
C THR D 91 25.88 75.11 62.97
N ALA D 92 25.17 74.06 63.35
CA ALA D 92 23.85 73.76 62.79
C ALA D 92 23.18 72.71 63.67
N VAL D 93 21.99 72.28 63.25
CA VAL D 93 21.23 71.26 63.96
C VAL D 93 21.32 69.96 63.18
N TYR D 94 21.75 68.90 63.85
CA TYR D 94 21.89 67.59 63.24
C TYR D 94 20.62 66.77 63.46
N TYR D 95 20.14 66.13 62.40
CA TYR D 95 18.93 65.32 62.44
C TYR D 95 19.24 63.88 62.04
N CYS D 96 18.72 62.94 62.81
CA CYS D 96 18.82 61.51 62.56
C CYS D 96 17.48 61.02 62.03
N ASN D 97 17.49 60.37 60.86
CA ASN D 97 16.28 60.13 60.09
C ASN D 97 16.20 58.69 59.63
N VAL D 98 14.98 58.14 59.66
CA VAL D 98 14.71 56.81 59.10
C VAL D 98 13.49 56.90 58.20
N LYS D 99 13.37 55.93 57.30
CA LYS D 99 12.23 55.82 56.41
C LYS D 99 11.66 54.42 56.48
N ASP D 100 10.34 54.31 56.36
CA ASP D 100 9.66 53.02 56.41
C ASP D 100 8.53 53.01 55.40
N VAL D 101 8.14 51.81 54.99
CA VAL D 101 7.09 51.61 54.01
C VAL D 101 5.89 50.95 54.68
N GLY D 102 4.69 51.41 54.33
CA GLY D 102 3.46 50.87 54.88
C GLY D 102 2.91 49.71 54.08
N HIS D 103 1.73 49.26 54.50
CA HIS D 103 1.08 48.13 53.82
C HIS D 103 0.44 48.58 52.51
N HIS D 104 0.03 49.85 52.43
CA HIS D 104 -0.65 50.39 51.25
C HIS D 104 0.25 51.29 50.42
N TYR D 105 1.52 50.91 50.25
CA TYR D 105 2.49 51.68 49.45
C TYR D 105 2.68 53.09 49.99
N GLU D 106 2.51 53.28 51.29
CA GLU D 106 2.68 54.57 51.92
C GLU D 106 4.01 54.61 52.67
N TYR D 107 4.75 55.69 52.47
CA TYR D 107 6.08 55.85 53.05
C TYR D 107 6.05 56.89 54.15
N TYR D 108 6.51 56.52 55.33
CA TYR D 108 6.54 57.41 56.49
C TYR D 108 7.99 57.61 56.93
N ASP D 109 8.38 58.86 57.12
CA ASP D 109 9.73 59.20 57.54
C ASP D 109 9.70 59.60 59.01
N TYR D 110 10.45 58.88 59.84
CA TYR D 110 10.62 59.28 61.23
C TYR D 110 11.83 60.21 61.33
N TRP D 111 11.57 61.46 61.68
CA TRP D 111 12.59 62.48 61.80
C TRP D 111 13.03 62.59 63.26
N GLY D 112 14.32 62.86 63.47
CA GLY D 112 14.83 63.01 64.80
C GLY D 112 14.70 64.42 65.33
N GLN D 113 14.80 64.55 66.65
CA GLN D 113 14.77 65.87 67.28
C GLN D 113 15.99 66.69 66.88
N GLY D 114 17.15 66.05 66.77
CA GLY D 114 18.36 66.72 66.38
C GLY D 114 19.08 67.37 67.56
N THR D 115 20.34 67.72 67.33
CA THR D 115 21.16 68.34 68.35
C THR D 115 21.87 69.56 67.76
N GLN D 116 21.97 70.62 68.56
CA GLN D 116 22.60 71.85 68.12
C GLN D 116 24.11 71.79 68.35
N VAL D 117 24.88 72.15 67.34
CA VAL D 117 26.34 72.23 67.43
C VAL D 117 26.75 73.65 67.08
N THR D 118 27.44 74.32 68.00
CA THR D 118 27.92 75.67 67.81
C THR D 118 29.45 75.67 67.89
N VAL D 119 30.09 76.35 66.95
CA VAL D 119 31.54 76.39 66.86
C VAL D 119 31.99 77.83 67.08
N SER D 120 32.90 78.03 68.01
CA SER D 120 33.42 79.35 68.34
C SER D 120 34.87 79.46 67.87
N ALA D 121 35.15 80.50 67.09
CA ALA D 121 36.50 80.72 66.57
C ALA D 121 37.32 81.59 67.52
N GLN E 1 -13.20 51.19 35.22
CA GLN E 1 -12.53 50.26 36.13
C GLN E 1 -13.51 49.69 37.15
N VAL E 2 -12.99 48.92 38.10
CA VAL E 2 -13.79 48.29 39.13
C VAL E 2 -13.38 48.86 40.48
N GLN E 3 -14.35 49.38 41.23
CA GLN E 3 -14.10 49.94 42.55
C GLN E 3 -15.03 49.28 43.56
N LEU E 4 -14.48 48.82 44.68
CA LEU E 4 -15.24 48.16 45.73
C LEU E 4 -15.02 48.89 47.04
N VAL E 5 -16.10 49.21 47.74
CA VAL E 5 -16.04 49.91 49.02
C VAL E 5 -16.93 49.20 50.02
N GLU E 6 -16.47 49.11 51.26
CA GLU E 6 -17.23 48.49 52.34
C GLU E 6 -17.64 49.53 53.37
N SER E 7 -18.87 49.42 53.86
CA SER E 7 -19.37 50.29 54.92
C SER E 7 -20.09 49.43 55.96
N GLY E 8 -19.96 49.82 57.22
CA GLY E 8 -20.56 49.09 58.32
C GLY E 8 -19.51 48.44 59.20
N GLY E 9 -20.00 47.70 60.18
CA GLY E 9 -19.14 47.01 61.12
C GLY E 9 -19.03 47.73 62.45
N GLY E 10 -17.92 47.47 63.14
CA GLY E 10 -17.64 48.11 64.41
C GLY E 10 -17.79 47.18 65.60
N LEU E 11 -17.94 47.74 66.80
CA LEU E 11 -18.10 46.97 68.02
C LEU E 11 -19.56 47.05 68.45
N VAL E 12 -20.17 45.87 68.70
CA VAL E 12 -21.58 45.77 69.01
C VAL E 12 -21.78 44.75 70.11
N GLN E 13 -22.88 44.92 70.86
CA GLN E 13 -23.29 43.93 71.84
C GLN E 13 -24.03 42.79 71.15
N ALA E 14 -23.85 41.57 71.67
CA ALA E 14 -24.41 40.39 71.04
C ALA E 14 -25.93 40.45 71.03
N GLY E 15 -26.52 39.99 69.93
CA GLY E 15 -27.96 39.95 69.78
C GLY E 15 -28.55 41.07 68.95
N GLY E 16 -27.74 42.03 68.51
CA GLY E 16 -28.24 43.12 67.70
C GLY E 16 -28.27 42.79 66.22
N SER E 17 -28.68 43.78 65.44
CA SER E 17 -28.74 43.67 63.98
C SER E 17 -27.72 44.62 63.37
N LEU E 18 -26.90 44.09 62.47
CA LEU E 18 -25.82 44.85 61.85
C LEU E 18 -25.94 44.81 60.34
N ARG E 19 -25.55 45.92 59.71
CA ARG E 19 -25.61 46.08 58.27
C ARG E 19 -24.21 46.25 57.69
N LEU E 20 -23.93 45.52 56.62
CA LEU E 20 -22.69 45.66 55.87
C LEU E 20 -23.05 45.91 54.42
N SER E 21 -22.45 46.94 53.83
CA SER E 21 -22.74 47.31 52.45
C SER E 21 -21.46 47.27 51.63
N CYS E 22 -21.42 46.40 50.64
CA CYS E 22 -20.31 46.33 49.69
C CYS E 22 -20.80 46.94 48.38
N ALA E 23 -20.37 48.16 48.12
CA ALA E 23 -20.79 48.89 46.93
C ALA E 23 -19.74 48.74 45.84
N ALA E 24 -20.20 48.40 44.64
CA ALA E 24 -19.33 48.18 43.49
C ALA E 24 -19.66 49.21 42.42
N SER E 25 -18.62 49.82 41.85
CA SER E 25 -18.76 50.80 40.79
C SER E 25 -17.96 50.33 39.58
N GLY E 26 -18.54 50.50 38.39
CA GLY E 26 -17.95 50.04 37.16
C GLY E 26 -18.55 48.77 36.61
N PHE E 27 -19.34 48.05 37.41
CA PHE E 27 -19.98 46.82 36.96
C PHE E 27 -21.15 46.51 37.86
N PRO E 28 -22.28 46.05 37.33
CA PRO E 28 -23.40 45.68 38.19
C PRO E 28 -23.09 44.44 39.01
N VAL E 29 -23.73 44.36 40.19
CA VAL E 29 -23.51 43.21 41.06
C VAL E 29 -24.02 41.93 40.41
N TYR E 30 -24.96 42.03 39.46
CA TYR E 30 -25.55 40.84 38.86
C TYR E 30 -24.52 40.14 38.02
N ARG E 31 -23.89 39.11 38.60
CA ARG E 31 -22.86 38.34 37.93
C ARG E 31 -22.88 36.92 38.49
N ASP E 32 -21.80 36.17 38.26
CA ASP E 32 -21.79 34.76 38.65
C ASP E 32 -21.92 34.59 40.17
N ARG E 33 -21.09 35.29 40.94
CA ARG E 33 -21.01 35.00 42.37
C ARG E 33 -20.38 36.14 43.15
N MET E 34 -21.02 36.53 44.26
CA MET E 34 -20.45 37.48 45.21
C MET E 34 -20.26 36.75 46.53
N ALA E 35 -19.03 36.74 47.03
CA ALA E 35 -18.72 35.98 48.22
C ALA E 35 -18.43 36.91 49.39
N TRP E 36 -18.65 36.39 50.60
CA TRP E 36 -18.29 37.09 51.82
C TRP E 36 -17.43 36.17 52.66
N TYR E 37 -16.26 36.68 53.05
CA TYR E 37 -15.25 35.91 53.75
C TYR E 37 -14.97 36.56 55.10
N ARG E 38 -14.80 35.71 56.12
CA ARG E 38 -14.50 36.14 57.48
C ARG E 38 -13.12 35.60 57.86
N GLN E 39 -12.23 36.50 58.25
CA GLN E 39 -10.84 36.13 58.54
C GLN E 39 -10.44 36.67 59.90
N ALA E 40 -9.86 35.80 60.71
CA ALA E 40 -9.28 36.13 62.00
C ALA E 40 -7.85 35.60 62.06
N PRO E 41 -6.95 36.27 62.78
CA PRO E 41 -5.55 35.83 62.83
C PRO E 41 -5.43 34.42 63.41
N GLY E 42 -4.52 33.64 62.84
CA GLY E 42 -4.24 32.30 63.31
C GLY E 42 -4.91 31.18 62.55
N LYS E 43 -5.66 31.46 61.50
CA LYS E 43 -6.34 30.44 60.73
C LYS E 43 -6.15 30.71 59.25
N GLU E 44 -6.27 29.64 58.46
CA GLU E 44 -6.12 29.74 57.01
C GLU E 44 -7.36 30.39 56.39
N ARG E 45 -7.31 30.54 55.08
CA ARG E 45 -8.42 31.15 54.34
C ARG E 45 -9.59 30.17 54.24
N GLU E 46 -10.78 30.66 54.53
CA GLU E 46 -11.97 29.82 54.58
C GLU E 46 -13.17 30.61 54.06
N TRP E 47 -13.98 29.94 53.23
CA TRP E 47 -15.14 30.57 52.63
C TRP E 47 -16.31 30.55 53.60
N VAL E 48 -17.03 31.67 53.69
CA VAL E 48 -18.14 31.83 54.63
C VAL E 48 -19.48 31.81 53.91
N ALA E 49 -19.71 32.76 53.01
CA ALA E 49 -21.01 32.86 52.35
C ALA E 49 -20.82 33.23 50.88
N ALA E 50 -21.83 32.93 50.08
CA ALA E 50 -21.81 33.29 48.67
C ALA E 50 -23.24 33.45 48.16
N ILE E 51 -23.41 34.33 47.19
CA ILE E 51 -24.69 34.55 46.53
C ILE E 51 -24.47 34.45 45.03
N TYR E 52 -25.35 33.73 44.35
CA TYR E 52 -25.22 33.46 42.93
C TYR E 52 -26.46 33.92 42.19
N SER E 53 -26.25 34.40 40.96
CA SER E 53 -27.35 34.73 40.07
C SER E 53 -27.75 33.55 39.18
N ALA E 54 -27.04 32.43 39.28
CA ALA E 54 -27.33 31.24 38.50
C ALA E 54 -27.31 30.01 39.41
N GLY E 55 -28.10 29.01 39.04
CA GLY E 55 -28.19 27.80 39.84
C GLY E 55 -28.75 28.09 41.22
N GLN E 56 -28.08 27.55 42.25
CA GLN E 56 -28.50 27.81 43.61
C GLN E 56 -28.23 29.26 43.96
N GLN E 57 -29.24 29.94 44.51
CA GLN E 57 -29.15 31.39 44.70
C GLN E 57 -28.11 31.75 45.75
N THR E 58 -28.18 31.11 46.92
CA THR E 58 -27.28 31.42 48.03
C THR E 58 -26.69 30.14 48.61
N ARG E 59 -25.46 30.23 49.08
CA ARG E 59 -24.77 29.13 49.73
C ARG E 59 -24.10 29.64 50.99
N TYR E 60 -24.29 28.91 52.09
CA TYR E 60 -23.70 29.25 53.38
C TYR E 60 -23.05 28.02 53.98
N ALA E 61 -22.18 28.26 54.96
CA ALA E 61 -21.57 27.16 55.70
C ALA E 61 -22.63 26.47 56.57
N ASP E 62 -22.35 25.22 56.95
CA ASP E 62 -23.29 24.44 57.72
C ASP E 62 -23.53 25.02 59.12
N SER E 63 -22.54 25.69 59.69
CA SER E 63 -22.65 26.22 61.05
C SER E 63 -23.14 27.66 61.08
N VAL E 64 -23.48 28.24 59.93
CA VAL E 64 -23.92 29.63 59.85
C VAL E 64 -25.36 29.72 59.34
N LYS E 65 -26.03 28.59 59.16
CA LYS E 65 -27.39 28.59 58.63
C LYS E 65 -28.35 29.28 59.60
N GLY E 66 -29.19 30.15 59.05
CA GLY E 66 -30.14 30.89 59.86
C GLY E 66 -29.56 32.02 60.67
N ARG E 67 -28.31 32.40 60.42
CA ARG E 67 -27.63 33.42 61.19
C ARG E 67 -27.18 34.62 60.37
N PHE E 68 -26.68 34.41 59.17
CA PHE E 68 -26.20 35.48 58.30
C PHE E 68 -27.10 35.55 57.08
N THR E 69 -27.47 36.76 56.64
CA THR E 69 -28.31 36.89 55.47
C THR E 69 -27.64 37.83 54.47
N ILE E 70 -27.91 37.60 53.18
CA ILE E 70 -27.33 38.40 52.12
C ILE E 70 -28.42 38.77 51.12
N SER E 71 -28.20 39.89 50.43
CA SER E 71 -29.09 40.36 49.38
C SER E 71 -28.31 41.30 48.47
N ARG E 72 -28.89 41.64 47.33
CA ARG E 72 -28.26 42.52 46.37
C ARG E 72 -29.27 43.51 45.81
N ASP E 73 -28.76 44.63 45.31
CA ASP E 73 -29.57 45.68 44.69
C ASP E 73 -28.86 46.12 43.42
N ASN E 74 -29.46 45.79 42.27
CA ASN E 74 -28.91 46.24 40.99
C ASN E 74 -29.23 47.69 40.71
N ALA E 75 -30.25 48.24 41.38
CA ALA E 75 -30.63 49.64 41.16
C ALA E 75 -29.50 50.58 41.55
N LYS E 76 -28.88 50.33 42.71
CA LYS E 76 -27.73 51.10 43.15
C LYS E 76 -26.43 50.30 43.15
N ASN E 77 -26.46 49.06 42.66
CA ASN E 77 -25.25 48.26 42.46
C ASN E 77 -24.51 48.03 43.77
N THR E 78 -25.20 47.36 44.70
CA THR E 78 -24.66 47.18 46.05
C THR E 78 -25.06 45.79 46.56
N VAL E 79 -24.27 45.25 47.49
CA VAL E 79 -24.56 44.00 48.16
C VAL E 79 -24.75 44.29 49.64
N TYR E 80 -25.85 43.80 50.21
CA TYR E 80 -26.18 43.99 51.61
C TYR E 80 -25.97 42.68 52.36
N LEU E 81 -25.38 42.78 53.55
CA LEU E 81 -25.14 41.64 54.43
C LEU E 81 -25.71 41.99 55.80
N GLN E 82 -26.67 41.21 56.27
CA GLN E 82 -27.35 41.47 57.53
C GLN E 82 -26.94 40.43 58.54
N MET E 83 -26.45 40.89 59.69
CA MET E 83 -26.01 40.05 60.79
C MET E 83 -27.03 40.14 61.92
N ASN E 84 -27.56 38.99 62.33
CA ASN E 84 -28.49 38.93 63.44
C ASN E 84 -28.12 37.78 64.36
N SER E 85 -28.43 37.94 65.64
CA SER E 85 -28.12 36.96 66.68
C SER E 85 -26.63 36.58 66.64
N LEU E 86 -25.80 37.60 66.82
CA LEU E 86 -24.35 37.40 66.76
C LEU E 86 -23.85 36.66 68.00
N LYS E 87 -22.70 36.01 67.84
CA LYS E 87 -21.95 35.37 68.90
C LYS E 87 -20.58 36.03 69.02
N PRO E 88 -19.96 35.97 70.20
CA PRO E 88 -18.67 36.66 70.37
C PRO E 88 -17.56 36.14 69.48
N GLU E 89 -17.67 34.92 68.95
CA GLU E 89 -16.61 34.37 68.11
C GLU E 89 -16.57 35.01 66.73
N ASP E 90 -17.52 35.88 66.41
CA ASP E 90 -17.61 36.51 65.10
C ASP E 90 -16.71 37.73 64.96
N THR E 91 -15.94 38.08 65.99
CA THR E 91 -15.02 39.21 65.93
C THR E 91 -13.88 38.92 64.95
N ALA E 92 -13.93 39.54 63.77
CA ALA E 92 -12.95 39.30 62.72
C ALA E 92 -13.15 40.34 61.62
N VAL E 93 -12.39 40.17 60.54
CA VAL E 93 -12.46 41.09 59.41
C VAL E 93 -13.26 40.43 58.28
N TYR E 94 -14.20 41.19 57.71
CA TYR E 94 -15.08 40.70 56.66
C TYR E 94 -14.71 41.34 55.33
N TYR E 95 -14.71 40.53 54.27
CA TYR E 95 -14.38 40.97 52.93
C TYR E 95 -15.45 40.51 51.95
N CYS E 96 -15.77 41.37 50.99
CA CYS E 96 -16.62 40.99 49.86
C CYS E 96 -15.74 40.72 48.65
N ASN E 97 -15.89 39.54 48.07
CA ASN E 97 -14.98 39.01 47.07
C ASN E 97 -15.74 38.74 45.77
N VAL E 98 -15.07 39.04 44.65
CA VAL E 98 -15.56 38.72 43.33
C VAL E 98 -14.41 38.10 42.52
N LYS E 99 -14.77 37.39 41.46
CA LYS E 99 -13.78 36.75 40.59
C LYS E 99 -13.91 37.30 39.18
N ASP E 100 -12.77 37.64 38.59
CA ASP E 100 -12.70 38.17 37.24
C ASP E 100 -11.71 37.34 36.41
N VAL E 101 -11.90 37.34 35.10
CA VAL E 101 -11.09 36.56 34.18
C VAL E 101 -10.26 37.50 33.31
N GLY E 102 -8.98 37.16 33.14
CA GLY E 102 -8.09 37.95 32.32
C GLY E 102 -8.00 37.44 30.89
N HIS E 103 -7.31 38.22 30.06
CA HIS E 103 -7.18 37.87 28.65
C HIS E 103 -6.17 36.75 28.43
N HIS E 104 -5.16 36.65 29.29
CA HIS E 104 -4.14 35.61 29.18
C HIS E 104 -4.41 34.49 30.18
N TYR E 105 -5.67 34.14 30.36
CA TYR E 105 -6.16 33.00 31.14
C TYR E 105 -5.99 33.22 32.64
N GLU E 106 -5.51 34.37 33.07
CA GLU E 106 -5.37 34.65 34.49
C GLU E 106 -6.72 34.91 35.13
N TYR E 107 -6.82 34.64 36.44
CA TYR E 107 -8.04 34.86 37.19
C TYR E 107 -7.72 35.67 38.44
N TYR E 108 -8.47 36.74 38.65
CA TYR E 108 -8.23 37.67 39.74
C TYR E 108 -9.33 37.54 40.78
N ASP E 109 -8.94 37.35 42.03
CA ASP E 109 -9.87 37.30 43.16
C ASP E 109 -9.89 38.68 43.81
N TYR E 110 -10.73 39.56 43.28
CA TYR E 110 -10.78 40.94 43.74
C TYR E 110 -11.47 40.99 45.11
N TRP E 111 -10.74 41.48 46.11
CA TRP E 111 -11.27 41.71 47.45
C TRP E 111 -11.36 43.21 47.70
N GLY E 112 -11.95 43.56 48.84
CA GLY E 112 -12.05 44.92 49.28
C GLY E 112 -11.16 45.23 50.47
N GLN E 113 -11.43 46.36 51.11
CA GLN E 113 -10.66 46.75 52.28
C GLN E 113 -11.01 45.92 53.51
N GLY E 114 -12.27 45.51 53.63
CA GLY E 114 -12.71 44.73 54.77
C GLY E 114 -13.17 45.60 55.93
N THR E 115 -14.07 45.04 56.74
CA THR E 115 -14.61 45.73 57.91
C THR E 115 -14.37 44.88 59.15
N GLN E 116 -13.95 45.52 60.22
CA GLN E 116 -13.70 44.83 61.48
C GLN E 116 -14.98 44.80 62.30
N VAL E 117 -15.37 43.59 62.73
CA VAL E 117 -16.58 43.38 63.50
C VAL E 117 -16.20 42.76 64.83
N THR E 118 -16.63 43.36 65.93
CA THR E 118 -16.37 42.87 67.27
C THR E 118 -17.69 42.70 68.01
N VAL E 119 -17.83 41.57 68.67
CA VAL E 119 -19.04 41.24 69.43
C VAL E 119 -18.67 41.14 70.90
N SER E 120 -19.36 41.91 71.74
CA SER E 120 -19.09 41.95 73.17
C SER E 120 -20.21 41.25 73.93
N ALA E 121 -19.82 40.33 74.82
CA ALA E 121 -20.79 39.61 75.63
C ALA E 121 -20.49 39.80 77.11
C1 NAG F . 15.92 -0.27 45.55
C2 NAG F . 17.22 -1.06 45.70
C3 NAG F . 17.42 -1.52 47.15
C4 NAG F . 16.08 -1.78 47.85
C5 NAG F . 15.17 -0.55 47.79
C6 NAG F . 15.15 0.23 49.08
C7 NAG F . 18.35 -2.51 44.07
C8 NAG F . 18.22 -3.70 43.17
N2 NAG F . 17.26 -2.19 44.79
O3 NAG F . 18.14 -0.53 47.89
O4 NAG F . 15.44 -2.90 47.23
O5 NAG F . 15.60 0.36 46.77
O6 NAG F . 14.08 -0.20 49.90
O7 NAG F . 19.39 -1.87 44.15
C1 NAG F . 15.95 -4.11 47.85
C2 NAG F . 14.84 -5.17 48.06
C3 NAG F . 15.40 -6.48 48.60
C4 NAG F . 16.59 -6.94 47.78
C5 NAG F . 17.62 -5.82 47.66
C6 NAG F . 18.78 -6.20 46.78
C7 NAG F . 13.67 -4.32 50.16
C8 NAG F . 14.96 -4.36 50.93
N2 NAG F . 13.70 -4.69 48.85
O3 NAG F . 14.38 -7.48 48.58
O4 NAG F . 17.20 -8.07 48.40
O5 NAG F . 17.01 -4.68 47.06
O6 NAG F . 19.69 -5.11 46.69
O7 NAG F . 12.63 -3.94 50.69
C1 NAG G . 11.39 20.93 56.15
C2 NAG G . 10.20 21.23 55.24
C3 NAG G . 8.93 20.59 55.81
C4 NAG G . 9.16 19.11 56.11
C5 NAG G . 10.43 18.89 56.92
C6 NAG G . 10.79 17.42 57.06
C7 NAG G . 9.77 23.54 56.01
C8 NAG G . 9.62 24.96 55.58
N2 NAG G . 10.01 22.65 55.04
O3 NAG G . 7.87 20.74 54.88
O4 NAG G . 8.06 18.54 56.82
O5 NAG G . 11.55 19.53 56.28
O6 NAG G . 9.89 16.60 56.34
O7 NAG G . 9.67 23.21 57.20
C1 NAG G . 7.40 19.40 57.78
C2 NAG G . 6.33 18.57 58.50
C3 NAG G . 5.60 19.41 59.54
C4 NAG G . 6.60 20.07 60.48
C5 NAG G . 7.64 20.85 59.69
C6 NAG G . 8.73 21.43 60.57
C7 NAG G . 4.60 18.67 56.73
C8 NAG G . 3.71 17.85 55.84
N2 NAG G . 5.39 17.97 57.55
O3 NAG G . 4.70 18.58 60.27
O4 NAG G . 5.92 20.95 61.37
O5 NAG G . 8.30 19.97 58.76
O6 NAG G . 9.66 22.19 59.81
O7 NAG G . 4.61 19.89 56.70
C1 NAG H . -15.52 -64.78 -14.88
C2 NAG H . -16.17 -66.12 -14.59
C3 NAG H . -17.62 -66.12 -15.02
C4 NAG H . -18.37 -64.96 -14.36
C5 NAG H . -17.63 -63.65 -14.60
C6 NAG H . -18.21 -62.49 -13.83
C7 NAG H . -14.63 -68.03 -14.56
C8 NAG H . -13.96 -69.09 -15.37
N2 NAG H . -15.45 -67.20 -15.23
O3 NAG H . -18.21 -67.35 -14.64
O4 NAG H . -19.68 -64.86 -14.91
O5 NAG H . -16.25 -63.75 -14.21
O6 NAG H . -17.86 -62.56 -12.45
O7 NAG H . -14.47 -67.92 -13.35
C1 NAG H . -20.65 -65.40 -13.98
C2 NAG H . -22.01 -64.74 -14.25
C3 NAG H . -23.04 -65.30 -13.29
C4 NAG H . -23.10 -66.81 -13.38
C5 NAG H . -21.71 -67.42 -13.20
C6 NAG H . -21.69 -68.91 -13.46
C7 NAG H . -22.07 -62.46 -15.16
C8 NAG H . -21.94 -61.00 -14.85
N2 NAG H . -21.91 -63.29 -14.13
O3 NAG H . -24.32 -64.74 -13.59
O4 NAG H . -23.96 -67.33 -12.37
O5 NAG H . -20.78 -66.82 -14.12
O6 NAG H . -22.35 -69.22 -14.67
O7 NAG H . -22.30 -62.87 -16.30
C1 NAG I . -29.18 -50.28 -24.67
C2 NAG I . -30.08 -50.96 -25.70
C3 NAG I . -31.45 -50.29 -25.73
C4 NAG I . -32.05 -50.22 -24.33
C5 NAG I . -31.06 -49.57 -23.37
C6 NAG I . -31.53 -49.61 -21.94
C7 NAG I . -29.35 -52.03 -27.78
C8 NAG I . -29.87 -53.31 -27.19
N2 NAG I . -29.48 -50.95 -27.01
O3 NAG I . -32.30 -51.01 -26.59
O4 NAG I . -33.24 -49.43 -24.37
O5 NAG I . -29.81 -50.28 -23.40
O6 NAG I . -31.72 -50.94 -21.49
O7 NAG I . -28.83 -51.99 -28.89
C1 NAG I . -34.36 -50.26 -24.00
C2 NAG I . -35.56 -49.34 -23.85
C3 NAG I . -36.81 -50.15 -23.50
C4 NAG I . -37.02 -51.26 -24.51
C5 NAG I . -35.75 -52.10 -24.64
C6 NAG I . -35.84 -53.16 -25.72
C7 NAG I . -34.83 -47.10 -23.15
C8 NAG I . -34.63 -46.17 -22.00
N2 NAG I . -35.32 -48.31 -22.85
O3 NAG I . -37.94 -49.28 -23.48
O4 NAG I . -38.10 -52.09 -24.11
O5 NAG I . -34.64 -51.26 -24.98
O6 NAG I . -36.21 -54.42 -25.17
O7 NAG I . -34.56 -46.78 -24.31
C1 NAG J . -2.11 -68.64 -2.24
C2 NAG J . -3.56 -68.51 -1.80
C3 NAG J . -3.66 -67.55 -0.63
C4 NAG J . -2.73 -67.98 0.50
C5 NAG J . -1.31 -68.13 -0.03
C6 NAG J . -0.35 -68.68 1.00
C7 NAG J . -5.60 -68.63 -3.16
C8 NAG J . -6.34 -68.05 -4.33
N2 NAG J . -4.40 -68.07 -2.89
O3 NAG J . -5.01 -67.53 -0.16
O4 NAG J . -2.74 -67.01 1.54
O5 NAG J . -1.30 -69.04 -1.14
O6 NAG J . -0.88 -69.84 1.63
O7 NAG J . -6.06 -69.54 -2.49
C1 NAG J . -3.35 -67.62 2.70
C2 NAG J . -3.07 -66.74 3.92
C3 NAG J . -3.73 -67.33 5.16
C4 NAG J . -5.23 -67.55 4.90
C5 NAG J . -5.41 -68.39 3.64
C6 NAG J . -6.87 -68.56 3.26
C7 NAG J . -1.09 -65.52 4.72
C8 NAG J . 0.40 -65.53 4.86
N2 NAG J . -1.64 -66.60 4.14
O3 NAG J . -3.57 -66.45 6.26
O4 NAG J . -5.81 -68.24 6.01
O5 NAG J . -4.77 -67.76 2.53
O6 NAG J . -7.02 -69.41 2.13
O7 NAG J . -1.77 -64.58 5.11
C1 NAG K . -3.04 -80.95 -13.12
C2 NAG K . -4.29 -81.68 -12.62
C3 NAG K . -4.35 -83.10 -13.18
C4 NAG K . -4.20 -83.08 -14.69
C5 NAG K . -2.96 -82.28 -15.10
C6 NAG K . -2.84 -82.11 -16.59
C7 NAG K . -3.63 -82.15 -10.22
C8 NAG K . -2.39 -82.87 -10.66
N2 NAG K . -4.45 -81.65 -11.17
O3 NAG K . -5.60 -83.70 -12.82
O4 NAG K . -4.07 -84.41 -15.17
O5 NAG K . -3.03 -80.96 -14.54
O6 NAG K . -4.04 -81.57 -17.15
O7 NAG K . -3.91 -82.03 -9.02
C1 NAG K . -5.20 -84.76 -16.00
C2 NAG K . -5.29 -86.29 -16.08
C3 NAG K . -6.53 -86.73 -16.86
C4 NAG K . -7.77 -86.05 -16.32
C5 NAG K . -7.56 -84.54 -16.27
C6 NAG K . -8.73 -83.81 -15.66
C7 NAG K . -3.46 -86.82 -17.75
C8 NAG K . -4.08 -85.89 -18.76
N2 NAG K . -4.07 -86.94 -16.55
O3 NAG K . -6.67 -88.15 -16.77
O4 NAG K . -8.88 -86.35 -17.15
O5 NAG K . -6.42 -84.23 -15.48
O6 NAG K . -8.94 -84.20 -14.31
O7 NAG K . -2.43 -87.43 -18.00
C1 NAG L . 22.42 -55.71 2.60
C2 NAG L . 23.08 -56.90 3.31
C3 NAG L . 23.53 -56.50 4.71
C4 NAG L . 24.46 -55.30 4.63
C5 NAG L . 23.80 -54.16 3.87
C6 NAG L . 24.74 -53.01 3.62
C7 NAG L . 22.62 -59.32 3.32
C8 NAG L . 21.57 -60.38 3.41
N2 NAG L . 22.18 -58.05 3.38
O3 NAG L . 24.19 -57.61 5.31
O4 NAG L . 24.77 -54.86 5.95
O5 NAG L . 23.33 -54.60 2.59
O6 NAG L . 24.26 -52.15 2.59
O7 NAG L . 23.81 -59.58 3.20
C1 NAG L . 26.14 -55.19 6.28
C2 NAG L . 26.52 -54.44 7.55
C3 NAG L . 27.94 -54.78 7.95
C4 NAG L . 28.11 -56.29 8.07
C5 NAG L . 27.66 -56.97 6.79
C6 NAG L . 27.67 -58.48 6.88
C7 NAG L . 25.25 -52.34 7.72
C8 NAG L . 25.25 -50.87 7.47
N2 NAG L . 26.36 -53.00 7.37
O3 NAG L . 28.24 -54.16 9.20
O4 NAG L . 29.48 -56.60 8.31
O5 NAG L . 26.31 -56.59 6.48
O6 NAG L . 28.79 -59.03 6.19
O7 NAG L . 24.29 -52.92 8.21
C1 NAG M . 35.10 -50.46 -34.26
C2 NAG M . 35.93 -50.15 -33.03
C3 NAG M . 37.40 -50.50 -33.28
C4 NAG M . 37.81 -50.23 -34.72
C5 NAG M . 36.89 -50.96 -35.71
C6 NAG M . 37.55 -52.13 -36.39
C7 NAG M . 35.32 -48.36 -31.47
C8 NAG M . 35.25 -46.88 -31.25
N2 NAG M . 35.80 -48.75 -32.65
O3 NAG M . 37.63 -51.87 -32.96
O4 NAG M . 37.75 -48.83 -34.99
O5 NAG M . 35.74 -51.47 -35.02
O6 NAG M . 37.03 -53.37 -35.90
O7 NAG M . 34.95 -49.16 -30.62
C1 NAG M . 39.08 -48.27 -34.94
C2 NAG M . 39.04 -46.87 -35.55
C3 NAG M . 40.41 -46.22 -35.48
C4 NAG M . 40.94 -46.25 -34.04
C5 NAG M . 40.91 -47.67 -33.49
C6 NAG M . 41.32 -47.76 -32.04
C7 NAG M . 37.29 -46.67 -37.26
C8 NAG M . 36.99 -46.76 -38.73
N2 NAG M . 38.57 -46.92 -36.92
O3 NAG M . 40.33 -44.88 -35.93
O4 NAG M . 42.28 -45.76 -34.00
O5 NAG M . 39.58 -48.20 -33.59
O6 NAG M . 42.48 -47.00 -31.79
O7 NAG M . 36.44 -46.40 -36.42
C1 NAG N . 2.31 -45.10 -53.08
C2 NAG N . 2.32 -45.55 -54.53
C3 NAG N . 3.31 -44.73 -55.31
C4 NAG N . 2.84 -43.29 -55.40
C5 NAG N . 2.47 -42.76 -54.02
C6 NAG N . 1.01 -42.41 -53.88
C7 NAG N . 1.67 -47.88 -54.91
C8 NAG N . 2.15 -49.29 -54.98
N2 NAG N . 2.60 -46.96 -54.64
O3 NAG N . 3.45 -45.28 -56.63
O4 NAG N . 3.87 -42.47 -55.96
O5 NAG N . 2.78 -43.69 -52.98
O6 NAG N . 0.48 -41.90 -55.10
O7 NAG N . 0.49 -47.58 -55.08
C1 NAG N . 3.50 -42.08 -57.29
C2 NAG N . 4.62 -41.20 -57.86
C3 NAG N . 4.29 -40.80 -59.29
C4 NAG N . 3.99 -42.04 -60.14
C5 NAG N . 2.91 -42.88 -59.47
C6 NAG N . 2.66 -44.18 -60.20
C7 NAG N . 5.91 -39.88 -56.26
C8 NAG N . 5.98 -38.61 -55.48
N2 NAG N . 4.84 -40.03 -57.04
O3 NAG N . 5.37 -40.08 -59.86
O4 NAG N . 3.56 -41.64 -61.44
O5 NAG N . 3.29 -43.22 -58.13
O6 NAG N . 1.82 -44.00 -61.34
O7 NAG N . 6.79 -40.75 -56.19
C1 NAG O . 19.35 -31.67 -50.85
C2 NAG O . 20.42 -32.01 -51.88
C3 NAG O . 21.06 -30.73 -52.41
C4 NAG O . 19.99 -29.79 -52.93
C5 NAG O . 18.95 -29.54 -51.86
C6 NAG O . 17.79 -28.69 -52.32
C7 NAG O . 21.90 -33.97 -51.99
C8 NAG O . 22.94 -34.77 -51.27
N2 NAG O . 21.43 -32.90 -51.33
O3 NAG O . 21.98 -31.05 -53.45
O4 NAG O . 20.56 -28.55 -53.35
O5 NAG O . 18.39 -30.79 -51.43
O6 NAG O . 17.15 -28.03 -51.24
O7 NAG O . 21.49 -34.26 -53.10
C1 NAG O . 20.48 -28.50 -54.78
C2 NAG O . 20.23 -27.05 -55.24
C3 NAG O . 20.18 -27.00 -56.76
C4 NAG O . 21.45 -27.61 -57.36
C5 NAG O . 21.67 -29.01 -56.81
C6 NAG O . 22.97 -29.62 -57.26
C7 NAG O . 19.01 -25.62 -53.67
C8 NAG O . 17.67 -25.18 -53.20
N2 NAG O . 19.01 -26.53 -54.66
O3 NAG O . 20.05 -25.64 -57.18
O4 NAG O . 21.32 -27.67 -58.78
O5 NAG O . 21.70 -28.98 -55.37
O6 NAG O . 23.89 -29.74 -56.18
O7 NAG O . 20.05 -25.19 -53.18
C1 NAG P . -15.99 -49.58 -48.14
C2 NAG P . -16.00 -48.07 -48.32
C3 NAG P . -17.34 -47.49 -47.88
C4 NAG P . -18.48 -48.18 -48.61
C5 NAG P . -18.38 -49.70 -48.45
C6 NAG P . -19.39 -50.46 -49.28
C7 NAG P . -13.82 -46.95 -48.20
C8 NAG P . -12.79 -46.35 -47.29
N2 NAG P . -14.91 -47.45 -47.60
O3 NAG P . -17.36 -46.10 -48.16
O4 NAG P . -19.73 -47.76 -48.07
O5 NAG P . -17.08 -50.15 -48.87
O6 NAG P . -18.75 -51.14 -50.36
O7 NAG P . -13.68 -46.99 -49.41
C1 NAG P . -20.39 -46.85 -48.96
C2 NAG P . -21.25 -45.90 -48.13
C3 NAG P . -21.94 -44.88 -49.03
C4 NAG P . -20.93 -44.17 -49.91
C5 NAG P . -20.08 -45.18 -50.67
C6 NAG P . -18.96 -44.54 -51.47
C7 NAG P . -22.72 -46.18 -46.18
C8 NAG P . -23.71 -47.08 -45.51
N2 NAG P . -22.22 -46.63 -47.34
O3 NAG P . -22.65 -43.94 -48.24
O4 NAG P . -21.59 -43.32 -50.84
O5 NAG P . -19.46 -46.09 -49.75
O6 NAG P . -18.86 -43.15 -51.19
O7 NAG P . -22.38 -45.10 -45.71
C1 NAG Q . -49.18 5.90 51.64
C2 NAG Q . -48.05 5.46 52.56
C3 NAG Q . -47.17 6.64 52.92
C4 NAG Q . -46.70 7.37 51.66
C5 NAG Q . -47.89 7.71 50.76
C6 NAG Q . -47.47 8.30 49.44
C7 NAG Q . -48.15 3.62 54.18
C8 NAG Q . -48.79 3.10 55.44
N2 NAG Q . -48.57 4.82 53.76
O3 NAG Q . -46.05 6.20 53.67
O4 NAG Q . -46.05 8.58 52.03
O5 NAG Q . -48.63 6.52 50.47
O6 NAG Q . -47.04 9.65 49.59
O7 NAG Q . -47.31 2.97 53.57
C1 NAG Q . -44.64 8.48 51.71
C2 NAG Q . -43.96 9.70 52.32
C3 NAG Q . -42.46 9.65 52.05
C4 NAG Q . -41.88 8.33 52.55
C5 NAG Q . -42.65 7.15 51.95
C6 NAG Q . -42.21 5.81 52.50
C7 NAG Q . -45.56 11.56 52.39
C8 NAG Q . -46.02 12.82 51.73
N2 NAG Q . -44.53 10.93 51.81
O3 NAG Q . -41.82 10.74 52.70
O4 NAG Q . -40.51 8.23 52.19
O5 NAG Q . -44.05 7.28 52.23
O6 NAG Q . -41.24 5.97 53.52
O7 NAG Q . -46.08 11.14 53.42
C1 NAG R . -58.64 9.65 25.48
C2 NAG R . -59.83 10.58 25.31
C3 NAG R . -59.46 11.74 24.40
C4 NAG R . -58.23 12.46 24.94
C5 NAG R . -57.08 11.48 25.17
C6 NAG R . -55.91 12.11 25.89
C7 NAG R . -61.94 9.36 25.56
C8 NAG R . -63.07 8.65 24.86
N2 NAG R . -60.98 9.86 24.78
O3 NAG R . -60.55 12.65 24.31
O4 NAG R . -57.77 13.44 24.01
O5 NAG R . -57.53 10.39 25.99
O6 NAG R . -56.29 12.58 27.18
O7 NAG R . -61.92 9.48 26.79
C1 NAG R . -57.98 14.76 24.55
C2 NAG R . -58.63 15.59 23.44
C3 NAG R . -58.96 16.99 23.95
C4 NAG R . -59.77 16.92 25.23
C5 NAG R . -59.04 16.06 26.25
C6 NAG R . -59.81 15.87 27.54
C7 NAG R . -57.93 14.91 21.18
C8 NAG R . -59.09 13.96 21.19
N2 NAG R . -57.77 15.66 22.27
O3 NAG R . -59.71 17.68 22.95
O4 NAG R . -59.96 18.22 25.76
O5 NAG R . -58.81 14.76 25.70
O6 NAG R . -58.94 15.79 28.66
O7 NAG R . -57.17 15.00 20.21
C1 NAG S . -29.28 10.43 33.18
C2 NAG S . -28.12 11.39 33.36
C3 NAG S . -27.08 10.80 34.32
C4 NAG S . -27.75 10.41 35.63
C5 NAG S . -28.91 9.46 35.35
C6 NAG S . -29.68 9.08 36.59
C7 NAG S . -27.01 12.92 31.78
C8 NAG S . -26.42 13.08 30.42
N2 NAG S . -27.49 11.71 32.08
O3 NAG S . -26.07 11.77 34.56
O4 NAG S . -26.80 9.79 36.49
O5 NAG S . -29.84 10.09 34.45
O6 NAG S . -29.07 8.01 37.27
O7 NAG S . -27.07 13.86 32.58
C1 NAG S . -26.70 10.60 37.68
C2 NAG S . -25.80 9.87 38.68
C3 NAG S . -25.66 10.70 39.96
C4 NAG S . -25.15 12.10 39.62
C5 NAG S . -26.07 12.75 38.57
C6 NAG S . -25.56 14.08 38.10
C7 NAG S . -25.88 7.43 38.41
C8 NAG S . -26.54 6.16 38.85
N2 NAG S . -26.33 8.55 38.98
O3 NAG S . -24.74 10.05 40.83
O4 NAG S . -25.15 12.90 40.79
O5 NAG S . -26.14 11.90 37.41
O6 NAG S . -26.63 14.99 37.88
O7 NAG S . -24.97 7.45 37.58
C1 NAG T . 49.02 31.93 25.23
C2 NAG T . 49.32 31.97 26.72
C3 NAG T . 50.82 32.19 26.97
C4 NAG T . 51.46 32.98 25.83
C5 NAG T . 51.23 32.32 24.47
C6 NAG T . 52.43 31.54 23.98
C7 NAG T . 48.06 32.84 28.64
C8 NAG T . 47.27 34.01 29.17
N2 NAG T . 48.54 32.99 27.39
O3 NAG T . 51.47 30.92 27.10
O4 NAG T . 50.95 34.30 25.83
O5 NAG T . 50.13 31.38 24.54
O6 NAG T . 53.34 32.39 23.29
O7 NAG T . 48.24 31.83 29.30
C1 NAG T . 51.43 35.07 24.70
C2 NAG T . 50.35 36.09 24.33
C3 NAG T . 50.87 37.52 24.56
C4 NAG T . 52.18 37.77 23.83
C5 NAG T . 53.10 36.56 23.95
C6 NAG T . 54.53 36.95 24.29
C7 NAG T . 48.72 36.31 22.51
C8 NAG T . 48.44 36.05 21.06
N2 NAG T . 49.92 35.91 22.95
O3 NAG T . 51.03 37.74 25.95
O4 NAG T . 51.94 38.03 22.45
O5 NAG T . 52.64 35.73 25.02
O6 NAG T . 54.66 37.35 25.65
O7 NAG T . 47.91 36.85 23.25
C1 NAG U . -24.68 52.87 -41.30
C2 NAG U . -24.95 53.75 -40.07
C3 NAG U . -25.92 53.05 -39.13
C4 NAG U . -27.19 52.66 -39.87
C5 NAG U . -26.84 51.81 -41.09
C6 NAG U . -28.05 51.45 -41.93
C7 NAG U . -23.08 55.23 -39.47
C8 NAG U . -21.81 55.35 -38.68
N2 NAG U . -23.71 54.05 -39.37
O3 NAG U . -26.24 53.92 -38.05
O4 NAG U . -28.04 51.89 -39.01
O5 NAG U . -25.94 52.54 -41.94
O6 NAG U . -28.96 50.64 -41.21
O7 NAG U . -23.52 56.15 -40.14
C1 NAG U . -29.17 52.66 -38.56
C2 NAG U . -29.74 51.94 -37.34
C3 NAG U . -30.02 52.91 -36.19
C4 NAG U . -30.69 54.18 -36.70
C5 NAG U . -29.91 54.80 -37.85
C6 NAG U . -29.35 56.17 -37.53
C7 NAG U . -31.10 49.90 -37.47
C8 NAG U . -32.41 49.30 -37.90
N2 NAG U . -30.95 51.21 -37.70
O3 NAG U . -28.81 53.23 -35.53
O4 NAG U . -32.02 53.89 -37.13
O5 NAG U . -28.78 53.97 -38.18
O6 NAG U . -28.08 56.36 -38.12
O7 NAG U . -30.23 49.23 -36.93
C1 NAG V . 2.61 49.73 -42.71
C2 NAG V . 2.97 51.18 -43.03
C3 NAG V . 3.06 52.01 -41.75
C4 NAG V . 3.87 51.29 -40.68
C5 NAG V . 3.34 49.88 -40.45
C6 NAG V . 2.83 49.66 -39.05
C7 NAG V . 4.28 51.65 -45.05
C8 NAG V . 5.65 51.66 -45.67
N2 NAG V . 4.21 51.25 -43.78
O3 NAG V . 1.75 52.29 -41.27
O4 NAG V . 5.24 51.23 -41.07
O5 NAG V . 2.24 49.63 -41.35
O6 NAG V . 3.06 50.80 -38.23
O7 NAG V . 3.29 51.98 -45.68
C1 NAG V . 6.06 51.02 -39.91
C2 NAG V . 7.48 51.48 -40.25
C3 NAG V . 8.39 51.32 -39.03
C4 NAG V . 7.79 52.02 -37.83
C5 NAG V . 6.36 51.55 -37.59
C6 NAG V . 5.66 52.29 -36.47
C7 NAG V . 8.16 51.28 -42.60
C8 NAG V . 7.75 52.72 -42.75
N2 NAG V . 8.01 50.75 -41.39
O3 NAG V . 9.67 51.87 -39.33
O4 NAG V . 8.57 51.75 -36.67
O5 NAG V . 5.58 51.75 -38.78
O6 NAG V . 4.72 51.46 -35.81
O7 NAG V . 8.61 50.63 -43.55
C1 NAG W . -29.79 -31.93 3.03
C2 NAG W . -28.95 -31.31 1.92
C3 NAG W . -29.61 -31.53 0.55
C4 NAG W . -31.14 -31.51 0.64
C5 NAG W . -31.66 -32.47 1.70
C6 NAG W . -32.37 -33.67 1.12
C7 NAG W . -27.61 -29.39 2.67
C8 NAG W . -26.53 -30.38 2.98
N2 NAG W . -28.75 -29.89 2.17
O3 NAG W . -29.18 -32.78 0.02
O4 NAG W . -31.59 -30.18 0.93
O5 NAG W . -30.57 -32.96 2.50
O6 NAG W . -31.80 -34.89 1.60
O7 NAG W . -27.47 -28.18 2.86
C1 NAG X . -32.83 -19.42 32.99
C2 NAG X . -31.43 -19.85 32.53
C3 NAG X . -31.15 -21.30 32.90
C4 NAG X . -31.42 -21.54 34.38
C5 NAG X . -32.83 -21.08 34.72
C6 NAG X . -33.15 -21.19 36.20
C7 NAG X . -30.11 -19.40 30.52
C8 NAG X . -30.14 -19.23 29.02
N2 NAG X . -31.28 -19.65 31.10
O3 NAG X . -29.79 -21.61 32.60
O4 NAG X . -31.28 -22.92 34.68
O5 NAG X . -32.98 -19.70 34.38
O6 NAG X . -33.43 -19.92 36.75
O7 NAG X . -29.06 -19.30 31.16
C1 NAG Y . 0.91 -24.98 26.73
C2 NAG Y . 1.58 -24.80 28.10
C3 NAG Y . 3.08 -25.14 28.03
C4 NAG Y . 3.75 -24.42 26.85
C5 NAG Y . 2.93 -24.55 25.59
C6 NAG Y . 3.72 -25.04 24.39
C7 NAG Y . 0.64 -23.14 29.66
C8 NAG Y . 0.57 -21.67 30.00
N2 NAG Y . 1.40 -23.44 28.59
O3 NAG Y . 3.23 -26.54 27.87
O4 NAG Y . 3.90 -23.04 27.17
O5 NAG Y . 1.86 -25.50 25.80
O6 NAG Y . 3.88 -24.02 23.41
O7 NAG Y . 0.06 -24.00 30.31
C1 NAG Z . -74.36 6.41 32.53
C2 NAG Z . -74.05 7.43 31.44
C3 NAG Z . -72.91 8.34 31.89
C4 NAG Z . -73.25 8.98 33.24
C5 NAG Z . -73.61 7.89 34.26
C6 NAG Z . -74.08 8.47 35.58
C7 NAG Z . -74.64 6.42 29.28
C8 NAG Z . -74.11 5.73 28.05
N2 NAG Z . -73.72 6.77 30.20
O3 NAG Z . -72.71 9.35 30.91
O4 NAG Z . -72.12 9.71 33.71
O5 NAG Z . -74.68 7.09 33.75
O6 NAG Z . -73.44 7.84 36.67
O7 NAG Z . -75.83 6.63 29.45
C1 NAG AA . -41.34 24.70 33.62
C2 NAG AA . -39.89 24.87 33.13
C3 NAG AA . -39.53 26.35 32.93
C4 NAG AA . -40.41 27.25 33.78
C5 NAG AA . -40.71 26.57 35.11
C6 NAG AA . -41.42 27.46 36.09
C7 NAG AA . -38.20 23.16 33.66
C8 NAG AA . -38.40 22.67 32.26
N2 NAG AA . -38.94 24.23 34.02
O3 NAG AA . -39.67 26.70 31.56
O4 NAG AA . -39.75 28.50 34.02
O5 NAG AA . -41.55 25.44 34.88
O6 NAG AA . -40.69 27.59 37.31
O7 NAG AA . -37.41 22.64 34.43
C1 NAG BA . -7.40 -46.71 24.15
C2 NAG BA . -8.29 -46.26 25.32
C3 NAG BA . -7.42 -45.78 26.49
C4 NAG BA . -6.38 -46.84 26.85
C5 NAG BA . -5.60 -47.26 25.62
C6 NAG BA . -4.64 -48.40 25.89
C7 NAG BA . -10.52 -45.25 25.19
C8 NAG BA . -11.32 -44.09 24.70
N2 NAG BA . -9.21 -45.22 24.92
O3 NAG BA . -8.24 -45.50 27.60
O4 NAG BA . -5.49 -46.33 27.83
O5 NAG BA . -6.50 -47.72 24.59
O6 NAG BA . -3.96 -48.79 24.70
O7 NAG BA . -11.03 -46.18 25.82
C1 NAG CA . 13.33 -70.65 -2.01
C2 NAG CA . 14.84 -70.95 -2.08
C3 NAG CA . 15.19 -72.22 -1.30
C4 NAG CA . 14.63 -72.15 0.11
C5 NAG CA . 13.13 -71.85 0.05
C6 NAG CA . 12.51 -71.68 1.42
C7 NAG CA . 15.09 -71.82 -4.45
C8 NAG CA . 14.09 -72.92 -4.20
N2 NAG CA . 15.37 -70.98 -3.45
O3 NAG CA . 16.60 -72.38 -1.26
O4 NAG CA . 14.83 -73.40 0.77
O5 NAG CA . 12.90 -70.62 -0.65
O6 NAG CA . 11.20 -72.24 1.48
O7 NAG CA . 15.63 -71.70 -5.55
C1 NAG DA . 17.88 -83.19 -13.93
C2 NAG DA . 18.00 -83.78 -12.53
C3 NAG DA . 19.46 -83.87 -12.11
C4 NAG DA . 20.26 -84.66 -13.15
C5 NAG DA . 20.06 -84.04 -14.53
C6 NAG DA . 20.71 -84.84 -15.62
C7 NAG DA . 16.26 -83.51 -10.82
C8 NAG DA . 15.58 -82.57 -9.87
N2 NAG DA . 17.24 -83.01 -11.56
O3 NAG DA . 19.56 -84.50 -10.84
O4 NAG DA . 21.64 -84.65 -12.81
O5 NAG DA . 18.66 -83.97 -14.84
O6 NAG DA . 19.96 -86.00 -15.93
O7 NAG DA . 15.93 -84.70 -10.92
C1 NAG EA . 34.62 -25.48 3.80
C2 NAG EA . 33.22 -25.97 3.41
C3 NAG EA . 33.24 -27.47 3.10
C4 NAG EA . 34.61 -27.91 2.65
C5 NAG EA . 35.60 -27.76 3.79
C6 NAG EA . 37.05 -27.72 3.34
C7 NAG EA . 31.11 -25.08 4.32
C8 NAG EA . 30.78 -24.63 2.94
N2 NAG EA . 32.28 -25.69 4.49
O3 NAG EA . 32.26 -27.76 2.10
O4 NAG EA . 34.57 -29.28 2.24
O5 NAG EA . 35.35 -26.55 4.52
O6 NAG EA . 37.15 -27.73 1.92
O7 NAG EA . 30.34 -24.87 5.27
C1 NAG FA . 49.27 4.40 6.83
C2 NAG FA . 48.44 4.14 5.59
C3 NAG FA . 49.34 3.47 4.55
C4 NAG FA . 50.56 4.35 4.28
C5 NAG FA . 51.28 4.65 5.60
C6 NAG FA . 52.42 5.63 5.45
C7 NAG FA . 46.24 3.19 5.04
C8 NAG FA . 45.12 2.32 5.53
N2 NAG FA . 47.27 3.33 5.88
O3 NAG FA . 48.64 3.17 3.35
O4 NAG FA . 51.44 3.77 3.33
O5 NAG FA . 50.35 5.25 6.52
O6 NAG FA . 51.98 6.95 5.69
O7 NAG FA . 46.21 3.73 3.94
C1 NAG GA . 33.51 0.71 -25.54
C2 NAG GA . 35.00 1.00 -25.71
C3 NAG GA . 35.45 0.66 -27.13
C4 NAG GA . 35.05 -0.77 -27.50
C5 NAG GA . 33.57 -0.96 -27.26
C6 NAG GA . 33.10 -2.37 -27.52
C7 NAG GA . 34.90 3.45 -26.01
C8 NAG GA . 35.40 4.77 -25.50
N2 NAG GA . 35.35 2.37 -25.37
O3 NAG GA . 36.87 0.78 -27.21
O4 NAG GA . 35.36 -1.01 -28.87
O5 NAG GA . 33.24 -0.65 -25.90
O6 NAG GA . 31.68 -2.45 -27.44
O7 NAG GA . 34.11 3.38 -26.94
C1 NAG HA . 57.00 14.37 53.32
C2 NAG HA . 55.84 14.58 54.29
C3 NAG HA . 55.07 15.85 53.93
C4 NAG HA . 56.02 17.04 53.85
C5 NAG HA . 57.18 16.73 52.90
C6 NAG HA . 58.23 17.82 52.88
C7 NAG HA . 54.57 12.83 55.43
C8 NAG HA . 53.65 11.65 55.28
N2 NAG HA . 54.95 13.44 54.31
O3 NAG HA . 54.06 16.09 54.90
O4 NAG HA . 55.32 18.19 53.38
O5 NAG HA . 57.85 15.53 53.32
O6 NAG HA . 57.82 18.91 52.07
O7 NAG HA . 54.95 13.20 56.54
C1 NAG IA . 27.37 31.80 33.10
C2 NAG IA . 26.52 32.38 31.97
C3 NAG IA . 26.73 33.90 31.87
C4 NAG IA . 28.18 34.29 32.15
C5 NAG IA . 28.68 33.71 33.46
C6 NAG IA . 28.94 34.77 34.51
C7 NAG IA . 25.91 31.06 29.99
C8 NAG IA . 24.53 31.00 30.58
N2 NAG IA . 26.82 31.74 30.70
O3 NAG IA . 25.88 34.55 32.80
O4 NAG IA . 29.02 33.83 31.08
O5 NAG IA . 27.71 32.81 34.01
O6 NAG IA . 29.68 34.26 35.60
O7 NAG IA . 26.19 30.53 28.92
C1 NAG JA . 44.99 -17.68 -27.01
C2 NAG JA . 45.77 -16.46 -26.52
C3 NAG JA . 45.63 -15.32 -27.52
C4 NAG JA . 46.03 -15.78 -28.92
C5 NAG JA . 45.25 -17.04 -29.30
C6 NAG JA . 45.69 -17.62 -30.62
C7 NAG JA . 46.16 -15.51 -24.29
C8 NAG JA . 45.53 -15.14 -22.98
N2 NAG JA . 45.34 -16.05 -25.20
O3 NAG JA . 46.44 -14.22 -27.12
O4 NAG JA . 45.76 -14.76 -29.87
O5 NAG JA . 45.45 -18.06 -28.31
O6 NAG JA . 45.75 -16.62 -31.63
O7 NAG JA . 47.35 -15.34 -24.53
C1 NAG KA . 28.54 -18.24 27.62
C2 NAG KA . 29.87 -18.39 28.36
C3 NAG KA . 30.18 -19.86 28.59
C4 NAG KA . 29.00 -20.54 29.31
C5 NAG KA . 27.70 -20.28 28.55
C6 NAG KA . 26.49 -20.80 29.27
C7 NAG KA . 31.77 -16.85 28.15
C8 NAG KA . 31.53 -16.52 29.59
N2 NAG KA . 30.95 -17.75 27.61
O3 NAG KA . 31.35 -19.99 29.37
O4 NAG KA . 29.23 -21.94 29.39
O5 NAG KA . 27.50 -18.88 28.37
O6 NAG KA . 25.72 -19.75 29.83
O7 NAG KA . 32.67 -16.33 27.50
C1 NAG LA . 28.28 -48.69 -48.23
C2 NAG LA . 28.19 -47.92 -49.56
C3 NAG LA . 29.34 -48.30 -50.49
C4 NAG LA . 30.68 -48.15 -49.76
C5 NAG LA . 30.65 -48.94 -48.46
C6 NAG LA . 31.91 -48.78 -47.64
C7 NAG LA . 26.29 -49.16 -50.69
C8 NAG LA . 27.00 -50.47 -50.55
N2 NAG LA . 26.89 -48.05 -50.21
O3 NAG LA . 29.32 -47.45 -51.63
O4 NAG LA . 31.74 -48.63 -50.58
O5 NAG LA . 29.57 -48.49 -47.64
O6 NAG LA . 31.72 -49.27 -46.31
O7 NAG LA . 25.18 -49.09 -51.23
C1 NAG MA . 24.13 -63.84 -55.21
C2 NAG MA . 25.30 -63.27 -56.02
C3 NAG MA . 24.84 -62.87 -57.42
C4 NAG MA . 24.14 -64.05 -58.10
C5 NAG MA . 23.01 -64.56 -57.22
C6 NAG MA . 22.33 -65.79 -57.78
C7 NAG MA . 27.15 -61.72 -55.57
C8 NAG MA . 27.60 -60.53 -54.77
N2 NAG MA . 25.90 -62.14 -55.34
O3 NAG MA . 25.95 -62.46 -58.19
O4 NAG MA . 23.62 -63.63 -59.35
O5 NAG MA . 23.53 -64.93 -55.93
O6 NAG MA . 21.48 -65.45 -58.87
O7 NAG MA . 27.89 -62.28 -56.37
C1 NAG NA . 14.82 15.24 -44.52
C2 NAG NA . 14.21 15.94 -45.73
C3 NAG NA . 14.74 17.38 -45.85
C4 NAG NA . 16.22 17.46 -45.48
C5 NAG NA . 16.49 16.85 -44.11
C6 NAG NA . 16.88 17.88 -43.07
C7 NAG NA . 13.82 14.08 -47.29
C8 NAG NA . 14.22 13.45 -48.58
N2 NAG NA . 14.47 15.20 -46.95
O3 NAG NA . 13.98 18.23 -45.01
O4 NAG NA . 17.00 16.78 -46.46
O5 NAG NA . 15.31 16.21 -43.62
O6 NAG NA . 17.72 17.33 -42.08
O7 NAG NA . 12.92 13.62 -46.58
C1 NAG OA . -45.95 -13.04 0.88
C2 NAG OA . -46.72 -13.61 2.03
C3 NAG OA . -47.11 -12.49 3.00
C4 NAG OA . -47.80 -11.32 2.30
C5 NAG OA . -47.28 -10.98 0.89
C6 NAG OA . -46.20 -9.93 0.91
C7 NAG OA . -47.89 -15.43 0.86
C8 NAG OA . -49.21 -15.97 0.42
N2 NAG OA . -47.92 -14.28 1.53
O3 NAG OA . -45.98 -12.03 3.72
O4 NAG OA . -49.20 -11.59 2.26
O5 NAG OA . -46.77 -12.12 0.17
O6 NAG OA . -45.34 -10.05 -0.23
O7 NAG OA . -46.84 -16.02 0.65
C1 NAG PA . -49.07 17.11 -2.40
C2 NAG PA . -50.23 17.92 -1.78
C3 NAG PA . -51.52 17.11 -1.75
C4 NAG PA . -51.85 16.56 -3.13
C5 NAG PA . -50.71 15.66 -3.56
C6 NAG PA . -50.91 15.09 -4.94
C7 NAG PA . -50.44 19.43 0.15
C8 NAG PA . -49.95 19.73 1.55
N2 NAG PA . -49.89 18.37 -0.44
O3 NAG PA . -52.58 17.97 -1.34
O4 NAG PA . -53.07 15.85 -3.12
O5 NAG PA . -49.51 16.44 -3.62
O6 NAG PA . -50.58 16.05 -5.93
O7 NAG PA . -51.30 20.12 -0.39
C1 NAG QA . -22.51 21.25 -43.90
C2 NAG QA . -23.16 19.92 -44.32
C3 NAG QA . -24.60 20.13 -44.74
C4 NAG QA . -25.34 20.84 -43.62
C5 NAG QA . -24.77 22.25 -43.47
C6 NAG QA . -24.62 22.67 -42.02
C7 NAG QA . -21.92 18.02 -45.23
C8 NAG QA . -21.17 17.47 -46.41
N2 NAG QA . -22.41 19.26 -45.37
O3 NAG QA . -25.20 18.85 -44.95
O4 NAG QA . -26.73 20.91 -43.93
O5 NAG QA . -23.47 22.35 -44.07
O6 NAG QA . -24.93 24.04 -41.84
O7 NAG QA . -22.08 17.37 -44.21
C1 NAG RA . -32.70 38.92 10.90
C2 NAG RA . -33.30 38.55 9.54
C3 NAG RA . -32.47 39.17 8.42
C4 NAG RA . -32.30 40.66 8.63
C5 NAG RA . -31.72 40.92 10.02
C6 NAG RA . -31.61 42.40 10.35
C7 NAG RA . -34.56 36.46 9.33
C8 NAG RA . -34.47 34.98 9.15
N2 NAG RA . -33.39 37.11 9.38
O3 NAG RA . -33.12 38.93 7.17
O4 NAG RA . -31.42 41.20 7.65
O5 NAG RA . -32.57 40.33 11.01
O6 NAG RA . -31.91 43.20 9.22
O7 NAG RA . -35.64 37.05 9.42
C1 NAG SA . 2.72 58.62 -60.53
C2 NAG SA . 3.99 58.57 -59.69
C3 NAG SA . 3.69 58.97 -58.25
C4 NAG SA . 2.99 60.33 -58.22
C5 NAG SA . 1.76 60.30 -59.12
C6 NAG SA . 1.07 61.64 -59.23
C7 NAG SA . 5.66 56.95 -60.49
C8 NAG SA . 6.15 55.54 -60.42
N2 NAG SA . 4.59 57.25 -59.73
O3 NAG SA . 4.91 59.04 -57.51
O4 NAG SA . 2.59 60.63 -56.88
O5 NAG SA . 2.13 59.92 -60.45
O6 NAG SA . 0.74 62.16 -57.95
O7 NAG SA . 6.19 57.79 -61.21
C1 NAG TA . -7.10 52.98 -20.47
C2 NAG TA . -8.01 54.14 -20.06
C3 NAG TA . -9.12 53.66 -19.15
C4 NAG TA . -9.65 52.32 -19.66
C5 NAG TA . -8.59 51.26 -19.39
C6 NAG TA . -8.68 50.09 -20.33
C7 NAG TA . -6.91 56.33 -20.07
C8 NAG TA . -7.42 56.47 -21.47
N2 NAG TA . -7.24 55.20 -19.43
O3 NAG TA . -10.16 54.62 -19.15
O4 NAG TA . -10.88 51.99 -19.04
O5 NAG TA . -7.27 51.83 -19.52
O6 NAG TA . -7.71 49.07 -20.10
O7 NAG TA . -6.25 57.21 -19.54
C1 NAG UA . -0.39 -5.82 -47.02
C2 NAG UA . -0.57 -5.81 -48.54
C3 NAG UA . 0.79 -5.96 -49.24
C4 NAG UA . 1.79 -4.93 -48.72
C5 NAG UA . 1.88 -5.02 -47.20
C6 NAG UA . 2.77 -3.96 -46.60
C7 NAG UA . -1.29 -8.15 -48.82
C8 NAG UA . -2.37 -9.06 -49.34
N2 NAG UA . -1.49 -6.84 -48.98
O3 NAG UA . 0.63 -5.81 -50.64
O4 NAG UA . 3.07 -5.17 -49.27
O5 NAG UA . 0.57 -4.83 -46.62
O6 NAG UA . 2.18 -3.38 -45.44
O7 NAG UA . -0.28 -8.61 -48.28
C1 NAG VA . -34.78 -5.92 -25.82
C2 NAG VA . -35.30 -7.14 -25.07
C3 NAG VA . -36.12 -6.69 -23.88
C4 NAG VA . -35.30 -5.77 -22.99
C5 NAG VA . -34.75 -4.59 -23.80
C6 NAG VA . -33.83 -3.71 -23.00
C7 NAG VA . -37.21 -7.68 -26.52
C8 NAG VA . -37.86 -8.73 -27.36
N2 NAG VA . -36.06 -8.02 -25.93
O3 NAG VA . -36.65 -7.81 -23.16
O4 NAG VA . -36.11 -5.25 -21.93
O5 NAG VA . -34.01 -5.08 -24.92
O6 NAG VA . -32.98 -4.49 -22.15
O7 NAG VA . -37.71 -6.55 -26.39
C1 NAG WA . -32.69 -19.12 -45.13
C2 NAG WA . -32.89 -17.64 -44.68
C3 NAG WA . -34.37 -17.31 -44.61
C4 NAG WA . -35.03 -17.56 -45.95
C5 NAG WA . -34.83 -19.03 -46.33
C6 NAG WA . -35.37 -19.33 -47.71
C7 NAG WA . -31.81 -16.18 -43.02
C8 NAG WA . -31.19 -16.11 -41.66
N2 NAG WA . -32.24 -17.40 -43.40
O3 NAG WA . -34.52 -15.93 -44.26
O4 NAG WA . -36.42 -17.26 -45.88
O5 NAG WA . -33.43 -19.34 -46.36
O6 NAG WA . -35.15 -18.25 -48.61
O7 NAG WA . -31.93 -15.20 -43.73
C1 NAG XA . -23.82 -58.62 -39.21
C2 NAG XA . -23.85 -60.14 -39.14
C3 NAG XA . -24.96 -60.68 -40.02
C4 NAG XA . -26.30 -60.05 -39.66
C5 NAG XA . -26.17 -58.52 -39.69
C6 NAG XA . -27.42 -57.82 -39.20
C7 NAG XA . -21.88 -61.56 -38.74
C8 NAG XA . -20.59 -62.05 -39.29
N2 NAG XA . -22.57 -60.70 -39.52
O3 NAG XA . -25.04 -62.10 -39.86
O4 NAG XA . -27.30 -60.45 -40.58
O5 NAG XA . -25.10 -58.10 -38.85
O6 NAG XA . -27.31 -56.42 -39.37
O7 NAG XA . -22.31 -61.90 -37.63
C1 NAG YA . -8.13 -61.75 -54.26
C2 NAG YA . -8.40 -61.99 -55.75
C3 NAG YA . -7.53 -63.12 -56.26
C4 NAG YA . -6.07 -62.82 -55.99
C5 NAG YA . -5.86 -62.53 -54.50
C6 NAG YA . -4.45 -62.07 -54.20
C7 NAG YA . -10.42 -61.93 -57.14
C8 NAG YA . -11.87 -62.28 -57.24
N2 NAG YA . -9.81 -62.26 -56.00
O3 NAG YA . -7.75 -63.28 -57.66
O4 NAG YA . -5.27 -63.94 -56.37
O5 NAG YA . -6.74 -61.49 -54.06
O6 NAG YA . -3.67 -61.97 -55.38
O7 NAG YA . -9.81 -61.38 -58.05
C1 NAG ZA . -17.70 -74.61 -41.24
C2 NAG ZA . -18.74 -75.32 -42.10
C3 NAG ZA . -18.42 -76.81 -42.25
C4 NAG ZA . -18.38 -77.51 -40.90
C5 NAG ZA . -17.90 -76.55 -39.81
C6 NAG ZA . -17.10 -77.24 -38.75
C7 NAG ZA . -20.95 -74.26 -42.08
C8 NAG ZA . -22.29 -74.19 -41.40
N2 NAG ZA . -20.09 -75.14 -41.56
O3 NAG ZA . -17.17 -76.97 -42.91
O4 NAG ZA . -19.67 -78.01 -40.56
O5 NAG ZA . -17.05 -75.56 -40.39
O6 NAG ZA . -15.83 -77.64 -39.24
O7 NAG ZA . -20.67 -73.56 -43.04
#